data_9R3H
#
_entry.id   9R3H
#
_cell.length_a   208.521
_cell.length_b   112.553
_cell.length_c   189.315
_cell.angle_alpha   90
_cell.angle_beta   91.09
_cell.angle_gamma   90
#
_symmetry.space_group_name_H-M   'C 1 2 1'
#
loop_
_entity.id
_entity.type
_entity.pdbx_description
1 polymer 'Isoform L-type of Pyruvate kinase PKLR'
2 non-polymer 1,6-di-O-phosphono-beta-D-fructofuranose
3 non-polymer 'OXALATE ION'
4 non-polymer 'MAGNESIUM ION'
5 non-polymer 'POTASSIUM ION'
6 non-polymer 4-[4-[(7-azanyl-2,1,3-benzoxadiazol-4-yl)sulfonyl]piperazin-1-yl]sulfonylbenzene-1,2-diol
7 water water
#
_entity_poly.entity_id   1
_entity_poly.type   'polypeptide(L)'
_entity_poly.pdbx_seq_one_letter_code
;GSMEGPAGYLRRADVAQLTQELGTAFFQQQQLPAAMADTFLEHLCLLDIDSEPVAARSTSIIATIGPASRSVERLKEMIK
AGMNIARLNFSHGSHEYHAESIANVREAVESFAGSPLSYRPVAIALDTKGPGSGPGLSEQDVRDLRFGVEHGVDIVFASF
VRKASDVAAVRAALGPEGHGIKIISKIENHEGVKRFDEILEVSDGIMVARGDLGIEIPAEKVFLAQKMMIGRCNLAGKPV
VCATQMLESMITKPRPTRAETSDVANAVLDGADCIMLSGETAKGNFPVEAVKMQHAIAREAEAAVYHRQLFEELRRAAPL
SRDPTEVTAIGAVEAAFKCCAAAIIVLTTTGRSAQLLSRYRPRAAVIAVTRSAQAARQVHLCRGVFPLLYREPPEAIWAD
DVDRRVQFGIESGKLRGFLRVGDLVIVVTGWRPGSGYTNIMRVLSIS
;
_entity_poly.pdbx_strand_id   A,B,C,D,E,F,G,H
#
loop_
_chem_comp.id
_chem_comp.type
_chem_comp.name
_chem_comp.formula
A1JB3 non-polymer 4-[4-[(7-azanyl-2,1,3-benzoxadiazol-4-yl)sulfonyl]piperazin-1-yl]sulfonylbenzene-1,2-diol 'C16 H17 N5 O7 S2'
FBP D-saccharide, beta linking 1,6-di-O-phosphono-beta-D-fructofuranose 'C6 H14 O12 P2'
K non-polymer 'POTASSIUM ION' 'K 1'
MG non-polymer 'MAGNESIUM ION' 'Mg 2'
OXL non-polymer 'OXALATE ION' 'C2 O4 -2'
#
# COMPACT_ATOMS: atom_id res chain seq x y z
N ALA A 25 24.25 25.44 3.36
CA ALA A 25 25.43 24.80 2.78
C ALA A 25 26.48 24.50 3.83
N PHE A 26 26.65 25.40 4.83
CA PHE A 26 27.59 25.25 5.93
C PHE A 26 27.32 23.95 6.68
N PHE A 27 26.03 23.67 6.95
CA PHE A 27 25.62 22.50 7.70
C PHE A 27 25.60 21.20 6.88
N GLN A 28 25.94 21.23 5.58
CA GLN A 28 26.03 20.01 4.78
C GLN A 28 27.50 19.51 4.70
N GLN A 29 28.48 20.43 4.85
CA GLN A 29 29.92 20.15 4.80
C GLN A 29 30.44 19.58 6.13
N GLN A 30 31.72 19.13 6.14
CA GLN A 30 32.49 18.59 7.26
C GLN A 30 31.71 17.60 8.14
N GLN A 31 30.87 16.76 7.51
CA GLN A 31 30.05 15.75 8.18
C GLN A 31 29.19 16.32 9.29
N LEU A 32 28.74 17.59 9.16
CA LEU A 32 27.91 18.22 10.19
C LEU A 32 26.56 17.51 10.40
N PRO A 33 25.85 16.96 9.38
CA PRO A 33 24.64 16.16 9.68
C PRO A 33 24.97 14.95 10.59
N ALA A 34 26.11 14.26 10.35
CA ALA A 34 26.53 13.13 11.20
C ALA A 34 26.98 13.60 12.60
N ALA A 35 27.51 14.82 12.69
CA ALA A 35 27.95 15.42 13.94
C ALA A 35 26.79 15.73 14.87
N MET A 36 25.61 16.06 14.31
CA MET A 36 24.42 16.38 15.12
C MET A 36 23.66 15.16 15.63
N ALA A 37 24.01 13.94 15.20
CA ALA A 37 23.30 12.74 15.58
C ALA A 37 23.29 12.47 17.07
N ASP A 38 22.17 11.93 17.56
CA ASP A 38 21.95 11.66 18.98
C ASP A 38 22.62 10.38 19.47
N THR A 39 22.97 9.45 18.57
CA THR A 39 23.67 8.23 18.94
C THR A 39 24.84 7.99 17.98
N PHE A 40 25.83 7.17 18.37
CA PHE A 40 26.94 6.82 17.49
C PHE A 40 26.44 6.06 16.27
N LEU A 41 25.43 5.18 16.44
CA LEU A 41 24.86 4.41 15.33
C LEU A 41 24.24 5.34 14.28
N GLU A 42 23.48 6.35 14.72
CA GLU A 42 22.87 7.34 13.83
C GLU A 42 23.95 8.21 13.16
N HIS A 43 25.05 8.48 13.88
CA HIS A 43 26.21 9.21 13.38
C HIS A 43 26.81 8.43 12.20
N LEU A 44 27.01 7.09 12.34
CA LEU A 44 27.52 6.27 11.24
C LEU A 44 26.57 6.34 10.05
N CYS A 45 25.27 6.17 10.29
CA CYS A 45 24.24 6.20 9.25
C CYS A 45 24.21 7.49 8.46
N LEU A 46 24.61 8.61 9.07
CA LEU A 46 24.60 9.91 8.41
C LEU A 46 25.93 10.31 7.75
N LEU A 47 26.98 9.48 7.81
CA LEU A 47 28.25 9.79 7.16
C LEU A 47 28.05 9.85 5.65
N ASP A 48 28.61 10.87 5.00
CA ASP A 48 28.33 11.15 3.61
C ASP A 48 29.60 11.39 2.80
N ILE A 49 29.83 10.58 1.75
CA ILE A 49 31.00 10.72 0.88
C ILE A 49 30.99 12.04 0.10
N ASP A 50 29.83 12.68 -0.04
CA ASP A 50 29.70 13.98 -0.72
C ASP A 50 29.86 15.18 0.23
N SER A 51 29.97 14.96 1.54
CA SER A 51 30.16 16.04 2.51
C SER A 51 31.65 16.33 2.56
N GLU A 52 32.07 17.45 1.94
CA GLU A 52 33.50 17.77 1.82
C GLU A 52 34.13 18.31 3.08
N PRO A 53 35.38 17.87 3.39
CA PRO A 53 36.07 18.41 4.57
C PRO A 53 36.41 19.90 4.34
N VAL A 54 36.21 20.73 5.36
CA VAL A 54 36.51 22.16 5.22
C VAL A 54 37.64 22.57 6.15
N ALA A 55 37.67 22.01 7.37
CA ALA A 55 38.68 22.31 8.37
C ALA A 55 40.07 21.86 7.95
N ALA A 56 41.09 22.53 8.50
CA ALA A 56 42.48 22.21 8.23
C ALA A 56 42.79 20.84 8.87
N ARG A 57 43.68 20.06 8.22
CA ARG A 57 44.08 18.73 8.70
C ARG A 57 44.83 18.86 10.02
N SER A 58 44.28 18.21 11.07
CA SER A 58 44.70 18.20 12.48
C SER A 58 45.77 17.19 12.89
N THR A 59 45.77 16.00 12.29
CA THR A 59 46.69 14.95 12.69
C THR A 59 48.00 15.18 11.98
N SER A 60 49.12 15.33 12.72
CA SER A 60 50.40 15.57 12.09
C SER A 60 50.96 14.36 11.39
N ILE A 61 51.70 14.62 10.32
CA ILE A 61 52.33 13.57 9.53
C ILE A 61 53.82 13.56 9.82
N ILE A 62 54.34 12.40 10.24
CA ILE A 62 55.75 12.24 10.46
C ILE A 62 56.27 11.47 9.26
N ALA A 63 57.27 12.01 8.54
CA ALA A 63 57.84 11.33 7.39
C ALA A 63 59.28 10.96 7.68
N THR A 64 59.64 9.69 7.47
CA THR A 64 61.02 9.25 7.68
C THR A 64 61.89 9.70 6.50
N ILE A 65 63.03 10.34 6.80
CA ILE A 65 63.95 10.83 5.79
C ILE A 65 64.94 9.74 5.40
N GLY A 66 65.14 9.58 4.11
CA GLY A 66 66.09 8.60 3.56
C GLY A 66 66.48 8.93 2.14
N PRO A 67 67.09 7.95 1.43
CA PRO A 67 67.51 8.19 0.04
C PRO A 67 66.43 8.74 -0.89
N ALA A 68 65.17 8.31 -0.71
CA ALA A 68 64.07 8.78 -1.55
C ALA A 68 63.57 10.18 -1.21
N SER A 69 63.92 10.71 -0.04
CA SER A 69 63.38 11.99 0.42
C SER A 69 64.41 12.95 1.00
N ARG A 70 65.69 12.80 0.64
CA ARG A 70 66.75 13.62 1.21
C ARG A 70 67.06 14.94 0.52
N SER A 71 66.82 15.05 -0.79
CA SER A 71 67.15 16.27 -1.52
C SER A 71 66.29 17.46 -1.10
N VAL A 72 66.86 18.65 -1.15
CA VAL A 72 66.20 19.89 -0.77
C VAL A 72 64.93 20.12 -1.59
N GLU A 73 64.98 19.83 -2.90
CA GLU A 73 63.83 19.99 -3.78
C GLU A 73 62.71 19.01 -3.46
N ARG A 74 63.06 17.77 -3.07
CA ARG A 74 62.10 16.74 -2.69
C ARG A 74 61.45 17.11 -1.35
N LEU A 75 62.26 17.59 -0.40
CA LEU A 75 61.79 18.03 0.91
C LEU A 75 60.85 19.22 0.82
N LYS A 76 61.04 20.12 -0.16
CA LYS A 76 60.13 21.24 -0.36
C LYS A 76 58.75 20.73 -0.80
N GLU A 77 58.73 19.71 -1.67
CA GLU A 77 57.49 19.11 -2.12
C GLU A 77 56.79 18.39 -0.97
N MET A 78 57.56 17.72 -0.09
CA MET A 78 57.01 17.01 1.06
CA MET A 78 57.01 17.01 1.06
C MET A 78 56.44 17.98 2.10
N ILE A 79 57.04 19.16 2.25
CA ILE A 79 56.54 20.18 3.18
C ILE A 79 55.20 20.70 2.63
N LYS A 80 55.13 20.97 1.32
CA LYS A 80 53.91 21.43 0.66
C LYS A 80 52.79 20.37 0.71
N ALA A 81 53.16 19.09 0.62
CA ALA A 81 52.21 17.96 0.69
C ALA A 81 51.63 17.76 2.11
N GLY A 82 52.35 18.21 3.14
CA GLY A 82 51.85 18.10 4.50
C GLY A 82 52.75 17.56 5.58
N MET A 83 54.03 17.28 5.29
CA MET A 83 54.95 16.76 6.30
C MET A 83 55.14 17.80 7.41
N ASN A 84 54.96 17.40 8.68
CA ASN A 84 55.10 18.30 9.81
C ASN A 84 56.31 17.97 10.65
N ILE A 85 56.73 16.68 10.67
CA ILE A 85 57.86 16.20 11.46
C ILE A 85 58.72 15.30 10.58
N ALA A 86 60.03 15.57 10.53
CA ALA A 86 60.97 14.77 9.76
C ALA A 86 61.63 13.79 10.72
N ARG A 87 61.54 12.48 10.45
CA ARG A 87 62.12 11.47 11.32
C ARG A 87 63.46 10.98 10.79
N LEU A 88 64.50 11.00 11.62
CA LEU A 88 65.82 10.50 11.25
C LEU A 88 65.95 9.15 11.92
N ASN A 89 66.07 8.08 11.15
CA ASN A 89 66.22 6.75 11.74
C ASN A 89 67.71 6.46 11.97
N PHE A 90 68.15 6.53 13.24
CA PHE A 90 69.56 6.30 13.57
C PHE A 90 69.95 4.81 13.59
N SER A 91 69.07 3.91 13.14
CA SER A 91 69.43 2.51 12.97
C SER A 91 70.31 2.34 11.70
N HIS A 92 70.23 3.29 10.74
CA HIS A 92 71.00 3.29 9.50
C HIS A 92 71.65 4.66 9.30
N GLY A 93 72.79 4.68 8.64
CA GLY A 93 73.49 5.94 8.35
C GLY A 93 74.40 6.44 9.44
N SER A 94 75.44 7.17 9.02
CA SER A 94 76.41 7.75 9.94
C SER A 94 75.94 9.13 10.45
N HIS A 95 76.65 9.69 11.44
CA HIS A 95 76.35 11.03 11.95
C HIS A 95 76.49 12.07 10.83
N GLU A 96 77.45 11.89 9.92
CA GLU A 96 77.67 12.79 8.79
C GLU A 96 76.46 12.77 7.84
N TYR A 97 75.88 11.59 7.62
CA TYR A 97 74.70 11.41 6.77
C TYR A 97 73.50 12.12 7.40
N HIS A 98 73.28 11.93 8.71
CA HIS A 98 72.16 12.54 9.42
C HIS A 98 72.29 14.05 9.55
N ALA A 99 73.52 14.58 9.72
CA ALA A 99 73.73 16.03 9.78
C ALA A 99 73.37 16.69 8.44
N GLU A 100 73.63 15.98 7.32
CA GLU A 100 73.32 16.45 5.99
C GLU A 100 71.81 16.44 5.79
N SER A 101 71.10 15.41 6.30
CA SER A 101 69.64 15.31 6.21
C SER A 101 69.01 16.48 6.96
N ILE A 102 69.52 16.77 8.18
CA ILE A 102 69.07 17.88 9.02
C ILE A 102 69.22 19.22 8.28
N ALA A 103 70.40 19.45 7.69
CA ALA A 103 70.69 20.69 6.96
C ALA A 103 69.78 20.85 5.74
N ASN A 104 69.49 19.74 5.03
CA ASN A 104 68.61 19.79 3.87
C ASN A 104 67.18 20.09 4.26
N VAL A 105 66.73 19.52 5.41
CA VAL A 105 65.38 19.77 5.93
C VAL A 105 65.28 21.25 6.28
N ARG A 106 66.23 21.76 7.06
CA ARG A 106 66.24 23.18 7.45
C ARG A 106 66.31 24.12 6.25
N GLU A 107 67.07 23.76 5.20
CA GLU A 107 67.14 24.59 4.00
C GLU A 107 65.78 24.63 3.29
N ALA A 108 65.14 23.48 3.13
CA ALA A 108 63.83 23.40 2.50
C ALA A 108 62.77 24.17 3.32
N VAL A 109 62.81 24.06 4.66
CA VAL A 109 61.87 24.74 5.55
C VAL A 109 62.03 26.26 5.47
N GLU A 110 63.29 26.73 5.56
CA GLU A 110 63.57 28.17 5.54
C GLU A 110 63.35 28.82 4.19
N SER A 111 63.24 28.04 3.11
CA SER A 111 62.96 28.61 1.79
C SER A 111 61.55 29.27 1.70
N PHE A 112 60.66 28.98 2.68
CA PHE A 112 59.30 29.55 2.75
C PHE A 112 59.17 30.68 3.80
N ALA A 113 60.29 31.03 4.50
CA ALA A 113 60.31 32.07 5.55
C ALA A 113 60.07 33.50 5.05
N GLY A 114 60.16 33.71 3.73
CA GLY A 114 59.93 35.02 3.13
C GLY A 114 58.50 35.53 3.26
N SER A 115 57.56 34.59 3.47
CA SER A 115 56.14 34.90 3.68
C SER A 115 55.79 34.43 5.11
N PRO A 116 55.98 35.30 6.11
CA PRO A 116 55.74 34.89 7.52
C PRO A 116 54.31 34.46 7.87
N LEU A 117 53.30 34.99 7.18
CA LEU A 117 51.91 34.62 7.43
C LEU A 117 51.55 33.21 6.91
N SER A 118 52.43 32.56 6.12
CA SER A 118 52.16 31.21 5.63
C SER A 118 53.31 30.20 5.91
N TYR A 119 54.40 30.65 6.57
CA TYR A 119 55.56 29.80 6.91
C TYR A 119 55.10 28.64 7.81
N ARG A 120 55.55 27.43 7.47
CA ARG A 120 55.21 26.24 8.24
C ARG A 120 56.42 25.67 8.97
N PRO A 121 56.43 25.71 10.31
CA PRO A 121 57.53 25.07 11.05
C PRO A 121 57.53 23.54 10.84
N VAL A 122 58.71 22.89 10.84
CA VAL A 122 58.81 21.44 10.68
C VAL A 122 59.73 20.92 11.79
N ALA A 123 59.26 19.98 12.60
CA ALA A 123 60.08 19.43 13.69
C ALA A 123 61.09 18.40 13.16
N ILE A 124 62.18 18.18 13.90
CA ILE A 124 63.16 17.18 13.54
C ILE A 124 63.22 16.21 14.70
N ALA A 125 62.94 14.94 14.42
CA ALA A 125 62.90 13.90 15.43
C ALA A 125 63.98 12.87 15.21
N LEU A 126 64.67 12.48 16.27
CA LEU A 126 65.74 11.50 16.19
C LEU A 126 65.19 10.17 16.71
N ASP A 127 65.19 9.13 15.87
CA ASP A 127 64.72 7.82 16.28
C ASP A 127 65.95 6.97 16.62
N THR A 128 66.12 6.59 17.90
CA THR A 128 67.30 5.83 18.33
C THR A 128 67.35 4.39 17.80
N LYS A 129 68.57 3.84 17.74
CA LYS A 129 68.80 2.47 17.28
C LYS A 129 68.24 1.46 18.27
N GLY A 130 68.38 1.73 19.57
CA GLY A 130 67.83 0.85 20.59
C GLY A 130 68.86 0.13 21.44
N PRO A 131 68.39 -0.59 22.47
CA PRO A 131 69.31 -1.32 23.36
C PRO A 131 69.84 -2.65 22.83
N GLY A 132 69.17 -3.20 21.82
CA GLY A 132 69.55 -4.45 21.20
C GLY A 132 69.47 -5.63 22.15
N SER A 133 70.52 -6.46 22.15
CA SER A 133 70.61 -7.65 23.01
C SER A 133 70.73 -7.34 24.50
N GLY A 134 71.12 -6.12 24.85
CA GLY A 134 71.26 -5.72 26.23
C GLY A 134 70.02 -5.04 26.78
N PRO A 135 69.90 -5.00 28.10
CA PRO A 135 68.78 -4.34 28.76
C PRO A 135 69.19 -3.05 29.42
N GLY A 136 70.07 -2.31 28.74
CA GLY A 136 70.59 -1.03 29.22
C GLY A 136 70.85 -0.05 28.10
N LEU A 137 71.09 1.23 28.45
CA LEU A 137 71.35 2.26 27.44
C LEU A 137 72.68 2.02 26.73
N SER A 138 72.60 1.64 25.44
CA SER A 138 73.77 1.34 24.62
C SER A 138 74.71 2.52 24.42
N GLU A 139 75.98 2.25 24.14
CA GLU A 139 76.97 3.31 23.91
C GLU A 139 76.71 4.07 22.62
N GLN A 140 76.09 3.43 21.62
CA GLN A 140 75.75 4.10 20.37
C GLN A 140 74.62 5.09 20.62
N ASP A 141 73.63 4.71 21.44
CA ASP A 141 72.54 5.60 21.77
C ASP A 141 73.02 6.83 22.53
N VAL A 142 74.00 6.67 23.45
CA VAL A 142 74.56 7.81 24.19
C VAL A 142 75.23 8.80 23.21
N ARG A 143 75.94 8.27 22.22
CA ARG A 143 76.59 9.10 21.21
C ARG A 143 75.59 9.78 20.28
N ASP A 144 74.53 9.06 19.89
CA ASP A 144 73.50 9.58 18.99
C ASP A 144 72.64 10.65 19.69
N LEU A 145 72.35 10.45 20.98
CA LEU A 145 71.58 11.42 21.75
C LEU A 145 72.36 12.72 21.91
N ARG A 146 73.69 12.62 22.12
CA ARG A 146 74.56 13.79 22.22
C ARG A 146 74.60 14.54 20.87
N PHE A 147 74.61 13.79 19.75
CA PHE A 147 74.57 14.35 18.40
C PHE A 147 73.28 15.17 18.24
N GLY A 148 72.16 14.60 18.70
CA GLY A 148 70.86 15.25 18.64
C GLY A 148 70.81 16.57 19.34
N VAL A 149 71.39 16.63 20.55
CA VAL A 149 71.44 17.86 21.32
C VAL A 149 72.29 18.90 20.60
N GLU A 150 73.47 18.49 20.10
CA GLU A 150 74.37 19.38 19.37
C GLU A 150 73.79 19.90 18.07
N HIS A 151 72.90 19.11 17.44
CA HIS A 151 72.26 19.53 16.20
C HIS A 151 70.85 20.13 16.38
N GLY A 152 70.44 20.35 17.63
CA GLY A 152 69.17 20.97 17.96
C GLY A 152 67.91 20.24 17.53
N VAL A 153 67.87 18.90 17.72
CA VAL A 153 66.66 18.14 17.40
C VAL A 153 65.56 18.49 18.41
N ASP A 154 64.30 18.40 17.97
CA ASP A 154 63.17 18.75 18.82
C ASP A 154 62.63 17.59 19.63
N ILE A 155 62.68 16.39 19.06
CA ILE A 155 62.08 15.20 19.65
C ILE A 155 63.02 14.00 19.55
N VAL A 156 62.90 13.09 20.50
CA VAL A 156 63.60 11.82 20.48
C VAL A 156 62.53 10.73 20.52
N PHE A 157 62.54 9.81 19.54
CA PHE A 157 61.66 8.65 19.57
C PHE A 157 62.57 7.57 20.17
N ALA A 158 62.42 7.30 21.45
CA ALA A 158 63.27 6.33 22.14
C ALA A 158 62.84 4.88 21.89
N SER A 159 63.66 4.12 21.17
CA SER A 159 63.35 2.72 20.85
C SER A 159 63.35 1.78 22.04
N PHE A 160 62.50 0.76 21.97
CA PHE A 160 62.35 -0.32 22.93
C PHE A 160 62.34 0.11 24.40
N VAL A 161 61.44 1.04 24.75
CA VAL A 161 61.31 1.46 26.15
C VAL A 161 60.49 0.39 26.86
N ARG A 162 61.03 -0.19 27.94
CA ARG A 162 60.32 -1.24 28.67
C ARG A 162 59.93 -0.85 30.11
N LYS A 163 60.47 0.26 30.64
CA LYS A 163 60.22 0.70 32.02
C LYS A 163 60.56 2.20 32.18
N ALA A 164 60.15 2.80 33.30
CA ALA A 164 60.42 4.22 33.57
C ALA A 164 61.93 4.55 33.61
N SER A 165 62.76 3.62 34.12
CA SER A 165 64.21 3.85 34.18
C SER A 165 64.88 3.97 32.79
N ASP A 166 64.25 3.38 31.75
CA ASP A 166 64.74 3.53 30.38
C ASP A 166 64.58 4.97 29.93
N VAL A 167 63.45 5.61 30.29
CA VAL A 167 63.17 7.00 29.95
C VAL A 167 64.13 7.93 30.69
N ALA A 168 64.40 7.62 31.98
CA ALA A 168 65.33 8.41 32.79
C ALA A 168 66.74 8.37 32.19
N ALA A 169 67.18 7.21 31.68
CA ALA A 169 68.50 7.06 31.04
C ALA A 169 68.60 7.90 29.78
N VAL A 170 67.53 7.96 28.97
CA VAL A 170 67.54 8.78 27.75
C VAL A 170 67.60 10.27 28.13
N ARG A 171 66.83 10.65 29.15
CA ARG A 171 66.78 12.01 29.66
C ARG A 171 68.17 12.45 30.16
N ALA A 172 68.86 11.57 30.90
CA ALA A 172 70.19 11.85 31.42
C ALA A 172 71.21 12.00 30.28
N ALA A 173 71.13 11.13 29.26
CA ALA A 173 72.03 11.20 28.10
C ALA A 173 71.86 12.48 27.27
N LEU A 174 70.69 13.12 27.36
CA LEU A 174 70.47 14.40 26.68
C LEU A 174 71.20 15.56 27.41
N GLY A 175 71.47 15.39 28.71
CA GLY A 175 72.19 16.35 29.53
C GLY A 175 71.43 17.62 29.85
N PRO A 176 72.16 18.64 30.33
CA PRO A 176 71.49 19.92 30.65
C PRO A 176 71.09 20.74 29.42
N GLU A 177 71.83 20.61 28.31
CA GLU A 177 71.50 21.37 27.08
C GLU A 177 70.26 20.78 26.35
N GLY A 178 69.98 19.49 26.57
CA GLY A 178 68.84 18.81 25.96
C GLY A 178 67.59 18.75 26.83
N HIS A 179 67.52 19.63 27.85
CA HIS A 179 66.42 19.73 28.81
C HIS A 179 65.03 19.93 28.17
N GLY A 180 65.00 20.58 27.00
CA GLY A 180 63.76 20.90 26.30
C GLY A 180 63.35 19.99 25.15
N ILE A 181 64.09 18.89 24.91
CA ILE A 181 63.76 17.94 23.85
C ILE A 181 62.66 16.99 24.36
N LYS A 182 61.60 16.79 23.56
CA LYS A 182 60.52 15.92 23.95
C LYS A 182 60.90 14.47 23.78
N ILE A 183 60.62 13.63 24.77
CA ILE A 183 60.91 12.20 24.68
C ILE A 183 59.62 11.43 24.45
N ILE A 184 59.50 10.82 23.28
CA ILE A 184 58.36 9.98 22.91
C ILE A 184 58.85 8.54 23.02
N SER A 185 58.32 7.79 23.99
CA SER A 185 58.73 6.40 24.19
C SER A 185 58.06 5.45 23.20
N LYS A 186 58.87 4.65 22.50
CA LYS A 186 58.34 3.67 21.58
C LYS A 186 58.01 2.39 22.35
N ILE A 187 56.74 1.96 22.31
CA ILE A 187 56.32 0.72 22.97
C ILE A 187 56.40 -0.36 21.90
N GLU A 188 57.35 -1.29 22.05
CA GLU A 188 57.61 -2.29 21.01
C GLU A 188 57.54 -3.74 21.46
N ASN A 189 57.24 -4.02 22.74
CA ASN A 189 57.20 -5.40 23.22
C ASN A 189 56.20 -5.60 24.35
N HIS A 190 56.02 -6.85 24.80
CA HIS A 190 55.07 -7.17 25.87
C HIS A 190 55.35 -6.40 27.16
N GLU A 191 56.62 -6.27 27.58
CA GLU A 191 56.94 -5.57 28.81
C GLU A 191 56.56 -4.09 28.75
N GLY A 192 56.80 -3.45 27.62
CA GLY A 192 56.43 -2.05 27.42
C GLY A 192 54.93 -1.85 27.54
N VAL A 193 54.13 -2.82 27.04
CA VAL A 193 52.67 -2.76 27.13
C VAL A 193 52.23 -2.94 28.58
N LYS A 194 52.80 -3.92 29.28
CA LYS A 194 52.44 -4.19 30.67
C LYS A 194 52.87 -3.10 31.64
N ARG A 195 54.00 -2.46 31.35
CA ARG A 195 54.48 -1.36 32.19
C ARG A 195 54.15 0.01 31.58
N PHE A 196 53.12 0.08 30.72
CA PHE A 196 52.70 1.29 30.01
C PHE A 196 52.46 2.49 30.93
N ASP A 197 51.69 2.32 31.99
CA ASP A 197 51.36 3.43 32.89
C ASP A 197 52.58 4.12 33.49
N GLU A 198 53.58 3.34 33.92
CA GLU A 198 54.78 3.92 34.50
C GLU A 198 55.66 4.61 33.44
N ILE A 199 55.61 4.13 32.19
CA ILE A 199 56.38 4.70 31.09
C ILE A 199 55.76 6.02 30.66
N LEU A 200 54.43 6.05 30.50
CA LEU A 200 53.70 7.24 30.09
C LEU A 200 53.87 8.36 31.11
N GLU A 201 53.82 8.03 32.40
CA GLU A 201 53.96 9.01 33.48
C GLU A 201 55.24 9.87 33.37
N VAL A 202 56.36 9.25 32.96
CA VAL A 202 57.64 9.97 32.83
C VAL A 202 58.00 10.37 31.40
N SER A 203 57.17 10.03 30.40
CA SER A 203 57.45 10.39 29.01
C SER A 203 56.63 11.61 28.61
N ASP A 204 57.05 12.29 27.54
CA ASP A 204 56.24 13.37 26.97
C ASP A 204 55.09 12.82 26.11
N GLY A 205 55.25 11.61 25.59
CA GLY A 205 54.28 10.95 24.73
C GLY A 205 54.71 9.53 24.41
N ILE A 206 53.94 8.88 23.53
CA ILE A 206 54.17 7.48 23.18
C ILE A 206 54.08 7.24 21.68
N MET A 207 54.83 6.26 21.18
CA MET A 207 54.70 5.81 19.81
C MET A 207 54.30 4.35 19.88
N VAL A 208 53.19 3.97 19.19
CA VAL A 208 52.75 2.59 19.09
C VAL A 208 53.58 2.07 17.93
N ALA A 209 54.73 1.45 18.23
CA ALA A 209 55.67 0.96 17.23
C ALA A 209 55.24 -0.45 16.82
N ARG A 210 54.25 -0.52 15.94
CA ARG A 210 53.58 -1.76 15.52
C ARG A 210 54.45 -2.80 14.84
N GLY A 211 55.53 -2.39 14.18
CA GLY A 211 56.47 -3.30 13.52
C GLY A 211 57.04 -4.34 14.47
N ASP A 212 57.79 -3.87 15.48
CA ASP A 212 58.36 -4.79 16.46
C ASP A 212 57.31 -5.38 17.35
N LEU A 213 56.29 -4.58 17.71
CA LEU A 213 55.19 -5.05 18.57
C LEU A 213 54.49 -6.28 17.97
N GLY A 214 54.31 -6.28 16.65
CA GLY A 214 53.67 -7.38 15.92
C GLY A 214 54.47 -8.65 15.82
N ILE A 215 55.77 -8.59 16.15
CA ILE A 215 56.70 -9.73 16.19
C ILE A 215 56.85 -10.19 17.65
N GLU A 216 56.83 -9.25 18.61
CA GLU A 216 56.98 -9.53 20.04
C GLU A 216 55.73 -10.14 20.65
N ILE A 217 54.53 -9.71 20.19
CA ILE A 217 53.24 -10.24 20.65
C ILE A 217 52.47 -10.81 19.43
N PRO A 218 51.45 -11.68 19.60
CA PRO A 218 50.71 -12.19 18.42
C PRO A 218 50.18 -11.05 17.55
N ALA A 219 50.33 -11.17 16.23
CA ALA A 219 49.91 -10.15 15.28
C ALA A 219 48.44 -9.74 15.45
N GLU A 220 47.58 -10.69 15.79
CA GLU A 220 46.16 -10.45 15.98
C GLU A 220 45.81 -9.68 17.27
N LYS A 221 46.82 -9.36 18.11
CA LYS A 221 46.60 -8.62 19.35
C LYS A 221 47.11 -7.17 19.25
N VAL A 222 47.88 -6.81 18.20
CA VAL A 222 48.42 -5.47 18.08
C VAL A 222 47.35 -4.37 18.11
N PHE A 223 46.20 -4.60 17.47
CA PHE A 223 45.12 -3.61 17.48
C PHE A 223 44.61 -3.31 18.91
N LEU A 224 44.63 -4.30 19.82
CA LEU A 224 44.18 -4.09 21.20
C LEU A 224 45.17 -3.17 21.93
N ALA A 225 46.49 -3.38 21.71
CA ALA A 225 47.53 -2.59 22.31
C ALA A 225 47.46 -1.17 21.75
N GLN A 226 47.23 -1.01 20.45
CA GLN A 226 47.12 0.31 19.83
C GLN A 226 45.93 1.07 20.42
N LYS A 227 44.75 0.45 20.46
CA LYS A 227 43.55 1.10 20.96
C LYS A 227 43.65 1.45 22.45
N MET A 228 44.24 0.56 23.26
CA MET A 228 44.44 0.81 24.68
C MET A 228 45.41 1.98 24.89
N MET A 229 46.57 1.98 24.19
CA MET A 229 47.56 3.03 24.35
C MET A 229 47.07 4.39 23.87
N ILE A 230 46.30 4.42 22.78
CA ILE A 230 45.74 5.67 22.29
C ILE A 230 44.74 6.23 23.31
N GLY A 231 43.88 5.35 23.84
CA GLY A 231 42.92 5.72 24.87
C GLY A 231 43.58 6.28 26.13
N ARG A 232 44.63 5.60 26.63
CA ARG A 232 45.33 6.06 27.83
C ARG A 232 46.09 7.36 27.61
N CYS A 233 46.65 7.57 26.39
CA CYS A 233 47.33 8.81 26.10
C CYS A 233 46.34 9.95 25.98
N ASN A 234 45.16 9.70 25.38
CA ASN A 234 44.10 10.71 25.27
C ASN A 234 43.63 11.12 26.68
N LEU A 235 43.51 10.13 27.57
CA LEU A 235 43.11 10.34 28.96
CA LEU A 235 43.12 10.33 28.96
C LEU A 235 44.15 11.20 29.68
N ALA A 236 45.43 10.90 29.47
CA ALA A 236 46.53 11.65 30.08
C ALA A 236 46.78 13.04 29.45
N GLY A 237 46.23 13.28 28.27
CA GLY A 237 46.47 14.52 27.53
C GLY A 237 47.88 14.58 26.97
N LYS A 238 48.47 13.41 26.62
CA LYS A 238 49.83 13.31 26.08
C LYS A 238 49.84 12.79 24.66
N PRO A 239 50.71 13.32 23.79
CA PRO A 239 50.71 12.86 22.38
C PRO A 239 50.94 11.37 22.16
N VAL A 240 50.22 10.81 21.19
CA VAL A 240 50.38 9.41 20.81
C VAL A 240 50.55 9.33 19.27
N VAL A 241 51.55 8.58 18.84
CA VAL A 241 51.86 8.41 17.42
C VAL A 241 51.50 6.99 16.98
N CYS A 242 50.77 6.85 15.86
CA CYS A 242 50.54 5.53 15.31
C CYS A 242 51.58 5.34 14.21
N ALA A 243 52.28 4.21 14.22
CA ALA A 243 53.38 4.00 13.28
C ALA A 243 53.41 2.60 12.68
N THR A 244 54.09 2.48 11.52
CA THR A 244 54.51 1.29 10.76
C THR A 244 53.45 0.62 9.89
N GLN A 245 53.81 0.50 8.60
CA GLN A 245 53.06 -0.17 7.53
C GLN A 245 51.69 0.43 7.27
N MET A 246 51.50 1.72 7.59
CA MET A 246 50.22 2.38 7.37
C MET A 246 49.88 2.44 5.89
N LEU A 247 50.86 2.72 5.01
CA LEU A 247 50.66 2.76 3.55
C LEU A 247 51.77 1.94 2.85
N GLU A 248 52.17 0.81 3.45
CA GLU A 248 53.28 -0.04 3.00
C GLU A 248 53.36 -0.32 1.49
N SER A 249 52.24 -0.69 0.85
CA SER A 249 52.24 -0.98 -0.59
C SER A 249 52.67 0.22 -1.44
N MET A 250 52.56 1.45 -0.90
CA MET A 250 52.98 2.65 -1.63
C MET A 250 54.51 2.78 -1.76
N ILE A 251 55.29 1.84 -1.20
CA ILE A 251 56.72 1.80 -1.39
C ILE A 251 57.00 1.51 -2.89
N THR A 252 56.18 0.63 -3.53
CA THR A 252 56.33 0.31 -4.94
C THR A 252 55.14 0.72 -5.83
N LYS A 253 53.93 0.89 -5.25
CA LYS A 253 52.75 1.23 -6.04
C LYS A 253 52.27 2.66 -5.83
N PRO A 254 51.68 3.31 -6.86
CA PRO A 254 51.24 4.71 -6.69
C PRO A 254 49.98 4.90 -5.84
N ARG A 255 49.22 3.83 -5.63
CA ARG A 255 47.98 3.88 -4.86
C ARG A 255 48.03 2.82 -3.77
N PRO A 256 47.50 3.14 -2.57
CA PRO A 256 47.51 2.15 -1.48
C PRO A 256 46.38 1.12 -1.59
N THR A 257 46.43 0.08 -0.75
CA THR A 257 45.37 -0.92 -0.71
C THR A 257 44.17 -0.39 0.13
N ARG A 258 43.02 -1.08 0.05
CA ARG A 258 41.84 -0.70 0.81
C ARG A 258 42.08 -0.85 2.34
N ALA A 259 42.91 -1.82 2.74
CA ALA A 259 43.24 -2.00 4.16
C ALA A 259 44.09 -0.85 4.68
N GLU A 260 44.99 -0.33 3.85
CA GLU A 260 45.89 0.76 4.21
C GLU A 260 45.17 2.08 4.43
N THR A 261 44.23 2.45 3.54
CA THR A 261 43.47 3.69 3.74
C THR A 261 42.58 3.57 4.98
N SER A 262 42.01 2.39 5.23
CA SER A 262 41.18 2.18 6.41
C SER A 262 42.04 2.25 7.70
N ASP A 263 43.28 1.76 7.65
CA ASP A 263 44.19 1.81 8.79
C ASP A 263 44.52 3.25 9.20
N VAL A 264 44.76 4.12 8.22
CA VAL A 264 45.07 5.52 8.47
C VAL A 264 43.84 6.20 9.07
N ALA A 265 42.68 5.98 8.46
CA ALA A 265 41.43 6.57 8.93
C ALA A 265 41.11 6.11 10.35
N ASN A 266 41.30 4.82 10.65
CA ASN A 266 41.02 4.27 11.95
C ASN A 266 42.01 4.69 13.02
N ALA A 267 43.27 4.99 12.66
CA ALA A 267 44.22 5.51 13.65
C ALA A 267 43.76 6.91 14.11
N VAL A 268 43.27 7.73 13.18
CA VAL A 268 42.74 9.06 13.47
C VAL A 268 41.44 8.93 14.32
N LEU A 269 40.52 8.03 13.91
CA LEU A 269 39.28 7.81 14.67
C LEU A 269 39.54 7.23 16.05
N ASP A 270 40.62 6.45 16.24
CA ASP A 270 41.02 5.90 17.54
C ASP A 270 41.43 7.04 18.51
N GLY A 271 42.02 8.10 17.97
CA GLY A 271 42.46 9.26 18.75
C GLY A 271 43.93 9.60 18.62
N ALA A 272 44.64 9.02 17.62
CA ALA A 272 46.07 9.31 17.42
C ALA A 272 46.34 10.79 17.10
N ASP A 273 47.37 11.36 17.72
CA ASP A 273 47.76 12.74 17.45
C ASP A 273 48.57 12.82 16.18
N CYS A 274 49.43 11.82 15.91
CA CYS A 274 50.29 11.78 14.74
C CYS A 274 50.18 10.44 14.04
N ILE A 275 50.41 10.46 12.73
CA ILE A 275 50.51 9.26 11.89
C ILE A 275 51.88 9.30 11.22
N MET A 276 52.47 8.12 10.99
CA MET A 276 53.84 8.05 10.47
C MET A 276 54.01 7.27 9.19
N LEU A 277 55.03 7.66 8.41
CA LEU A 277 55.46 6.98 7.20
C LEU A 277 56.92 6.59 7.42
N SER A 278 57.27 5.32 7.16
CA SER A 278 58.65 4.86 7.31
C SER A 278 59.27 4.62 5.92
N GLY A 279 59.30 3.37 5.42
CA GLY A 279 59.82 3.05 4.11
C GLY A 279 59.13 3.79 2.99
N GLU A 280 57.83 4.13 3.18
CA GLU A 280 57.03 4.84 2.20
C GLU A 280 57.69 6.15 1.77
N THR A 281 58.36 6.86 2.71
CA THR A 281 59.04 8.11 2.39
C THR A 281 60.57 7.98 2.39
N ALA A 282 61.11 7.06 3.20
CA ALA A 282 62.55 6.89 3.30
C ALA A 282 63.17 6.23 2.07
N LYS A 283 62.53 5.21 1.51
CA LYS A 283 63.11 4.47 0.39
C LYS A 283 62.15 4.19 -0.78
N GLY A 284 60.88 4.55 -0.65
CA GLY A 284 59.87 4.24 -1.65
C GLY A 284 59.87 5.09 -2.89
N ASN A 285 59.23 4.59 -3.95
CA ASN A 285 59.15 5.28 -5.23
C ASN A 285 58.16 6.44 -5.23
N PHE A 286 57.29 6.54 -4.21
CA PHE A 286 56.27 7.62 -4.19
C PHE A 286 56.22 8.36 -2.82
N PRO A 287 57.34 8.97 -2.36
CA PRO A 287 57.31 9.62 -1.03
C PRO A 287 56.32 10.77 -0.89
N VAL A 288 56.25 11.64 -1.90
CA VAL A 288 55.33 12.78 -1.87
C VAL A 288 53.87 12.33 -1.95
N GLU A 289 53.61 11.31 -2.76
CA GLU A 289 52.27 10.77 -2.92
C GLU A 289 51.79 10.11 -1.63
N ALA A 290 52.71 9.49 -0.86
CA ALA A 290 52.39 8.86 0.42
C ALA A 290 51.98 9.93 1.45
N VAL A 291 52.69 11.08 1.46
CA VAL A 291 52.35 12.19 2.34
C VAL A 291 50.97 12.77 1.94
N LYS A 292 50.75 12.95 0.62
CA LYS A 292 49.47 13.47 0.12
C LYS A 292 48.30 12.55 0.46
N MET A 293 48.51 11.23 0.38
CA MET A 293 47.48 10.25 0.70
C MET A 293 47.14 10.29 2.20
N GLN A 294 48.16 10.36 3.09
CA GLN A 294 47.91 10.46 4.52
C GLN A 294 47.17 11.76 4.84
N HIS A 295 47.54 12.86 4.17
CA HIS A 295 46.87 14.14 4.38
C HIS A 295 45.39 14.03 3.99
N ALA A 296 45.10 13.45 2.81
CA ALA A 296 43.75 13.34 2.29
C ALA A 296 42.88 12.47 3.19
N ILE A 297 43.42 11.33 3.68
CA ILE A 297 42.66 10.44 4.55
C ILE A 297 42.38 11.08 5.91
N ALA A 298 43.42 11.64 6.54
CA ALA A 298 43.29 12.28 7.85
C ALA A 298 42.25 13.37 7.87
N ARG A 299 42.19 14.19 6.83
CA ARG A 299 41.20 15.26 6.71
C ARG A 299 39.77 14.69 6.69
N GLU A 300 39.56 13.61 5.94
CA GLU A 300 38.25 12.99 5.85
C GLU A 300 37.88 12.34 7.19
N ALA A 301 38.84 11.66 7.84
CA ALA A 301 38.60 10.99 9.12
C ALA A 301 38.34 11.97 10.25
N GLU A 302 39.02 13.11 10.26
CA GLU A 302 38.81 14.13 11.29
C GLU A 302 37.42 14.73 11.25
N ALA A 303 36.85 14.92 10.06
CA ALA A 303 35.48 15.42 9.94
C ALA A 303 34.47 14.37 10.42
N ALA A 304 34.80 13.07 10.28
CA ALA A 304 33.95 11.94 10.72
C ALA A 304 34.04 11.64 12.22
N VAL A 305 34.87 12.39 12.98
CA VAL A 305 34.98 12.20 14.42
C VAL A 305 33.62 12.58 15.08
N TYR A 306 33.15 11.78 16.05
CA TYR A 306 31.90 12.04 16.72
C TYR A 306 32.17 12.90 17.95
N HIS A 307 32.38 14.21 17.76
CA HIS A 307 32.71 15.15 18.83
C HIS A 307 31.71 15.17 19.97
N ARG A 308 30.42 14.99 19.68
CA ARG A 308 29.39 14.98 20.72
C ARG A 308 29.72 14.00 21.88
N GLN A 309 30.09 12.75 21.57
CA GLN A 309 30.46 11.81 22.62
C GLN A 309 31.91 11.96 23.05
N LEU A 310 32.83 12.19 22.09
CA LEU A 310 34.26 12.34 22.39
C LEU A 310 34.53 13.48 23.38
N PHE A 311 33.99 14.68 23.11
CA PHE A 311 34.17 15.81 24.00
C PHE A 311 33.54 15.53 25.35
N GLU A 312 32.27 15.01 25.42
CA GLU A 312 31.69 14.72 26.73
C GLU A 312 32.50 13.71 27.53
N GLU A 313 33.04 12.66 26.89
CA GLU A 313 33.85 11.70 27.60
C GLU A 313 35.19 12.28 28.05
N LEU A 314 35.86 13.06 27.22
CA LEU A 314 37.14 13.67 27.61
C LEU A 314 36.91 14.68 28.72
N ARG A 315 35.80 15.45 28.63
CA ARG A 315 35.39 16.44 29.62
C ARG A 315 35.13 15.75 30.95
N ARG A 316 34.39 14.62 30.97
CA ARG A 316 34.06 13.85 32.18
C ARG A 316 35.31 13.23 32.82
N ALA A 317 36.20 12.63 32.00
CA ALA A 317 37.40 11.94 32.46
C ALA A 317 38.57 12.82 32.99
N ALA A 318 38.75 14.03 32.43
CA ALA A 318 39.80 14.94 32.88
C ALA A 318 39.46 15.39 34.30
N PRO A 319 40.34 15.12 35.28
CA PRO A 319 40.01 15.42 36.66
C PRO A 319 39.81 16.88 36.96
N LEU A 320 39.16 17.19 38.09
CA LEU A 320 39.01 18.56 38.57
C LEU A 320 40.40 19.16 38.82
N SER A 321 40.55 20.47 38.59
CA SER A 321 41.88 21.08 38.69
C SER A 321 41.81 22.48 39.17
N ARG A 322 42.83 22.92 39.89
CA ARG A 322 42.92 24.31 40.33
CA ARG A 322 42.91 24.31 40.33
C ARG A 322 44.02 25.09 39.58
N ASP A 323 44.54 24.52 38.48
CA ASP A 323 45.55 25.13 37.62
C ASP A 323 44.77 26.03 36.67
N PRO A 324 45.04 27.35 36.67
CA PRO A 324 44.26 28.26 35.80
C PRO A 324 44.38 27.99 34.31
N THR A 325 45.52 27.44 33.84
CA THR A 325 45.66 27.13 32.41
C THR A 325 44.68 26.00 32.06
N GLU A 326 44.58 24.95 32.95
CA GLU A 326 43.65 23.80 32.80
C GLU A 326 42.18 24.28 32.84
N VAL A 327 41.86 25.17 33.79
CA VAL A 327 40.53 25.70 33.93
C VAL A 327 40.12 26.55 32.72
N THR A 328 41.05 27.38 32.21
CA THR A 328 40.79 28.22 31.05
C THR A 328 40.61 27.35 29.82
N ALA A 329 41.41 26.28 29.68
CA ALA A 329 41.37 25.39 28.50
C ALA A 329 40.01 24.77 28.29
N ILE A 330 39.38 24.21 29.36
CA ILE A 330 38.07 23.60 29.26
C ILE A 330 37.01 24.67 28.98
N GLY A 331 37.13 25.84 29.61
CA GLY A 331 36.20 26.94 29.36
C GLY A 331 36.24 27.39 27.91
N ALA A 332 37.45 27.49 27.33
CA ALA A 332 37.64 27.91 25.95
C ALA A 332 37.12 26.89 24.95
N VAL A 333 37.33 25.58 25.21
CA VAL A 333 36.83 24.54 24.32
C VAL A 333 35.31 24.47 24.35
N GLU A 334 34.72 24.64 25.54
CA GLU A 334 33.27 24.66 25.68
C GLU A 334 32.70 25.86 24.93
N ALA A 335 33.33 27.04 25.07
CA ALA A 335 32.89 28.27 24.40
C ALA A 335 33.01 28.13 22.89
N ALA A 336 34.06 27.47 22.39
CA ALA A 336 34.26 27.23 20.97
C ALA A 336 33.16 26.37 20.37
N PHE A 337 32.77 25.28 21.06
CA PHE A 337 31.68 24.43 20.58
C PHE A 337 30.35 25.19 20.57
N LYS A 338 30.09 26.04 21.58
CA LYS A 338 28.83 26.79 21.69
C LYS A 338 28.56 27.71 20.50
N CYS A 339 29.61 28.34 19.96
CA CYS A 339 29.43 29.27 18.86
C CYS A 339 29.94 28.76 17.53
N CYS A 340 30.39 27.48 17.44
CA CYS A 340 30.99 26.93 16.21
C CYS A 340 32.20 27.78 15.84
N ALA A 341 33.03 28.16 16.83
CA ALA A 341 34.21 28.99 16.60
C ALA A 341 35.10 28.41 15.53
N ALA A 342 35.56 29.25 14.59
CA ALA A 342 36.44 28.76 13.52
C ALA A 342 37.81 28.38 14.10
N ALA A 343 38.25 29.06 15.16
CA ALA A 343 39.55 28.79 15.76
C ALA A 343 39.61 29.24 17.23
N ILE A 344 40.59 28.69 17.96
CA ILE A 344 40.96 29.10 19.30
C ILE A 344 42.40 29.60 19.11
N ILE A 345 42.62 30.90 19.26
CA ILE A 345 43.95 31.47 19.12
C ILE A 345 44.57 31.54 20.49
N VAL A 346 45.72 30.90 20.70
CA VAL A 346 46.36 30.87 22.00
C VAL A 346 47.80 31.37 21.92
N LEU A 347 48.26 32.14 22.92
CA LEU A 347 49.64 32.60 23.00
C LEU A 347 50.33 31.61 23.91
N THR A 348 51.45 31.08 23.44
CA THR A 348 52.17 30.09 24.24
C THR A 348 53.67 30.24 24.10
N THR A 349 54.41 30.02 25.20
CA THR A 349 55.84 30.11 25.22
C THR A 349 56.44 28.72 25.05
N THR A 350 55.94 27.74 25.82
CA THR A 350 56.41 26.35 25.81
C THR A 350 55.55 25.39 24.97
N GLY A 351 54.34 25.82 24.62
CA GLY A 351 53.38 24.97 23.92
C GLY A 351 52.31 24.38 24.84
N ARG A 352 52.53 24.45 26.17
CA ARG A 352 51.63 23.87 27.16
C ARG A 352 50.17 24.33 27.09
N SER A 353 49.93 25.64 26.97
CA SER A 353 48.55 26.15 26.87
C SER A 353 47.83 25.57 25.64
N ALA A 354 48.56 25.38 24.53
CA ALA A 354 47.98 24.80 23.32
C ALA A 354 47.71 23.29 23.53
N GLN A 355 48.60 22.60 24.24
CA GLN A 355 48.43 21.18 24.52
C GLN A 355 47.19 20.92 25.40
N LEU A 356 46.94 21.79 26.39
CA LEU A 356 45.79 21.64 27.26
C LEU A 356 44.47 21.92 26.53
N LEU A 357 44.49 22.74 25.45
CA LEU A 357 43.29 22.95 24.64
C LEU A 357 43.06 21.68 23.77
N SER A 358 44.14 21.17 23.18
CA SER A 358 44.20 20.00 22.30
C SER A 358 43.64 18.71 22.93
N ARG A 359 43.86 18.54 24.24
CA ARG A 359 43.41 17.34 24.95
C ARG A 359 41.88 17.16 24.96
N TYR A 360 41.11 18.25 24.75
CA TYR A 360 39.65 18.15 24.68
C TYR A 360 39.11 17.94 23.28
N ARG A 361 40.01 17.82 22.28
CA ARG A 361 39.69 17.58 20.88
C ARG A 361 38.64 18.53 20.30
N PRO A 362 38.84 19.85 20.38
CA PRO A 362 37.85 20.76 19.76
C PRO A 362 37.74 20.57 18.25
N ARG A 363 36.58 20.89 17.66
CA ARG A 363 36.47 20.90 16.20
C ARG A 363 37.25 22.16 15.70
N ALA A 364 37.24 23.27 16.48
CA ALA A 364 37.95 24.52 16.21
C ALA A 364 39.45 24.28 16.22
N ALA A 365 40.15 24.81 15.19
CA ALA A 365 41.60 24.71 15.10
C ALA A 365 42.25 25.49 16.25
N VAL A 366 43.32 24.97 16.83
CA VAL A 366 44.03 25.68 17.89
C VAL A 366 45.23 26.34 17.24
N ILE A 367 45.15 27.65 16.98
CA ILE A 367 46.22 28.40 16.35
C ILE A 367 47.15 28.91 17.45
N ALA A 368 48.35 28.31 17.56
CA ALA A 368 49.28 28.67 18.63
C ALA A 368 50.31 29.69 18.14
N VAL A 369 50.23 30.95 18.63
CA VAL A 369 51.18 32.02 18.27
C VAL A 369 52.32 32.02 19.30
N THR A 370 53.55 31.69 18.85
CA THR A 370 54.70 31.61 19.76
C THR A 370 55.92 32.30 19.20
N ARG A 371 56.79 32.79 20.11
CA ARG A 371 58.07 33.37 19.71
C ARG A 371 59.13 32.26 19.65
N SER A 372 58.99 31.19 20.47
CA SER A 372 59.93 30.08 20.50
C SER A 372 59.85 29.23 19.21
N ALA A 373 60.95 29.15 18.45
CA ALA A 373 61.02 28.34 17.23
C ALA A 373 60.91 26.83 17.57
N GLN A 374 61.49 26.42 18.70
CA GLN A 374 61.42 25.04 19.15
C GLN A 374 59.99 24.63 19.54
N ALA A 375 59.27 25.48 20.31
CA ALA A 375 57.89 25.18 20.68
C ALA A 375 57.00 25.11 19.44
N ALA A 376 57.25 25.97 18.45
CA ALA A 376 56.48 25.93 17.20
C ALA A 376 56.65 24.58 16.49
N ARG A 377 57.86 24.02 16.53
CA ARG A 377 58.10 22.71 15.93
C ARG A 377 57.51 21.57 16.77
N GLN A 378 57.67 21.63 18.09
CA GLN A 378 57.22 20.57 18.99
C GLN A 378 55.70 20.45 19.14
N VAL A 379 54.93 21.54 18.97
CA VAL A 379 53.48 21.44 19.13
C VAL A 379 52.79 20.65 18.01
N HIS A 380 53.53 20.28 16.96
CA HIS A 380 53.02 19.39 15.93
C HIS A 380 52.66 18.01 16.54
N LEU A 381 53.22 17.67 17.71
CA LEU A 381 52.90 16.42 18.37
C LEU A 381 51.45 16.38 18.87
N CYS A 382 50.83 17.55 19.12
CA CYS A 382 49.48 17.67 19.65
C CYS A 382 48.48 17.86 18.54
N ARG A 383 47.46 16.97 18.45
CA ARG A 383 46.47 17.08 17.40
C ARG A 383 45.72 18.42 17.42
N GLY A 384 45.55 19.01 16.24
CA GLY A 384 44.79 20.23 16.10
C GLY A 384 45.49 21.52 16.49
N VAL A 385 46.79 21.44 16.76
CA VAL A 385 47.59 22.64 17.04
C VAL A 385 48.35 23.06 15.79
N PHE A 386 48.06 24.29 15.32
CA PHE A 386 48.64 24.92 14.15
C PHE A 386 49.62 25.99 14.62
N PRO A 387 50.93 25.69 14.62
CA PRO A 387 51.91 26.67 15.11
C PRO A 387 52.24 27.83 14.17
N LEU A 388 52.32 29.03 14.73
CA LEU A 388 52.68 30.22 13.98
C LEU A 388 53.89 30.83 14.68
N LEU A 389 55.03 30.97 13.96
CA LEU A 389 56.22 31.57 14.56
C LEU A 389 56.18 33.10 14.44
N TYR A 390 55.96 33.81 15.56
CA TYR A 390 55.87 35.28 15.59
C TYR A 390 57.24 35.94 15.44
N ARG A 391 57.42 36.67 14.33
CA ARG A 391 58.68 37.37 14.07
C ARG A 391 58.46 38.86 13.70
N GLU A 392 57.36 39.46 14.19
CA GLU A 392 57.09 40.86 13.92
CA GLU A 392 57.02 40.86 13.96
C GLU A 392 57.74 41.71 15.02
N PRO A 393 58.00 43.02 14.75
CA PRO A 393 58.66 43.85 15.78
C PRO A 393 57.87 43.98 17.08
N PRO A 394 58.57 44.10 18.21
CA PRO A 394 57.86 44.20 19.51
C PRO A 394 57.15 45.54 19.76
N GLU A 395 56.07 45.48 20.54
CA GLU A 395 55.38 46.68 20.96
C GLU A 395 55.95 47.03 22.34
N ALA A 396 56.02 48.33 22.67
CA ALA A 396 56.58 48.77 23.96
C ALA A 396 55.67 48.38 25.13
N ILE A 397 54.35 48.49 24.94
CA ILE A 397 53.41 48.12 25.98
C ILE A 397 53.06 46.62 25.86
N TRP A 398 53.34 45.80 26.90
CA TRP A 398 53.04 44.37 26.89
C TRP A 398 51.60 44.05 26.44
N ALA A 399 50.59 44.81 26.93
CA ALA A 399 49.19 44.61 26.51
C ALA A 399 48.99 44.85 25.01
N ASP A 400 49.72 45.82 24.44
CA ASP A 400 49.70 46.14 23.02
C ASP A 400 50.42 45.02 22.22
N ASP A 401 51.49 44.45 22.77
CA ASP A 401 52.26 43.39 22.13
C ASP A 401 51.38 42.11 22.03
N VAL A 402 50.64 41.80 23.11
CA VAL A 402 49.70 40.67 23.19
C VAL A 402 48.66 40.82 22.07
N ASP A 403 47.99 41.99 22.00
CA ASP A 403 46.97 42.25 20.96
CA ASP A 403 46.98 42.22 20.97
C ASP A 403 47.54 42.09 19.55
N ARG A 404 48.81 42.45 19.37
CA ARG A 404 49.45 42.36 18.07
C ARG A 404 49.66 40.89 17.66
N ARG A 405 50.07 40.04 18.61
CA ARG A 405 50.22 38.61 18.37
C ARG A 405 48.84 37.97 18.08
N VAL A 406 47.79 38.39 18.79
CA VAL A 406 46.44 37.90 18.55
C VAL A 406 45.98 38.28 17.13
N GLN A 407 46.22 39.54 16.69
CA GLN A 407 45.89 39.99 15.34
C GLN A 407 46.73 39.28 14.29
N PHE A 408 47.96 38.89 14.63
CA PHE A 408 48.83 38.14 13.73
C PHE A 408 48.20 36.76 13.46
N GLY A 409 47.66 36.11 14.51
CA GLY A 409 46.99 34.81 14.40
C GLY A 409 45.79 34.93 13.48
N ILE A 410 45.03 36.03 13.60
CA ILE A 410 43.87 36.32 12.76
C ILE A 410 44.27 36.54 11.30
N GLU A 411 45.36 37.29 11.05
CA GLU A 411 45.83 37.54 9.68
C GLU A 411 46.35 36.27 9.04
N SER A 412 47.18 35.47 9.75
CA SER A 412 47.66 34.19 9.24
C SER A 412 46.45 33.25 8.99
N GLY A 413 45.49 33.25 9.89
CA GLY A 413 44.28 32.43 9.78
C GLY A 413 43.46 32.80 8.56
N LYS A 414 43.37 34.09 8.24
CA LYS A 414 42.64 34.56 7.09
C LYS A 414 43.34 34.15 5.80
N LEU A 415 44.68 34.28 5.75
CA LEU A 415 45.47 33.94 4.56
C LEU A 415 45.44 32.44 4.28
N ARG A 416 45.54 31.61 5.33
CA ARG A 416 45.54 30.16 5.19
C ARG A 416 44.17 29.51 5.01
N GLY A 417 43.09 30.28 5.08
CA GLY A 417 41.75 29.75 4.88
C GLY A 417 41.00 29.32 6.14
N PHE A 418 41.64 29.39 7.32
CA PHE A 418 41.00 29.03 8.59
C PHE A 418 39.89 30.00 8.97
N LEU A 419 40.07 31.31 8.68
CA LEU A 419 39.14 32.34 9.14
C LEU A 419 38.58 33.24 8.06
N ARG A 420 37.36 33.71 8.26
CA ARG A 420 36.69 34.65 7.38
C ARG A 420 36.05 35.75 8.23
N VAL A 421 35.79 36.91 7.62
CA VAL A 421 35.13 38.03 8.28
C VAL A 421 33.74 37.57 8.75
N GLY A 422 33.38 37.90 9.98
CA GLY A 422 32.12 37.45 10.55
C GLY A 422 32.24 36.21 11.42
N ASP A 423 33.37 35.48 11.31
CA ASP A 423 33.61 34.29 12.15
C ASP A 423 33.80 34.70 13.61
N LEU A 424 33.51 33.79 14.53
CA LEU A 424 33.81 34.01 15.94
C LEU A 424 35.07 33.18 16.28
N VAL A 425 35.96 33.72 17.10
CA VAL A 425 37.16 33.05 17.57
C VAL A 425 37.24 33.17 19.08
N ILE A 426 37.88 32.20 19.71
CA ILE A 426 38.12 32.24 21.13
C ILE A 426 39.58 32.56 21.28
N VAL A 427 39.93 33.55 22.10
CA VAL A 427 41.33 33.96 22.26
C VAL A 427 41.80 33.66 23.67
N VAL A 428 42.88 32.91 23.81
CA VAL A 428 43.40 32.48 25.09
C VAL A 428 44.75 33.13 25.38
N THR A 429 44.81 33.92 26.45
CA THR A 429 46.00 34.65 26.86
C THR A 429 46.19 34.51 28.40
N GLY A 430 47.24 35.14 28.92
CA GLY A 430 47.54 35.17 30.34
C GLY A 430 47.56 36.60 30.87
N TRP A 431 47.71 36.75 32.19
CA TRP A 431 47.64 38.06 32.84
C TRP A 431 48.99 38.79 32.98
N ARG A 432 50.10 38.06 32.87
CA ARG A 432 51.44 38.63 32.97
C ARG A 432 52.39 37.88 32.02
N PRO A 433 53.48 38.53 31.52
CA PRO A 433 54.42 37.82 30.63
C PRO A 433 55.09 36.62 31.30
N GLY A 434 55.63 35.73 30.50
CA GLY A 434 56.25 34.52 30.99
C GLY A 434 55.30 33.33 30.91
N SER A 435 55.86 32.14 30.87
CA SER A 435 55.15 30.90 30.79
C SER A 435 54.43 30.56 32.13
N GLY A 436 53.27 29.92 32.05
CA GLY A 436 52.53 29.44 33.21
C GLY A 436 51.44 30.33 33.76
N TYR A 437 51.12 31.43 33.08
CA TYR A 437 50.11 32.36 33.59
C TYR A 437 48.86 32.50 32.74
N THR A 438 48.55 31.52 31.85
CA THR A 438 47.31 31.58 31.04
C THR A 438 46.10 31.54 31.98
N ASN A 439 45.17 32.47 31.82
CA ASN A 439 44.00 32.54 32.68
C ASN A 439 42.84 33.30 32.04
N ILE A 440 42.93 33.66 30.75
CA ILE A 440 41.89 34.47 30.11
C ILE A 440 41.37 33.87 28.83
N MET A 441 40.06 33.92 28.65
CA MET A 441 39.43 33.48 27.42
CA MET A 441 39.36 33.44 27.45
C MET A 441 38.48 34.59 26.96
N ARG A 442 38.61 35.00 25.68
CA ARG A 442 37.78 36.09 25.14
C ARG A 442 37.07 35.66 23.86
N VAL A 443 35.88 36.19 23.63
CA VAL A 443 35.12 35.92 22.42
C VAL A 443 35.29 37.09 21.45
N LEU A 444 35.91 36.83 20.30
CA LEU A 444 36.20 37.86 19.30
C LEU A 444 35.49 37.64 17.98
N SER A 445 35.01 38.71 17.39
CA SER A 445 34.36 38.66 16.08
C SER A 445 35.40 39.06 15.06
N ILE A 446 35.60 38.27 14.00
CA ILE A 446 36.58 38.59 12.97
C ILE A 446 36.11 39.76 12.10
N SER A 447 36.91 40.84 12.13
CA SER A 447 36.76 42.14 11.45
C SER A 447 35.47 42.88 11.87
N ARG B 12 37.14 7.93 41.31
CA ARG B 12 38.12 8.48 42.24
C ARG B 12 39.25 9.25 41.55
N ALA B 13 39.73 8.78 40.41
CA ALA B 13 40.81 9.44 39.70
C ALA B 13 40.45 10.85 39.18
N ASP B 14 39.15 11.08 38.92
CA ASP B 14 38.66 12.39 38.47
C ASP B 14 38.61 13.45 39.60
N VAL B 15 38.71 13.02 40.88
CA VAL B 15 38.69 13.94 42.01
C VAL B 15 39.87 13.74 42.98
N ALA B 16 40.77 12.78 42.72
CA ALA B 16 41.86 12.40 43.62
C ALA B 16 42.80 13.54 44.02
N GLN B 17 43.31 14.34 43.06
CA GLN B 17 44.22 15.42 43.37
C GLN B 17 43.48 16.53 44.09
N LEU B 18 42.26 16.86 43.67
CA LEU B 18 41.46 17.89 44.34
C LEU B 18 41.06 17.47 45.75
N THR B 19 40.88 16.17 46.01
CA THR B 19 40.58 15.63 47.34
C THR B 19 41.83 15.79 48.25
N GLN B 20 43.01 15.54 47.70
CA GLN B 20 44.25 15.71 48.46
C GLN B 20 44.47 17.18 48.78
N GLU B 21 44.11 18.08 47.86
CA GLU B 21 44.30 19.52 48.06
C GLU B 21 43.28 20.15 49.00
N LEU B 22 41.99 19.94 48.73
CA LEU B 22 40.91 20.53 49.54
C LEU B 22 40.55 19.75 50.80
N GLY B 23 40.93 18.47 50.82
CA GLY B 23 40.69 17.59 51.96
C GLY B 23 39.43 16.79 51.84
N THR B 24 39.35 15.69 52.62
CA THR B 24 38.19 14.83 52.61
C THR B 24 37.01 15.54 53.23
N ALA B 25 37.19 16.42 54.23
CA ALA B 25 36.06 17.13 54.84
C ALA B 25 35.30 17.97 53.82
N PHE B 26 36.04 18.64 52.89
CA PHE B 26 35.44 19.46 51.83
C PHE B 26 34.47 18.61 50.98
N PHE B 27 34.92 17.40 50.62
CA PHE B 27 34.16 16.50 49.77
C PHE B 27 33.06 15.74 50.51
N GLN B 28 32.89 15.91 51.82
CA GLN B 28 31.78 15.29 52.54
C GLN B 28 30.60 16.28 52.65
N GLN B 29 30.87 17.60 52.60
CA GLN B 29 29.87 18.65 52.71
C GLN B 29 29.12 18.88 51.39
N GLN B 30 28.07 19.71 51.42
CA GLN B 30 27.21 20.15 50.32
C GLN B 30 26.80 19.02 49.34
N GLN B 31 26.55 17.81 49.89
CA GLN B 31 26.15 16.64 49.12
C GLN B 31 27.10 16.33 47.99
N LEU B 32 28.42 16.61 48.16
CA LEU B 32 29.41 16.34 47.14
C LEU B 32 29.54 14.84 46.82
N PRO B 33 29.44 13.88 47.77
CA PRO B 33 29.48 12.46 47.35
C PRO B 33 28.29 12.14 46.42
N ALA B 34 27.09 12.70 46.69
CA ALA B 34 25.92 12.50 45.82
C ALA B 34 26.09 13.21 44.47
N ALA B 35 26.79 14.35 44.47
CA ALA B 35 27.08 15.13 43.27
C ALA B 35 28.00 14.42 42.30
N MET B 36 28.93 13.61 42.78
CA MET B 36 29.87 12.90 41.91
C MET B 36 29.36 11.54 41.44
N ALA B 37 28.11 11.17 41.75
CA ALA B 37 27.54 9.90 41.32
C ALA B 37 27.36 9.85 39.82
N ASP B 38 27.57 8.67 39.23
CA ASP B 38 27.45 8.47 37.80
C ASP B 38 26.01 8.31 37.32
N THR B 39 25.07 7.98 38.21
CA THR B 39 23.66 7.86 37.83
C THR B 39 22.79 8.62 38.82
N PHE B 40 21.56 8.99 38.43
CA PHE B 40 20.63 9.66 39.34
C PHE B 40 20.25 8.73 40.50
N LEU B 41 20.12 7.42 40.25
CA LEU B 41 19.78 6.44 41.27
C LEU B 41 20.89 6.39 42.33
N GLU B 42 22.15 6.38 41.92
CA GLU B 42 23.29 6.39 42.84
C GLU B 42 23.36 7.74 43.59
N HIS B 43 22.98 8.84 42.92
CA HIS B 43 22.91 10.18 43.50
C HIS B 43 21.92 10.17 44.66
N LEU B 44 20.71 9.58 44.48
CA LEU B 44 19.73 9.46 45.55
C LEU B 44 20.29 8.65 46.71
N CYS B 45 20.89 7.47 46.41
CA CYS B 45 21.47 6.58 47.40
C CYS B 45 22.56 7.24 48.25
N LEU B 46 23.25 8.24 47.70
CA LEU B 46 24.33 8.92 48.41
C LEU B 46 23.91 10.19 49.13
N LEU B 47 22.61 10.58 49.08
CA LEU B 47 22.16 11.78 49.80
C LEU B 47 22.32 11.54 51.30
N ASP B 48 22.86 12.51 52.02
CA ASP B 48 23.24 12.33 53.42
C ASP B 48 22.74 13.46 54.29
N ILE B 49 21.95 13.14 55.31
CA ILE B 49 21.45 14.15 56.25
C ILE B 49 22.59 14.79 57.11
N ASP B 50 23.75 14.14 57.18
CA ASP B 50 24.92 14.68 57.90
C ASP B 50 25.82 15.54 57.00
N SER B 51 25.55 15.61 55.69
CA SER B 51 26.33 16.44 54.77
C SER B 51 25.73 17.85 54.83
N GLU B 52 26.42 18.76 55.50
CA GLU B 52 25.91 20.12 55.71
C GLU B 52 26.02 21.05 54.52
N PRO B 53 24.99 21.86 54.28
CA PRO B 53 25.10 22.85 53.19
C PRO B 53 26.16 23.92 53.51
N VAL B 54 26.96 24.30 52.54
CA VAL B 54 28.03 25.29 52.73
C VAL B 54 27.73 26.56 51.92
N ALA B 55 27.22 26.40 50.69
CA ALA B 55 26.95 27.51 49.79
C ALA B 55 25.85 28.43 50.29
N ALA B 56 25.90 29.70 49.87
CA ALA B 56 24.87 30.69 50.19
C ALA B 56 23.59 30.27 49.47
N ARG B 57 22.43 30.55 50.09
CA ARG B 57 21.14 30.16 49.54
C ARG B 57 20.87 30.93 48.28
N SER B 58 20.64 30.19 47.19
CA SER B 58 20.46 30.77 45.88
C SER B 58 19.02 30.98 45.38
N THR B 59 18.01 30.29 45.92
CA THR B 59 16.62 30.46 45.49
C THR B 59 16.07 31.64 46.26
N SER B 60 15.57 32.68 45.58
CA SER B 60 15.03 33.84 46.28
C SER B 60 13.72 33.58 46.96
N ILE B 61 13.52 34.26 48.08
CA ILE B 61 12.30 34.16 48.84
C ILE B 61 11.49 35.41 48.63
N ILE B 62 10.24 35.24 48.18
CA ILE B 62 9.31 36.34 48.02
C ILE B 62 8.38 36.28 49.23
N ALA B 63 8.30 37.37 50.00
CA ALA B 63 7.42 37.39 51.16
C ALA B 63 6.31 38.40 50.93
N THR B 64 5.04 37.98 51.12
CA THR B 64 3.91 38.87 50.95
C THR B 64 3.80 39.77 52.18
N ILE B 65 3.68 41.09 51.94
CA ILE B 65 3.60 42.06 53.03
C ILE B 65 2.15 42.25 53.45
N GLY B 66 1.91 42.23 54.75
CA GLY B 66 0.58 42.45 55.31
C GLY B 66 0.65 42.87 56.76
N PRO B 67 -0.49 42.81 57.48
CA PRO B 67 -0.51 43.20 58.89
C PRO B 67 0.56 42.55 59.78
N ALA B 68 0.90 41.28 59.51
CA ALA B 68 1.90 40.56 60.30
C ALA B 68 3.34 40.93 59.99
N SER B 69 3.57 41.61 58.87
CA SER B 69 4.93 41.89 58.41
C SER B 69 5.15 43.31 57.89
N ARG B 70 4.34 44.28 58.32
CA ARG B 70 4.43 45.65 57.82
C ARG B 70 5.35 46.59 58.58
N SER B 71 5.51 46.38 59.90
CA SER B 71 6.33 47.29 60.69
C SER B 71 7.80 47.25 60.28
N VAL B 72 8.47 48.40 60.38
CA VAL B 72 9.87 48.56 60.02
C VAL B 72 10.76 47.58 60.80
N GLU B 73 10.49 47.38 62.10
CA GLU B 73 11.28 46.47 62.92
C GLU B 73 11.08 45.01 62.50
N ARG B 74 9.85 44.64 62.09
CA ARG B 74 9.53 43.30 61.63
C ARG B 74 10.20 43.04 60.28
N LEU B 75 10.16 44.04 59.38
CA LEU B 75 10.78 43.97 58.07
C LEU B 75 12.29 43.82 58.17
N LYS B 76 12.93 44.44 59.18
CA LYS B 76 14.37 44.29 59.39
C LYS B 76 14.69 42.84 59.75
N GLU B 77 13.85 42.20 60.58
CA GLU B 77 14.05 40.80 60.94
C GLU B 77 13.82 39.89 59.73
N MET B 78 12.84 40.23 58.87
CA MET B 78 12.56 39.44 57.67
CA MET B 78 12.56 39.44 57.68
C MET B 78 13.68 39.54 56.65
N ILE B 79 14.34 40.72 56.55
CA ILE B 79 15.46 40.92 55.64
C ILE B 79 16.63 40.06 56.16
N LYS B 80 16.88 40.08 57.48
CA LYS B 80 17.95 39.27 58.10
C LYS B 80 17.68 37.76 57.97
N ALA B 81 16.40 37.34 58.00
CA ALA B 81 16.02 35.94 57.84
C ALA B 81 16.17 35.43 56.40
N GLY B 82 16.16 36.34 55.42
CA GLY B 82 16.34 35.97 54.02
C GLY B 82 15.37 36.48 52.98
N MET B 83 14.44 37.35 53.33
CA MET B 83 13.49 37.90 52.33
C MET B 83 14.28 38.72 51.27
N ASN B 84 14.05 38.42 49.98
CA ASN B 84 14.74 39.11 48.88
C ASN B 84 13.80 39.99 48.09
N ILE B 85 12.50 39.62 48.03
CA ILE B 85 11.47 40.34 47.29
C ILE B 85 10.24 40.51 48.17
N ALA B 86 9.75 41.74 48.31
CA ALA B 86 8.54 42.03 49.08
C ALA B 86 7.37 42.10 48.10
N ARG B 87 6.32 41.30 48.33
CA ARG B 87 5.17 41.28 47.45
C ARG B 87 4.01 42.09 48.04
N LEU B 88 3.46 42.99 47.23
CA LEU B 88 2.31 43.79 47.64
C LEU B 88 1.13 43.25 46.89
N ASN B 89 0.18 42.66 47.59
CA ASN B 89 -1.00 42.08 46.95
C ASN B 89 -2.06 43.16 46.78
N PHE B 90 -2.24 43.63 45.55
CA PHE B 90 -3.22 44.69 45.27
C PHE B 90 -4.67 44.20 45.20
N SER B 91 -4.93 42.93 45.57
CA SER B 91 -6.31 42.44 45.71
C SER B 91 -6.94 43.00 47.02
N HIS B 92 -6.11 43.41 48.00
CA HIS B 92 -6.54 43.96 49.28
C HIS B 92 -5.78 45.26 49.55
N GLY B 93 -6.40 46.17 50.29
CA GLY B 93 -5.74 47.42 50.67
C GLY B 93 -5.81 48.53 49.65
N SER B 94 -5.78 49.77 50.15
CA SER B 94 -5.84 50.96 49.32
C SER B 94 -4.42 51.36 48.84
N HIS B 95 -4.34 52.33 47.92
CA HIS B 95 -3.06 52.85 47.45
C HIS B 95 -2.28 53.47 48.63
N GLU B 96 -2.97 54.09 49.59
CA GLU B 96 -2.35 54.69 50.76
C GLU B 96 -1.71 53.61 51.64
N TYR B 97 -2.38 52.46 51.78
CA TYR B 97 -1.89 51.33 52.56
C TYR B 97 -0.60 50.77 51.90
N HIS B 98 -0.64 50.57 50.58
CA HIS B 98 0.50 50.03 49.83
C HIS B 98 1.69 50.98 49.78
N ALA B 99 1.44 52.31 49.69
CA ALA B 99 2.53 53.30 49.70
C ALA B 99 3.25 53.27 51.06
N GLU B 100 2.51 53.02 52.15
CA GLU B 100 3.07 52.95 53.48
C GLU B 100 3.90 51.66 53.63
N SER B 101 3.43 50.54 53.04
CA SER B 101 4.16 49.27 53.07
C SER B 101 5.50 49.46 52.33
N ILE B 102 5.46 50.11 51.14
CA ILE B 102 6.64 50.40 50.34
C ILE B 102 7.64 51.23 51.13
N ALA B 103 7.17 52.30 51.79
CA ALA B 103 8.02 53.18 52.57
C ALA B 103 8.68 52.45 53.75
N ASN B 104 7.92 51.55 54.40
CA ASN B 104 8.44 50.77 55.52
C ASN B 104 9.48 49.77 55.06
N VAL B 105 9.27 49.16 53.88
CA VAL B 105 10.24 48.23 53.30
C VAL B 105 11.53 49.01 52.99
N ARG B 106 11.41 50.14 52.27
CA ARG B 106 12.57 50.96 51.95
C ARG B 106 13.32 51.47 53.19
N GLU B 107 12.59 51.82 54.25
CA GLU B 107 13.24 52.26 55.50
C GLU B 107 14.02 51.12 56.13
N ALA B 108 13.41 49.91 56.21
CA ALA B 108 14.10 48.74 56.77
C ALA B 108 15.34 48.36 55.92
N VAL B 109 15.23 48.42 54.58
CA VAL B 109 16.32 48.10 53.66
C VAL B 109 17.47 49.10 53.81
N GLU B 110 17.16 50.39 53.79
CA GLU B 110 18.17 51.44 53.90
C GLU B 110 18.82 51.56 55.27
N SER B 111 18.25 50.91 56.30
CA SER B 111 18.88 50.92 57.63
C SER B 111 20.20 50.11 57.66
N PHE B 112 20.44 49.25 56.65
CA PHE B 112 21.67 48.44 56.55
C PHE B 112 22.61 48.97 55.46
N ALA B 113 22.40 50.21 54.95
CA ALA B 113 23.13 50.81 53.84
C ALA B 113 24.46 51.49 54.12
N GLY B 114 25.01 51.36 55.33
CA GLY B 114 26.29 52.02 55.63
C GLY B 114 27.52 51.35 55.06
N SER B 115 27.36 50.13 54.50
CA SER B 115 28.45 49.33 53.96
C SER B 115 27.89 48.21 53.06
N PRO B 116 28.63 47.80 52.00
CA PRO B 116 28.15 46.68 51.18
C PRO B 116 28.25 45.32 51.87
N LEU B 117 28.89 45.23 53.05
CA LEU B 117 28.95 43.98 53.80
C LEU B 117 27.63 43.71 54.57
N SER B 118 26.87 44.76 54.86
CA SER B 118 25.59 44.62 55.55
C SER B 118 24.39 44.88 54.62
N TYR B 119 24.58 45.59 53.48
CA TYR B 119 23.49 45.97 52.59
C TYR B 119 22.87 44.79 51.85
N ARG B 120 21.54 44.71 51.87
CA ARG B 120 20.82 43.67 51.17
C ARG B 120 19.73 44.32 50.31
N PRO B 121 19.97 44.44 49.00
CA PRO B 121 18.92 44.98 48.12
C PRO B 121 17.67 44.09 48.15
N VAL B 122 16.51 44.71 48.26
CA VAL B 122 15.25 43.99 48.33
C VAL B 122 14.36 44.53 47.23
N ALA B 123 13.86 43.67 46.34
CA ALA B 123 12.97 44.10 45.27
C ALA B 123 11.55 44.33 45.79
N ILE B 124 10.78 45.17 45.11
CA ILE B 124 9.39 45.41 45.47
C ILE B 124 8.56 45.00 44.29
N ALA B 125 7.64 44.05 44.51
CA ALA B 125 6.81 43.50 43.45
C ALA B 125 5.36 43.81 43.68
N LEU B 126 4.66 44.24 42.63
CA LEU B 126 3.24 44.57 42.72
C LEU B 126 2.46 43.42 42.13
N ASP B 127 1.58 42.79 42.92
CA ASP B 127 0.75 41.68 42.42
C ASP B 127 -0.63 42.26 42.10
N THR B 128 -1.02 42.28 40.82
CA THR B 128 -2.30 42.86 40.41
C THR B 128 -3.53 42.08 40.86
N LYS B 129 -4.68 42.77 40.97
CA LYS B 129 -5.94 42.18 41.37
C LYS B 129 -6.47 41.21 40.31
N GLY B 130 -6.29 41.57 39.03
CA GLY B 130 -6.72 40.70 37.94
C GLY B 130 -7.86 41.22 37.10
N PRO B 131 -8.17 40.51 36.00
CA PRO B 131 -9.25 40.97 35.10
C PRO B 131 -10.67 40.67 35.55
N GLY B 132 -10.84 39.71 36.46
CA GLY B 132 -12.16 39.30 36.94
C GLY B 132 -12.98 38.63 35.85
N SER B 133 -14.24 39.03 35.70
CA SER B 133 -15.09 38.49 34.64
C SER B 133 -14.79 39.09 33.25
N GLY B 134 -14.07 40.22 33.21
CA GLY B 134 -13.72 40.93 31.98
C GLY B 134 -12.71 40.22 31.10
N PRO B 135 -12.66 40.62 29.81
CA PRO B 135 -11.72 39.96 28.89
C PRO B 135 -10.27 40.49 28.94
N GLY B 136 -10.10 41.80 29.00
CA GLY B 136 -8.78 42.42 29.01
C GLY B 136 -8.41 43.03 30.35
N LEU B 137 -7.55 44.06 30.32
CA LEU B 137 -7.08 44.74 31.53
C LEU B 137 -8.18 45.58 32.18
N SER B 138 -8.40 45.36 33.48
CA SER B 138 -9.43 46.11 34.20
C SER B 138 -8.99 47.55 34.53
N GLU B 139 -9.96 48.44 34.79
CA GLU B 139 -9.66 49.83 35.10
C GLU B 139 -8.90 49.97 36.42
N GLN B 140 -9.16 49.09 37.39
CA GLN B 140 -8.43 49.12 38.66
C GLN B 140 -6.97 48.72 38.41
N ASP B 141 -6.72 47.74 37.53
CA ASP B 141 -5.37 47.31 37.18
C ASP B 141 -4.62 48.46 36.52
N VAL B 142 -5.27 49.24 35.63
CA VAL B 142 -4.63 50.38 34.99
C VAL B 142 -4.18 51.43 36.05
N ARG B 143 -5.03 51.68 37.04
CA ARG B 143 -4.71 52.61 38.12
C ARG B 143 -3.60 52.08 39.04
N ASP B 144 -3.63 50.78 39.35
CA ASP B 144 -2.63 50.14 40.21
C ASP B 144 -1.27 50.05 39.52
N LEU B 145 -1.27 49.80 38.21
CA LEU B 145 -0.03 49.73 37.45
C LEU B 145 0.64 51.10 37.37
N ARG B 146 -0.17 52.18 37.22
CA ARG B 146 0.37 53.55 37.22
C ARG B 146 0.92 53.90 38.61
N PHE B 147 0.26 53.42 39.70
CA PHE B 147 0.75 53.60 41.07
C PHE B 147 2.13 52.96 41.21
N GLY B 148 2.28 51.76 40.66
CA GLY B 148 3.55 51.02 40.68
C GLY B 148 4.68 51.78 40.03
N VAL B 149 4.42 52.35 38.85
CA VAL B 149 5.40 53.16 38.13
C VAL B 149 5.78 54.40 38.95
N GLU B 150 4.78 55.10 39.49
CA GLU B 150 5.01 56.30 40.30
C GLU B 150 5.76 56.01 41.59
N HIS B 151 5.60 54.79 42.14
CA HIS B 151 6.29 54.42 43.37
C HIS B 151 7.58 53.59 43.13
N GLY B 152 8.01 53.48 41.87
CA GLY B 152 9.24 52.78 41.51
C GLY B 152 9.34 51.31 41.83
N VAL B 153 8.25 50.55 41.60
CA VAL B 153 8.29 49.10 41.82
C VAL B 153 9.21 48.44 40.78
N ASP B 154 9.82 47.32 41.16
CA ASP B 154 10.76 46.63 40.29
C ASP B 154 10.11 45.59 39.42
N ILE B 155 9.05 44.95 39.92
CA ILE B 155 8.41 43.81 39.27
C ILE B 155 6.90 43.91 39.34
N VAL B 156 6.20 43.38 38.34
CA VAL B 156 4.77 43.25 38.36
C VAL B 156 4.45 41.75 38.24
N PHE B 157 3.67 41.19 39.17
CA PHE B 157 3.19 39.82 39.05
C PHE B 157 1.81 40.01 38.45
N ALA B 158 1.67 39.81 37.13
CA ALA B 158 0.40 40.04 36.45
C ALA B 158 -0.56 38.88 36.60
N SER B 159 -1.67 39.09 37.30
CA SER B 159 -2.67 38.06 37.53
C SER B 159 -3.44 37.62 36.28
N PHE B 160 -3.81 36.33 36.26
CA PHE B 160 -4.62 35.67 35.24
C PHE B 160 -4.21 35.99 33.80
N VAL B 161 -2.92 35.80 33.45
CA VAL B 161 -2.47 36.00 32.08
C VAL B 161 -2.90 34.78 31.27
N ARG B 162 -3.66 34.98 30.19
CA ARG B 162 -4.19 33.91 29.35
C ARG B 162 -3.62 33.86 27.95
N LYS B 163 -2.98 34.94 27.49
CA LYS B 163 -2.45 35.06 26.13
C LYS B 163 -1.39 36.18 26.06
N ALA B 164 -0.65 36.26 24.94
CA ALA B 164 0.38 37.28 24.76
C ALA B 164 -0.18 38.72 24.83
N SER B 165 -1.40 38.94 24.31
CA SER B 165 -2.02 40.27 24.35
C SER B 165 -2.30 40.78 25.77
N ASP B 166 -2.46 39.87 26.73
CA ASP B 166 -2.65 40.26 28.12
C ASP B 166 -1.38 40.90 28.67
N VAL B 167 -0.21 40.34 28.32
CA VAL B 167 1.04 40.89 28.80
C VAL B 167 1.28 42.25 28.09
N ALA B 168 0.96 42.37 26.78
CA ALA B 168 1.11 43.62 26.04
C ALA B 168 0.29 44.73 26.68
N ALA B 169 -0.94 44.41 27.15
CA ALA B 169 -1.80 45.39 27.83
C ALA B 169 -1.19 45.85 29.15
N VAL B 170 -0.55 44.95 29.91
CA VAL B 170 0.12 45.33 31.17
C VAL B 170 1.32 46.23 30.85
N ARG B 171 2.08 45.87 29.81
CA ARG B 171 3.25 46.64 29.38
CA ARG B 171 3.25 46.64 29.39
C ARG B 171 2.83 48.05 28.97
N ALA B 172 1.74 48.18 28.19
CA ALA B 172 1.21 49.46 27.74
C ALA B 172 0.73 50.32 28.93
N ALA B 173 0.05 49.71 29.91
CA ALA B 173 -0.41 50.41 31.10
C ALA B 173 0.74 50.93 31.99
N LEU B 174 1.92 50.33 31.89
CA LEU B 174 3.10 50.82 32.62
C LEU B 174 3.66 52.13 31.97
N GLY B 175 3.34 52.36 30.70
CA GLY B 175 3.73 53.55 29.97
C GLY B 175 5.20 53.59 29.58
N PRO B 176 5.63 54.75 29.06
CA PRO B 176 7.03 54.88 28.66
C PRO B 176 8.01 54.92 29.83
N GLU B 177 7.55 55.33 31.03
CA GLU B 177 8.41 55.39 32.21
C GLU B 177 8.61 54.05 32.93
N GLY B 178 7.74 53.07 32.66
CA GLY B 178 7.83 51.76 33.30
C GLY B 178 8.39 50.66 32.41
N HIS B 179 9.21 51.02 31.42
CA HIS B 179 9.81 50.05 30.51
C HIS B 179 10.82 49.12 31.19
N GLY B 180 11.43 49.59 32.29
CA GLY B 180 12.41 48.81 33.05
C GLY B 180 11.82 47.82 34.05
N ILE B 181 10.51 47.92 34.33
CA ILE B 181 9.84 47.02 35.26
C ILE B 181 9.72 45.62 34.64
N LYS B 182 10.06 44.57 35.42
CA LYS B 182 9.94 43.19 34.93
C LYS B 182 8.51 42.70 35.06
N ILE B 183 8.00 42.06 34.02
CA ILE B 183 6.65 41.51 34.05
C ILE B 183 6.71 39.98 34.20
N ILE B 184 6.24 39.48 35.33
CA ILE B 184 6.17 38.05 35.62
C ILE B 184 4.70 37.66 35.45
N SER B 185 4.38 36.88 34.43
CA SER B 185 3.00 36.47 34.18
C SER B 185 2.56 35.32 35.09
N LYS B 186 1.43 35.50 35.79
CA LYS B 186 0.90 34.44 36.64
C LYS B 186 0.03 33.52 35.79
N ILE B 187 0.37 32.22 35.73
CA ILE B 187 -0.43 31.23 35.00
C ILE B 187 -1.39 30.63 36.01
N GLU B 188 -2.68 30.91 35.85
CA GLU B 188 -3.68 30.52 36.84
C GLU B 188 -4.84 29.71 36.31
N ASN B 189 -4.87 29.37 35.01
CA ASN B 189 -5.99 28.61 34.46
C ASN B 189 -5.58 27.72 33.26
N HIS B 190 -6.52 26.91 32.73
CA HIS B 190 -6.23 26.02 31.63
C HIS B 190 -5.74 26.74 30.38
N GLU B 191 -6.35 27.89 30.03
CA GLU B 191 -5.92 28.62 28.84
C GLU B 191 -4.48 29.13 28.96
N GLY B 192 -4.09 29.62 30.13
CA GLY B 192 -2.73 30.07 30.38
C GLY B 192 -1.73 28.94 30.20
N VAL B 193 -2.09 27.72 30.61
CA VAL B 193 -1.23 26.56 30.46
C VAL B 193 -1.11 26.17 28.98
N LYS B 194 -2.23 26.14 28.26
CA LYS B 194 -2.23 25.78 26.84
C LYS B 194 -1.55 26.83 25.94
N ARG B 195 -1.64 28.09 26.32
CA ARG B 195 -0.97 29.16 25.57
C ARG B 195 0.34 29.60 26.24
N PHE B 196 0.94 28.73 27.06
CA PHE B 196 2.16 29.01 27.81
C PHE B 196 3.30 29.55 26.95
N ASP B 197 3.62 28.88 25.85
CA ASP B 197 4.73 29.29 24.99
C ASP B 197 4.64 30.71 24.49
N GLU B 198 3.46 31.15 24.06
CA GLU B 198 3.28 32.51 23.57
C GLU B 198 3.35 33.55 24.71
N ILE B 199 2.95 33.16 25.92
CA ILE B 199 2.99 34.04 27.08
C ILE B 199 4.44 34.21 27.56
N LEU B 200 5.19 33.10 27.64
CA LEU B 200 6.57 33.13 28.09
C LEU B 200 7.43 33.95 27.15
N GLU B 201 7.19 33.83 25.85
CA GLU B 201 7.96 34.56 24.84
C GLU B 201 7.97 36.08 25.06
N VAL B 202 6.83 36.65 25.46
CA VAL B 202 6.71 38.10 25.68
C VAL B 202 6.81 38.53 27.16
N SER B 203 6.97 37.59 28.09
CA SER B 203 7.09 37.92 29.51
C SER B 203 8.56 37.88 29.93
N ASP B 204 8.88 38.52 31.05
CA ASP B 204 10.23 38.41 31.62
C ASP B 204 10.39 37.09 32.41
N GLY B 205 9.29 36.54 32.90
CA GLY B 205 9.25 35.30 33.65
C GLY B 205 7.83 34.86 33.93
N ILE B 206 7.68 33.80 34.73
CA ILE B 206 6.39 33.19 35.02
C ILE B 206 6.22 32.89 36.51
N MET B 207 4.98 32.94 36.99
CA MET B 207 4.65 32.50 38.34
C MET B 207 3.66 31.35 38.18
N VAL B 208 3.95 30.19 38.80
CA VAL B 208 3.02 29.07 38.82
C VAL B 208 2.11 29.39 40.00
N ALA B 209 0.97 30.01 39.71
CA ALA B 209 0.03 30.47 40.73
C ALA B 209 -0.91 29.32 41.06
N ARG B 210 -0.43 28.40 41.93
CA ARG B 210 -1.11 27.14 42.23
C ARG B 210 -2.48 27.23 42.90
N GLY B 211 -2.73 28.31 43.63
CA GLY B 211 -4.03 28.53 44.28
C GLY B 211 -5.18 28.52 43.30
N ASP B 212 -5.18 29.46 42.33
CA ASP B 212 -6.24 29.52 41.33
C ASP B 212 -6.14 28.37 40.36
N LEU B 213 -4.90 27.97 40.00
CA LEU B 213 -4.67 26.86 39.07
C LEU B 213 -5.33 25.57 39.57
N GLY B 214 -5.26 25.33 40.88
CA GLY B 214 -5.84 24.15 41.52
C GLY B 214 -7.36 24.12 41.57
N ILE B 215 -8.00 25.26 41.29
CA ILE B 215 -9.46 25.40 41.23
C ILE B 215 -9.89 25.37 39.75
N GLU B 216 -9.08 25.94 38.85
CA GLU B 216 -9.37 25.99 37.42
C GLU B 216 -9.18 24.64 36.73
N ILE B 217 -8.17 23.87 37.16
CA ILE B 217 -7.89 22.52 36.63
C ILE B 217 -7.97 21.49 37.78
N PRO B 218 -8.10 20.17 37.52
CA PRO B 218 -8.15 19.21 38.63
C PRO B 218 -6.94 19.33 39.54
N ALA B 219 -7.17 19.30 40.86
CA ALA B 219 -6.09 19.47 41.83
C ALA B 219 -4.95 18.45 41.64
N GLU B 220 -5.27 17.24 41.21
CA GLU B 220 -4.29 16.20 40.99
C GLU B 220 -3.41 16.42 39.74
N LYS B 221 -3.69 17.47 38.93
CA LYS B 221 -2.93 17.79 37.73
C LYS B 221 -2.01 19.00 37.92
N VAL B 222 -2.16 19.78 39.00
CA VAL B 222 -1.34 20.96 39.24
C VAL B 222 0.16 20.67 39.19
N PHE B 223 0.61 19.54 39.76
CA PHE B 223 2.02 19.20 39.75
C PHE B 223 2.57 19.04 38.35
N LEU B 224 1.75 18.57 37.38
CA LEU B 224 2.19 18.40 35.99
C LEU B 224 2.43 19.78 35.35
N ALA B 225 1.54 20.73 35.62
CA ALA B 225 1.63 22.08 35.11
C ALA B 225 2.82 22.77 35.72
N GLN B 226 3.06 22.58 37.04
CA GLN B 226 4.21 23.18 37.71
C GLN B 226 5.51 22.67 37.11
N LYS B 227 5.64 21.35 36.98
CA LYS B 227 6.86 20.74 36.46
C LYS B 227 7.12 21.11 35.01
N MET B 228 6.06 21.15 34.18
CA MET B 228 6.18 21.54 32.76
C MET B 228 6.62 23.02 32.65
N MET B 229 5.96 23.93 33.38
CA MET B 229 6.31 25.34 33.33
C MET B 229 7.69 25.65 33.85
N ILE B 230 8.12 24.97 34.91
CA ILE B 230 9.47 25.17 35.44
C ILE B 230 10.50 24.70 34.40
N GLY B 231 10.26 23.54 33.80
CA GLY B 231 11.13 22.99 32.77
C GLY B 231 11.24 23.90 31.56
N ARG B 232 10.11 24.42 31.05
CA ARG B 232 10.15 25.33 29.89
C ARG B 232 10.81 26.66 30.23
N CYS B 233 10.65 27.17 31.45
CA CYS B 233 11.31 28.42 31.87
C CYS B 233 12.80 28.20 32.00
N ASN B 234 13.21 27.04 32.54
CA ASN B 234 14.63 26.71 32.66
C ASN B 234 15.26 26.61 31.27
N LEU B 235 14.56 25.99 30.32
CA LEU B 235 15.02 25.86 28.96
C LEU B 235 15.14 27.25 28.29
N ALA B 236 14.17 28.14 28.52
CA ALA B 236 14.20 29.50 27.99
C ALA B 236 15.18 30.44 28.70
N GLY B 237 15.65 30.05 29.89
CA GLY B 237 16.53 30.89 30.68
C GLY B 237 15.78 32.06 31.30
N LYS B 238 14.49 31.89 31.60
CA LYS B 238 13.68 32.96 32.21
C LYS B 238 13.22 32.58 33.62
N PRO B 239 13.17 33.56 34.55
CA PRO B 239 12.78 33.21 35.93
C PRO B 239 11.39 32.57 36.09
N VAL B 240 11.32 31.62 37.02
CA VAL B 240 10.04 30.97 37.32
C VAL B 240 9.86 30.95 38.85
N VAL B 241 8.68 31.37 39.31
CA VAL B 241 8.35 31.42 40.72
C VAL B 241 7.36 30.31 41.07
N CYS B 242 7.62 29.57 42.15
CA CYS B 242 6.63 28.59 42.64
C CYS B 242 5.90 29.29 43.78
N ALA B 243 4.57 29.27 43.74
CA ALA B 243 3.78 29.98 44.73
C ALA B 243 2.59 29.21 45.28
N THR B 244 2.11 29.63 46.48
CA THR B 244 0.87 29.28 47.19
C THR B 244 0.91 27.99 48.00
N GLN B 245 0.61 28.14 49.30
CA GLN B 245 0.47 27.08 50.30
C GLN B 245 1.70 26.24 50.50
N MET B 246 2.88 26.81 50.23
CA MET B 246 4.13 26.09 50.42
C MET B 246 4.35 25.72 51.89
N LEU B 247 4.06 26.66 52.82
CA LEU B 247 4.23 26.40 54.25
C LEU B 247 2.95 26.84 54.99
N GLU B 248 1.78 26.62 54.38
CA GLU B 248 0.47 27.04 54.86
C GLU B 248 0.22 26.85 56.37
N SER B 249 0.50 25.68 56.93
CA SER B 249 0.27 25.42 58.35
C SER B 249 1.07 26.35 59.27
N MET B 250 2.16 26.97 58.76
CA MET B 250 2.95 27.91 59.55
C MET B 250 2.24 29.27 59.77
N ILE B 251 1.01 29.44 59.24
CA ILE B 251 0.20 30.60 59.54
C ILE B 251 -0.16 30.56 61.05
N THR B 252 -0.42 29.36 61.62
CA THR B 252 -0.75 29.23 63.03
C THR B 252 0.25 28.38 63.84
N LYS B 253 1.02 27.51 63.18
CA LYS B 253 1.95 26.64 63.90
C LYS B 253 3.42 27.04 63.72
N PRO B 254 4.27 26.84 64.73
CA PRO B 254 5.70 27.22 64.57
C PRO B 254 6.52 26.29 63.68
N ARG B 255 6.02 25.07 63.41
CA ARG B 255 6.71 24.11 62.56
C ARG B 255 5.77 23.67 61.43
N PRO B 256 6.30 23.50 60.21
CA PRO B 256 5.42 23.07 59.10
C PRO B 256 5.16 21.55 59.08
N THR B 257 4.25 21.10 58.23
CA THR B 257 3.97 19.68 58.08
C THR B 257 5.07 19.01 57.21
N ARG B 258 5.09 17.67 57.17
CA ARG B 258 6.05 16.94 56.35
C ARG B 258 5.81 17.15 54.85
N ALA B 259 4.54 17.37 54.46
CA ALA B 259 4.23 17.65 53.06
C ALA B 259 4.74 19.01 52.64
N GLU B 260 4.67 19.99 53.54
CA GLU B 260 5.09 21.35 53.28
C GLU B 260 6.58 21.50 53.07
N THR B 261 7.40 20.85 53.92
CA THR B 261 8.86 20.91 53.73
C THR B 261 9.25 20.20 52.44
N SER B 262 8.57 19.09 52.12
CA SER B 262 8.85 18.36 50.89
C SER B 262 8.46 19.21 49.67
N ASP B 263 7.36 19.96 49.74
CA ASP B 263 6.91 20.81 48.64
C ASP B 263 7.95 21.92 48.31
N VAL B 264 8.52 22.55 49.36
CA VAL B 264 9.53 23.58 49.17
C VAL B 264 10.78 22.97 48.56
N ALA B 265 11.25 21.85 49.11
CA ALA B 265 12.41 21.18 48.60
C ALA B 265 12.24 20.75 47.15
N ASN B 266 11.05 20.22 46.80
CA ASN B 266 10.77 19.75 45.45
C ASN B 266 10.59 20.89 44.47
N ALA B 267 10.16 22.08 44.91
CA ALA B 267 10.04 23.22 43.99
C ALA B 267 11.47 23.63 43.55
N VAL B 268 12.42 23.65 44.50
CA VAL B 268 13.84 23.94 44.25
C VAL B 268 14.44 22.85 43.34
N LEU B 269 14.19 21.56 43.66
CA LEU B 269 14.69 20.47 42.82
C LEU B 269 14.06 20.46 41.42
N ASP B 270 12.84 20.93 41.26
CA ASP B 270 12.16 21.04 39.96
C ASP B 270 12.89 22.07 39.08
N GLY B 271 13.46 23.13 39.69
CA GLY B 271 14.20 24.17 39.00
C GLY B 271 13.69 25.58 39.22
N ALA B 272 12.82 25.79 40.22
CA ALA B 272 12.27 27.13 40.48
C ALA B 272 13.37 28.13 40.88
N ASP B 273 13.28 29.35 40.34
CA ASP B 273 14.22 30.43 40.69
C ASP B 273 13.83 31.07 42.00
N CYS B 274 12.52 31.21 42.25
CA CYS B 274 11.98 31.82 43.47
C CYS B 274 10.93 30.95 44.10
N ILE B 275 10.80 31.07 45.41
CA ILE B 275 9.73 30.41 46.20
C ILE B 275 9.00 31.55 46.94
N MET B 276 7.69 31.38 47.15
CA MET B 276 6.90 32.44 47.73
C MET B 276 6.15 32.06 49.01
N LEU B 277 5.91 33.06 49.85
CA LEU B 277 5.10 32.96 51.07
C LEU B 277 3.98 33.99 50.92
N SER B 278 2.73 33.57 51.16
CA SER B 278 1.58 34.46 51.06
C SER B 278 1.04 34.75 52.49
N GLY B 279 -0.02 34.06 52.94
CA GLY B 279 -0.57 34.20 54.28
C GLY B 279 0.45 33.96 55.37
N GLU B 280 1.45 33.08 55.12
CA GLU B 280 2.50 32.75 56.07
C GLU B 280 3.22 34.01 56.58
N THR B 281 3.42 35.01 55.71
CA THR B 281 4.09 36.26 56.12
C THR B 281 3.13 37.45 56.18
N ALA B 282 2.07 37.44 55.38
CA ALA B 282 1.12 38.55 55.34
C ALA B 282 0.23 38.63 56.60
N LYS B 283 -0.26 37.48 57.09
CA LYS B 283 -1.18 37.47 58.22
C LYS B 283 -0.87 36.46 59.33
N GLY B 284 0.10 35.58 59.13
CA GLY B 284 0.40 34.53 60.10
C GLY B 284 1.08 34.95 61.39
N ASN B 285 1.14 34.02 62.33
CA ASN B 285 1.75 34.26 63.63
C ASN B 285 3.26 34.06 63.63
N PHE B 286 3.83 33.46 62.55
CA PHE B 286 5.27 33.23 62.52
C PHE B 286 5.88 33.71 61.18
N PRO B 287 5.74 35.01 60.80
CA PRO B 287 6.30 35.44 59.50
C PRO B 287 7.80 35.24 59.35
N VAL B 288 8.56 35.59 60.38
CA VAL B 288 10.01 35.47 60.34
C VAL B 288 10.43 34.01 60.34
N GLU B 289 9.75 33.17 61.11
CA GLU B 289 10.04 31.75 61.18
C GLU B 289 9.71 31.05 59.84
N ALA B 290 8.69 31.53 59.11
CA ALA B 290 8.34 31.00 57.79
C ALA B 290 9.45 31.31 56.77
N VAL B 291 10.03 32.53 56.84
CA VAL B 291 11.13 32.93 55.97
C VAL B 291 12.37 32.07 56.32
N LYS B 292 12.65 31.90 57.63
CA LYS B 292 13.79 31.08 58.07
C LYS B 292 13.64 29.62 57.63
N MET B 293 12.42 29.09 57.66
CA MET B 293 12.18 27.71 57.26
C MET B 293 12.38 27.54 55.76
N GLN B 294 11.87 28.47 54.94
CA GLN B 294 12.11 28.41 53.49
C GLN B 294 13.59 28.56 53.18
N HIS B 295 14.31 29.41 53.91
CA HIS B 295 15.75 29.59 53.71
C HIS B 295 16.49 28.27 54.03
N ALA B 296 16.15 27.63 55.17
CA ALA B 296 16.79 26.40 55.59
C ALA B 296 16.54 25.27 54.62
N ILE B 297 15.29 25.12 54.12
CA ILE B 297 14.95 24.06 53.17
C ILE B 297 15.64 24.29 51.83
N ALA B 298 15.56 25.52 51.29
CA ALA B 298 16.18 25.85 50.00
C ALA B 298 17.67 25.55 49.99
N ARG B 299 18.42 25.87 51.07
CA ARG B 299 19.85 25.54 51.11
C ARG B 299 20.09 24.03 51.07
N GLU B 300 19.28 23.25 51.77
CA GLU B 300 19.44 21.81 51.77
C GLU B 300 19.13 21.25 50.37
N ALA B 301 18.05 21.75 49.74
CA ALA B 301 17.63 21.27 48.42
C ALA B 301 18.59 21.66 47.33
N GLU B 302 19.19 22.87 47.40
CA GLU B 302 20.15 23.31 46.39
C GLU B 302 21.39 22.44 46.36
N ALA B 303 21.86 21.99 47.52
CA ALA B 303 23.01 21.11 47.58
C ALA B 303 22.67 19.72 47.02
N ALA B 304 21.40 19.28 47.11
CA ALA B 304 20.92 17.99 46.59
C ALA B 304 20.62 17.99 45.09
N VAL B 305 20.77 19.14 44.41
CA VAL B 305 20.56 19.21 42.96
C VAL B 305 21.64 18.34 42.26
N TYR B 306 21.25 17.57 41.24
CA TYR B 306 22.18 16.69 40.54
C TYR B 306 22.75 17.49 39.35
N HIS B 307 23.73 18.39 39.62
CA HIS B 307 24.33 19.28 38.61
C HIS B 307 24.93 18.53 37.44
N ARG B 308 25.49 17.33 37.67
CA ARG B 308 26.07 16.53 36.59
C ARG B 308 25.11 16.35 35.41
N GLN B 309 23.86 15.91 35.66
CA GLN B 309 22.90 15.74 34.58
C GLN B 309 22.22 17.04 34.21
N LEU B 310 21.91 17.87 35.19
CA LEU B 310 21.25 19.17 34.94
C LEU B 310 22.08 20.06 33.98
N PHE B 311 23.38 20.25 34.24
CA PHE B 311 24.25 21.05 33.38
C PHE B 311 24.36 20.43 31.98
N GLU B 312 24.58 19.12 31.89
CA GLU B 312 24.66 18.38 30.62
C GLU B 312 23.40 18.59 29.78
N GLU B 313 22.22 18.50 30.42
CA GLU B 313 20.96 18.67 29.72
C GLU B 313 20.68 20.10 29.33
N LEU B 314 21.03 21.08 30.18
CA LEU B 314 20.84 22.51 29.83
C LEU B 314 21.75 22.84 28.64
N ARG B 315 22.96 22.31 28.62
CA ARG B 315 23.95 22.45 27.59
C ARG B 315 23.45 21.86 26.25
N ARG B 316 22.94 20.62 26.28
CA ARG B 316 22.44 19.90 25.11
C ARG B 316 21.17 20.55 24.52
N ALA B 317 20.27 21.03 25.38
CA ALA B 317 19.03 21.63 24.92
C ALA B 317 19.21 23.04 24.41
N ALA B 318 20.21 23.78 24.94
CA ALA B 318 20.44 25.16 24.54
C ALA B 318 21.02 25.17 23.14
N PRO B 319 20.44 25.99 22.25
CA PRO B 319 20.94 26.03 20.88
C PRO B 319 22.27 26.76 20.77
N LEU B 320 22.98 26.55 19.66
CA LEU B 320 24.23 27.26 19.38
C LEU B 320 23.98 28.76 19.37
N SER B 321 24.99 29.54 19.78
CA SER B 321 24.79 30.97 19.87
C SER B 321 25.96 31.73 19.36
N ARG B 322 25.69 32.85 18.70
CA ARG B 322 26.77 33.74 18.27
C ARG B 322 26.82 35.02 19.12
N ASP B 323 26.05 35.07 20.22
CA ASP B 323 26.02 36.19 21.14
C ASP B 323 27.19 35.97 22.10
N PRO B 324 28.16 36.88 22.13
CA PRO B 324 29.32 36.68 23.01
C PRO B 324 28.99 36.59 24.50
N THR B 325 27.90 37.22 24.98
CA THR B 325 27.54 37.13 26.40
C THR B 325 27.14 35.69 26.71
N GLU B 326 26.34 35.08 25.83
CA GLU B 326 25.89 33.71 25.94
C GLU B 326 27.07 32.71 25.87
N VAL B 327 28.01 32.95 24.93
CA VAL B 327 29.18 32.09 24.75
C VAL B 327 30.10 32.19 25.96
N THR B 328 30.28 33.42 26.51
CA THR B 328 31.13 33.62 27.67
C THR B 328 30.51 32.96 28.90
N ALA B 329 29.17 33.07 29.05
CA ALA B 329 28.44 32.48 30.17
C ALA B 329 28.65 30.98 30.30
N ILE B 330 28.56 30.21 29.19
CA ILE B 330 28.76 28.76 29.27
C ILE B 330 30.21 28.42 29.52
N GLY B 331 31.15 29.20 28.99
CA GLY B 331 32.57 29.00 29.24
C GLY B 331 32.89 29.23 30.71
N ALA B 332 32.30 30.28 31.31
CA ALA B 332 32.51 30.61 32.73
C ALA B 332 31.91 29.57 33.68
N VAL B 333 30.73 29.03 33.34
CA VAL B 333 30.09 28.02 34.17
C VAL B 333 30.87 26.69 34.11
N GLU B 334 31.36 26.35 32.93
CA GLU B 334 32.17 25.15 32.75
C GLU B 334 33.49 25.30 33.52
N ALA B 335 34.10 26.50 33.49
CA ALA B 335 35.35 26.76 34.20
C ALA B 335 35.12 26.68 35.72
N ALA B 336 34.00 27.21 36.20
CA ALA B 336 33.66 27.18 37.62
C ALA B 336 33.51 25.74 38.13
N PHE B 337 32.84 24.86 37.35
CA PHE B 337 32.68 23.46 37.74
C PHE B 337 34.02 22.74 37.75
N LYS B 338 34.92 23.04 36.83
CA LYS B 338 36.23 22.40 36.72
C LYS B 338 37.11 22.56 37.96
N CYS B 339 37.06 23.74 38.57
CA CYS B 339 37.90 24.03 39.73
C CYS B 339 37.16 24.10 41.03
N CYS B 340 35.83 23.84 41.05
CA CYS B 340 35.01 23.99 42.26
C CYS B 340 35.09 25.44 42.73
N ALA B 341 34.96 26.38 41.79
CA ALA B 341 35.07 27.79 42.11
C ALA B 341 34.07 28.20 43.14
N ALA B 342 34.53 29.07 44.03
CA ALA B 342 33.69 29.58 45.09
C ALA B 342 32.63 30.53 44.51
N ALA B 343 32.98 31.33 43.48
CA ALA B 343 32.05 32.30 42.91
C ALA B 343 32.38 32.67 41.44
N ILE B 344 31.41 33.21 40.74
CA ILE B 344 31.58 33.78 39.44
C ILE B 344 31.25 35.27 39.65
N ILE B 345 32.22 36.18 39.50
CA ILE B 345 31.97 37.60 39.69
C ILE B 345 31.70 38.21 38.33
N VAL B 346 30.55 38.82 38.14
CA VAL B 346 30.18 39.38 36.84
C VAL B 346 29.81 40.85 36.96
N LEU B 347 30.22 41.66 35.98
CA LEU B 347 29.88 43.08 35.93
C LEU B 347 28.67 43.16 35.04
N THR B 348 27.62 43.84 35.52
CA THR B 348 26.39 43.92 34.75
C THR B 348 25.70 45.25 34.95
N THR B 349 25.10 45.75 33.87
CA THR B 349 24.37 47.00 33.89
C THR B 349 22.88 46.70 34.06
N THR B 350 22.34 45.81 33.23
CA THR B 350 20.91 45.45 33.28
C THR B 350 20.61 44.17 34.07
N GLY B 351 21.63 43.39 34.37
CA GLY B 351 21.45 42.10 35.03
C GLY B 351 21.56 40.93 34.06
N ARG B 352 21.49 41.20 32.73
CA ARG B 352 21.51 40.18 31.69
C ARG B 352 22.70 39.22 31.72
N SER B 353 23.93 39.71 31.89
CA SER B 353 25.10 38.83 31.94
C SER B 353 25.00 37.86 33.13
N ALA B 354 24.41 38.31 34.26
CA ALA B 354 24.23 37.46 35.43
C ALA B 354 23.11 36.43 35.16
N GLN B 355 22.06 36.83 34.45
CA GLN B 355 20.96 35.93 34.10
C GLN B 355 21.43 34.81 33.15
N LEU B 356 22.33 35.12 32.22
CA LEU B 356 22.85 34.10 31.30
C LEU B 356 23.80 33.11 32.01
N LEU B 357 24.45 33.53 33.10
CA LEU B 357 25.27 32.60 33.89
C LEU B 357 24.31 31.68 34.69
N SER B 358 23.29 32.29 35.31
CA SER B 358 22.25 31.66 36.10
C SER B 358 21.47 30.54 35.36
N ARG B 359 21.24 30.69 34.05
CA ARG B 359 20.51 29.69 33.25
C ARG B 359 21.21 28.32 33.16
N TYR B 360 22.54 28.29 33.34
CA TYR B 360 23.29 27.03 33.32
C TYR B 360 23.39 26.35 34.67
N ARG B 361 22.79 26.98 35.71
CA ARG B 361 22.71 26.47 37.05
C ARG B 361 24.06 26.09 37.64
N PRO B 362 25.00 27.05 37.73
CA PRO B 362 26.28 26.73 38.37
C PRO B 362 26.10 26.48 39.87
N ARG B 363 26.96 25.64 40.43
CA ARG B 363 26.99 25.44 41.87
C ARG B 363 27.63 26.72 42.49
N ALA B 364 28.61 27.37 41.81
CA ALA B 364 29.25 28.61 42.24
C ALA B 364 28.26 29.77 42.30
N ALA B 365 28.35 30.59 43.35
CA ALA B 365 27.51 31.79 43.52
C ALA B 365 27.84 32.80 42.42
N VAL B 366 26.84 33.45 41.84
CA VAL B 366 27.07 34.46 40.81
C VAL B 366 26.96 35.80 41.52
N ILE B 367 28.10 36.44 41.80
CA ILE B 367 28.16 37.74 42.46
C ILE B 367 28.08 38.83 41.38
N ALA B 368 26.94 39.53 41.30
CA ALA B 368 26.74 40.51 40.24
C ALA B 368 27.01 41.93 40.72
N VAL B 369 28.07 42.59 40.19
CA VAL B 369 28.43 43.94 40.58
C VAL B 369 27.81 44.93 39.60
N THR B 370 26.95 45.81 40.11
CA THR B 370 26.25 46.78 39.27
C THR B 370 26.16 48.15 39.91
N ARG B 371 26.06 49.20 39.10
CA ARG B 371 25.83 50.56 39.60
C ARG B 371 24.29 50.84 39.66
N SER B 372 23.48 50.04 38.93
CA SER B 372 22.03 50.20 38.89
C SER B 372 21.36 49.61 40.12
N ALA B 373 20.74 50.46 40.96
CA ALA B 373 20.02 50.00 42.14
C ALA B 373 18.80 49.13 41.74
N GLN B 374 18.15 49.45 40.62
CA GLN B 374 17.02 48.66 40.13
C GLN B 374 17.47 47.27 39.68
N ALA B 375 18.58 47.18 38.89
CA ALA B 375 19.08 45.89 38.44
C ALA B 375 19.51 45.05 39.64
N ALA B 376 20.11 45.68 40.68
CA ALA B 376 20.50 44.98 41.88
C ALA B 376 19.26 44.31 42.57
N ARG B 377 18.11 45.00 42.56
CA ARG B 377 16.88 44.44 43.13
C ARG B 377 16.28 43.38 42.22
N GLN B 378 16.22 43.62 40.91
CA GLN B 378 15.59 42.70 39.96
C GLN B 378 16.33 41.38 39.74
N VAL B 379 17.68 41.34 39.92
CA VAL B 379 18.40 40.08 39.69
C VAL B 379 18.09 39.00 40.74
N HIS B 380 17.35 39.35 41.81
CA HIS B 380 16.88 38.37 42.77
C HIS B 380 15.91 37.36 42.08
N LEU B 381 15.34 37.71 40.92
CA LEU B 381 14.48 36.79 40.18
C LEU B 381 15.25 35.59 39.62
N CYS B 382 16.57 35.71 39.42
CA CYS B 382 17.43 34.68 38.84
C CYS B 382 18.14 33.89 39.91
N ARG B 383 17.97 32.57 39.89
CA ARG B 383 18.59 31.73 40.90
C ARG B 383 20.11 31.87 40.97
N GLY B 384 20.63 32.03 42.16
CA GLY B 384 22.07 32.05 42.38
C GLY B 384 22.76 33.36 42.12
N VAL B 385 21.99 34.44 41.89
CA VAL B 385 22.56 35.74 41.66
C VAL B 385 22.51 36.57 42.95
N PHE B 386 23.70 36.99 43.42
CA PHE B 386 23.90 37.78 44.63
C PHE B 386 24.30 39.21 44.22
N PRO B 387 23.35 40.14 44.27
CA PRO B 387 23.65 41.51 43.83
C PRO B 387 24.50 42.37 44.77
N LEU B 388 25.45 43.11 44.21
CA LEU B 388 26.29 44.04 44.94
C LEU B 388 26.14 45.40 44.30
N LEU B 389 25.66 46.37 45.04
CA LEU B 389 25.48 47.71 44.50
C LEU B 389 26.79 48.51 44.71
N TYR B 390 27.42 48.89 43.60
CA TYR B 390 28.67 49.66 43.58
C TYR B 390 28.30 51.14 43.59
N ARG B 391 28.83 51.89 44.58
CA ARG B 391 28.47 53.30 44.72
C ARG B 391 29.60 54.30 44.42
N GLU B 392 30.82 53.83 44.17
CA GLU B 392 31.94 54.72 43.88
C GLU B 392 31.83 55.44 42.54
N PRO B 393 32.28 56.71 42.49
CA PRO B 393 32.24 57.44 41.21
C PRO B 393 33.20 56.85 40.19
N PRO B 394 32.86 56.94 38.90
CA PRO B 394 33.72 56.36 37.87
C PRO B 394 35.14 56.91 37.82
N GLU B 395 36.13 56.01 37.62
CA GLU B 395 37.54 56.32 37.43
C GLU B 395 37.73 56.98 36.06
N ALA B 396 38.82 57.75 35.88
CA ALA B 396 39.08 58.42 34.60
C ALA B 396 39.36 57.39 33.51
N ILE B 397 40.14 56.36 33.83
CA ILE B 397 40.43 55.30 32.86
C ILE B 397 39.43 54.14 33.06
N TRP B 398 38.62 53.87 32.03
CA TRP B 398 37.61 52.80 32.06
C TRP B 398 38.17 51.44 32.50
N ALA B 399 39.34 51.02 32.00
CA ALA B 399 39.95 49.75 32.41
C ALA B 399 40.22 49.69 33.93
N ASP B 400 40.58 50.83 34.54
CA ASP B 400 40.83 50.89 35.98
C ASP B 400 39.51 50.83 36.77
N ASP B 401 38.44 51.41 36.22
CA ASP B 401 37.13 51.41 36.86
C ASP B 401 36.62 49.97 36.93
N VAL B 402 36.76 49.20 35.83
CA VAL B 402 36.38 47.80 35.70
C VAL B 402 37.16 46.99 36.75
N ASP B 403 38.48 47.16 36.80
CA ASP B 403 39.32 46.48 37.78
C ASP B 403 38.94 46.79 39.21
N ARG B 404 38.52 48.02 39.48
CA ARG B 404 38.08 48.39 40.83
C ARG B 404 36.79 47.69 41.20
N ARG B 405 35.87 47.56 40.23
CA ARG B 405 34.59 46.88 40.47
C ARG B 405 34.81 45.38 40.73
N VAL B 406 35.77 44.77 40.02
CA VAL B 406 36.09 43.35 40.22
C VAL B 406 36.71 43.15 41.59
N GLN B 407 37.64 44.06 41.99
CA GLN B 407 38.24 43.99 43.31
C GLN B 407 37.24 44.22 44.43
N PHE B 408 36.25 45.09 44.20
CA PHE B 408 35.15 45.34 45.14
C PHE B 408 34.37 44.04 45.37
N GLY B 409 34.12 43.27 44.30
CA GLY B 409 33.43 41.99 44.38
C GLY B 409 34.25 40.97 45.14
N ILE B 410 35.57 40.98 44.96
CA ILE B 410 36.46 40.06 45.67
C ILE B 410 36.53 40.40 47.15
N GLU B 411 36.74 41.67 47.48
CA GLU B 411 36.84 42.11 48.86
C GLU B 411 35.52 41.94 49.62
N SER B 412 34.40 42.26 48.96
CA SER B 412 33.10 42.04 49.55
C SER B 412 32.84 40.54 49.72
N GLY B 413 33.24 39.75 48.74
CA GLY B 413 33.13 38.30 48.77
C GLY B 413 33.88 37.66 49.91
N LYS B 414 35.11 38.14 50.19
CA LYS B 414 35.92 37.59 51.28
C LYS B 414 35.33 37.95 52.64
N LEU B 415 35.06 39.24 52.88
CA LEU B 415 34.49 39.74 54.13
C LEU B 415 33.08 39.18 54.42
N ARG B 416 32.38 38.63 53.41
CA ARG B 416 31.06 38.03 53.56
C ARG B 416 31.08 36.48 53.62
N GLY B 417 32.27 35.88 53.59
CA GLY B 417 32.40 34.43 53.66
C GLY B 417 32.25 33.67 52.36
N PHE B 418 31.85 34.36 51.27
CA PHE B 418 31.70 33.71 49.96
C PHE B 418 33.06 33.24 49.45
N LEU B 419 34.10 34.05 49.66
CA LEU B 419 35.43 33.73 49.18
C LEU B 419 36.42 33.65 50.33
N ARG B 420 37.42 32.83 50.15
CA ARG B 420 38.50 32.63 51.10
C ARG B 420 39.84 32.67 50.38
N VAL B 421 40.93 32.91 51.12
CA VAL B 421 42.27 32.90 50.56
C VAL B 421 42.56 31.48 50.00
N GLY B 422 43.09 31.40 48.79
CA GLY B 422 43.34 30.13 48.13
C GLY B 422 42.23 29.70 47.18
N ASP B 423 41.03 30.34 47.30
CA ASP B 423 39.92 30.00 46.41
C ASP B 423 40.19 30.47 44.98
N LEU B 424 39.58 29.80 44.02
CA LEU B 424 39.60 30.24 42.64
C LEU B 424 38.26 30.89 42.36
N VAL B 425 38.28 31.96 41.59
CA VAL B 425 37.09 32.70 41.22
C VAL B 425 37.11 32.90 39.69
N ILE B 426 35.92 32.97 39.09
CA ILE B 426 35.81 33.21 37.64
C ILE B 426 35.29 34.62 37.52
N VAL B 427 35.93 35.46 36.71
CA VAL B 427 35.52 36.86 36.55
C VAL B 427 35.02 37.13 35.14
N VAL B 428 33.80 37.64 35.00
CA VAL B 428 33.16 37.89 33.72
C VAL B 428 32.96 39.38 33.47
N THR B 429 33.61 39.92 32.44
CA THR B 429 33.59 41.35 32.07
C THR B 429 33.39 41.49 30.53
N GLY B 430 33.34 42.73 30.04
CA GLY B 430 33.20 43.04 28.61
C GLY B 430 34.36 43.86 28.08
N TRP B 431 34.39 44.08 26.76
CA TRP B 431 35.49 44.78 26.10
C TRP B 431 35.31 46.30 25.97
N ARG B 432 34.09 46.79 26.20
CA ARG B 432 33.80 48.21 26.11
C ARG B 432 32.66 48.58 27.05
N PRO B 433 32.55 49.86 27.44
CA PRO B 433 31.45 50.23 28.34
C PRO B 433 30.08 50.08 27.68
N GLY B 434 29.06 50.03 28.50
CA GLY B 434 27.69 49.86 28.03
C GLY B 434 27.26 48.41 28.11
N SER B 435 25.96 48.22 28.15
CA SER B 435 25.31 46.93 28.23
C SER B 435 25.43 46.15 26.90
N GLY B 436 25.58 44.83 26.98
CA GLY B 436 25.61 43.96 25.81
C GLY B 436 26.97 43.57 25.24
N TYR B 437 28.05 43.94 25.92
CA TYR B 437 29.38 43.64 25.39
C TYR B 437 30.22 42.68 26.23
N THR B 438 29.60 41.88 27.10
CA THR B 438 30.34 40.87 27.89
C THR B 438 30.98 39.86 26.94
N ASN B 439 32.27 39.61 27.08
CA ASN B 439 32.97 38.68 26.21
C ASN B 439 34.25 38.11 26.83
N ILE B 440 34.50 38.36 28.13
CA ILE B 440 35.74 37.93 28.76
C ILE B 440 35.52 37.10 30.00
N MET B 441 36.29 36.02 30.15
CA MET B 441 36.22 35.20 31.34
CA MET B 441 36.24 35.13 31.31
C MET B 441 37.67 35.01 31.83
N ARG B 442 37.92 35.30 33.12
CA ARG B 442 39.27 35.16 33.70
C ARG B 442 39.26 34.28 34.94
N VAL B 443 40.34 33.54 35.16
CA VAL B 443 40.47 32.69 36.35
C VAL B 443 41.41 33.40 37.32
N LEU B 444 40.91 33.78 38.51
CA LEU B 444 41.75 34.47 39.50
CA LEU B 444 41.72 34.48 39.52
C LEU B 444 41.90 33.67 40.81
N SER B 445 43.10 33.75 41.41
CA SER B 445 43.36 33.08 42.68
C SER B 445 43.20 34.12 43.80
N ILE B 446 42.42 33.81 44.85
CA ILE B 446 42.20 34.75 45.93
C ILE B 446 43.40 34.80 46.88
N SER B 447 43.96 35.99 47.07
CA SER B 447 45.10 36.16 47.95
C SER B 447 44.72 36.99 49.22
N GLU C 21 30.74 -18.93 42.34
CA GLU C 21 29.89 -19.53 41.29
C GLU C 21 30.60 -19.60 39.91
N LEU C 22 31.15 -18.47 39.42
CA LEU C 22 31.85 -18.46 38.13
C LEU C 22 33.38 -18.39 38.26
N GLY C 23 33.83 -17.74 39.32
CA GLY C 23 35.26 -17.55 39.58
C GLY C 23 35.77 -16.20 39.09
N THR C 24 36.88 -15.74 39.70
CA THR C 24 37.51 -14.48 39.33
C THR C 24 38.17 -14.58 37.93
N ALA C 25 38.67 -15.78 37.57
CA ALA C 25 39.30 -16.00 36.28
C ALA C 25 38.31 -15.74 35.14
N PHE C 26 37.02 -16.11 35.34
CA PHE C 26 35.95 -15.90 34.35
C PHE C 26 35.86 -14.43 33.97
N PHE C 27 35.92 -13.54 34.97
CA PHE C 27 35.79 -12.10 34.76
C PHE C 27 37.06 -11.40 34.25
N GLN C 28 38.16 -12.14 34.08
CA GLN C 28 39.38 -11.56 33.52
C GLN C 28 39.49 -11.86 32.00
N GLN C 29 38.83 -12.94 31.52
CA GLN C 29 38.82 -13.36 30.12
C GLN C 29 37.82 -12.55 29.29
N GLN C 30 37.85 -12.75 27.93
CA GLN C 30 37.00 -12.16 26.92
C GLN C 30 36.74 -10.64 27.10
N GLN C 31 37.78 -9.90 27.54
CA GLN C 31 37.74 -8.46 27.77
C GLN C 31 36.58 -8.03 28.66
N LEU C 32 36.21 -8.89 29.65
CA LEU C 32 35.13 -8.57 30.58
C LEU C 32 35.44 -7.31 31.43
N PRO C 33 36.68 -7.04 31.90
CA PRO C 33 36.94 -5.75 32.58
C PRO C 33 36.61 -4.54 31.68
N ALA C 34 36.98 -4.59 30.38
CA ALA C 34 36.67 -3.51 29.43
C ALA C 34 35.15 -3.45 29.12
N ALA C 35 34.46 -4.60 29.18
CA ALA C 35 33.03 -4.69 28.95
C ALA C 35 32.22 -4.01 30.02
N MET C 36 32.72 -4.00 31.27
CA MET C 36 32.02 -3.37 32.38
C MET C 36 32.18 -1.85 32.46
N ALA C 37 33.06 -1.27 31.65
CA ALA C 37 33.34 0.17 31.70
C ALA C 37 32.13 1.04 31.44
N ASP C 38 32.05 2.16 32.17
CA ASP C 38 30.93 3.09 32.06
C ASP C 38 31.04 4.02 30.87
N THR C 39 32.24 4.16 30.27
CA THR C 39 32.40 5.01 29.08
C THR C 39 33.21 4.26 28.02
N PHE C 40 33.10 4.69 26.74
CA PHE C 40 33.89 4.07 25.68
C PHE C 40 35.40 4.34 25.90
N LEU C 41 35.75 5.53 26.41
CA LEU C 41 37.14 5.88 26.68
C LEU C 41 37.72 4.94 27.73
N GLU C 42 36.99 4.68 28.83
CA GLU C 42 37.42 3.77 29.88
C GLU C 42 37.50 2.32 29.33
N HIS C 43 36.58 1.96 28.42
CA HIS C 43 36.56 0.66 27.74
C HIS C 43 37.86 0.47 26.98
N LEU C 44 38.31 1.50 26.20
CA LEU C 44 39.58 1.42 25.48
C LEU C 44 40.74 1.24 26.46
N CYS C 45 40.76 2.05 27.52
CA CYS C 45 41.82 2.02 28.53
C CYS C 45 41.94 0.67 29.22
N LEU C 46 40.85 -0.10 29.31
CA LEU C 46 40.83 -1.41 29.96
C LEU C 46 41.06 -2.60 29.02
N LEU C 47 41.28 -2.37 27.72
CA LEU C 47 41.54 -3.48 26.79
C LEU C 47 42.86 -4.12 27.16
N ASP C 48 42.90 -5.44 27.20
CA ASP C 48 44.07 -6.16 27.70
C ASP C 48 44.51 -7.26 26.75
N ILE C 49 45.76 -7.19 26.29
CA ILE C 49 46.33 -8.20 25.41
C ILE C 49 46.46 -9.58 26.09
N ASP C 50 46.42 -9.63 27.42
CA ASP C 50 46.47 -10.88 28.18
C ASP C 50 45.09 -11.48 28.45
N SER C 51 44.00 -10.75 28.14
CA SER C 51 42.64 -11.24 28.33
C SER C 51 42.29 -12.10 27.11
N GLU C 52 42.29 -13.43 27.28
CA GLU C 52 42.10 -14.34 26.16
C GLU C 52 40.66 -14.47 25.70
N PRO C 53 40.45 -14.56 24.37
CA PRO C 53 39.09 -14.76 23.87
C PRO C 53 38.62 -16.18 24.22
N VAL C 54 37.37 -16.30 24.67
CA VAL C 54 36.85 -17.61 25.04
C VAL C 54 35.72 -18.05 24.13
N ALA C 55 34.87 -17.09 23.73
CA ALA C 55 33.74 -17.37 22.89
C ALA C 55 34.14 -17.84 21.49
N ALA C 56 33.24 -18.60 20.84
CA ALA C 56 33.45 -19.05 19.48
C ALA C 56 33.41 -17.81 18.55
N ARG C 57 34.21 -17.82 17.49
CA ARG C 57 34.29 -16.73 16.53
C ARG C 57 32.94 -16.57 15.79
N SER C 58 32.36 -15.39 15.90
CA SER C 58 31.04 -15.10 15.39
C SER C 58 30.93 -14.42 14.02
N THR C 59 31.99 -13.76 13.53
CA THR C 59 31.97 -13.12 12.21
C THR C 59 32.32 -14.18 11.19
N SER C 60 31.44 -14.45 10.22
CA SER C 60 31.74 -15.49 9.22
C SER C 60 32.83 -15.09 8.26
N ILE C 61 33.57 -16.10 7.79
CA ILE C 61 34.65 -15.90 6.84
C ILE C 61 34.19 -16.42 5.49
N ILE C 62 34.24 -15.55 4.48
CA ILE C 62 33.91 -15.94 3.12
C ILE C 62 35.25 -16.11 2.41
N ALA C 63 35.50 -17.29 1.82
CA ALA C 63 36.74 -17.52 1.11
C ALA C 63 36.44 -17.73 -0.38
N THR C 64 37.14 -16.99 -1.25
CA THR C 64 36.95 -17.14 -2.69
C THR C 64 37.68 -18.39 -3.16
N ILE C 65 36.96 -19.26 -3.91
CA ILE C 65 37.51 -20.49 -4.44
C ILE C 65 38.19 -20.23 -5.79
N GLY C 66 39.39 -20.76 -5.95
CA GLY C 66 40.17 -20.63 -7.17
C GLY C 66 41.23 -21.70 -7.26
N PRO C 67 42.20 -21.55 -8.17
CA PRO C 67 43.25 -22.58 -8.32
C PRO C 67 43.97 -22.97 -7.03
N ALA C 68 44.22 -21.97 -6.14
CA ALA C 68 44.92 -22.22 -4.87
C ALA C 68 44.07 -22.92 -3.80
N SER C 69 42.76 -23.01 -4.00
CA SER C 69 41.87 -23.55 -2.98
C SER C 69 40.80 -24.47 -3.52
N ARG C 70 41.03 -25.10 -4.66
CA ARG C 70 40.02 -25.91 -5.34
C ARG C 70 39.96 -27.37 -4.97
N SER C 71 41.09 -27.96 -4.60
CA SER C 71 41.15 -29.38 -4.31
C SER C 71 40.40 -29.75 -3.03
N VAL C 72 39.84 -30.96 -3.00
CA VAL C 72 39.07 -31.47 -1.88
C VAL C 72 39.89 -31.46 -0.59
N GLU C 73 41.17 -31.84 -0.67
CA GLU C 73 42.02 -31.87 0.51
C GLU C 73 42.34 -30.47 1.03
N ARG C 74 42.50 -29.49 0.12
CA ARG C 74 42.75 -28.10 0.49
C ARG C 74 41.49 -27.49 1.11
N LEU C 75 40.31 -27.80 0.55
CA LEU C 75 39.02 -27.35 1.07
C LEU C 75 38.73 -27.89 2.47
N LYS C 76 39.18 -29.12 2.77
CA LYS C 76 39.00 -29.69 4.10
C LYS C 76 39.83 -28.89 5.11
N GLU C 77 41.04 -28.48 4.73
CA GLU C 77 41.89 -27.67 5.60
C GLU C 77 41.29 -26.29 5.81
N MET C 78 40.67 -25.71 4.76
CA MET C 78 40.04 -24.39 4.84
CA MET C 78 40.04 -24.40 4.85
C MET C 78 38.79 -24.43 5.72
N ILE C 79 38.04 -25.55 5.70
CA ILE C 79 36.86 -25.72 6.54
C ILE C 79 37.33 -25.79 8.01
N LYS C 80 38.40 -26.55 8.28
CA LYS C 80 38.98 -26.68 9.62
C LYS C 80 39.55 -25.35 10.13
N ALA C 81 40.09 -24.53 9.24
CA ALA C 81 40.64 -23.23 9.59
C ALA C 81 39.54 -22.19 9.91
N GLY C 82 38.33 -22.40 9.42
CA GLY C 82 37.22 -21.49 9.70
C GLY C 82 36.37 -20.96 8.56
N MET C 83 36.59 -21.41 7.30
CA MET C 83 35.78 -20.96 6.18
C MET C 83 34.32 -21.36 6.38
N ASN C 84 33.38 -20.40 6.29
CA ASN C 84 31.94 -20.67 6.48
C ASN C 84 31.16 -20.59 5.18
N ILE C 85 31.66 -19.76 4.23
CA ILE C 85 31.01 -19.51 2.96
C ILE C 85 32.06 -19.57 1.87
N ALA C 86 31.80 -20.38 0.82
CA ALA C 86 32.69 -20.49 -0.33
C ALA C 86 32.16 -19.56 -1.42
N ARG C 87 33.00 -18.66 -1.91
CA ARG C 87 32.59 -17.72 -2.96
C ARG C 87 33.08 -18.18 -4.33
N LEU C 88 32.17 -18.27 -5.30
CA LEU C 88 32.55 -18.60 -6.68
C LEU C 88 32.48 -17.31 -7.49
N ASN C 89 33.61 -16.84 -7.97
CA ASN C 89 33.66 -15.62 -8.75
C ASN C 89 33.39 -15.92 -10.22
N PHE C 90 32.17 -15.58 -10.69
CA PHE C 90 31.79 -15.85 -12.06
C PHE C 90 32.35 -14.84 -13.08
N SER C 91 33.26 -13.96 -12.66
CA SER C 91 33.97 -13.09 -13.59
C SER C 91 35.04 -13.91 -14.36
N HIS C 92 35.48 -15.07 -13.82
CA HIS C 92 36.46 -15.96 -14.42
C HIS C 92 35.93 -17.39 -14.38
N GLY C 93 36.35 -18.21 -15.34
CA GLY C 93 35.98 -19.62 -15.34
C GLY C 93 34.65 -19.92 -15.99
N SER C 94 34.54 -21.12 -16.55
CA SER C 94 33.34 -21.57 -17.21
C SER C 94 32.35 -22.19 -16.21
N HIS C 95 31.13 -22.50 -16.65
CA HIS C 95 30.15 -23.19 -15.82
C HIS C 95 30.68 -24.56 -15.38
N GLU C 96 31.45 -25.24 -16.24
CA GLU C 96 32.02 -26.55 -15.95
C GLU C 96 33.06 -26.43 -14.83
N TYR C 97 33.87 -25.37 -14.86
CA TYR C 97 34.87 -25.11 -13.83
C TYR C 97 34.19 -24.86 -12.46
N HIS C 98 33.14 -24.02 -12.45
CA HIS C 98 32.40 -23.70 -11.23
C HIS C 98 31.62 -24.87 -10.68
N ALA C 99 31.04 -25.73 -11.55
CA ALA C 99 30.31 -26.91 -11.08
C ALA C 99 31.28 -27.88 -10.36
N GLU C 100 32.52 -27.95 -10.84
CA GLU C 100 33.55 -28.79 -10.25
C GLU C 100 33.98 -28.21 -8.89
N SER C 101 34.09 -26.88 -8.78
CA SER C 101 34.42 -26.23 -7.52
C SER C 101 33.32 -26.51 -6.48
N ILE C 102 32.03 -26.40 -6.88
CA ILE C 102 30.88 -26.69 -6.04
C ILE C 102 30.92 -28.13 -5.55
N ALA C 103 31.17 -29.08 -6.45
CA ALA C 103 31.23 -30.51 -6.10
C ALA C 103 32.38 -30.80 -5.12
N ASN C 104 33.52 -30.14 -5.29
CA ASN C 104 34.66 -30.32 -4.41
C ASN C 104 34.37 -29.73 -3.03
N VAL C 105 33.66 -28.58 -2.97
CA VAL C 105 33.28 -27.97 -1.70
C VAL C 105 32.33 -28.92 -0.97
N ARG C 106 31.28 -29.40 -1.66
CA ARG C 106 30.32 -30.32 -1.07
C ARG C 106 30.97 -31.61 -0.61
N GLU C 107 31.94 -32.14 -1.36
CA GLU C 107 32.64 -33.36 -0.96
C GLU C 107 33.46 -33.12 0.30
N ALA C 108 34.19 -32.01 0.37
CA ALA C 108 34.97 -31.67 1.57
C ALA C 108 34.06 -31.45 2.78
N VAL C 109 32.91 -30.77 2.60
CA VAL C 109 31.95 -30.50 3.68
C VAL C 109 31.33 -31.81 4.20
N GLU C 110 30.86 -32.67 3.28
CA GLU C 110 30.20 -33.91 3.65
C GLU C 110 31.16 -34.97 4.21
N SER C 111 32.48 -34.78 4.07
CA SER C 111 33.44 -35.71 4.67
C SER C 111 33.42 -35.67 6.22
N PHE C 112 32.81 -34.64 6.81
CA PHE C 112 32.69 -34.48 8.27
C PHE C 112 31.26 -34.82 8.77
N ALA C 113 30.29 -35.10 7.86
CA ALA C 113 28.87 -35.32 8.17
C ALA C 113 28.53 -36.61 8.88
N GLY C 114 29.52 -37.45 9.14
CA GLY C 114 29.29 -38.70 9.85
C GLY C 114 28.91 -38.50 11.30
N SER C 115 29.26 -37.31 11.86
CA SER C 115 29.02 -36.89 13.22
C SER C 115 28.01 -35.74 13.20
N PRO C 116 26.70 -36.06 13.27
CA PRO C 116 25.69 -34.98 13.25
C PRO C 116 25.83 -33.92 14.36
N LEU C 117 26.28 -34.33 15.56
CA LEU C 117 26.47 -33.42 16.70
C LEU C 117 27.65 -32.41 16.47
N SER C 118 28.54 -32.71 15.47
CA SER C 118 29.75 -31.96 15.11
C SER C 118 29.70 -31.30 13.70
N TYR C 119 28.79 -31.74 12.84
CA TYR C 119 28.70 -31.26 11.45
C TYR C 119 28.63 -29.73 11.28
N ARG C 120 29.53 -29.18 10.43
CA ARG C 120 29.52 -27.74 10.13
C ARG C 120 29.05 -27.44 8.72
N PRO C 121 27.87 -26.82 8.55
CA PRO C 121 27.42 -26.43 7.21
C PRO C 121 28.31 -25.36 6.57
N VAL C 122 28.45 -25.35 5.22
CA VAL C 122 29.23 -24.35 4.49
C VAL C 122 28.34 -23.82 3.37
N ALA C 123 28.10 -22.51 3.31
CA ALA C 123 27.26 -21.95 2.26
C ALA C 123 28.04 -21.81 0.94
N ILE C 124 27.32 -21.79 -0.18
CA ILE C 124 27.93 -21.55 -1.47
C ILE C 124 27.32 -20.28 -2.06
N ALA C 125 28.17 -19.32 -2.36
CA ALA C 125 27.74 -18.03 -2.85
C ALA C 125 28.25 -17.80 -4.27
N LEU C 126 27.37 -17.32 -5.16
CA LEU C 126 27.74 -17.06 -6.54
C LEU C 126 27.94 -15.56 -6.70
N ASP C 127 29.14 -15.12 -7.11
CA ASP C 127 29.42 -13.70 -7.31
C ASP C 127 29.31 -13.42 -8.81
N THR C 128 28.30 -12.63 -9.23
CA THR C 128 28.09 -12.36 -10.66
C THR C 128 29.17 -11.50 -11.32
N LYS C 129 29.26 -11.63 -12.66
CA LYS C 129 30.18 -10.86 -13.50
C LYS C 129 29.82 -9.38 -13.51
N GLY C 130 28.55 -9.06 -13.70
CA GLY C 130 28.11 -7.67 -13.68
C GLY C 130 27.42 -7.19 -14.93
N PRO C 131 26.87 -5.97 -14.88
CA PRO C 131 26.14 -5.45 -16.05
C PRO C 131 27.04 -5.01 -17.21
N GLY C 132 28.24 -4.55 -16.89
CA GLY C 132 29.20 -4.06 -17.88
C GLY C 132 28.63 -3.08 -18.89
N SER C 133 27.81 -2.10 -18.38
CA SER C 133 27.09 -1.07 -19.14
C SER C 133 25.91 -1.66 -19.95
N GLY C 134 24.71 -1.18 -19.65
CA GLY C 134 23.49 -1.63 -20.31
C GLY C 134 22.34 -1.75 -19.32
N PRO C 135 21.09 -1.62 -19.79
CA PRO C 135 19.93 -1.75 -18.88
C PRO C 135 19.74 -3.20 -18.39
N GLY C 136 19.15 -3.37 -17.20
CA GLY C 136 18.90 -4.69 -16.65
C GLY C 136 20.14 -5.54 -16.50
N LEU C 137 19.94 -6.84 -16.49
CA LEU C 137 21.01 -7.80 -16.33
C LEU C 137 21.69 -8.09 -17.65
N SER C 138 22.96 -8.46 -17.60
CA SER C 138 23.65 -8.92 -18.78
C SER C 138 23.15 -10.34 -19.09
N GLU C 139 23.33 -10.78 -20.33
CA GLU C 139 22.93 -12.12 -20.76
C GLU C 139 23.76 -13.15 -19.99
N GLN C 140 25.06 -12.88 -19.78
CA GLN C 140 25.89 -13.79 -19.01
C GLN C 140 25.39 -13.91 -17.57
N ASP C 141 24.96 -12.80 -16.94
CA ASP C 141 24.41 -12.84 -15.58
C ASP C 141 23.14 -13.67 -15.51
N VAL C 142 22.20 -13.53 -16.49
CA VAL C 142 20.98 -14.35 -16.54
C VAL C 142 21.36 -15.85 -16.59
N ARG C 143 22.35 -16.20 -17.42
CA ARG C 143 22.77 -17.57 -17.56
C ARG C 143 23.46 -18.10 -16.32
N ASP C 144 24.27 -17.27 -15.66
CA ASP C 144 24.98 -17.64 -14.45
C ASP C 144 24.04 -17.77 -13.26
N LEU C 145 23.03 -16.90 -13.18
CA LEU C 145 22.02 -16.95 -12.12
C LEU C 145 21.21 -18.23 -12.27
N ARG C 146 20.87 -18.63 -13.52
CA ARG C 146 20.16 -19.88 -13.78
C ARG C 146 21.02 -21.08 -13.37
N PHE C 147 22.33 -21.03 -13.63
CA PHE C 147 23.27 -22.07 -13.22
C PHE C 147 23.25 -22.20 -11.67
N GLY C 148 23.23 -21.06 -10.97
CA GLY C 148 23.17 -21.02 -9.52
C GLY C 148 21.95 -21.72 -8.96
N VAL C 149 20.78 -21.47 -9.56
CA VAL C 149 19.54 -22.12 -9.14
C VAL C 149 19.63 -23.63 -9.39
N GLU C 150 20.11 -24.02 -10.57
CA GLU C 150 20.24 -25.44 -10.91
C GLU C 150 21.24 -26.18 -10.03
N HIS C 151 22.26 -25.48 -9.56
CA HIS C 151 23.26 -26.08 -8.68
C HIS C 151 23.01 -25.85 -7.17
N GLY C 152 21.85 -25.29 -6.81
CA GLY C 152 21.44 -25.08 -5.43
C GLY C 152 22.30 -24.16 -4.60
N VAL C 153 22.75 -23.02 -5.18
CA VAL C 153 23.56 -22.07 -4.42
C VAL C 153 22.66 -21.41 -3.34
N ASP C 154 23.29 -20.95 -2.27
CA ASP C 154 22.54 -20.36 -1.17
C ASP C 154 22.40 -18.86 -1.28
N ILE C 155 23.41 -18.21 -1.84
CA ILE C 155 23.52 -16.76 -1.88
C ILE C 155 24.03 -16.27 -3.24
N VAL C 156 23.62 -15.09 -3.63
CA VAL C 156 24.11 -14.42 -4.81
C VAL C 156 24.74 -13.10 -4.34
N PHE C 157 25.99 -12.84 -4.69
CA PHE C 157 26.60 -11.54 -4.44
C PHE C 157 26.41 -10.83 -5.80
N ALA C 158 25.43 -9.95 -5.90
CA ALA C 158 25.11 -9.28 -7.16
C ALA C 158 26.02 -8.09 -7.41
N SER C 159 26.85 -8.17 -8.47
CA SER C 159 27.78 -7.10 -8.79
C SER C 159 27.15 -5.84 -9.30
N PHE C 160 27.79 -4.69 -8.98
CA PHE C 160 27.42 -3.34 -9.43
C PHE C 160 25.94 -3.02 -9.31
N VAL C 161 25.34 -3.21 -8.13
CA VAL C 161 23.95 -2.84 -7.91
C VAL C 161 23.92 -1.33 -7.73
N ARG C 162 23.10 -0.65 -8.53
CA ARG C 162 23.04 0.81 -8.52
C ARG C 162 21.70 1.38 -8.10
N LYS C 163 20.64 0.55 -8.13
CA LYS C 163 19.28 0.97 -7.83
C LYS C 163 18.42 -0.25 -7.46
N ALA C 164 17.21 -0.03 -6.91
CA ALA C 164 16.29 -1.11 -6.56
C ALA C 164 15.92 -1.99 -7.76
N SER C 165 15.78 -1.41 -8.96
CA SER C 165 15.43 -2.20 -10.15
C SER C 165 16.49 -3.22 -10.54
N ASP C 166 17.76 -2.97 -10.17
CA ASP C 166 18.83 -3.94 -10.41
C ASP C 166 18.59 -5.18 -9.56
N VAL C 167 18.16 -5.01 -8.30
CA VAL C 167 17.86 -6.11 -7.41
C VAL C 167 16.63 -6.86 -7.90
N ALA C 168 15.60 -6.14 -8.39
CA ALA C 168 14.39 -6.77 -8.91
C ALA C 168 14.72 -7.64 -10.11
N ALA C 169 15.66 -7.18 -10.96
CA ALA C 169 16.15 -7.93 -12.12
C ALA C 169 16.84 -9.21 -11.66
N VAL C 170 17.66 -9.15 -10.59
CA VAL C 170 18.34 -10.35 -10.09
C VAL C 170 17.33 -11.33 -9.51
N ARG C 171 16.38 -10.83 -8.76
CA ARG C 171 15.30 -11.59 -8.17
C ARG C 171 14.46 -12.28 -9.26
N ALA C 172 14.16 -11.58 -10.37
CA ALA C 172 13.37 -12.19 -11.46
C ALA C 172 14.18 -13.28 -12.15
N ALA C 173 15.50 -13.10 -12.28
CA ALA C 173 16.38 -14.09 -12.88
C ALA C 173 16.54 -15.36 -12.03
N LEU C 174 16.18 -15.28 -10.72
CA LEU C 174 16.26 -16.45 -9.88
C LEU C 174 15.07 -17.44 -10.13
N GLY C 175 14.40 -17.27 -11.30
CA GLY C 175 13.41 -18.18 -11.91
C GLY C 175 12.34 -18.57 -10.95
N PRO C 176 11.60 -19.63 -11.27
CA PRO C 176 10.56 -20.07 -10.34
C PRO C 176 11.09 -20.86 -9.11
N GLU C 177 12.31 -21.41 -9.19
CA GLU C 177 12.84 -22.27 -8.15
C GLU C 177 13.83 -21.63 -7.19
N GLY C 178 14.21 -20.36 -7.42
CA GLY C 178 15.23 -19.74 -6.60
C GLY C 178 14.84 -18.55 -5.74
N HIS C 179 13.57 -18.45 -5.34
CA HIS C 179 13.14 -17.35 -4.47
C HIS C 179 13.75 -17.41 -3.07
N GLY C 180 14.18 -18.58 -2.62
CA GLY C 180 14.83 -18.73 -1.33
C GLY C 180 16.30 -18.33 -1.32
N ILE C 181 16.91 -18.07 -2.47
CA ILE C 181 18.31 -17.67 -2.53
C ILE C 181 18.45 -16.23 -1.99
N LYS C 182 19.44 -15.98 -1.11
CA LYS C 182 19.63 -14.66 -0.54
C LYS C 182 20.40 -13.77 -1.52
N ILE C 183 19.93 -12.53 -1.72
CA ILE C 183 20.60 -11.61 -2.61
C ILE C 183 21.33 -10.59 -1.79
N ILE C 184 22.64 -10.60 -1.86
CA ILE C 184 23.51 -9.64 -1.21
C ILE C 184 23.99 -8.66 -2.30
N SER C 185 23.52 -7.41 -2.26
CA SER C 185 23.89 -6.42 -3.26
C SER C 185 25.27 -5.86 -3.03
N LYS C 186 26.12 -5.89 -4.04
CA LYS C 186 27.46 -5.32 -3.94
C LYS C 186 27.38 -3.84 -4.30
N ILE C 187 27.79 -2.96 -3.39
CA ILE C 187 27.80 -1.53 -3.63
C ILE C 187 29.22 -1.21 -4.08
N GLU C 188 29.36 -0.85 -5.37
CA GLU C 188 30.68 -0.65 -5.97
C GLU C 188 30.92 0.69 -6.60
N ASN C 189 29.95 1.61 -6.56
CA ASN C 189 30.16 2.92 -7.19
C ASN C 189 29.38 4.04 -6.46
N HIS C 190 29.56 5.30 -6.89
CA HIS C 190 28.89 6.45 -6.30
C HIS C 190 27.38 6.33 -6.30
N GLU C 191 26.79 5.87 -7.41
CA GLU C 191 25.33 5.75 -7.49
C GLU C 191 24.77 4.74 -6.48
N GLY C 192 25.46 3.62 -6.30
CA GLY C 192 25.07 2.61 -5.33
C GLY C 192 25.08 3.16 -3.92
N VAL C 193 26.07 4.02 -3.60
CA VAL C 193 26.16 4.62 -2.29
C VAL C 193 25.02 5.64 -2.09
N LYS C 194 24.78 6.49 -3.10
CA LYS C 194 23.71 7.49 -3.03
C LYS C 194 22.31 6.89 -3.00
N ARG C 195 22.11 5.77 -3.69
CA ARG C 195 20.81 5.09 -3.69
C ARG C 195 20.80 3.87 -2.72
N PHE C 196 21.67 3.88 -1.70
CA PHE C 196 21.81 2.80 -0.73
C PHE C 196 20.50 2.39 -0.05
N ASP C 197 19.74 3.34 0.48
CA ASP C 197 18.50 3.02 1.19
C ASP C 197 17.51 2.24 0.35
N GLU C 198 17.34 2.63 -0.91
CA GLU C 198 16.38 1.93 -1.76
C GLU C 198 16.89 0.53 -2.14
N ILE C 199 18.20 0.34 -2.23
CA ILE C 199 18.82 -0.95 -2.54
C ILE C 199 18.69 -1.90 -1.33
N LEU C 200 19.02 -1.41 -0.13
CA LEU C 200 18.95 -2.22 1.08
C LEU C 200 17.53 -2.67 1.36
N GLU C 201 16.54 -1.80 1.11
CA GLU C 201 15.15 -2.13 1.35
C GLU C 201 14.70 -3.41 0.62
N VAL C 202 15.17 -3.63 -0.61
CA VAL C 202 14.78 -4.78 -1.41
C VAL C 202 15.82 -5.91 -1.43
N SER C 203 16.97 -5.73 -0.78
CA SER C 203 18.02 -6.75 -0.74
C SER C 203 17.96 -7.53 0.57
N ASP C 204 18.57 -8.71 0.60
CA ASP C 204 18.69 -9.47 1.84
C ASP C 204 19.86 -8.94 2.69
N GLY C 205 20.85 -8.34 2.05
CA GLY C 205 22.02 -7.79 2.68
C GLY C 205 22.88 -7.02 1.69
N ILE C 206 24.06 -6.61 2.13
CA ILE C 206 24.94 -5.75 1.36
C ILE C 206 26.39 -6.22 1.44
N MET C 207 27.15 -6.01 0.36
CA MET C 207 28.58 -6.23 0.39
C MET C 207 29.24 -4.87 0.08
N VAL C 208 30.15 -4.41 0.94
CA VAL C 208 30.91 -3.21 0.70
C VAL C 208 32.07 -3.69 -0.16
N ALA C 209 31.90 -3.55 -1.49
CA ALA C 209 32.87 -4.04 -2.46
C ALA C 209 33.91 -2.97 -2.69
N ARG C 210 34.89 -2.90 -1.77
CA ARG C 210 35.90 -1.85 -1.70
C ARG C 210 36.84 -1.74 -2.88
N GLY C 211 37.07 -2.82 -3.61
CA GLY C 211 37.94 -2.81 -4.79
C GLY C 211 37.46 -1.84 -5.85
N ASP C 212 36.26 -2.06 -6.39
CA ASP C 212 35.71 -1.17 -7.40
C ASP C 212 35.33 0.17 -6.79
N LEU C 213 34.81 0.18 -5.55
CA LEU C 213 34.41 1.39 -4.87
C LEU C 213 35.58 2.38 -4.76
N GLY C 214 36.79 1.87 -4.49
CA GLY C 214 38.01 2.65 -4.37
C GLY C 214 38.54 3.25 -5.67
N ILE C 215 38.02 2.77 -6.81
CA ILE C 215 38.35 3.26 -8.15
C ILE C 215 37.24 4.23 -8.62
N GLU C 216 35.98 3.95 -8.26
CA GLU C 216 34.82 4.74 -8.62
C GLU C 216 34.70 6.04 -7.83
N ILE C 217 35.10 6.02 -6.55
CA ILE C 217 35.09 7.20 -5.68
C ILE C 217 36.54 7.42 -5.15
N PRO C 218 36.88 8.63 -4.64
CA PRO C 218 38.25 8.82 -4.10
C PRO C 218 38.61 7.77 -3.05
N ALA C 219 39.81 7.21 -3.13
CA ALA C 219 40.28 6.17 -2.23
C ALA C 219 40.17 6.57 -0.75
N GLU C 220 40.38 7.85 -0.46
CA GLU C 220 40.31 8.35 0.91
C GLU C 220 38.87 8.47 1.46
N LYS C 221 37.85 8.19 0.64
CA LYS C 221 36.45 8.25 1.06
C LYS C 221 35.83 6.86 1.28
N VAL C 222 36.51 5.78 0.85
CA VAL C 222 35.97 4.42 0.99
C VAL C 222 35.60 4.07 2.42
N PHE C 223 36.43 4.48 3.40
CA PHE C 223 36.13 4.18 4.80
C PHE C 223 34.79 4.80 5.27
N LEU C 224 34.40 5.97 4.73
CA LEU C 224 33.15 6.62 5.11
C LEU C 224 31.98 5.80 4.59
N ALA C 225 32.09 5.30 3.34
CA ALA C 225 31.06 4.50 2.71
C ALA C 225 30.94 3.17 3.46
N GLN C 226 32.07 2.56 3.85
CA GLN C 226 32.05 1.31 4.60
C GLN C 226 31.34 1.49 5.94
N LYS C 227 31.75 2.50 6.71
CA LYS C 227 31.19 2.75 8.02
C LYS C 227 29.72 3.11 7.95
N MET C 228 29.31 3.91 6.95
CA MET C 228 27.91 4.27 6.78
C MET C 228 27.06 3.04 6.46
N MET C 229 27.48 2.25 5.46
CA MET C 229 26.73 1.06 5.06
C MET C 229 26.63 0.01 6.14
N ILE C 230 27.71 -0.19 6.92
CA ILE C 230 27.67 -1.14 8.04
C ILE C 230 26.67 -0.65 9.10
N GLY C 231 26.71 0.65 9.42
CA GLY C 231 25.78 1.25 10.37
C GLY C 231 24.33 1.11 9.95
N ARG C 232 24.02 1.40 8.67
CA ARG C 232 22.65 1.29 8.16
C ARG C 232 22.17 -0.16 8.10
N CYS C 233 23.05 -1.10 7.78
CA CYS C 233 22.69 -2.53 7.77
C CYS C 233 22.43 -3.02 9.17
N ASN C 234 23.24 -2.58 10.15
CA ASN C 234 23.06 -2.96 11.56
C ASN C 234 21.73 -2.44 12.05
N LEU C 235 21.37 -1.21 11.69
CA LEU C 235 20.10 -0.60 12.08
C LEU C 235 18.94 -1.36 11.44
N ALA C 236 19.06 -1.73 10.16
CA ALA C 236 18.02 -2.51 9.46
C ALA C 236 17.95 -3.98 9.88
N GLY C 237 18.97 -4.49 10.57
CA GLY C 237 19.03 -5.90 10.96
C GLY C 237 19.30 -6.80 9.78
N LYS C 238 20.07 -6.32 8.79
CA LYS C 238 20.39 -7.10 7.59
C LYS C 238 21.88 -7.34 7.46
N PRO C 239 22.29 -8.53 6.99
CA PRO C 239 23.73 -8.83 6.91
C PRO C 239 24.58 -7.89 6.04
N VAL C 240 25.80 -7.59 6.49
CA VAL C 240 26.70 -6.73 5.76
C VAL C 240 28.07 -7.42 5.69
N VAL C 241 28.67 -7.44 4.52
CA VAL C 241 29.96 -8.08 4.28
C VAL C 241 31.01 -7.03 4.00
N CYS C 242 32.17 -7.12 4.68
CA CYS C 242 33.28 -6.24 4.34
C CYS C 242 34.19 -7.05 3.42
N ALA C 243 34.56 -6.47 2.27
CA ALA C 243 35.35 -7.22 1.29
C ALA C 243 36.49 -6.43 0.67
N THR C 244 37.48 -7.16 0.13
CA THR C 244 38.60 -6.77 -0.72
C THR C 244 39.80 -6.16 -0.04
N GLN C 245 40.96 -6.79 -0.29
CA GLN C 245 42.31 -6.40 0.17
C GLN C 245 42.47 -6.39 1.67
N MET C 246 41.64 -7.16 2.40
CA MET C 246 41.74 -7.22 3.85
C MET C 246 43.09 -7.76 4.31
N LEU C 247 43.60 -8.81 3.65
CA LEU C 247 44.91 -9.38 3.97
C LEU C 247 45.72 -9.55 2.67
N GLU C 248 45.63 -8.58 1.75
CA GLU C 248 46.24 -8.60 0.42
C GLU C 248 47.69 -9.09 0.35
N SER C 249 48.57 -8.58 1.22
CA SER C 249 49.98 -9.00 1.23
C SER C 249 50.15 -10.52 1.46
N MET C 250 49.16 -11.19 2.06
CA MET C 250 49.23 -12.63 2.28
C MET C 250 49.06 -13.47 0.98
N ILE C 251 48.87 -12.80 -0.17
CA ILE C 251 48.86 -13.51 -1.45
C ILE C 251 50.29 -14.07 -1.70
N THR C 252 51.34 -13.32 -1.32
CA THR C 252 52.72 -13.76 -1.50
C THR C 252 53.51 -13.94 -0.19
N LYS C 253 53.08 -13.30 0.91
CA LYS C 253 53.81 -13.38 2.19
C LYS C 253 53.06 -14.21 3.24
N PRO C 254 53.77 -14.93 4.13
CA PRO C 254 53.05 -15.77 5.12
C PRO C 254 52.40 -15.00 6.27
N ARG C 255 52.77 -13.73 6.46
CA ARG C 255 52.25 -12.88 7.51
C ARG C 255 51.75 -11.57 6.92
N PRO C 256 50.64 -11.04 7.45
CA PRO C 256 50.11 -9.78 6.91
C PRO C 256 50.80 -8.52 7.46
N THR C 257 50.49 -7.36 6.87
CA THR C 257 51.03 -6.10 7.36
C THR C 257 50.22 -5.63 8.61
N ARG C 258 50.73 -4.64 9.35
CA ARG C 258 50.03 -4.08 10.50
C ARG C 258 48.73 -3.40 10.09
N ALA C 259 48.67 -2.81 8.90
CA ALA C 259 47.47 -2.17 8.40
C ALA C 259 46.38 -3.19 8.10
N GLU C 260 46.76 -4.36 7.59
CA GLU C 260 45.85 -5.45 7.25
C GLU C 260 45.19 -6.08 8.45
N THR C 261 45.93 -6.35 9.53
CA THR C 261 45.31 -6.91 10.74
C THR C 261 44.38 -5.89 11.38
N SER C 262 44.75 -4.61 11.35
CA SER C 262 43.92 -3.56 11.89
C SER C 262 42.62 -3.42 11.07
N ASP C 263 42.72 -3.57 9.74
CA ASP C 263 41.55 -3.48 8.86
C ASP C 263 40.51 -4.59 9.18
N VAL C 264 40.99 -5.82 9.43
CA VAL C 264 40.10 -6.93 9.77
C VAL C 264 39.42 -6.66 11.12
N ALA C 265 40.20 -6.29 12.12
CA ALA C 265 39.69 -5.97 13.45
C ALA C 265 38.69 -4.84 13.41
N ASN C 266 38.99 -3.77 12.64
CA ASN C 266 38.11 -2.63 12.54
C ASN C 266 36.85 -2.92 11.76
N ALA C 267 36.87 -3.86 10.80
CA ALA C 267 35.63 -4.22 10.09
C ALA C 267 34.65 -4.88 11.08
N VAL C 268 35.18 -5.75 11.97
CA VAL C 268 34.41 -6.41 13.03
C VAL C 268 33.90 -5.37 14.04
N LEU C 269 34.78 -4.46 14.51
CA LEU C 269 34.36 -3.40 15.43
C LEU C 269 33.35 -2.42 14.79
N ASP C 270 33.40 -2.20 13.46
CA ASP C 270 32.44 -1.34 12.75
C ASP C 270 31.03 -1.95 12.81
N GLY C 271 30.96 -3.31 12.79
CA GLY C 271 29.69 -4.04 12.88
C GLY C 271 29.46 -5.01 11.75
N ALA C 272 30.48 -5.35 10.96
CA ALA C 272 30.33 -6.28 9.84
C ALA C 272 29.94 -7.69 10.29
N ASP C 273 29.01 -8.32 9.59
CA ASP C 273 28.58 -9.68 9.86
C ASP C 273 29.56 -10.68 9.28
N CYS C 274 30.12 -10.38 8.11
CA CYS C 274 31.07 -11.26 7.42
C CYS C 274 32.27 -10.48 6.99
N ILE C 275 33.41 -11.19 6.90
CA ILE C 275 34.66 -10.68 6.35
C ILE C 275 35.04 -11.61 5.19
N MET C 276 35.70 -11.07 4.15
CA MET C 276 35.98 -11.84 2.97
C MET C 276 37.45 -11.87 2.56
N LEU C 277 37.82 -12.95 1.87
CA LEU C 277 39.13 -13.15 1.28
C LEU C 277 38.91 -13.38 -0.22
N SER C 278 39.64 -12.67 -1.08
CA SER C 278 39.52 -12.83 -2.53
C SER C 278 40.78 -13.53 -3.09
N GLY C 279 41.75 -12.79 -3.64
CA GLY C 279 43.01 -13.34 -4.14
C GLY C 279 43.78 -14.12 -3.10
N GLU C 280 43.64 -13.74 -1.81
CA GLU C 280 44.29 -14.40 -0.67
C GLU C 280 44.02 -15.90 -0.66
N THR C 281 42.77 -16.31 -1.01
CA THR C 281 42.44 -17.73 -1.03
C THR C 281 42.27 -18.30 -2.44
N ALA C 282 41.89 -17.45 -3.40
CA ALA C 282 41.67 -17.90 -4.77
C ALA C 282 42.95 -18.21 -5.53
N LYS C 283 43.98 -17.39 -5.37
CA LYS C 283 45.22 -17.57 -6.13
C LYS C 283 46.53 -17.44 -5.34
N GLY C 284 46.48 -16.99 -4.09
CA GLY C 284 47.68 -16.79 -3.31
C GLY C 284 48.38 -18.05 -2.85
N ASN C 285 49.56 -17.89 -2.26
CA ASN C 285 50.41 -18.98 -1.78
C ASN C 285 50.09 -19.48 -0.37
N PHE C 286 49.23 -18.74 0.37
CA PHE C 286 48.91 -19.12 1.74
C PHE C 286 47.37 -19.07 2.01
N PRO C 287 46.53 -19.81 1.25
CA PRO C 287 45.07 -19.70 1.45
C PRO C 287 44.60 -20.08 2.85
N VAL C 288 45.12 -21.19 3.39
CA VAL C 288 44.72 -21.68 4.72
C VAL C 288 45.19 -20.72 5.81
N GLU C 289 46.38 -20.17 5.66
CA GLU C 289 46.95 -19.23 6.62
C GLU C 289 46.16 -17.92 6.64
N ALA C 290 45.61 -17.49 5.49
CA ALA C 290 44.80 -16.29 5.38
C ALA C 290 43.48 -16.50 6.15
N VAL C 291 42.88 -17.70 6.04
CA VAL C 291 41.65 -18.03 6.76
C VAL C 291 41.94 -18.05 8.28
N LYS C 292 43.05 -18.68 8.68
CA LYS C 292 43.46 -18.76 10.09
C LYS C 292 43.71 -17.38 10.68
N MET C 293 44.32 -16.47 9.91
CA MET C 293 44.60 -15.12 10.37
C MET C 293 43.30 -14.34 10.56
N GLN C 294 42.34 -14.45 9.63
CA GLN C 294 41.04 -13.78 9.79
C GLN C 294 40.30 -14.33 10.99
N HIS C 295 40.38 -15.65 11.21
CA HIS C 295 39.73 -16.28 12.35
C HIS C 295 40.33 -15.73 13.67
N ALA C 296 41.66 -15.68 13.75
CA ALA C 296 42.36 -15.22 14.94
C ALA C 296 42.03 -13.75 15.28
N ILE C 297 42.05 -12.88 14.25
CA ILE C 297 41.74 -11.46 14.46
C ILE C 297 40.27 -11.24 14.86
N ALA C 298 39.32 -11.87 14.14
CA ALA C 298 37.90 -11.72 14.43
C ALA C 298 37.56 -12.10 15.86
N ARG C 299 38.14 -13.19 16.36
CA ARG C 299 37.92 -13.63 17.73
C ARG C 299 38.35 -12.57 18.75
N GLU C 300 39.51 -11.96 18.52
CA GLU C 300 40.03 -10.93 19.40
C GLU C 300 39.15 -9.69 19.36
N ALA C 301 38.74 -9.28 18.13
CA ALA C 301 37.92 -8.08 17.93
C ALA C 301 36.53 -8.23 18.50
N GLU C 302 35.94 -9.42 18.42
CA GLU C 302 34.61 -9.64 18.96
C GLU C 302 34.55 -9.50 20.47
N ALA C 303 35.60 -9.93 21.18
CA ALA C 303 35.65 -9.78 22.62
C ALA C 303 35.83 -8.31 23.01
N ALA C 304 36.49 -7.50 22.15
CA ALA C 304 36.70 -6.06 22.37
C ALA C 304 35.49 -5.20 22.02
N VAL C 305 34.39 -5.78 21.53
CA VAL C 305 33.18 -5.02 21.20
C VAL C 305 32.60 -4.43 22.49
N TYR C 306 32.14 -3.17 22.46
CA TYR C 306 31.58 -2.51 23.62
C TYR C 306 30.08 -2.72 23.62
N HIS C 307 29.65 -3.91 24.03
CA HIS C 307 28.24 -4.32 24.05
C HIS C 307 27.34 -3.38 24.84
N ARG C 308 27.84 -2.80 25.94
CA ARG C 308 27.05 -1.89 26.76
C ARG C 308 26.42 -0.75 25.94
N GLN C 309 27.20 -0.07 25.10
CA GLN C 309 26.65 1.00 24.28
C GLN C 309 26.00 0.46 23.02
N LEU C 310 26.60 -0.56 22.39
CA LEU C 310 26.06 -1.16 21.17
C LEU C 310 24.63 -1.67 21.36
N PHE C 311 24.37 -2.46 22.40
CA PHE C 311 23.03 -2.97 22.69
C PHE C 311 22.05 -1.84 22.97
N GLU C 312 22.45 -0.87 23.79
CA GLU C 312 21.63 0.29 24.15
C GLU C 312 21.21 1.06 22.88
N GLU C 313 22.17 1.29 21.97
CA GLU C 313 21.88 2.00 20.74
C GLU C 313 21.06 1.22 19.75
N LEU C 314 21.28 -0.09 19.62
CA LEU C 314 20.46 -0.92 18.72
C LEU C 314 19.02 -0.96 19.26
N ARG C 315 18.87 -1.05 20.58
CA ARG C 315 17.61 -1.06 21.30
C ARG C 315 16.87 0.26 21.06
N ARG C 316 17.54 1.40 21.26
CA ARG C 316 16.96 2.73 21.10
C ARG C 316 16.56 3.05 19.67
N ALA C 317 17.38 2.63 18.70
CA ALA C 317 17.11 2.90 17.30
C ALA C 317 16.02 2.01 16.71
N ALA C 318 15.88 0.78 17.23
CA ALA C 318 14.88 -0.16 16.74
C ALA C 318 13.52 0.31 17.22
N PRO C 319 12.55 0.40 16.30
CA PRO C 319 11.22 0.88 16.72
C PRO C 319 10.45 -0.16 17.53
N LEU C 320 9.38 0.29 18.21
CA LEU C 320 8.50 -0.60 18.95
C LEU C 320 7.91 -1.64 17.98
N SER C 321 7.65 -2.85 18.46
CA SER C 321 7.16 -3.88 17.57
C SER C 321 6.09 -4.70 18.19
N ARG C 322 5.10 -5.10 17.41
CA ARG C 322 4.07 -6.03 17.90
C ARG C 322 4.27 -7.45 17.33
N ASP C 323 5.41 -7.71 16.66
CA ASP C 323 5.75 -9.00 16.10
C ASP C 323 6.34 -9.80 17.25
N PRO C 324 5.72 -10.93 17.60
CA PRO C 324 6.22 -11.70 18.76
C PRO C 324 7.64 -12.23 18.60
N THR C 325 8.12 -12.49 17.37
CA THR C 325 9.48 -12.97 17.17
C THR C 325 10.47 -11.86 17.58
N GLU C 326 10.19 -10.62 17.14
CA GLU C 326 11.02 -9.45 17.45
CA GLU C 326 11.01 -9.45 17.45
C GLU C 326 10.98 -9.15 18.96
N VAL C 327 9.81 -9.23 19.59
CA VAL C 327 9.65 -8.99 21.04
C VAL C 327 10.40 -10.07 21.85
N THR C 328 10.31 -11.34 21.42
CA THR C 328 10.99 -12.45 22.10
C THR C 328 12.50 -12.30 21.97
N ALA C 329 12.97 -11.92 20.78
CA ALA C 329 14.38 -11.74 20.49
C ALA C 329 15.06 -10.74 21.44
N ILE C 330 14.43 -9.55 21.68
CA ILE C 330 15.04 -8.57 22.56
C ILE C 330 14.97 -9.02 24.03
N GLY C 331 13.90 -9.71 24.43
CA GLY C 331 13.77 -10.28 25.76
C GLY C 331 14.87 -11.31 26.01
N ALA C 332 15.13 -12.20 25.03
CA ALA C 332 16.16 -13.23 25.13
C ALA C 332 17.57 -12.66 25.17
N VAL C 333 17.84 -11.62 24.40
CA VAL C 333 19.18 -10.99 24.39
C VAL C 333 19.43 -10.27 25.73
N GLU C 334 18.39 -9.61 26.27
CA GLU C 334 18.48 -8.95 27.56
CA GLU C 334 18.48 -8.95 27.56
C GLU C 334 18.72 -9.99 28.65
N ALA C 335 18.00 -11.14 28.58
CA ALA C 335 18.16 -12.23 29.55
C ALA C 335 19.57 -12.85 29.47
N ALA C 336 20.10 -13.01 28.26
CA ALA C 336 21.44 -13.55 28.07
C ALA C 336 22.52 -12.64 28.70
N PHE C 337 22.39 -11.31 28.53
CA PHE C 337 23.33 -10.38 29.13
C PHE C 337 23.25 -10.42 30.67
N LYS C 338 22.04 -10.52 31.24
CA LYS C 338 21.82 -10.57 32.67
C LYS C 338 22.56 -11.72 33.38
N CYS C 339 22.60 -12.91 32.75
CA CYS C 339 23.25 -14.06 33.38
C CYS C 339 24.56 -14.48 32.75
N CYS C 340 25.09 -13.72 31.77
CA CYS C 340 26.29 -14.10 31.02
C CYS C 340 26.08 -15.46 30.36
N ALA C 341 24.87 -15.69 29.76
CA ALA C 341 24.50 -16.98 29.19
C ALA C 341 25.55 -17.49 28.23
N ALA C 342 25.86 -18.77 28.32
CA ALA C 342 26.86 -19.36 27.42
C ALA C 342 26.33 -19.33 25.97
N ALA C 343 25.00 -19.43 25.78
CA ALA C 343 24.42 -19.47 24.44
C ALA C 343 22.92 -19.12 24.50
N ILE C 344 22.35 -18.79 23.33
CA ILE C 344 20.93 -18.65 23.09
C ILE C 344 20.64 -19.74 22.09
N ILE C 345 19.87 -20.76 22.44
CA ILE C 345 19.51 -21.83 21.52
C ILE C 345 18.16 -21.48 20.90
N VAL C 346 18.10 -21.36 19.58
CA VAL C 346 16.84 -20.99 18.91
C VAL C 346 16.47 -22.04 17.87
N LEU C 347 15.20 -22.37 17.79
CA LEU C 347 14.67 -23.28 16.79
C LEU C 347 14.18 -22.39 15.66
N THR C 348 14.63 -22.67 14.44
CA THR C 348 14.25 -21.86 13.30
C THR C 348 14.13 -22.71 12.02
N THR C 349 13.16 -22.39 11.16
CA THR C 349 12.97 -23.11 9.91
C THR C 349 13.56 -22.29 8.77
N THR C 350 13.31 -20.97 8.76
CA THR C 350 13.83 -20.09 7.72
C THR C 350 15.12 -19.37 8.12
N GLY C 351 15.45 -19.35 9.41
CA GLY C 351 16.60 -18.63 9.94
C GLY C 351 16.22 -17.29 10.54
N ARG C 352 14.96 -16.82 10.32
CA ARG C 352 14.49 -15.51 10.75
C ARG C 352 14.59 -15.26 12.24
N SER C 353 14.17 -16.22 13.08
CA SER C 353 14.27 -16.06 14.54
C SER C 353 15.73 -15.89 14.98
N ALA C 354 16.66 -16.56 14.30
CA ALA C 354 18.10 -16.43 14.63
C ALA C 354 18.62 -15.05 14.16
N GLN C 355 18.14 -14.58 13.02
CA GLN C 355 18.53 -13.26 12.49
C GLN C 355 18.08 -12.13 13.41
N LEU C 356 16.87 -12.23 13.98
CA LEU C 356 16.34 -11.23 14.90
C LEU C 356 17.09 -11.22 16.23
N LEU C 357 17.67 -12.37 16.66
CA LEU C 357 18.49 -12.38 17.86
C LEU C 357 19.83 -11.69 17.56
N SER C 358 20.40 -12.04 16.40
CA SER C 358 21.67 -11.54 15.86
C SER C 358 21.72 -10.03 15.73
N ARG C 359 20.61 -9.37 15.35
CA ARG C 359 20.55 -7.93 15.17
C ARG C 359 20.81 -7.13 16.47
N TYR C 360 20.58 -7.73 17.65
CA TYR C 360 20.86 -7.07 18.93
C TYR C 360 22.28 -7.28 19.44
N ARG C 361 23.09 -8.02 18.68
CA ARG C 361 24.49 -8.30 18.93
C ARG C 361 24.74 -8.85 20.33
N PRO C 362 24.14 -10.02 20.67
CA PRO C 362 24.41 -10.60 21.98
C PRO C 362 25.85 -11.08 22.07
N ARG C 363 26.43 -11.06 23.27
CA ARG C 363 27.73 -11.66 23.49
C ARG C 363 27.54 -13.21 23.43
N ALA C 364 26.37 -13.73 23.88
CA ALA C 364 26.11 -15.16 23.85
C ALA C 364 26.03 -15.65 22.40
N ALA C 365 26.56 -16.84 22.13
CA ALA C 365 26.46 -17.45 20.82
C ALA C 365 25.01 -17.78 20.53
N VAL C 366 24.53 -17.57 19.31
CA VAL C 366 23.16 -17.94 18.94
C VAL C 366 23.25 -19.29 18.21
N ILE C 367 22.92 -20.38 18.90
CA ILE C 367 22.95 -21.72 18.33
C ILE C 367 21.60 -21.97 17.66
N ALA C 368 21.57 -22.02 16.31
CA ALA C 368 20.32 -22.17 15.58
C ALA C 368 20.13 -23.60 15.13
N VAL C 369 19.10 -24.27 15.65
CA VAL C 369 18.82 -25.64 15.30
C VAL C 369 17.72 -25.63 14.23
N THR C 370 18.03 -26.22 13.08
CA THR C 370 17.09 -26.22 11.98
C THR C 370 17.07 -27.54 11.23
N ARG C 371 15.93 -27.86 10.60
CA ARG C 371 15.86 -29.05 9.74
C ARG C 371 16.18 -28.69 8.27
N SER C 372 16.21 -27.38 7.93
CA SER C 372 16.47 -26.88 6.59
C SER C 372 17.94 -26.74 6.35
N ALA C 373 18.48 -27.56 5.44
CA ALA C 373 19.90 -27.50 5.11
C ALA C 373 20.28 -26.15 4.50
N GLN C 374 19.37 -25.54 3.72
CA GLN C 374 19.64 -24.23 3.12
C GLN C 374 19.68 -23.13 4.19
N ALA C 375 18.73 -23.13 5.14
CA ALA C 375 18.72 -22.14 6.22
C ALA C 375 19.97 -22.30 7.07
N ALA C 376 20.43 -23.54 7.30
CA ALA C 376 21.66 -23.77 8.06
C ALA C 376 22.87 -23.13 7.36
N ARG C 377 22.95 -23.20 6.02
CA ARG C 377 24.05 -22.58 5.29
C ARG C 377 23.88 -21.05 5.23
N GLN C 378 22.65 -20.56 4.99
CA GLN C 378 22.40 -19.13 4.86
C GLN C 378 22.55 -18.31 6.13
N VAL C 379 22.32 -18.90 7.34
CA VAL C 379 22.45 -18.14 8.58
C VAL C 379 23.89 -17.78 8.93
N HIS C 380 24.89 -18.29 8.17
CA HIS C 380 26.27 -17.84 8.29
C HIS C 380 26.40 -16.35 7.94
N LEU C 381 25.42 -15.77 7.22
CA LEU C 381 25.43 -14.37 6.89
C LEU C 381 25.23 -13.47 8.12
N CYS C 382 24.57 -14.00 9.17
CA CYS C 382 24.26 -13.26 10.40
C CYS C 382 25.30 -13.49 11.45
N ARG C 383 25.90 -12.41 11.95
CA ARG C 383 26.93 -12.52 12.97
C ARG C 383 26.44 -13.24 14.23
N GLY C 384 27.26 -14.18 14.69
CA GLY C 384 26.99 -14.87 15.93
C GLY C 384 26.02 -16.02 15.85
N VAL C 385 25.62 -16.39 14.65
CA VAL C 385 24.71 -17.52 14.47
C VAL C 385 25.49 -18.77 14.08
N PHE C 386 25.39 -19.81 14.92
CA PHE C 386 26.07 -21.09 14.76
C PHE C 386 25.03 -22.13 14.36
N PRO C 387 24.95 -22.45 13.06
CA PRO C 387 23.91 -23.40 12.61
C PRO C 387 24.18 -24.87 12.93
N LEU C 388 23.12 -25.57 13.33
CA LEU C 388 23.16 -27.01 13.58
C LEU C 388 22.06 -27.62 12.72
N LEU C 389 22.43 -28.51 11.82
CA LEU C 389 21.45 -29.19 10.96
C LEU C 389 20.93 -30.44 11.63
N TYR C 390 19.62 -30.49 11.87
CA TYR C 390 18.95 -31.57 12.57
C TYR C 390 18.34 -32.57 11.58
N ARG C 391 18.78 -33.81 11.63
CA ARG C 391 18.38 -34.83 10.66
C ARG C 391 17.54 -35.98 11.25
N GLU C 392 17.17 -35.90 12.54
CA GLU C 392 16.38 -36.95 13.17
C GLU C 392 14.96 -36.99 12.63
N PRO C 393 14.37 -38.18 12.54
CA PRO C 393 12.96 -38.26 12.09
C PRO C 393 12.01 -37.60 13.09
N PRO C 394 10.94 -36.96 12.59
CA PRO C 394 10.02 -36.24 13.50
C PRO C 394 9.28 -37.13 14.45
N GLU C 395 9.12 -36.66 15.71
CA GLU C 395 8.34 -37.32 16.76
C GLU C 395 6.85 -37.07 16.50
N ALA C 396 5.99 -37.99 16.93
CA ALA C 396 4.54 -37.83 16.76
C ALA C 396 4.02 -36.70 17.63
N ILE C 397 4.57 -36.54 18.84
CA ILE C 397 4.15 -35.45 19.72
C ILE C 397 5.09 -34.27 19.48
N TRP C 398 4.53 -33.17 18.97
CA TRP C 398 5.28 -31.98 18.62
C TRP C 398 6.12 -31.43 19.77
N ALA C 399 5.56 -31.32 20.97
CA ALA C 399 6.30 -30.83 22.12
C ALA C 399 7.55 -31.67 22.41
N ASP C 400 7.52 -32.99 22.12
CA ASP C 400 8.65 -33.90 22.30
C ASP C 400 9.70 -33.66 21.26
N ASP C 401 9.29 -33.39 20.03
CA ASP C 401 10.15 -33.08 18.92
C ASP C 401 10.87 -31.76 19.17
N VAL C 402 10.20 -30.78 19.80
CA VAL C 402 10.79 -29.49 20.18
C VAL C 402 11.88 -29.75 21.23
N ASP C 403 11.55 -30.53 22.27
CA ASP C 403 12.48 -30.88 23.34
C ASP C 403 13.70 -31.65 22.85
N ARG C 404 13.50 -32.57 21.90
CA ARG C 404 14.60 -33.31 21.29
C ARG C 404 15.55 -32.34 20.52
N ARG C 405 14.99 -31.34 19.82
CA ARG C 405 15.83 -30.37 19.11
C ARG C 405 16.56 -29.47 20.07
N VAL C 406 15.90 -29.07 21.19
CA VAL C 406 16.57 -28.27 22.21
C VAL C 406 17.77 -29.04 22.81
N GLN C 407 17.58 -30.34 23.12
CA GLN C 407 18.67 -31.15 23.66
C GLN C 407 19.78 -31.43 22.70
N PHE C 408 19.49 -31.42 21.40
CA PHE C 408 20.48 -31.59 20.34
C PHE C 408 21.40 -30.37 20.34
N GLY C 409 20.82 -29.18 20.47
CA GLY C 409 21.60 -27.95 20.59
C GLY C 409 22.44 -27.92 21.85
N ILE C 410 21.92 -28.41 22.97
CA ILE C 410 22.71 -28.47 24.22
C ILE C 410 23.88 -29.48 24.08
N GLU C 411 23.62 -30.69 23.55
CA GLU C 411 24.67 -31.69 23.43
C GLU C 411 25.69 -31.31 22.40
N SER C 412 25.30 -30.61 21.31
CA SER C 412 26.28 -30.14 20.32
C SER C 412 27.16 -29.09 20.98
N GLY C 413 26.55 -28.16 21.73
CA GLY C 413 27.25 -27.10 22.43
C GLY C 413 28.25 -27.65 23.43
N LYS C 414 27.85 -28.73 24.14
CA LYS C 414 28.74 -29.42 25.10
C LYS C 414 29.93 -30.05 24.34
N LEU C 415 29.67 -30.77 23.24
CA LEU C 415 30.69 -31.42 22.45
C LEU C 415 31.70 -30.41 21.88
N ARG C 416 31.20 -29.26 21.38
CA ARG C 416 32.00 -28.22 20.76
C ARG C 416 32.64 -27.23 21.71
N GLY C 417 32.36 -27.28 23.01
CA GLY C 417 33.00 -26.37 23.96
C GLY C 417 32.25 -25.09 24.32
N PHE C 418 31.06 -24.86 23.75
CA PHE C 418 30.23 -23.69 24.07
C PHE C 418 29.65 -23.78 25.49
N LEU C 419 29.19 -24.98 25.91
CA LEU C 419 28.45 -25.18 27.15
C LEU C 419 29.02 -26.26 28.04
N ARG C 420 28.78 -26.13 29.34
CA ARG C 420 29.17 -27.10 30.37
C ARG C 420 27.98 -27.24 31.31
N VAL C 421 27.94 -28.35 32.06
CA VAL C 421 26.95 -28.60 33.09
C VAL C 421 27.01 -27.46 34.13
N GLY C 422 25.86 -26.94 34.53
CA GLY C 422 25.81 -25.81 35.43
C GLY C 422 25.67 -24.45 34.73
N ASP C 423 25.94 -24.39 33.42
CA ASP C 423 25.77 -23.15 32.65
C ASP C 423 24.31 -22.80 32.48
N LEU C 424 24.02 -21.52 32.26
CA LEU C 424 22.67 -21.08 31.94
C LEU C 424 22.63 -20.83 30.43
N VAL C 425 21.53 -21.27 29.79
CA VAL C 425 21.27 -21.00 28.39
C VAL C 425 19.88 -20.40 28.24
N ILE C 426 19.70 -19.59 27.20
CA ILE C 426 18.38 -19.02 26.90
C ILE C 426 17.86 -19.82 25.74
N VAL C 427 16.60 -20.26 25.80
CA VAL C 427 16.03 -21.09 24.76
C VAL C 427 14.86 -20.37 24.14
N VAL C 428 14.91 -20.19 22.82
CA VAL C 428 13.89 -19.50 22.07
C VAL C 428 13.12 -20.46 21.16
N THR C 429 11.81 -20.58 21.42
CA THR C 429 10.93 -21.45 20.65
C THR C 429 9.59 -20.71 20.33
N GLY C 430 8.66 -21.40 19.70
CA GLY C 430 7.33 -20.90 19.37
C GLY C 430 6.25 -21.76 19.97
N TRP C 431 5.01 -21.33 19.88
CA TRP C 431 3.89 -22.02 20.52
C TRP C 431 3.23 -23.10 19.67
N ARG C 432 3.50 -23.11 18.38
CA ARG C 432 2.94 -24.11 17.47
C ARG C 432 3.95 -24.35 16.32
N PRO C 433 3.82 -25.48 15.59
CA PRO C 433 4.76 -25.74 14.48
C PRO C 433 4.60 -24.81 13.30
N GLY C 434 5.64 -24.71 12.50
CA GLY C 434 5.65 -23.84 11.35
C GLY C 434 6.40 -22.56 11.66
N SER C 435 6.86 -21.93 10.62
CA SER C 435 7.58 -20.69 10.69
C SER C 435 6.65 -19.52 11.10
N GLY C 436 7.21 -18.54 11.81
CA GLY C 436 6.48 -17.33 12.17
C GLY C 436 5.76 -17.27 13.49
N TYR C 437 5.94 -18.28 14.34
CA TYR C 437 5.27 -18.32 15.63
C TYR C 437 6.18 -18.26 16.83
N THR C 438 7.46 -17.82 16.70
CA THR C 438 8.36 -17.72 17.85
C THR C 438 7.76 -16.74 18.86
N ASN C 439 7.61 -17.16 20.13
CA ASN C 439 7.03 -16.28 21.15
C ASN C 439 7.48 -16.66 22.57
N ILE C 440 8.43 -17.60 22.73
CA ILE C 440 8.81 -18.09 24.05
C ILE C 440 10.29 -17.97 24.28
N MET C 441 10.63 -17.51 25.48
CA MET C 441 12.00 -17.45 25.91
C MET C 441 12.04 -18.20 27.27
N ARG C 442 12.88 -19.23 27.36
CA ARG C 442 13.04 -19.97 28.60
C ARG C 442 14.47 -19.87 29.06
N VAL C 443 14.67 -19.89 30.38
CA VAL C 443 15.99 -19.87 31.00
C VAL C 443 16.23 -21.29 31.50
N LEU C 444 17.19 -21.98 30.92
CA LEU C 444 17.49 -23.36 31.31
C LEU C 444 18.88 -23.50 31.95
N SER C 445 18.97 -24.36 32.94
CA SER C 445 20.24 -24.68 33.57
CA SER C 445 20.25 -24.68 33.58
C SER C 445 20.72 -25.99 32.95
N ILE C 446 21.94 -26.02 32.39
CA ILE C 446 22.46 -27.19 31.72
C ILE C 446 22.72 -28.34 32.70
N SER C 447 22.08 -29.47 32.47
CA SER C 447 22.26 -30.66 33.29
C SER C 447 22.99 -31.78 32.50
N GLY D 23 -3.07 3.20 16.90
CA GLY D 23 -3.64 4.51 16.59
C GLY D 23 -2.87 5.70 17.16
N THR D 24 -3.14 6.88 16.59
CA THR D 24 -2.49 8.11 17.03
C THR D 24 -2.94 8.54 18.43
N ALA D 25 -4.22 8.27 18.76
CA ALA D 25 -4.77 8.62 20.07
C ALA D 25 -4.05 7.91 21.19
N PHE D 26 -3.62 6.64 20.95
CA PHE D 26 -2.88 5.83 21.92
C PHE D 26 -1.61 6.55 22.36
N PHE D 27 -0.89 7.13 21.39
CA PHE D 27 0.37 7.80 21.65
C PHE D 27 0.23 9.23 22.23
N GLN D 28 -1.00 9.74 22.40
CA GLN D 28 -1.22 11.04 23.02
C GLN D 28 -1.52 10.89 24.54
N GLN D 29 -2.06 9.73 24.95
CA GLN D 29 -2.42 9.41 26.34
C GLN D 29 -1.20 8.99 27.16
N GLN D 30 -1.39 8.83 28.50
CA GLN D 30 -0.43 8.38 29.51
C GLN D 30 0.97 9.02 29.38
N GLN D 31 1.01 10.31 29.01
CA GLN D 31 2.23 11.09 28.85
C GLN D 31 3.24 10.42 27.91
N LEU D 32 2.75 9.69 26.89
CA LEU D 32 3.63 9.02 25.92
C LEU D 32 4.52 10.03 25.13
N PRO D 33 4.07 11.23 24.73
CA PRO D 33 5.01 12.20 24.13
C PRO D 33 6.18 12.55 25.08
N ALA D 34 5.91 12.75 26.39
CA ALA D 34 6.96 13.03 27.37
C ALA D 34 7.85 11.79 27.62
N ALA D 35 7.28 10.59 27.46
CA ALA D 35 7.99 9.33 27.65
C ALA D 35 9.04 9.10 26.57
N MET D 36 8.80 9.61 25.36
CA MET D 36 9.74 9.44 24.24
C MET D 36 10.91 10.44 24.25
N ALA D 37 10.89 11.45 25.12
CA ALA D 37 11.93 12.47 25.16
C ALA D 37 13.33 11.93 25.41
N ASP D 38 14.32 12.56 24.75
CA ASP D 38 15.72 12.13 24.86
C ASP D 38 16.42 12.61 26.12
N THR D 39 15.90 13.63 26.79
CA THR D 39 16.46 14.12 28.04
C THR D 39 15.34 14.30 29.06
N PHE D 40 15.69 14.34 30.36
CA PHE D 40 14.71 14.60 31.41
C PHE D 40 14.13 16.00 31.28
N LEU D 41 14.94 16.99 30.86
CA LEU D 41 14.48 18.37 30.68
C LEU D 41 13.40 18.43 29.57
N GLU D 42 13.63 17.76 28.46
CA GLU D 42 12.64 17.69 27.37
C GLU D 42 11.38 16.93 27.81
N HIS D 43 11.56 15.89 28.67
CA HIS D 43 10.47 15.10 29.26
C HIS D 43 9.58 16.06 30.07
N LEU D 44 10.16 16.93 30.91
CA LEU D 44 9.38 17.89 31.69
C LEU D 44 8.61 18.83 30.77
N CYS D 45 9.30 19.37 29.75
CA CYS D 45 8.72 20.29 28.78
C CYS D 45 7.54 19.70 28.02
N LEU D 46 7.50 18.37 27.84
CA LEU D 46 6.42 17.70 27.14
C LEU D 46 5.28 17.18 28.02
N LEU D 47 5.33 17.40 29.36
CA LEU D 47 4.25 16.94 30.24
C LEU D 47 2.99 17.71 29.89
N ASP D 48 1.87 17.01 29.80
CA ASP D 48 0.63 17.59 29.31
C ASP D 48 -0.56 17.30 30.24
N ILE D 49 -1.19 18.33 30.76
CA ILE D 49 -2.34 18.18 31.63
C ILE D 49 -3.57 17.58 30.89
N ASP D 50 -3.57 17.60 29.55
CA ASP D 50 -4.63 17.01 28.76
C ASP D 50 -4.35 15.55 28.39
N SER D 51 -3.16 15.01 28.71
CA SER D 51 -2.81 13.63 28.42
C SER D 51 -3.35 12.79 29.58
N GLU D 52 -4.46 12.08 29.35
CA GLU D 52 -5.12 11.32 30.40
C GLU D 52 -4.45 10.01 30.78
N PRO D 53 -4.41 9.70 32.09
CA PRO D 53 -3.82 8.41 32.50
C PRO D 53 -4.71 7.25 32.04
N VAL D 54 -4.11 6.19 31.54
CA VAL D 54 -4.86 5.03 31.03
C VAL D 54 -4.60 3.80 31.90
N ALA D 55 -3.36 3.60 32.31
CA ALA D 55 -2.95 2.46 33.12
C ALA D 55 -3.62 2.43 34.49
N ALA D 56 -3.73 1.25 35.07
CA ALA D 56 -4.27 1.10 36.41
C ALA D 56 -3.23 1.69 37.39
N ARG D 57 -3.72 2.28 38.50
CA ARG D 57 -2.88 2.90 39.51
C ARG D 57 -2.04 1.85 40.21
N SER D 58 -0.74 2.01 40.17
CA SER D 58 0.22 1.03 40.65
C SER D 58 0.82 1.25 42.04
N THR D 59 0.81 2.48 42.59
CA THR D 59 1.32 2.72 43.94
C THR D 59 0.22 2.33 44.93
N SER D 60 0.48 1.43 45.87
CA SER D 60 -0.55 1.01 46.84
CA SER D 60 -0.54 0.99 46.82
C SER D 60 -0.88 2.06 47.84
N ILE D 61 -2.13 2.04 48.31
CA ILE D 61 -2.57 2.97 49.32
C ILE D 61 -2.76 2.21 50.63
N ILE D 62 -2.09 2.66 51.68
CA ILE D 62 -2.26 2.09 53.01
C ILE D 62 -3.18 3.07 53.77
N ALA D 63 -4.31 2.58 54.29
CA ALA D 63 -5.21 3.43 55.05
C ALA D 63 -5.24 2.97 56.50
N THR D 64 -5.01 3.89 57.43
CA THR D 64 -5.06 3.57 58.85
C THR D 64 -6.52 3.44 59.30
N ILE D 65 -6.83 2.33 60.00
CA ILE D 65 -8.18 2.06 60.50
C ILE D 65 -8.42 2.76 61.85
N GLY D 66 -9.57 3.37 61.98
CA GLY D 66 -9.96 4.02 63.23
C GLY D 66 -11.45 4.26 63.30
N PRO D 67 -11.87 5.12 64.25
CA PRO D 67 -13.30 5.43 64.37
C PRO D 67 -13.99 5.90 63.08
N ALA D 68 -13.27 6.63 62.22
CA ALA D 68 -13.84 7.12 60.96
C ALA D 68 -13.91 6.04 59.85
N SER D 69 -13.26 4.89 60.06
CA SER D 69 -13.18 3.88 59.00
C SER D 69 -13.38 2.44 59.46
N ARG D 70 -14.08 2.21 60.58
CA ARG D 70 -14.29 0.85 61.07
C ARG D 70 -15.60 0.24 60.64
N SER D 71 -16.57 1.06 60.24
CA SER D 71 -17.85 0.58 59.78
C SER D 71 -17.66 -0.36 58.58
N VAL D 72 -18.25 -1.57 58.58
CA VAL D 72 -18.17 -2.50 57.45
C VAL D 72 -18.63 -1.82 56.14
N GLU D 73 -19.70 -1.00 56.19
CA GLU D 73 -20.18 -0.29 55.01
C GLU D 73 -19.22 0.79 54.52
N ARG D 74 -18.57 1.47 55.44
CA ARG D 74 -17.60 2.50 55.07
C ARG D 74 -16.30 1.79 54.53
N LEU D 75 -15.87 0.67 55.10
CA LEU D 75 -14.71 -0.07 54.61
C LEU D 75 -14.94 -0.59 53.20
N LYS D 76 -16.20 -0.96 52.85
CA LYS D 76 -16.54 -1.38 51.49
C LYS D 76 -16.32 -0.23 50.52
N GLU D 77 -16.65 1.00 50.93
CA GLU D 77 -16.47 2.19 50.11
C GLU D 77 -14.99 2.48 49.91
N MET D 78 -14.16 2.31 50.96
CA MET D 78 -12.72 2.55 50.86
CA MET D 78 -12.69 2.51 50.93
C MET D 78 -12.05 1.49 49.98
N ILE D 79 -12.52 0.24 50.01
CA ILE D 79 -11.97 -0.80 49.14
C ILE D 79 -12.25 -0.41 47.68
N LYS D 80 -13.48 0.03 47.40
CA LYS D 80 -13.86 0.47 46.05
C LYS D 80 -13.07 1.73 45.61
N ALA D 81 -12.75 2.66 46.55
CA ALA D 81 -11.98 3.88 46.30
C ALA D 81 -10.49 3.59 46.04
N GLY D 82 -9.99 2.43 46.49
CA GLY D 82 -8.60 2.08 46.24
C GLY D 82 -7.72 1.64 47.40
N MET D 83 -8.25 1.47 48.62
CA MET D 83 -7.46 1.03 49.76
C MET D 83 -6.95 -0.40 49.50
N ASN D 84 -5.64 -0.61 49.65
CA ASN D 84 -5.04 -1.92 49.41
C ASN D 84 -4.58 -2.59 50.66
N ILE D 85 -4.15 -1.80 51.66
CA ILE D 85 -3.64 -2.29 52.92
C ILE D 85 -4.30 -1.53 54.05
N ALA D 86 -4.82 -2.23 55.05
CA ALA D 86 -5.45 -1.64 56.21
C ALA D 86 -4.41 -1.64 57.33
N ARG D 87 -4.07 -0.47 57.88
CA ARG D 87 -3.11 -0.37 58.94
C ARG D 87 -3.79 -0.28 60.33
N LEU D 88 -3.35 -1.13 61.27
CA LEU D 88 -3.87 -1.09 62.63
C LEU D 88 -2.78 -0.47 63.47
N ASN D 89 -3.03 0.71 64.01
CA ASN D 89 -2.02 1.39 64.82
C ASN D 89 -2.12 0.93 66.25
N PHE D 90 -1.20 0.06 66.71
CA PHE D 90 -1.24 -0.46 68.07
C PHE D 90 -0.77 0.54 69.14
N SER D 91 -0.54 1.82 68.78
CA SER D 91 -0.26 2.87 69.76
C SER D 91 -1.57 3.31 70.45
N HIS D 92 -2.74 3.05 69.84
CA HIS D 92 -4.08 3.37 70.34
C HIS D 92 -4.95 2.13 70.32
N GLY D 93 -5.82 1.97 71.29
CA GLY D 93 -6.75 0.85 71.34
C GLY D 93 -6.22 -0.42 71.94
N SER D 94 -7.13 -1.22 72.46
CA SER D 94 -6.83 -2.52 73.07
C SER D 94 -6.82 -3.64 72.02
N HIS D 95 -6.42 -4.86 72.43
CA HIS D 95 -6.47 -6.03 71.54
C HIS D 95 -7.91 -6.31 71.09
N GLU D 96 -8.88 -6.06 71.95
CA GLU D 96 -10.31 -6.26 71.65
C GLU D 96 -10.76 -5.32 70.55
N TYR D 97 -10.30 -4.08 70.61
CA TYR D 97 -10.60 -3.06 69.60
C TYR D 97 -9.99 -3.48 68.24
N HIS D 98 -8.72 -3.90 68.24
CA HIS D 98 -8.03 -4.30 67.02
C HIS D 98 -8.58 -5.59 66.40
N ALA D 99 -9.02 -6.56 67.23
CA ALA D 99 -9.63 -7.78 66.70
C ALA D 99 -10.93 -7.46 65.97
N GLU D 100 -11.70 -6.46 66.48
CA GLU D 100 -12.95 -6.00 65.87
C GLU D 100 -12.65 -5.31 64.54
N SER D 101 -11.56 -4.50 64.46
CA SER D 101 -11.12 -3.82 63.22
C SER D 101 -10.82 -4.88 62.16
N ILE D 102 -10.05 -5.89 62.55
CA ILE D 102 -9.67 -6.98 61.67
C ILE D 102 -10.89 -7.69 61.12
N ALA D 103 -11.85 -8.02 62.00
CA ALA D 103 -13.08 -8.71 61.59
C ALA D 103 -13.91 -7.86 60.63
N ASN D 104 -13.99 -6.54 60.88
CA ASN D 104 -14.77 -5.65 60.00
C ASN D 104 -14.10 -5.51 58.64
N VAL D 105 -12.76 -5.45 58.62
CA VAL D 105 -12.02 -5.38 57.38
C VAL D 105 -12.27 -6.65 56.57
N ARG D 106 -12.08 -7.81 57.23
CA ARG D 106 -12.30 -9.10 56.56
C ARG D 106 -13.73 -9.26 56.06
N GLU D 107 -14.72 -8.78 56.83
CA GLU D 107 -16.12 -8.88 56.40
C GLU D 107 -16.36 -8.01 55.16
N ALA D 108 -15.85 -6.77 55.15
CA ALA D 108 -16.00 -5.89 53.98
C ALA D 108 -15.28 -6.48 52.76
N VAL D 109 -14.07 -7.03 52.95
CA VAL D 109 -13.28 -7.62 51.86
C VAL D 109 -13.98 -8.84 51.27
N GLU D 110 -14.42 -9.76 52.14
CA GLU D 110 -15.08 -10.99 51.72
C GLU D 110 -16.47 -10.79 51.15
N SER D 111 -17.08 -9.60 51.32
CA SER D 111 -18.38 -9.31 50.72
C SER D 111 -18.31 -9.24 49.19
N PHE D 112 -17.10 -9.10 48.62
CA PHE D 112 -16.88 -9.06 47.17
C PHE D 112 -16.38 -10.40 46.60
N ALA D 113 -16.20 -11.45 47.45
CA ALA D 113 -15.70 -12.76 47.03
C ALA D 113 -16.65 -13.55 46.14
N GLY D 114 -17.93 -13.18 46.11
CA GLY D 114 -18.93 -13.82 45.27
C GLY D 114 -18.71 -13.61 43.77
N SER D 115 -17.92 -12.58 43.39
CA SER D 115 -17.51 -12.29 42.03
C SER D 115 -15.98 -12.42 41.96
N PRO D 116 -15.45 -13.63 41.71
CA PRO D 116 -13.99 -13.84 41.75
C PRO D 116 -13.17 -13.03 40.73
N LEU D 117 -13.77 -12.65 39.59
CA LEU D 117 -13.08 -11.86 38.57
C LEU D 117 -12.85 -10.40 38.97
N SER D 118 -13.54 -9.91 40.04
CA SER D 118 -13.34 -8.52 40.47
C SER D 118 -12.95 -8.41 41.98
N TYR D 119 -12.82 -9.52 42.70
CA TYR D 119 -12.41 -9.55 44.09
C TYR D 119 -11.04 -8.89 44.27
N ARG D 120 -10.93 -8.00 45.25
CA ARG D 120 -9.69 -7.31 45.54
C ARG D 120 -9.17 -7.72 46.89
N PRO D 121 -8.05 -8.46 46.97
CA PRO D 121 -7.48 -8.74 48.29
C PRO D 121 -7.03 -7.45 49.00
N VAL D 122 -7.08 -7.43 50.33
CA VAL D 122 -6.66 -6.30 51.12
C VAL D 122 -5.76 -6.82 52.22
N ALA D 123 -4.53 -6.32 52.35
CA ALA D 123 -3.62 -6.77 53.39
C ALA D 123 -3.96 -6.13 54.74
N ILE D 124 -3.57 -6.78 55.83
CA ILE D 124 -3.77 -6.24 57.18
C ILE D 124 -2.39 -6.10 57.78
N ALA D 125 -2.03 -4.87 58.16
CA ALA D 125 -0.73 -4.58 58.70
C ALA D 125 -0.83 -4.12 60.14
N LEU D 126 0.03 -4.62 61.00
CA LEU D 126 0.04 -4.25 62.41
C LEU D 126 1.19 -3.27 62.62
N ASP D 127 0.90 -2.06 63.07
CA ASP D 127 1.92 -1.06 63.33
C ASP D 127 2.19 -1.06 64.85
N THR D 128 3.39 -1.47 65.27
CA THR D 128 3.71 -1.58 66.69
C THR D 128 3.81 -0.23 67.42
N LYS D 129 3.60 -0.26 68.74
CA LYS D 129 3.69 0.93 69.60
C LYS D 129 5.13 1.45 69.68
N GLY D 130 6.09 0.53 69.77
CA GLY D 130 7.49 0.91 69.81
C GLY D 130 8.20 0.63 71.12
N PRO D 131 9.53 0.82 71.12
CA PRO D 131 10.31 0.53 72.33
C PRO D 131 10.27 1.60 73.41
N GLY D 132 9.93 2.84 73.05
CA GLY D 132 9.89 3.96 73.99
C GLY D 132 11.27 4.29 74.56
N SER D 133 11.36 4.41 75.91
CA SER D 133 12.64 4.67 76.58
C SER D 133 13.57 3.45 76.64
N GLY D 134 13.03 2.26 76.40
CA GLY D 134 13.78 1.01 76.46
C GLY D 134 14.74 0.78 75.31
N PRO D 135 15.70 -0.13 75.51
CA PRO D 135 16.68 -0.41 74.45
C PRO D 135 16.20 -1.36 73.35
N GLY D 136 15.57 -2.45 73.73
CA GLY D 136 15.09 -3.47 72.80
C GLY D 136 13.59 -3.53 72.65
N LEU D 137 13.06 -4.73 72.35
CA LEU D 137 11.63 -4.95 72.15
C LEU D 137 10.90 -4.86 73.49
N SER D 138 9.90 -3.98 73.58
CA SER D 138 9.12 -3.81 74.80
C SER D 138 8.20 -5.01 75.06
N GLU D 139 7.73 -5.18 76.31
CA GLU D 139 6.85 -6.29 76.64
C GLU D 139 5.49 -6.17 75.98
N GLN D 140 5.01 -4.93 75.76
CA GLN D 140 3.75 -4.71 75.06
C GLN D 140 3.90 -5.12 73.59
N ASP D 141 5.04 -4.81 72.96
CA ASP D 141 5.31 -5.21 71.57
C ASP D 141 5.34 -6.72 71.44
N VAL D 142 5.92 -7.45 72.43
CA VAL D 142 5.91 -8.91 72.39
C VAL D 142 4.47 -9.46 72.43
N ARG D 143 3.61 -8.88 73.26
CA ARG D 143 2.21 -9.27 73.35
C ARG D 143 1.42 -8.93 72.07
N ASP D 144 1.68 -7.75 71.49
CA ASP D 144 1.01 -7.29 70.28
C ASP D 144 1.42 -8.11 69.05
N LEU D 145 2.70 -8.51 68.99
CA LEU D 145 3.20 -9.33 67.89
C LEU D 145 2.58 -10.71 67.96
N ARG D 146 2.41 -11.28 69.17
CA ARG D 146 1.75 -12.59 69.29
CA ARG D 146 1.77 -12.59 69.29
C ARG D 146 0.28 -12.49 68.89
N PHE D 147 -0.38 -11.36 69.22
CA PHE D 147 -1.77 -11.12 68.81
C PHE D 147 -1.85 -11.13 67.26
N GLY D 148 -0.89 -10.48 66.61
CA GLY D 148 -0.83 -10.42 65.17
C GLY D 148 -0.72 -11.78 64.51
N VAL D 149 0.15 -12.64 65.04
CA VAL D 149 0.30 -14.00 64.53
C VAL D 149 -1.00 -14.78 64.73
N GLU D 150 -1.61 -14.70 65.93
CA GLU D 150 -2.87 -15.39 66.21
C GLU D 150 -4.02 -14.90 65.38
N HIS D 151 -3.99 -13.63 64.96
CA HIS D 151 -5.06 -13.08 64.10
C HIS D 151 -4.72 -13.08 62.60
N GLY D 152 -3.61 -13.69 62.21
CA GLY D 152 -3.20 -13.81 60.82
C GLY D 152 -2.90 -12.54 60.05
N VAL D 153 -2.21 -11.57 60.70
CA VAL D 153 -1.85 -10.33 60.00
C VAL D 153 -0.79 -10.65 58.92
N ASP D 154 -0.73 -9.84 57.87
CA ASP D 154 0.17 -10.07 56.76
C ASP D 154 1.50 -9.36 56.90
N ILE D 155 1.47 -8.19 57.51
CA ILE D 155 2.63 -7.32 57.62
C ILE D 155 2.76 -6.74 59.01
N VAL D 156 3.99 -6.48 59.44
CA VAL D 156 4.27 -5.77 60.67
C VAL D 156 5.04 -4.50 60.27
N PHE D 157 4.57 -3.32 60.69
CA PHE D 157 5.32 -2.09 60.49
C PHE D 157 5.98 -1.93 61.85
N ALA D 158 7.27 -2.31 61.96
CA ALA D 158 8.01 -2.27 63.24
C ALA D 158 8.49 -0.86 63.57
N SER D 159 7.94 -0.26 64.64
CA SER D 159 8.31 1.09 65.03
C SER D 159 9.73 1.22 65.57
N PHE D 160 10.34 2.39 65.33
CA PHE D 160 11.66 2.81 65.81
C PHE D 160 12.75 1.73 65.67
N VAL D 161 12.94 1.20 64.45
CA VAL D 161 14.00 0.24 64.21
C VAL D 161 15.31 1.05 64.10
N ARG D 162 16.30 0.72 64.94
CA ARG D 162 17.59 1.40 64.99
C ARG D 162 18.76 0.53 64.55
N LYS D 163 18.57 -0.80 64.43
CA LYS D 163 19.66 -1.70 64.09
C LYS D 163 19.12 -3.05 63.62
N ALA D 164 19.96 -3.91 63.04
CA ALA D 164 19.53 -5.22 62.56
C ALA D 164 18.99 -6.10 63.70
N SER D 165 19.55 -5.98 64.92
CA SER D 165 19.08 -6.80 66.05
C SER D 165 17.64 -6.46 66.46
N ASP D 166 17.16 -5.25 66.16
CA ASP D 166 15.77 -4.88 66.43
C ASP D 166 14.84 -5.69 65.50
N VAL D 167 15.24 -5.91 64.24
CA VAL D 167 14.47 -6.69 63.29
C VAL D 167 14.47 -8.16 63.71
N ALA D 168 15.61 -8.67 64.19
CA ALA D 168 15.72 -10.05 64.62
C ALA D 168 14.80 -10.30 65.82
N ALA D 169 14.72 -9.34 66.76
CA ALA D 169 13.85 -9.44 67.94
C ALA D 169 12.38 -9.48 67.55
N VAL D 170 11.98 -8.70 66.52
CA VAL D 170 10.59 -8.72 66.02
C VAL D 170 10.31 -10.07 65.39
N ARG D 171 11.25 -10.58 64.59
CA ARG D 171 11.15 -11.87 63.93
C ARG D 171 10.98 -12.99 64.97
N ALA D 172 11.79 -12.97 66.03
CA ALA D 172 11.76 -13.98 67.09
C ALA D 172 10.43 -13.94 67.84
N ALA D 173 9.90 -12.73 68.13
CA ALA D 173 8.60 -12.55 68.79
C ALA D 173 7.41 -13.06 67.95
N LEU D 174 7.58 -13.14 66.63
CA LEU D 174 6.55 -13.69 65.75
C LEU D 174 6.51 -15.25 65.84
N GLY D 175 7.60 -15.86 66.29
CA GLY D 175 7.70 -17.30 66.48
C GLY D 175 7.76 -18.11 65.20
N PRO D 176 7.67 -19.44 65.34
CA PRO D 176 7.72 -20.30 64.15
C PRO D 176 6.48 -20.21 63.26
N GLU D 177 5.32 -19.80 63.80
CA GLU D 177 4.12 -19.67 62.98
C GLU D 177 4.00 -18.33 62.22
N GLY D 178 4.83 -17.35 62.57
CA GLY D 178 4.79 -16.05 61.90
C GLY D 178 5.94 -15.84 60.94
N HIS D 179 6.52 -16.94 60.39
CA HIS D 179 7.65 -16.89 59.44
CA HIS D 179 7.65 -16.87 59.44
C HIS D 179 7.29 -16.18 58.12
N GLY D 180 6.03 -16.29 57.72
CA GLY D 180 5.56 -15.69 56.48
C GLY D 180 5.14 -14.24 56.57
N ILE D 181 5.05 -13.67 57.79
CA ILE D 181 4.67 -12.26 57.94
C ILE D 181 5.81 -11.36 57.44
N LYS D 182 5.49 -10.31 56.65
CA LYS D 182 6.51 -9.39 56.16
C LYS D 182 6.85 -8.35 57.22
N ILE D 183 8.12 -8.09 57.45
CA ILE D 183 8.54 -7.08 58.41
C ILE D 183 9.02 -5.83 57.66
N ILE D 184 8.29 -4.73 57.79
CA ILE D 184 8.65 -3.45 57.21
C ILE D 184 9.19 -2.59 58.36
N SER D 185 10.47 -2.27 58.34
CA SER D 185 11.08 -1.50 59.40
C SER D 185 10.81 -0.01 59.26
N LYS D 186 10.30 0.62 60.30
CA LYS D 186 10.04 2.05 60.27
C LYS D 186 11.32 2.78 60.68
N ILE D 187 11.82 3.66 59.81
CA ILE D 187 13.00 4.45 60.12
C ILE D 187 12.51 5.77 60.65
N GLU D 188 12.73 6.03 61.95
CA GLU D 188 12.15 7.19 62.61
C GLU D 188 13.15 8.10 63.32
N ASN D 189 14.45 7.80 63.28
CA ASN D 189 15.43 8.63 63.97
C ASN D 189 16.79 8.63 63.28
N HIS D 190 17.74 9.43 63.76
CA HIS D 190 19.07 9.52 63.17
C HIS D 190 19.80 8.19 63.13
N GLU D 191 19.74 7.38 64.20
CA GLU D 191 20.42 6.09 64.21
C GLU D 191 19.88 5.13 63.14
N GLY D 192 18.57 5.12 62.95
CA GLY D 192 17.96 4.30 61.92
C GLY D 192 18.42 4.68 60.53
N VAL D 193 18.59 5.99 60.28
CA VAL D 193 19.09 6.49 59.00
C VAL D 193 20.56 6.09 58.80
N LYS D 194 21.39 6.27 59.84
CA LYS D 194 22.82 5.90 59.77
C LYS D 194 23.06 4.40 59.66
N ARG D 195 22.20 3.61 60.27
CA ARG D 195 22.33 2.14 60.19
C ARG D 195 21.36 1.55 59.16
N PHE D 196 20.89 2.34 58.19
CA PHE D 196 19.92 1.95 57.17
C PHE D 196 20.30 0.68 56.43
N ASP D 197 21.54 0.60 55.90
CA ASP D 197 21.96 -0.56 55.12
C ASP D 197 21.84 -1.88 55.86
N GLU D 198 22.24 -1.92 57.13
CA GLU D 198 22.16 -3.15 57.91
C GLU D 198 20.69 -3.52 58.26
N ILE D 199 19.82 -2.49 58.40
CA ILE D 199 18.39 -2.71 58.69
C ILE D 199 17.68 -3.24 57.45
N LEU D 200 17.93 -2.63 56.28
CA LEU D 200 17.33 -3.04 55.02
C LEU D 200 17.69 -4.45 54.67
N GLU D 201 18.96 -4.83 54.91
CA GLU D 201 19.45 -6.18 54.58
C GLU D 201 18.63 -7.29 55.21
N VAL D 202 18.19 -7.10 56.46
CA VAL D 202 17.40 -8.11 57.20
C VAL D 202 15.89 -7.86 57.22
N SER D 203 15.43 -6.75 56.65
CA SER D 203 14.01 -6.42 56.61
C SER D 203 13.41 -6.81 55.25
N ASP D 204 12.08 -6.94 55.19
CA ASP D 204 11.41 -7.16 53.91
C ASP D 204 11.23 -5.84 53.14
N GLY D 205 11.23 -4.72 53.86
CA GLY D 205 11.04 -3.40 53.30
C GLY D 205 11.18 -2.33 54.36
N ILE D 206 10.91 -1.07 53.99
CA ILE D 206 11.11 0.07 54.86
C ILE D 206 9.94 1.04 54.81
N MET D 207 9.65 1.70 55.93
CA MET D 207 8.69 2.77 55.97
C MET D 207 9.47 4.05 56.35
N VAL D 208 9.35 5.13 55.56
CA VAL D 208 9.95 6.41 55.88
C VAL D 208 8.91 7.06 56.77
N ALA D 209 9.09 6.92 58.10
CA ALA D 209 8.12 7.40 59.08
C ALA D 209 8.45 8.85 59.38
N ARG D 210 7.98 9.75 58.52
CA ARG D 210 8.31 11.19 58.54
C ARG D 210 7.89 11.95 59.77
N GLY D 211 6.84 11.50 60.45
CA GLY D 211 6.37 12.15 61.68
C GLY D 211 7.44 12.23 62.75
N ASP D 212 7.91 11.05 63.21
CA ASP D 212 8.95 11.03 64.22
C ASP D 212 10.29 11.49 63.66
N LEU D 213 10.60 11.12 62.41
CA LEU D 213 11.84 11.50 61.77
C LEU D 213 12.02 13.03 61.76
N GLY D 214 10.93 13.76 61.51
CA GLY D 214 10.92 15.23 61.48
C GLY D 214 11.11 15.92 62.83
N ILE D 215 11.00 15.17 63.92
CA ILE D 215 11.20 15.62 65.31
C ILE D 215 12.61 15.18 65.77
N GLU D 216 13.08 14.01 65.31
CA GLU D 216 14.38 13.44 65.66
C GLU D 216 15.54 14.12 64.94
N ILE D 217 15.31 14.55 63.68
CA ILE D 217 16.31 15.25 62.85
C ILE D 217 15.70 16.59 62.40
N PRO D 218 16.50 17.59 61.95
CA PRO D 218 15.91 18.86 61.51
C PRO D 218 14.86 18.63 60.42
N ALA D 219 13.73 19.33 60.52
CA ALA D 219 12.61 19.18 59.59
C ALA D 219 13.03 19.39 58.14
N GLU D 220 13.96 20.31 57.90
CA GLU D 220 14.44 20.61 56.55
C GLU D 220 15.36 19.52 55.96
N LYS D 221 15.69 18.49 56.71
CA LYS D 221 16.52 17.38 56.22
C LYS D 221 15.69 16.11 55.92
N VAL D 222 14.41 16.04 56.35
CA VAL D 222 13.58 14.85 56.13
C VAL D 222 13.49 14.44 54.67
N PHE D 223 13.36 15.40 53.74
CA PHE D 223 13.27 15.08 52.31
C PHE D 223 14.53 14.36 51.80
N LEU D 224 15.72 14.65 52.38
CA LEU D 224 16.96 13.99 51.96
C LEU D 224 16.93 12.53 52.40
N ALA D 225 16.45 12.27 53.63
CA ALA D 225 16.36 10.93 54.19
C ALA D 225 15.30 10.13 53.38
N GLN D 226 14.17 10.75 53.04
CA GLN D 226 13.13 10.09 52.24
C GLN D 226 13.69 9.69 50.88
N LYS D 227 14.32 10.65 50.15
CA LYS D 227 14.87 10.39 48.83
C LYS D 227 15.95 9.35 48.85
N MET D 228 16.83 9.38 49.86
CA MET D 228 17.92 8.40 49.98
C MET D 228 17.33 7.01 50.20
N MET D 229 16.42 6.87 51.19
CA MET D 229 15.84 5.57 51.52
C MET D 229 15.04 4.98 50.36
N ILE D 230 14.29 5.81 49.63
CA ILE D 230 13.52 5.33 48.48
C ILE D 230 14.50 4.82 47.40
N GLY D 231 15.56 5.58 47.15
CA GLY D 231 16.58 5.19 46.18
C GLY D 231 17.25 3.88 46.54
N ARG D 232 17.67 3.72 47.81
CA ARG D 232 18.32 2.47 48.24
C ARG D 232 17.37 1.27 48.24
N CYS D 233 16.08 1.48 48.56
CA CYS D 233 15.10 0.39 48.48
C CYS D 233 14.83 0.01 47.05
N ASN D 234 14.77 0.99 46.14
CA ASN D 234 14.57 0.70 44.71
C ASN D 234 15.76 -0.10 44.18
N LEU D 235 16.99 0.27 44.58
CA LEU D 235 18.19 -0.43 44.17
C LEU D 235 18.17 -1.88 44.72
N ALA D 236 17.74 -2.06 45.98
CA ALA D 236 17.65 -3.40 46.59
C ALA D 236 16.46 -4.23 46.09
N GLY D 237 15.50 -3.59 45.41
CA GLY D 237 14.29 -4.29 44.96
C GLY D 237 13.37 -4.64 46.12
N LYS D 238 13.37 -3.80 47.20
CA LYS D 238 12.54 -4.06 48.37
C LYS D 238 11.52 -2.93 48.56
N PRO D 239 10.29 -3.26 49.00
CA PRO D 239 9.26 -2.22 49.14
C PRO D 239 9.60 -1.07 50.06
N VAL D 240 9.18 0.14 49.66
CA VAL D 240 9.39 1.33 50.48
C VAL D 240 8.08 2.09 50.58
N VAL D 241 7.70 2.47 51.81
CA VAL D 241 6.45 3.17 52.06
C VAL D 241 6.74 4.62 52.45
N CYS D 242 6.06 5.59 51.81
CA CYS D 242 6.18 6.98 52.25
C CYS D 242 4.98 7.23 53.18
N ALA D 243 5.23 7.79 54.37
CA ALA D 243 4.17 7.98 55.33
C ALA D 243 4.18 9.34 56.01
N THR D 244 3.00 9.74 56.55
CA THR D 244 2.70 10.84 57.48
C THR D 244 2.53 12.22 56.85
N GLN D 245 1.35 12.79 57.12
CA GLN D 245 0.90 14.13 56.75
C GLN D 245 0.85 14.35 55.26
N MET D 246 0.68 13.27 54.46
CA MET D 246 0.63 13.43 53.01
C MET D 246 -0.57 14.26 52.57
N LEU D 247 -1.75 14.05 53.20
CA LEU D 247 -2.95 14.85 52.88
C LEU D 247 -3.58 15.34 54.20
N GLU D 248 -2.75 15.74 55.18
CA GLU D 248 -3.16 16.16 56.53
C GLU D 248 -4.37 17.06 56.60
N SER D 249 -4.43 18.13 55.80
CA SER D 249 -5.55 19.05 55.81
C SER D 249 -6.89 18.39 55.49
N MET D 250 -6.88 17.22 54.81
CA MET D 250 -8.12 16.49 54.51
C MET D 250 -8.75 15.80 55.73
N ILE D 251 -8.12 15.94 56.92
CA ILE D 251 -8.73 15.47 58.15
C ILE D 251 -10.00 16.31 58.42
N THR D 252 -9.96 17.62 58.11
CA THR D 252 -11.09 18.52 58.33
C THR D 252 -11.63 19.17 57.06
N LYS D 253 -10.82 19.27 55.99
CA LYS D 253 -11.24 19.91 54.74
C LYS D 253 -11.49 18.93 53.59
N PRO D 254 -12.43 19.23 52.70
CA PRO D 254 -12.75 18.27 51.62
C PRO D 254 -11.70 18.20 50.51
N ARG D 255 -10.84 19.22 50.40
CA ARG D 255 -9.80 19.30 49.37
C ARG D 255 -8.46 19.53 50.03
N PRO D 256 -7.40 18.90 49.53
CA PRO D 256 -6.06 19.10 50.14
C PRO D 256 -5.38 20.42 49.68
N THR D 257 -4.28 20.79 50.33
CA THR D 257 -3.52 21.96 49.95
C THR D 257 -2.65 21.66 48.71
N ARG D 258 -2.10 22.71 48.07
CA ARG D 258 -1.24 22.51 46.90
C ARG D 258 0.06 21.77 47.28
N ALA D 259 0.56 21.99 48.50
CA ALA D 259 1.75 21.30 48.97
C ALA D 259 1.50 19.79 49.18
N GLU D 260 0.29 19.43 49.64
CA GLU D 260 -0.10 18.05 49.89
C GLU D 260 -0.22 17.24 48.61
N THR D 261 -0.86 17.75 47.56
CA THR D 261 -0.95 17.02 46.30
C THR D 261 0.43 16.87 45.69
N SER D 262 1.29 17.89 45.79
CA SER D 262 2.64 17.82 45.27
C SER D 262 3.47 16.79 46.05
N ASP D 263 3.29 16.69 47.38
CA ASP D 263 3.97 15.71 48.21
C ASP D 263 3.64 14.25 47.78
N VAL D 264 2.35 13.97 47.50
CA VAL D 264 1.93 12.63 47.06
C VAL D 264 2.55 12.33 45.70
N ALA D 265 2.45 13.27 44.76
CA ALA D 265 2.98 13.11 43.42
C ALA D 265 4.49 12.90 43.43
N ASN D 266 5.19 13.64 44.30
CA ASN D 266 6.63 13.54 44.41
C ASN D 266 7.08 12.28 45.10
N ALA D 267 6.27 11.71 46.01
CA ALA D 267 6.65 10.43 46.65
C ALA D 267 6.63 9.32 45.58
N VAL D 268 5.62 9.34 44.67
CA VAL D 268 5.51 8.42 43.55
C VAL D 268 6.68 8.63 42.56
N LEU D 269 6.98 9.90 42.19
CA LEU D 269 8.09 10.19 41.30
C LEU D 269 9.46 9.83 41.92
N ASP D 270 9.60 9.88 43.27
CA ASP D 270 10.82 9.51 43.95
C ASP D 270 11.08 7.98 43.79
N GLY D 271 10.00 7.19 43.73
CA GLY D 271 10.07 5.75 43.59
C GLY D 271 9.37 4.96 44.66
N ALA D 272 8.51 5.62 45.49
CA ALA D 272 7.82 4.88 46.57
C ALA D 272 6.90 3.80 46.04
N ASP D 273 6.89 2.65 46.69
CA ASP D 273 5.98 1.56 46.32
C ASP D 273 4.60 1.82 46.89
N CYS D 274 4.52 2.35 48.12
CA CYS D 274 3.27 2.62 48.82
C CYS D 274 3.23 4.02 49.35
N ILE D 275 2.02 4.56 49.45
CA ILE D 275 1.76 5.84 50.09
C ILE D 275 0.74 5.56 51.21
N MET D 276 0.81 6.33 52.31
CA MET D 276 -0.02 6.06 53.46
C MET D 276 -0.87 7.24 53.91
N LEU D 277 -2.01 6.91 54.52
CA LEU D 277 -2.93 7.84 55.15
C LEU D 277 -3.03 7.43 56.62
N SER D 278 -2.89 8.38 57.54
CA SER D 278 -3.00 8.12 58.97
C SER D 278 -4.31 8.72 59.51
N GLY D 279 -4.28 9.90 60.10
CA GLY D 279 -5.47 10.57 60.62
C GLY D 279 -6.50 10.82 59.55
N GLU D 280 -6.06 11.02 58.29
CA GLU D 280 -6.95 11.24 57.15
C GLU D 280 -8.01 10.17 57.03
N THR D 281 -7.67 8.89 57.31
CA THR D 281 -8.65 7.81 57.28
C THR D 281 -9.04 7.30 58.65
N ALA D 282 -8.15 7.41 59.66
CA ALA D 282 -8.44 6.88 60.99
C ALA D 282 -9.45 7.72 61.76
N LYS D 283 -9.36 9.05 61.67
CA LYS D 283 -10.21 9.91 62.47
C LYS D 283 -10.84 11.08 61.75
N GLY D 284 -10.46 11.33 60.51
CA GLY D 284 -10.96 12.48 59.78
C GLY D 284 -12.38 12.38 59.31
N ASN D 285 -12.88 13.46 58.70
CA ASN D 285 -14.23 13.50 58.16
C ASN D 285 -14.33 13.10 56.68
N PHE D 286 -13.18 12.88 56.01
CA PHE D 286 -13.11 12.55 54.60
C PHE D 286 -12.28 11.28 54.35
N PRO D 287 -12.52 10.13 55.04
CA PRO D 287 -11.66 8.97 54.80
C PRO D 287 -11.72 8.39 53.39
N VAL D 288 -12.93 8.23 52.83
CA VAL D 288 -13.09 7.73 51.47
C VAL D 288 -12.55 8.72 50.46
N GLU D 289 -12.74 10.04 50.68
CA GLU D 289 -12.24 11.04 49.74
C GLU D 289 -10.73 11.17 49.79
N ALA D 290 -10.12 10.93 50.95
CA ALA D 290 -8.66 10.97 51.07
C ALA D 290 -8.05 9.81 50.24
N VAL D 291 -8.69 8.64 50.27
CA VAL D 291 -8.27 7.49 49.48
C VAL D 291 -8.44 7.82 47.98
N LYS D 292 -9.59 8.41 47.59
CA LYS D 292 -9.82 8.79 46.19
C LYS D 292 -8.81 9.82 45.71
N MET D 293 -8.43 10.79 46.54
CA MET D 293 -7.45 11.80 46.19
C MET D 293 -6.05 11.19 45.98
N GLN D 294 -5.62 10.31 46.88
CA GLN D 294 -4.33 9.62 46.72
C GLN D 294 -4.34 8.77 45.45
N HIS D 295 -5.47 8.11 45.17
CA HIS D 295 -5.60 7.31 43.95
C HIS D 295 -5.46 8.18 42.70
N ALA D 296 -6.17 9.32 42.66
CA ALA D 296 -6.15 10.23 41.53
C ALA D 296 -4.75 10.79 41.28
N ILE D 297 -4.05 11.22 42.35
CA ILE D 297 -2.71 11.80 42.21
C ILE D 297 -1.70 10.76 41.74
N ALA D 298 -1.68 9.58 42.38
CA ALA D 298 -0.76 8.51 42.04
C ALA D 298 -0.86 8.11 40.59
N ARG D 299 -2.07 8.00 40.04
CA ARG D 299 -2.28 7.67 38.64
C ARG D 299 -1.64 8.69 37.70
N GLU D 300 -1.80 9.99 38.03
CA GLU D 300 -1.23 11.05 37.22
C GLU D 300 0.31 11.00 37.29
N ALA D 301 0.85 10.82 38.50
CA ALA D 301 2.29 10.79 38.72
C ALA D 301 2.96 9.58 38.07
N GLU D 302 2.31 8.42 38.07
CA GLU D 302 2.86 7.23 37.45
C GLU D 302 3.00 7.35 35.95
N ALA D 303 2.08 8.05 35.28
CA ALA D 303 2.20 8.27 33.85
C ALA D 303 3.34 9.23 33.53
N ALA D 304 3.63 10.19 34.44
CA ALA D 304 4.72 11.16 34.31
C ALA D 304 6.11 10.59 34.65
N VAL D 305 6.21 9.32 35.06
CA VAL D 305 7.50 8.70 35.36
C VAL D 305 8.33 8.61 34.06
N TYR D 306 9.63 8.93 34.12
CA TYR D 306 10.49 8.89 32.95
C TYR D 306 11.13 7.50 32.87
N HIS D 307 10.37 6.50 32.39
CA HIS D 307 10.81 5.11 32.28
C HIS D 307 12.07 4.92 31.47
N ARG D 308 12.31 5.76 30.44
CA ARG D 308 13.53 5.66 29.64
C ARG D 308 14.81 5.66 30.49
N GLN D 309 14.95 6.64 31.41
CA GLN D 309 16.12 6.67 32.27
C GLN D 309 15.98 5.75 33.47
N LEU D 310 14.79 5.68 34.06
CA LEU D 310 14.55 4.81 35.22
C LEU D 310 14.89 3.32 34.94
N PHE D 311 14.38 2.76 33.83
CA PHE D 311 14.66 1.36 33.48
C PHE D 311 16.15 1.15 33.23
N GLU D 312 16.78 2.06 32.47
CA GLU D 312 18.20 2.01 32.14
C GLU D 312 19.04 1.99 33.41
N GLU D 313 18.71 2.86 34.38
CA GLU D 313 19.44 2.90 35.64
C GLU D 313 19.21 1.72 36.53
N LEU D 314 17.96 1.19 36.57
CA LEU D 314 17.70 0.00 37.40
C LEU D 314 18.42 -1.21 36.81
N ARG D 315 18.46 -1.33 35.48
CA ARG D 315 19.17 -2.42 34.79
C ARG D 315 20.66 -2.34 35.09
N ARG D 316 21.24 -1.13 34.95
CA ARG D 316 22.66 -0.92 35.14
C ARG D 316 23.09 -1.20 36.56
N ALA D 317 22.26 -0.77 37.53
CA ALA D 317 22.61 -0.93 38.94
C ALA D 317 22.42 -2.35 39.43
N ALA D 318 21.51 -3.11 38.82
CA ALA D 318 21.26 -4.47 39.24
C ALA D 318 22.41 -5.35 38.81
N PRO D 319 22.94 -6.15 39.74
CA PRO D 319 24.09 -7.01 39.38
C PRO D 319 23.68 -8.18 38.48
N LEU D 320 24.68 -8.86 37.90
CA LEU D 320 24.45 -10.07 37.10
C LEU D 320 23.83 -11.14 38.00
N SER D 321 22.97 -11.97 37.45
CA SER D 321 22.32 -12.99 38.25
C SER D 321 22.26 -14.32 37.56
N ARG D 322 22.41 -15.40 38.33
CA ARG D 322 22.24 -16.76 37.79
C ARG D 322 20.90 -17.39 38.22
N ASP D 323 20.02 -16.60 38.88
CA ASP D 323 18.72 -17.06 39.31
C ASP D 323 17.77 -16.92 38.12
N PRO D 324 17.18 -18.03 37.66
CA PRO D 324 16.27 -17.96 36.50
C PRO D 324 15.05 -17.05 36.67
N THR D 325 14.54 -16.88 37.89
CA THR D 325 13.40 -15.98 38.12
C THR D 325 13.82 -14.54 37.80
N GLU D 326 15.00 -14.15 38.28
CA GLU D 326 15.55 -12.83 38.08
C GLU D 326 15.87 -12.57 36.60
N VAL D 327 16.44 -13.59 35.92
CA VAL D 327 16.78 -13.51 34.49
C VAL D 327 15.51 -13.40 33.64
N THR D 328 14.48 -14.19 33.96
CA THR D 328 13.20 -14.14 33.26
C THR D 328 12.53 -12.79 33.46
N ALA D 329 12.58 -12.26 34.70
CA ALA D 329 11.97 -10.97 35.04
C ALA D 329 12.47 -9.81 34.18
N ILE D 330 13.80 -9.69 33.99
CA ILE D 330 14.34 -8.60 33.17
C ILE D 330 14.03 -8.81 31.69
N GLY D 331 14.03 -10.06 31.22
CA GLY D 331 13.66 -10.39 29.86
C GLY D 331 12.21 -10.00 29.60
N ALA D 332 11.30 -10.30 30.53
CA ALA D 332 9.87 -10.02 30.42
C ALA D 332 9.59 -8.52 30.46
N VAL D 333 10.32 -7.75 31.28
CA VAL D 333 10.14 -6.30 31.37
C VAL D 333 10.64 -5.64 30.07
N GLU D 334 11.76 -6.11 29.54
CA GLU D 334 12.30 -5.61 28.28
CA GLU D 334 12.30 -5.62 28.27
C GLU D 334 11.33 -5.91 27.13
N ALA D 335 10.76 -7.13 27.11
CA ALA D 335 9.78 -7.54 26.10
C ALA D 335 8.50 -6.69 26.23
N ALA D 336 8.06 -6.37 27.44
CA ALA D 336 6.86 -5.58 27.66
C ALA D 336 7.05 -4.16 27.12
N PHE D 337 8.23 -3.56 27.33
CA PHE D 337 8.51 -2.23 26.81
C PHE D 337 8.57 -2.23 25.27
N LYS D 338 9.10 -3.29 24.67
CA LYS D 338 9.22 -3.40 23.22
C LYS D 338 7.89 -3.35 22.47
N CYS D 339 6.86 -3.99 23.03
CA CYS D 339 5.56 -4.06 22.38
C CYS D 339 4.49 -3.21 23.03
N CYS D 340 4.82 -2.41 24.06
CA CYS D 340 3.83 -1.62 24.80
C CYS D 340 2.78 -2.56 25.38
N ALA D 341 3.24 -3.70 25.97
CA ALA D 341 2.34 -4.71 26.52
C ALA D 341 1.37 -4.09 27.53
N ALA D 342 0.10 -4.44 27.46
CA ALA D 342 -0.90 -3.92 28.39
C ALA D 342 -0.65 -4.48 29.80
N ALA D 343 -0.11 -5.72 29.88
CA ALA D 343 0.15 -6.34 31.16
C ALA D 343 1.21 -7.45 31.09
N ILE D 344 1.81 -7.77 32.23
CA ILE D 344 2.69 -8.92 32.42
C ILE D 344 1.89 -9.80 33.38
N ILE D 345 1.40 -10.97 32.92
CA ILE D 345 0.66 -11.86 33.78
C ILE D 345 1.64 -12.88 34.36
N VAL D 346 1.77 -12.94 35.69
CA VAL D 346 2.72 -13.84 36.33
C VAL D 346 2.01 -14.78 37.31
N LEU D 347 2.42 -16.05 37.32
CA LEU D 347 1.90 -17.02 38.28
C LEU D 347 2.89 -17.02 39.42
N THR D 348 2.39 -16.88 40.67
CA THR D 348 3.29 -16.82 41.82
C THR D 348 2.67 -17.48 43.04
N THR D 349 3.50 -18.15 43.87
CA THR D 349 3.06 -18.83 45.08
C THR D 349 3.37 -17.93 46.28
N THR D 350 4.59 -17.38 46.35
CA THR D 350 5.00 -16.54 47.46
C THR D 350 4.91 -15.03 47.13
N GLY D 351 4.76 -14.67 45.85
CA GLY D 351 4.80 -13.29 45.40
C GLY D 351 6.15 -12.87 44.81
N ARG D 352 7.19 -13.69 45.04
CA ARG D 352 8.55 -13.37 44.61
C ARG D 352 8.72 -13.09 43.13
N SER D 353 8.13 -13.91 42.25
CA SER D 353 8.25 -13.67 40.80
C SER D 353 7.66 -12.32 40.41
N ALA D 354 6.57 -11.90 41.07
CA ALA D 354 5.94 -10.61 40.81
C ALA D 354 6.81 -9.47 41.34
N GLN D 355 7.46 -9.66 42.51
CA GLN D 355 8.34 -8.67 43.09
C GLN D 355 9.57 -8.43 42.20
N LEU D 356 10.10 -9.48 41.57
CA LEU D 356 11.26 -9.34 40.69
C LEU D 356 10.90 -8.63 39.38
N LEU D 357 9.64 -8.71 38.93
CA LEU D 357 9.19 -7.96 37.76
C LEU D 357 9.06 -6.48 38.14
N SER D 358 8.43 -6.22 39.31
CA SER D 358 8.16 -4.92 39.91
C SER D 358 9.43 -4.07 40.11
N ARG D 359 10.55 -4.69 40.46
CA ARG D 359 11.79 -3.96 40.75
C ARG D 359 12.36 -3.22 39.50
N TYR D 360 11.99 -3.67 38.29
CA TYR D 360 12.42 -3.01 37.04
C TYR D 360 11.48 -1.91 36.59
N ARG D 361 10.41 -1.66 37.35
CA ARG D 361 9.43 -0.63 37.11
C ARG D 361 8.86 -0.62 35.70
N PRO D 362 8.23 -1.73 35.28
CA PRO D 362 7.60 -1.73 33.96
C PRO D 362 6.42 -0.76 33.92
N ARG D 363 6.16 -0.20 32.74
CA ARG D 363 4.95 0.60 32.54
C ARG D 363 3.74 -0.39 32.54
N ALA D 364 3.90 -1.63 32.00
CA ALA D 364 2.86 -2.67 31.95
C ALA D 364 2.51 -3.11 33.35
N ALA D 365 1.20 -3.25 33.64
CA ALA D 365 0.70 -3.73 34.94
C ALA D 365 1.19 -5.16 35.16
N VAL D 366 1.60 -5.52 36.38
CA VAL D 366 2.01 -6.90 36.68
C VAL D 366 0.81 -7.56 37.37
N ILE D 367 0.04 -8.36 36.62
CA ILE D 367 -1.10 -9.07 37.15
C ILE D 367 -0.61 -10.40 37.74
N ALA D 368 -0.64 -10.53 39.07
CA ALA D 368 -0.13 -11.71 39.74
C ALA D 368 -1.25 -12.67 40.13
N VAL D 369 -1.29 -13.86 39.55
CA VAL D 369 -2.30 -14.86 39.86
C VAL D 369 -1.72 -15.83 40.85
N THR D 370 -2.41 -15.96 41.99
CA THR D 370 -1.93 -16.84 43.05
C THR D 370 -3.06 -17.56 43.74
N ARG D 371 -2.76 -18.74 44.31
CA ARG D 371 -3.72 -19.45 45.16
C ARG D 371 -3.54 -19.08 46.63
N SER D 372 -2.40 -18.49 47.00
CA SER D 372 -2.12 -18.10 48.36
C SER D 372 -2.82 -16.80 48.71
N ALA D 373 -3.79 -16.85 49.62
CA ALA D 373 -4.51 -15.66 50.04
C ALA D 373 -3.55 -14.66 50.71
N GLN D 374 -2.58 -15.15 51.48
CA GLN D 374 -1.59 -14.30 52.12
C GLN D 374 -0.66 -13.61 51.10
N ALA D 375 -0.15 -14.34 50.10
CA ALA D 375 0.69 -13.73 49.06
C ALA D 375 -0.10 -12.70 48.27
N ALA D 376 -1.37 -12.95 48.00
CA ALA D 376 -2.22 -11.99 47.29
C ALA D 376 -2.32 -10.67 48.08
N ARG D 377 -2.41 -10.76 49.40
CA ARG D 377 -2.44 -9.56 50.25
C ARG D 377 -1.07 -8.87 50.32
N GLN D 378 -0.01 -9.64 50.52
CA GLN D 378 1.33 -9.10 50.70
C GLN D 378 1.93 -8.43 49.46
N VAL D 379 1.59 -8.89 48.23
CA VAL D 379 2.19 -8.29 47.03
C VAL D 379 1.74 -6.85 46.77
N HIS D 380 0.75 -6.34 47.53
CA HIS D 380 0.38 -4.93 47.45
C HIS D 380 1.57 -4.04 47.88
N LEU D 381 2.55 -4.58 48.62
CA LEU D 381 3.73 -3.82 49.01
C LEU D 381 4.60 -3.45 47.81
N CYS D 382 4.50 -4.21 46.68
CA CYS D 382 5.31 -4.01 45.47
C CYS D 382 4.59 -3.20 44.45
N ARG D 383 5.18 -2.07 44.02
CA ARG D 383 4.52 -1.21 43.03
C ARG D 383 4.19 -1.92 41.74
N GLY D 384 2.98 -1.70 41.25
CA GLY D 384 2.56 -2.21 39.97
C GLY D 384 2.11 -3.65 39.97
N VAL D 385 1.99 -4.27 41.16
CA VAL D 385 1.53 -5.64 41.25
C VAL D 385 0.05 -5.65 41.64
N PHE D 386 -0.79 -6.25 40.77
CA PHE D 386 -2.23 -6.36 40.91
C PHE D 386 -2.55 -7.82 41.22
N PRO D 387 -2.78 -8.14 42.50
CA PRO D 387 -3.04 -9.54 42.88
C PRO D 387 -4.44 -10.07 42.57
N LEU D 388 -4.49 -11.30 42.05
CA LEU D 388 -5.73 -11.98 41.76
C LEU D 388 -5.69 -13.28 42.55
N LEU D 389 -6.69 -13.48 43.43
CA LEU D 389 -6.76 -14.72 44.20
C LEU D 389 -7.55 -15.78 43.42
N TYR D 390 -6.86 -16.84 43.01
CA TYR D 390 -7.44 -17.95 42.27
C TYR D 390 -7.98 -18.98 43.29
N ARG D 391 -9.26 -19.36 43.19
CA ARG D 391 -9.85 -20.24 44.19
C ARG D 391 -10.12 -21.65 43.75
N GLU D 392 -10.02 -21.96 42.45
CA GLU D 392 -10.31 -23.29 41.93
C GLU D 392 -9.31 -24.34 42.36
N PRO D 393 -9.77 -25.55 42.69
CA PRO D 393 -8.82 -26.60 43.07
C PRO D 393 -7.98 -27.03 41.86
N PRO D 394 -6.73 -27.47 42.08
CA PRO D 394 -5.87 -27.84 40.95
C PRO D 394 -6.42 -28.85 39.97
N GLU D 395 -6.22 -28.61 38.67
CA GLU D 395 -6.56 -29.52 37.57
C GLU D 395 -5.63 -30.75 37.64
N ALA D 396 -6.06 -31.88 37.06
CA ALA D 396 -5.25 -33.10 37.08
C ALA D 396 -4.00 -32.91 36.23
N ILE D 397 -4.13 -32.24 35.08
CA ILE D 397 -3.00 -31.97 34.21
C ILE D 397 -2.46 -30.57 34.56
N TRP D 398 -1.21 -30.52 35.07
CA TRP D 398 -0.58 -29.29 35.49
C TRP D 398 -0.54 -28.21 34.42
N ALA D 399 -0.26 -28.56 33.16
CA ALA D 399 -0.28 -27.58 32.07
C ALA D 399 -1.66 -26.95 31.85
N ASP D 400 -2.75 -27.69 32.13
CA ASP D 400 -4.09 -27.12 32.04
C ASP D 400 -4.38 -26.18 33.24
N ASP D 401 -3.84 -26.52 34.41
CA ASP D 401 -4.03 -25.70 35.61
C ASP D 401 -3.35 -24.34 35.42
N VAL D 402 -2.14 -24.35 34.82
CA VAL D 402 -1.36 -23.16 34.53
C VAL D 402 -2.15 -22.28 33.57
N ASP D 403 -2.66 -22.87 32.47
CA ASP D 403 -3.48 -22.21 31.44
C ASP D 403 -4.77 -21.64 31.98
N ARG D 404 -5.45 -22.35 32.89
CA ARG D 404 -6.68 -21.84 33.49
C ARG D 404 -6.37 -20.61 34.36
N ARG D 405 -5.22 -20.59 35.03
CA ARG D 405 -4.82 -19.43 35.82
C ARG D 405 -4.51 -18.20 34.97
N VAL D 406 -3.82 -18.40 33.83
CA VAL D 406 -3.49 -17.34 32.89
C VAL D 406 -4.80 -16.80 32.28
N GLN D 407 -5.75 -17.68 31.92
CA GLN D 407 -7.06 -17.23 31.42
C GLN D 407 -7.83 -16.45 32.46
N PHE D 408 -7.70 -16.84 33.72
CA PHE D 408 -8.30 -16.11 34.82
C PHE D 408 -7.75 -14.66 34.91
N GLY D 409 -6.43 -14.51 34.77
CA GLY D 409 -5.77 -13.21 34.77
C GLY D 409 -6.25 -12.36 33.62
N ILE D 410 -6.43 -12.98 32.43
CA ILE D 410 -6.95 -12.30 31.24
C ILE D 410 -8.42 -11.87 31.42
N GLU D 411 -9.30 -12.77 31.89
CA GLU D 411 -10.70 -12.47 32.13
C GLU D 411 -10.89 -11.43 33.23
N SER D 412 -10.04 -11.47 34.29
CA SER D 412 -10.08 -10.46 35.34
C SER D 412 -9.67 -9.12 34.77
N GLY D 413 -8.60 -9.10 33.97
CA GLY D 413 -8.07 -7.88 33.39
C GLY D 413 -9.03 -7.24 32.41
N LYS D 414 -9.76 -8.05 31.63
CA LYS D 414 -10.75 -7.58 30.67
C LYS D 414 -11.92 -6.93 31.42
N LEU D 415 -12.42 -7.60 32.47
CA LEU D 415 -13.51 -7.07 33.27
C LEU D 415 -13.11 -5.76 33.96
N ARG D 416 -11.90 -5.70 34.51
CA ARG D 416 -11.41 -4.51 35.23
C ARG D 416 -10.90 -3.37 34.36
N GLY D 417 -10.84 -3.58 33.04
CA GLY D 417 -10.37 -2.53 32.13
C GLY D 417 -8.89 -2.52 31.81
N PHE D 418 -8.10 -3.45 32.37
CA PHE D 418 -6.65 -3.53 32.07
C PHE D 418 -6.41 -3.99 30.62
N LEU D 419 -7.27 -4.90 30.12
CA LEU D 419 -7.02 -5.52 28.82
C LEU D 419 -8.17 -5.46 27.86
N ARG D 420 -7.83 -5.40 26.58
CA ARG D 420 -8.81 -5.46 25.50
C ARG D 420 -8.33 -6.44 24.44
N VAL D 421 -9.24 -6.92 23.60
CA VAL D 421 -8.94 -7.79 22.45
C VAL D 421 -7.93 -7.06 21.54
N GLY D 422 -6.90 -7.79 21.13
CA GLY D 422 -5.86 -7.21 20.30
C GLY D 422 -4.64 -6.75 21.09
N ASP D 423 -4.75 -6.62 22.42
CA ASP D 423 -3.61 -6.24 23.24
C ASP D 423 -2.56 -7.36 23.27
N LEU D 424 -1.31 -7.00 23.47
CA LEU D 424 -0.26 -7.96 23.66
C LEU D 424 0.00 -8.03 25.16
N VAL D 425 0.29 -9.21 25.63
CA VAL D 425 0.54 -9.47 27.04
C VAL D 425 1.79 -10.40 27.17
N ILE D 426 2.60 -10.22 28.20
CA ILE D 426 3.76 -11.06 28.47
C ILE D 426 3.33 -12.01 29.60
N VAL D 427 3.49 -13.31 29.43
CA VAL D 427 3.07 -14.29 30.42
C VAL D 427 4.32 -14.97 31.03
N VAL D 428 4.44 -14.92 32.37
CA VAL D 428 5.57 -15.44 33.10
C VAL D 428 5.16 -16.62 33.96
N THR D 429 5.74 -17.79 33.64
CA THR D 429 5.43 -19.05 34.32
C THR D 429 6.76 -19.79 34.64
N GLY D 430 6.65 -20.96 35.24
CA GLY D 430 7.78 -21.83 35.56
C GLY D 430 7.67 -23.18 34.90
N TRP D 431 8.72 -24.01 35.02
CA TRP D 431 8.76 -25.31 34.36
C TRP D 431 8.19 -26.48 35.17
N ARG D 432 7.97 -26.26 36.47
CA ARG D 432 7.40 -27.30 37.33
C ARG D 432 6.59 -26.65 38.44
N PRO D 433 5.65 -27.40 39.07
CA PRO D 433 4.90 -26.82 40.19
C PRO D 433 5.79 -26.52 41.40
N GLY D 434 5.31 -25.66 42.27
CA GLY D 434 6.06 -25.24 43.44
C GLY D 434 6.75 -23.92 43.22
N SER D 435 7.06 -23.25 44.31
CA SER D 435 7.71 -21.95 44.30
CA SER D 435 7.71 -21.94 44.25
C SER D 435 9.19 -22.04 43.91
N GLY D 436 9.71 -21.02 43.24
CA GLY D 436 11.13 -20.93 42.92
C GLY D 436 11.56 -21.40 41.55
N TYR D 437 10.62 -21.79 40.69
CA TYR D 437 10.97 -22.34 39.38
C TYR D 437 10.53 -21.51 38.19
N THR D 438 10.23 -20.20 38.36
CA THR D 438 9.89 -19.34 37.22
C THR D 438 11.09 -19.29 36.24
N ASN D 439 10.84 -19.55 34.97
CA ASN D 439 11.91 -19.54 33.97
C ASN D 439 11.38 -19.30 32.53
N ILE D 440 10.10 -19.00 32.34
CA ILE D 440 9.51 -18.88 31.02
C ILE D 440 8.81 -17.55 30.83
N MET D 441 9.02 -16.93 29.68
CA MET D 441 8.39 -15.70 29.27
C MET D 441 7.71 -15.98 27.88
N ARG D 442 6.40 -15.67 27.72
CA ARG D 442 5.66 -15.86 26.46
C ARG D 442 4.90 -14.61 25.98
N VAL D 443 4.93 -14.34 24.68
CA VAL D 443 4.21 -13.19 24.12
C VAL D 443 2.85 -13.67 23.65
N LEU D 444 1.77 -13.18 24.27
CA LEU D 444 0.40 -13.59 23.98
C LEU D 444 -0.44 -12.47 23.43
N SER D 445 -1.30 -12.79 22.48
CA SER D 445 -2.23 -11.83 21.90
C SER D 445 -3.57 -12.06 22.59
N ILE D 446 -4.21 -11.00 23.07
CA ILE D 446 -5.52 -11.14 23.71
C ILE D 446 -6.62 -11.36 22.67
N SER D 447 -7.33 -12.48 22.78
CA SER D 447 -8.45 -12.79 21.89
C SER D 447 -9.80 -12.73 22.65
N ALA E 25 -34.42 -9.33 0.85
CA ALA E 25 -35.12 -8.64 -0.23
C ALA E 25 -35.39 -9.56 -1.41
N PHE E 26 -36.44 -9.22 -2.17
CA PHE E 26 -36.92 -9.85 -3.40
C PHE E 26 -35.79 -10.02 -4.41
N PHE E 27 -34.94 -8.99 -4.53
CA PHE E 27 -33.85 -8.99 -5.49
C PHE E 27 -32.63 -9.81 -5.08
N GLN E 28 -32.63 -10.41 -3.88
CA GLN E 28 -31.53 -11.29 -3.48
C GLN E 28 -31.85 -12.77 -3.75
N GLN E 29 -33.15 -13.13 -3.82
CA GLN E 29 -33.66 -14.48 -4.07
C GLN E 29 -33.63 -14.83 -5.57
N GLN E 30 -33.91 -16.11 -5.89
CA GLN E 30 -34.00 -16.72 -7.23
C GLN E 30 -32.89 -16.29 -8.21
N GLN E 31 -31.65 -16.12 -7.67
CA GLN E 31 -30.46 -15.72 -8.43
C GLN E 31 -30.67 -14.43 -9.22
N LEU E 32 -31.50 -13.50 -8.70
CA LEU E 32 -31.76 -12.23 -9.38
C LEU E 32 -30.50 -11.37 -9.57
N PRO E 33 -29.53 -11.29 -8.63
CA PRO E 33 -28.29 -10.56 -8.94
C PRO E 33 -27.57 -11.15 -10.17
N ALA E 34 -27.51 -12.49 -10.31
CA ALA E 34 -26.89 -13.15 -11.47
C ALA E 34 -27.70 -12.93 -12.75
N ALA E 35 -29.04 -12.82 -12.60
CA ALA E 35 -29.97 -12.58 -13.71
C ALA E 35 -29.77 -11.19 -14.35
N MET E 36 -29.38 -10.20 -13.56
CA MET E 36 -29.15 -8.84 -14.05
C MET E 36 -27.79 -8.61 -14.73
N ALA E 37 -26.87 -9.59 -14.66
CA ALA E 37 -25.53 -9.45 -15.23
C ALA E 37 -25.51 -9.16 -16.71
N ASP E 38 -24.55 -8.33 -17.15
CA ASP E 38 -24.43 -7.92 -18.54
C ASP E 38 -23.76 -8.96 -19.43
N THR E 39 -22.99 -9.89 -18.83
CA THR E 39 -22.35 -10.97 -19.61
C THR E 39 -22.62 -12.32 -18.94
N PHE E 40 -22.46 -13.43 -19.68
CA PHE E 40 -22.61 -14.75 -19.12
C PHE E 40 -21.52 -15.02 -18.07
N LEU E 41 -20.29 -14.53 -18.31
CA LEU E 41 -19.18 -14.68 -17.36
C LEU E 41 -19.51 -14.00 -16.04
N GLU E 42 -20.05 -12.77 -16.09
CA GLU E 42 -20.46 -12.05 -14.88
CA GLU E 42 -20.45 -12.05 -14.87
C GLU E 42 -21.63 -12.75 -14.18
N HIS E 43 -22.53 -13.37 -14.97
CA HIS E 43 -23.67 -14.13 -14.47
C HIS E 43 -23.16 -15.30 -13.66
N LEU E 44 -22.14 -16.05 -14.17
CA LEU E 44 -21.54 -17.16 -13.41
C LEU E 44 -20.95 -16.65 -12.10
N CYS E 45 -20.18 -15.55 -12.16
CA CYS E 45 -19.53 -14.93 -11.01
C CYS E 45 -20.51 -14.52 -9.93
N LEU E 46 -21.75 -14.19 -10.29
CA LEU E 46 -22.75 -13.75 -9.34
C LEU E 46 -23.68 -14.85 -8.81
N LEU E 47 -23.51 -16.12 -9.25
CA LEU E 47 -24.34 -17.22 -8.74
C LEU E 47 -24.07 -17.40 -7.26
N ASP E 48 -25.13 -17.56 -6.47
CA ASP E 48 -25.03 -17.57 -5.02
C ASP E 48 -25.75 -18.75 -4.40
N ILE E 49 -25.02 -19.57 -3.63
CA ILE E 49 -25.60 -20.73 -2.94
C ILE E 49 -26.61 -20.32 -1.85
N ASP E 50 -26.55 -19.07 -1.38
CA ASP E 50 -27.48 -18.56 -0.37
C ASP E 50 -28.73 -17.91 -1.00
N SER E 51 -28.80 -17.77 -2.32
CA SER E 51 -29.94 -17.18 -3.00
C SER E 51 -30.97 -18.31 -3.19
N GLU E 52 -32.04 -18.30 -2.38
CA GLU E 52 -33.01 -19.39 -2.41
C GLU E 52 -34.00 -19.34 -3.56
N PRO E 53 -34.30 -20.52 -4.15
CA PRO E 53 -35.28 -20.54 -5.24
C PRO E 53 -36.67 -20.20 -4.69
N VAL E 54 -37.43 -19.39 -5.41
CA VAL E 54 -38.77 -19.01 -4.97
C VAL E 54 -39.83 -19.54 -5.92
N ALA E 55 -39.55 -19.51 -7.23
CA ALA E 55 -40.48 -19.98 -8.25
C ALA E 55 -40.75 -21.47 -8.17
N ALA E 56 -41.93 -21.87 -8.67
CA ALA E 56 -42.31 -23.28 -8.72
C ALA E 56 -41.41 -24.01 -9.72
N ARG E 57 -41.11 -25.30 -9.46
CA ARG E 57 -40.24 -26.09 -10.32
C ARG E 57 -40.92 -26.33 -11.66
N SER E 58 -40.27 -25.92 -12.74
CA SER E 58 -40.83 -25.94 -14.07
C SER E 58 -40.44 -27.11 -14.98
N THR E 59 -39.33 -27.81 -14.72
CA THR E 59 -38.93 -28.95 -15.54
C THR E 59 -39.68 -30.17 -15.02
N SER E 60 -40.48 -30.84 -15.86
CA SER E 60 -41.25 -31.99 -15.41
C SER E 60 -40.41 -33.21 -15.12
N ILE E 61 -40.86 -34.00 -14.17
CA ILE E 61 -40.17 -35.23 -13.79
C ILE E 61 -40.98 -36.41 -14.32
N ILE E 62 -40.35 -37.27 -15.10
CA ILE E 62 -40.96 -38.49 -15.57
C ILE E 62 -40.40 -39.62 -14.70
N ALA E 63 -41.27 -40.40 -14.05
CA ALA E 63 -40.80 -41.50 -13.22
C ALA E 63 -41.27 -42.83 -13.82
N THR E 64 -40.34 -43.78 -14.00
CA THR E 64 -40.69 -45.09 -14.53
C THR E 64 -41.35 -45.94 -13.45
N ILE E 65 -42.51 -46.51 -13.75
CA ILE E 65 -43.25 -47.34 -12.81
C ILE E 65 -42.78 -48.79 -12.87
N GLY E 66 -42.56 -49.38 -11.71
CA GLY E 66 -42.12 -50.77 -11.61
C GLY E 66 -42.39 -51.35 -10.22
N PRO E 67 -41.77 -52.49 -9.91
CA PRO E 67 -41.98 -53.10 -8.57
C PRO E 67 -41.75 -52.19 -7.38
N ALA E 68 -40.78 -51.27 -7.47
CA ALA E 68 -40.47 -50.34 -6.38
C ALA E 68 -41.44 -49.17 -6.26
N SER E 69 -42.27 -48.93 -7.27
CA SER E 69 -43.15 -47.75 -7.28
C SER E 69 -44.56 -48.05 -7.77
N ARG E 70 -45.02 -49.28 -7.66
CA ARG E 70 -46.33 -49.68 -8.15
C ARG E 70 -47.50 -49.47 -7.21
N SER E 71 -47.29 -49.59 -5.89
CA SER E 71 -48.39 -49.49 -4.93
C SER E 71 -49.02 -48.12 -4.91
N VAL E 72 -50.34 -48.06 -4.66
CA VAL E 72 -51.11 -46.82 -4.62
C VAL E 72 -50.56 -45.86 -3.56
N GLU E 73 -50.17 -46.36 -2.40
CA GLU E 73 -49.61 -45.53 -1.33
C GLU E 73 -48.24 -44.95 -1.71
N ARG E 74 -47.41 -45.74 -2.44
CA ARG E 74 -46.09 -45.29 -2.90
C ARG E 74 -46.28 -44.23 -3.99
N LEU E 75 -47.22 -44.45 -4.90
CA LEU E 75 -47.54 -43.51 -5.97
C LEU E 75 -48.04 -42.17 -5.44
N LYS E 76 -48.78 -42.17 -4.32
CA LYS E 76 -49.24 -40.94 -3.70
C LYS E 76 -48.05 -40.14 -3.17
N GLU E 77 -47.05 -40.82 -2.59
CA GLU E 77 -45.84 -40.15 -2.11
C GLU E 77 -45.02 -39.60 -3.27
N MET E 78 -44.98 -40.33 -4.41
CA MET E 78 -44.26 -39.88 -5.59
CA MET E 78 -44.26 -39.88 -5.60
C MET E 78 -44.93 -38.67 -6.24
N ILE E 79 -46.27 -38.61 -6.19
CA ILE E 79 -47.00 -37.46 -6.73
C ILE E 79 -46.69 -36.24 -5.86
N LYS E 80 -46.71 -36.40 -4.54
CA LYS E 80 -46.39 -35.32 -3.61
C LYS E 80 -44.93 -34.84 -3.74
N ALA E 81 -43.99 -35.77 -4.04
CA ALA E 81 -42.58 -35.46 -4.20
C ALA E 81 -42.30 -34.68 -5.52
N GLY E 82 -43.18 -34.81 -6.52
CA GLY E 82 -43.04 -34.07 -7.76
C GLY E 82 -43.21 -34.80 -9.07
N MET E 83 -43.59 -36.09 -9.07
CA MET E 83 -43.75 -36.84 -10.33
C MET E 83 -44.91 -36.22 -11.14
N ASN E 84 -44.64 -35.92 -12.42
CA ASN E 84 -45.65 -35.31 -13.31
C ASN E 84 -46.12 -36.28 -14.39
N ILE E 85 -45.25 -37.22 -14.79
CA ILE E 85 -45.52 -38.18 -15.84
C ILE E 85 -45.09 -39.56 -15.37
N ALA E 86 -45.97 -40.56 -15.47
CA ALA E 86 -45.65 -41.93 -15.11
C ALA E 86 -45.30 -42.69 -16.38
N ARG E 87 -44.12 -43.30 -16.43
CA ARG E 87 -43.69 -44.04 -17.62
C ARG E 87 -43.87 -45.54 -17.45
N LEU E 88 -44.52 -46.19 -18.43
CA LEU E 88 -44.69 -47.64 -18.41
C LEU E 88 -43.76 -48.21 -19.44
N ASN E 89 -42.76 -48.98 -19.02
CA ASN E 89 -41.80 -49.55 -19.94
C ASN E 89 -42.33 -50.88 -20.49
N PHE E 90 -42.78 -50.88 -21.75
CA PHE E 90 -43.34 -52.10 -22.35
C PHE E 90 -42.28 -53.09 -22.82
N SER E 91 -41.01 -52.87 -22.49
CA SER E 91 -39.96 -53.87 -22.76
C SER E 91 -40.08 -55.04 -21.74
N HIS E 92 -40.72 -54.81 -20.59
CA HIS E 92 -40.91 -55.80 -19.54
C HIS E 92 -42.37 -55.79 -19.11
N GLY E 93 -42.87 -56.94 -18.66
CA GLY E 93 -44.24 -57.03 -18.17
C GLY E 93 -45.29 -57.26 -19.22
N SER E 94 -46.36 -57.92 -18.81
CA SER E 94 -47.49 -58.24 -19.67
C SER E 94 -48.48 -57.07 -19.71
N HIS E 95 -49.47 -57.14 -20.61
CA HIS E 95 -50.53 -56.14 -20.69
C HIS E 95 -51.32 -56.09 -19.37
N GLU E 96 -51.50 -57.23 -18.70
CA GLU E 96 -52.21 -57.31 -17.43
C GLU E 96 -51.44 -56.56 -16.35
N TYR E 97 -50.10 -56.69 -16.34
CA TYR E 97 -49.23 -55.99 -15.40
C TYR E 97 -49.32 -54.47 -15.60
N HIS E 98 -49.24 -54.01 -16.87
CA HIS E 98 -49.31 -52.59 -17.20
C HIS E 98 -50.66 -51.98 -16.95
N ALA E 99 -51.77 -52.73 -17.18
CA ALA E 99 -53.12 -52.22 -16.89
C ALA E 99 -53.29 -51.99 -15.39
N GLU E 100 -52.67 -52.83 -14.56
CA GLU E 100 -52.71 -52.71 -13.12
C GLU E 100 -51.91 -51.50 -12.66
N SER E 101 -50.74 -51.24 -13.30
CA SER E 101 -49.91 -50.08 -13.00
C SER E 101 -50.68 -48.80 -13.31
N ILE E 102 -51.36 -48.76 -14.50
CA ILE E 102 -52.18 -47.63 -14.93
C ILE E 102 -53.29 -47.36 -13.91
N ALA E 103 -54.01 -48.42 -13.48
CA ALA E 103 -55.10 -48.29 -12.51
C ALA E 103 -54.60 -47.77 -11.18
N ASN E 104 -53.43 -48.22 -10.73
CA ASN E 104 -52.84 -47.76 -9.46
C ASN E 104 -52.43 -46.30 -9.55
N VAL E 105 -51.88 -45.89 -10.71
CA VAL E 105 -51.49 -44.48 -10.94
C VAL E 105 -52.76 -43.62 -10.89
N ARG E 106 -53.78 -44.00 -11.65
CA ARG E 106 -55.05 -43.27 -11.67
C ARG E 106 -55.71 -43.20 -10.31
N GLU E 107 -55.64 -44.28 -9.51
CA GLU E 107 -56.22 -44.26 -8.18
C GLU E 107 -55.47 -43.29 -7.28
N ALA E 108 -54.13 -43.30 -7.31
CA ALA E 108 -53.33 -42.36 -6.53
C ALA E 108 -53.57 -40.92 -6.95
N VAL E 109 -53.67 -40.66 -8.27
CA VAL E 109 -53.91 -39.32 -8.82
C VAL E 109 -55.29 -38.80 -8.42
N GLU E 110 -56.33 -39.62 -8.62
CA GLU E 110 -57.70 -39.24 -8.31
C GLU E 110 -57.99 -39.12 -6.82
N SER E 111 -57.12 -39.63 -5.94
CA SER E 111 -57.30 -39.47 -4.50
C SER E 111 -57.16 -37.99 -4.05
N PHE E 112 -56.59 -37.12 -4.91
CA PHE E 112 -56.42 -35.70 -4.63
C PHE E 112 -57.46 -34.82 -5.39
N ALA E 113 -58.39 -35.43 -6.17
CA ALA E 113 -59.41 -34.70 -6.94
C ALA E 113 -60.48 -34.01 -6.09
N GLY E 114 -60.58 -34.37 -4.81
CA GLY E 114 -61.52 -33.78 -3.86
C GLY E 114 -61.24 -32.31 -3.56
N SER E 115 -59.99 -31.88 -3.78
CA SER E 115 -59.56 -30.49 -3.62
C SER E 115 -59.12 -30.00 -5.01
N PRO E 116 -60.06 -29.47 -5.82
CA PRO E 116 -59.71 -29.05 -7.19
C PRO E 116 -58.63 -27.98 -7.33
N LEU E 117 -58.49 -27.11 -6.31
CA LEU E 117 -57.51 -26.03 -6.27
C LEU E 117 -56.07 -26.53 -6.12
N SER E 118 -55.87 -27.77 -5.62
CA SER E 118 -54.54 -28.34 -5.48
C SER E 118 -54.33 -29.63 -6.30
N TYR E 119 -55.35 -30.07 -7.06
CA TYR E 119 -55.30 -31.26 -7.90
C TYR E 119 -54.17 -31.18 -8.92
N ARG E 120 -53.31 -32.19 -8.92
CA ARG E 120 -52.21 -32.24 -9.87
C ARG E 120 -52.47 -33.30 -10.91
N PRO E 121 -52.71 -32.89 -12.17
CA PRO E 121 -52.82 -33.90 -13.23
C PRO E 121 -51.49 -34.66 -13.41
N VAL E 122 -51.54 -35.96 -13.73
CA VAL E 122 -50.32 -36.76 -13.97
C VAL E 122 -50.52 -37.47 -15.30
N ALA E 123 -49.59 -37.30 -16.26
CA ALA E 123 -49.71 -37.95 -17.55
C ALA E 123 -49.27 -39.42 -17.46
N ILE E 124 -49.77 -40.25 -18.40
CA ILE E 124 -49.36 -41.64 -18.48
C ILE E 124 -48.72 -41.84 -19.83
N ALA E 125 -47.47 -42.28 -19.84
CA ALA E 125 -46.72 -42.45 -21.07
C ALA E 125 -46.37 -43.91 -21.28
N LEU E 126 -46.53 -44.39 -22.52
CA LEU E 126 -46.21 -45.77 -22.85
C LEU E 126 -44.89 -45.77 -23.60
N ASP E 127 -43.89 -46.47 -23.08
CA ASP E 127 -42.59 -46.57 -23.73
C ASP E 127 -42.54 -47.91 -24.48
N THR E 128 -42.51 -47.88 -25.82
CA THR E 128 -42.52 -49.11 -26.62
C THR E 128 -41.25 -49.96 -26.51
N LYS E 129 -41.37 -51.26 -26.79
CA LYS E 129 -40.26 -52.20 -26.75
C LYS E 129 -39.24 -51.91 -27.86
N GLY E 130 -39.73 -51.59 -29.05
CA GLY E 130 -38.87 -51.25 -30.18
C GLY E 130 -38.90 -52.26 -31.31
N PRO E 131 -38.24 -51.93 -32.44
CA PRO E 131 -38.24 -52.86 -33.59
C PRO E 131 -37.31 -54.06 -33.48
N GLY E 132 -36.28 -53.94 -32.65
CA GLY E 132 -35.29 -55.00 -32.50
C GLY E 132 -34.52 -55.23 -33.80
N SER E 133 -34.43 -56.49 -34.24
CA SER E 133 -33.74 -56.82 -35.49
C SER E 133 -34.55 -56.44 -36.75
N GLY E 134 -35.86 -56.21 -36.60
CA GLY E 134 -36.74 -55.86 -37.71
C GLY E 134 -36.54 -54.45 -38.23
N PRO E 135 -36.98 -54.19 -39.47
CA PRO E 135 -36.80 -52.84 -40.03
C PRO E 135 -37.86 -51.80 -39.61
N GLY E 136 -39.12 -52.19 -39.65
CA GLY E 136 -40.22 -51.29 -39.31
C GLY E 136 -40.89 -51.55 -37.99
N LEU E 137 -42.18 -51.23 -37.90
CA LEU E 137 -42.97 -51.41 -36.69
C LEU E 137 -43.31 -52.88 -36.46
N SER E 138 -42.79 -53.46 -35.37
CA SER E 138 -42.96 -54.87 -35.04
C SER E 138 -44.41 -55.24 -34.61
N GLU E 139 -44.74 -56.55 -34.60
CA GLU E 139 -46.05 -57.07 -34.23
C GLU E 139 -46.43 -56.76 -32.77
N GLN E 140 -45.47 -56.91 -31.84
CA GLN E 140 -45.71 -56.61 -30.43
C GLN E 140 -45.94 -55.12 -30.23
N ASP E 141 -45.24 -54.27 -31.00
CA ASP E 141 -45.43 -52.82 -30.93
C ASP E 141 -46.85 -52.40 -31.36
N VAL E 142 -47.42 -53.05 -32.38
CA VAL E 142 -48.80 -52.72 -32.81
C VAL E 142 -49.79 -53.09 -31.70
N ARG E 143 -49.58 -54.25 -31.06
CA ARG E 143 -50.43 -54.73 -29.97
C ARG E 143 -50.32 -53.85 -28.74
N ASP E 144 -49.11 -53.36 -28.45
CA ASP E 144 -48.88 -52.49 -27.29
C ASP E 144 -49.45 -51.10 -27.54
N LEU E 145 -49.30 -50.58 -28.77
CA LEU E 145 -49.86 -49.27 -29.13
C LEU E 145 -51.39 -49.31 -29.08
N ARG E 146 -51.99 -50.44 -29.51
CA ARG E 146 -53.43 -50.62 -29.44
C ARG E 146 -53.89 -50.65 -27.97
N PHE E 147 -53.11 -51.30 -27.09
CA PHE E 147 -53.38 -51.35 -25.66
C PHE E 147 -53.37 -49.94 -25.09
N GLY E 148 -52.40 -49.12 -25.50
CA GLY E 148 -52.28 -47.73 -25.07
C GLY E 148 -53.50 -46.90 -25.40
N VAL E 149 -54.01 -47.04 -26.63
CA VAL E 149 -55.21 -46.33 -27.05
C VAL E 149 -56.41 -46.77 -26.22
N GLU E 150 -56.57 -48.09 -26.04
CA GLU E 150 -57.67 -48.65 -25.25
C GLU E 150 -57.62 -48.25 -23.78
N HIS E 151 -56.41 -48.03 -23.26
CA HIS E 151 -56.26 -47.62 -21.86
C HIS E 151 -56.09 -46.09 -21.66
N GLY E 152 -56.28 -45.31 -22.73
CA GLY E 152 -56.22 -43.85 -22.70
C GLY E 152 -54.92 -43.21 -22.29
N VAL E 153 -53.79 -43.75 -22.78
CA VAL E 153 -52.48 -43.16 -22.48
C VAL E 153 -52.37 -41.78 -23.16
N ASP E 154 -51.59 -40.87 -22.56
CA ASP E 154 -51.45 -39.52 -23.10
C ASP E 154 -50.30 -39.38 -24.06
N ILE E 155 -49.24 -40.14 -23.86
CA ILE E 155 -48.00 -40.01 -24.61
C ILE E 155 -47.44 -41.38 -24.98
N VAL E 156 -46.75 -41.45 -26.12
CA VAL E 156 -46.04 -42.63 -26.52
C VAL E 156 -44.57 -42.23 -26.65
N PHE E 157 -43.65 -42.91 -25.96
CA PHE E 157 -42.22 -42.71 -26.13
C PHE E 157 -41.86 -43.81 -27.13
N ALA E 158 -41.73 -43.46 -28.41
CA ALA E 158 -41.44 -44.45 -29.45
C ALA E 158 -39.96 -44.84 -29.51
N SER E 159 -39.63 -46.08 -29.17
CA SER E 159 -38.25 -46.54 -29.17
C SER E 159 -37.61 -46.66 -30.54
N PHE E 160 -36.29 -46.43 -30.57
CA PHE E 160 -35.42 -46.56 -31.74
C PHE E 160 -35.98 -45.95 -33.02
N VAL E 161 -36.39 -44.66 -32.98
CA VAL E 161 -36.88 -43.98 -34.17
C VAL E 161 -35.66 -43.59 -35.00
N ARG E 162 -35.63 -44.03 -36.26
CA ARG E 162 -34.50 -43.79 -37.15
C ARG E 162 -34.82 -42.89 -38.35
N LYS E 163 -36.11 -42.67 -38.64
CA LYS E 163 -36.55 -41.89 -39.80
C LYS E 163 -38.00 -41.44 -39.62
N ALA E 164 -38.47 -40.52 -40.47
CA ALA E 164 -39.85 -40.03 -40.40
C ALA E 164 -40.90 -41.14 -40.59
N SER E 165 -40.60 -42.15 -41.44
CA SER E 165 -41.55 -43.26 -41.67
C SER E 165 -41.78 -44.12 -40.42
N ASP E 166 -40.82 -44.14 -39.49
CA ASP E 166 -40.98 -44.85 -38.22
C ASP E 166 -42.06 -44.15 -37.38
N VAL E 167 -42.08 -42.80 -37.39
CA VAL E 167 -43.08 -42.01 -36.66
C VAL E 167 -44.46 -42.22 -37.29
N ALA E 168 -44.51 -42.25 -38.63
CA ALA E 168 -45.78 -42.45 -39.34
C ALA E 168 -46.37 -43.81 -39.00
N ALA E 169 -45.52 -44.85 -38.89
CA ALA E 169 -45.96 -46.22 -38.55
C ALA E 169 -46.54 -46.27 -37.14
N VAL E 170 -45.96 -45.54 -36.19
CA VAL E 170 -46.48 -45.49 -34.82
C VAL E 170 -47.83 -44.78 -34.82
N ARG E 171 -47.93 -43.67 -35.56
CA ARG E 171 -49.14 -42.87 -35.69
C ARG E 171 -50.27 -43.72 -36.28
N ALA E 172 -49.96 -44.50 -37.34
CA ALA E 172 -50.93 -45.39 -37.99
C ALA E 172 -51.42 -46.49 -37.05
N ALA E 173 -50.52 -47.11 -36.27
CA ALA E 173 -50.88 -48.14 -35.30
C ALA E 173 -51.78 -47.61 -34.18
N LEU E 174 -51.71 -46.31 -33.88
CA LEU E 174 -52.60 -45.71 -32.88
C LEU E 174 -54.06 -45.59 -33.41
N GLY E 175 -54.22 -45.61 -34.74
CA GLY E 175 -55.51 -45.57 -35.41
C GLY E 175 -56.21 -44.23 -35.37
N PRO E 176 -57.47 -44.21 -35.80
CA PRO E 176 -58.24 -42.95 -35.77
C PRO E 176 -58.61 -42.48 -34.36
N GLU E 177 -58.66 -43.40 -33.37
CA GLU E 177 -59.00 -43.04 -32.00
C GLU E 177 -57.81 -42.50 -31.19
N GLY E 178 -56.58 -42.73 -31.64
CA GLY E 178 -55.40 -42.27 -30.93
C GLY E 178 -54.71 -41.07 -31.56
N HIS E 179 -55.47 -40.26 -32.30
CA HIS E 179 -54.92 -39.07 -32.95
C HIS E 179 -54.47 -37.99 -31.95
N GLY E 180 -55.04 -37.99 -30.74
CA GLY E 180 -54.70 -37.02 -29.71
C GLY E 180 -53.48 -37.36 -28.86
N ILE E 181 -52.99 -38.60 -28.96
CA ILE E 181 -51.82 -39.03 -28.20
C ILE E 181 -50.55 -38.34 -28.75
N LYS E 182 -49.70 -37.83 -27.86
CA LYS E 182 -48.45 -37.19 -28.28
C LYS E 182 -47.39 -38.25 -28.56
N ILE E 183 -46.67 -38.12 -29.67
CA ILE E 183 -45.60 -39.05 -29.99
C ILE E 183 -44.24 -38.38 -29.76
N ILE E 184 -43.50 -38.89 -28.79
CA ILE E 184 -42.16 -38.42 -28.45
C ILE E 184 -41.19 -39.46 -29.00
N SER E 185 -40.42 -39.10 -30.03
CA SER E 185 -39.49 -40.05 -30.64
C SER E 185 -38.20 -40.19 -29.83
N LYS E 186 -37.82 -41.43 -29.51
CA LYS E 186 -36.59 -41.69 -28.79
C LYS E 186 -35.45 -41.80 -29.78
N ILE E 187 -34.43 -40.94 -29.65
CA ILE E 187 -33.26 -41.01 -30.52
C ILE E 187 -32.24 -41.85 -29.81
N GLU E 188 -31.95 -43.04 -30.34
CA GLU E 188 -31.09 -44.00 -29.65
C GLU E 188 -29.90 -44.51 -30.44
N ASN E 189 -29.71 -44.04 -31.68
CA ASN E 189 -28.58 -44.51 -32.49
C ASN E 189 -28.05 -43.45 -33.47
N HIS E 190 -26.97 -43.74 -34.18
CA HIS E 190 -26.37 -42.81 -35.14
C HIS E 190 -27.34 -42.34 -36.22
N GLU E 191 -28.14 -43.25 -36.80
CA GLU E 191 -29.08 -42.86 -37.84
C GLU E 191 -30.14 -41.88 -37.35
N GLY E 192 -30.64 -42.08 -36.13
CA GLY E 192 -31.61 -41.18 -35.52
C GLY E 192 -31.04 -39.79 -35.35
N VAL E 193 -29.75 -39.70 -35.00
CA VAL E 193 -29.08 -38.42 -34.83
C VAL E 193 -28.91 -37.73 -36.19
N LYS E 194 -28.44 -38.47 -37.20
CA LYS E 194 -28.24 -37.93 -38.54
C LYS E 194 -29.53 -37.54 -39.26
N ARG E 195 -30.60 -38.26 -38.99
CA ARG E 195 -31.91 -37.94 -39.56
C ARG E 195 -32.81 -37.18 -38.58
N PHE E 196 -32.22 -36.52 -37.59
CA PHE E 196 -32.94 -35.79 -36.53
C PHE E 196 -33.97 -34.79 -37.05
N ASP E 197 -33.58 -33.93 -38.00
CA ASP E 197 -34.49 -32.89 -38.49
C ASP E 197 -35.76 -33.45 -39.10
N GLU E 198 -35.65 -34.54 -39.88
CA GLU E 198 -36.85 -35.13 -40.48
C GLU E 198 -37.73 -35.83 -39.42
N ILE E 199 -37.12 -36.35 -38.35
CA ILE E 199 -37.85 -37.01 -37.27
C ILE E 199 -38.59 -35.99 -36.42
N LEU E 200 -37.91 -34.89 -36.07
CA LEU E 200 -38.50 -33.82 -35.25
C LEU E 200 -39.67 -33.17 -35.97
N GLU E 201 -39.54 -32.97 -37.29
CA GLU E 201 -40.60 -32.35 -38.09
C GLU E 201 -41.96 -33.05 -37.95
N VAL E 202 -41.97 -34.38 -37.90
CA VAL E 202 -43.20 -35.17 -37.79
C VAL E 202 -43.53 -35.66 -36.37
N SER E 203 -42.65 -35.39 -35.39
CA SER E 203 -42.91 -35.82 -34.01
C SER E 203 -43.45 -34.67 -33.17
N ASP E 204 -44.08 -34.99 -32.04
CA ASP E 204 -44.51 -33.95 -31.10
C ASP E 204 -43.33 -33.46 -30.21
N GLY E 205 -42.33 -34.31 -30.06
CA GLY E 205 -41.16 -34.03 -29.25
C GLY E 205 -40.13 -35.13 -29.38
N ILE E 206 -39.06 -35.04 -28.58
CA ILE E 206 -37.92 -35.97 -28.65
C ILE E 206 -37.47 -36.41 -27.27
N MET E 207 -36.97 -37.64 -27.17
CA MET E 207 -36.32 -38.11 -25.95
C MET E 207 -34.87 -38.43 -26.31
N VAL E 208 -33.92 -37.87 -25.57
CA VAL E 208 -32.50 -38.19 -25.77
C VAL E 208 -32.31 -39.44 -24.92
N ALA E 209 -32.42 -40.61 -25.54
CA ALA E 209 -32.34 -41.90 -24.86
C ALA E 209 -30.86 -42.30 -24.77
N ARG E 210 -30.16 -41.73 -23.79
CA ARG E 210 -28.72 -41.86 -23.60
C ARG E 210 -28.18 -43.26 -23.36
N GLY E 211 -28.99 -44.15 -22.79
CA GLY E 211 -28.56 -45.52 -22.54
C GLY E 211 -28.15 -46.26 -23.80
N ASP E 212 -29.06 -46.40 -24.78
CA ASP E 212 -28.74 -47.04 -26.04
C ASP E 212 -27.83 -46.19 -26.88
N LEU E 213 -28.03 -44.86 -26.87
CA LEU E 213 -27.20 -43.92 -27.62
C LEU E 213 -25.72 -44.07 -27.26
N GLY E 214 -25.43 -44.26 -25.98
CA GLY E 214 -24.07 -44.44 -25.47
C GLY E 214 -23.40 -45.75 -25.84
N ILE E 215 -24.16 -46.72 -26.34
CA ILE E 215 -23.68 -48.02 -26.82
C ILE E 215 -23.59 -47.98 -28.36
N GLU E 216 -24.50 -47.27 -29.02
CA GLU E 216 -24.55 -47.14 -30.47
C GLU E 216 -23.48 -46.21 -31.03
N ILE E 217 -23.17 -45.12 -30.29
CA ILE E 217 -22.14 -44.15 -30.66
C ILE E 217 -21.08 -44.09 -29.52
N PRO E 218 -19.86 -43.57 -29.76
CA PRO E 218 -18.87 -43.51 -28.65
C PRO E 218 -19.44 -42.78 -27.44
N ALA E 219 -19.22 -43.32 -26.24
CA ALA E 219 -19.74 -42.76 -25.00
C ALA E 219 -19.36 -41.29 -24.81
N GLU E 220 -18.16 -40.91 -25.25
CA GLU E 220 -17.68 -39.55 -25.13
C GLU E 220 -18.34 -38.56 -26.08
N LYS E 221 -19.22 -39.02 -26.98
CA LYS E 221 -19.93 -38.16 -27.92
C LYS E 221 -21.39 -37.93 -27.53
N VAL E 222 -21.93 -38.69 -26.57
CA VAL E 222 -23.34 -38.56 -26.18
C VAL E 222 -23.72 -37.13 -25.76
N PHE E 223 -22.85 -36.43 -25.01
CA PHE E 223 -23.13 -35.05 -24.61
C PHE E 223 -23.33 -34.10 -25.81
N LEU E 224 -22.64 -34.35 -26.94
CA LEU E 224 -22.79 -33.50 -28.14
C LEU E 224 -24.17 -33.72 -28.74
N ALA E 225 -24.60 -34.99 -28.80
CA ALA E 225 -25.92 -35.35 -29.33
C ALA E 225 -27.01 -34.77 -28.43
N GLN E 226 -26.83 -34.86 -27.09
CA GLN E 226 -27.80 -34.30 -26.15
C GLN E 226 -27.93 -32.80 -26.33
N LYS E 227 -26.80 -32.08 -26.34
CA LYS E 227 -26.82 -30.61 -26.46
C LYS E 227 -27.38 -30.16 -27.81
N MET E 228 -27.03 -30.86 -28.90
CA MET E 228 -27.54 -30.54 -30.23
C MET E 228 -29.07 -30.75 -30.28
N MET E 229 -29.57 -31.91 -29.81
CA MET E 229 -30.99 -32.20 -29.85
C MET E 229 -31.80 -31.28 -28.98
N ILE E 230 -31.28 -30.94 -27.78
CA ILE E 230 -31.97 -29.99 -26.91
C ILE E 230 -32.08 -28.61 -27.58
N GLY E 231 -30.98 -28.16 -28.17
CA GLY E 231 -30.93 -26.89 -28.89
C GLY E 231 -31.91 -26.84 -30.04
N ARG E 232 -31.93 -27.88 -30.88
CA ARG E 232 -32.85 -27.92 -32.02
C ARG E 232 -34.32 -28.00 -31.60
N CYS E 233 -34.62 -28.70 -30.50
CA CYS E 233 -35.98 -28.79 -29.99
C CYS E 233 -36.41 -27.45 -29.43
N ASN E 234 -35.51 -26.75 -28.73
CA ASN E 234 -35.80 -25.42 -28.17
C ASN E 234 -36.10 -24.44 -29.31
N LEU E 235 -35.31 -24.53 -30.39
CA LEU E 235 -35.51 -23.68 -31.55
C LEU E 235 -36.89 -23.99 -32.21
N ALA E 236 -37.25 -25.27 -32.33
CA ALA E 236 -38.53 -25.69 -32.89
C ALA E 236 -39.73 -25.44 -31.96
N GLY E 237 -39.48 -25.19 -30.67
CA GLY E 237 -40.56 -25.01 -29.69
C GLY E 237 -41.25 -26.33 -29.38
N LYS E 238 -40.52 -27.47 -29.47
CA LYS E 238 -41.07 -28.80 -29.22
C LYS E 238 -40.41 -29.45 -28.01
N PRO E 239 -41.19 -30.16 -27.18
CA PRO E 239 -40.61 -30.74 -25.96
C PRO E 239 -39.43 -31.69 -26.17
N VAL E 240 -38.45 -31.62 -25.26
CA VAL E 240 -37.30 -32.50 -25.29
C VAL E 240 -37.10 -33.11 -23.88
N VAL E 241 -36.89 -34.43 -23.82
CA VAL E 241 -36.70 -35.13 -22.57
C VAL E 241 -35.26 -35.61 -22.45
N CYS E 242 -34.61 -35.36 -21.30
CA CYS E 242 -33.28 -35.93 -21.07
C CYS E 242 -33.50 -37.20 -20.24
N ALA E 243 -32.91 -38.32 -20.67
CA ALA E 243 -33.17 -39.58 -19.98
C ALA E 243 -31.92 -40.43 -19.77
N THR E 244 -32.00 -41.37 -18.79
CA THR E 244 -31.12 -42.47 -18.45
C THR E 244 -29.87 -42.12 -17.64
N GLN E 245 -29.76 -42.82 -16.50
CA GLN E 245 -28.66 -42.78 -15.55
C GLN E 245 -28.41 -41.40 -14.92
N MET E 246 -29.45 -40.56 -14.86
CA MET E 246 -29.33 -39.24 -14.26
C MET E 246 -28.98 -39.30 -12.79
N LEU E 247 -29.59 -40.23 -12.04
CA LEU E 247 -29.30 -40.42 -10.61
C LEU E 247 -29.08 -41.93 -10.34
N GLU E 248 -28.39 -42.63 -11.26
CA GLU E 248 -28.17 -44.07 -11.24
C GLU E 248 -27.75 -44.67 -9.88
N SER E 249 -26.76 -44.07 -9.19
CA SER E 249 -26.31 -44.58 -7.90
C SER E 249 -27.42 -44.61 -6.84
N MET E 250 -28.50 -43.81 -7.01
CA MET E 250 -29.63 -43.80 -6.08
C MET E 250 -30.49 -45.08 -6.17
N ILE E 251 -30.15 -46.02 -7.07
CA ILE E 251 -30.83 -47.31 -7.12
C ILE E 251 -30.48 -48.07 -5.80
N THR E 252 -29.24 -47.94 -5.30
CA THR E 252 -28.83 -48.59 -4.06
C THR E 252 -28.45 -47.63 -2.92
N LYS E 253 -28.09 -46.37 -3.23
CA LYS E 253 -27.67 -45.41 -2.21
C LYS E 253 -28.68 -44.30 -1.97
N PRO E 254 -28.79 -43.78 -0.72
CA PRO E 254 -29.79 -42.73 -0.45
C PRO E 254 -29.45 -41.35 -1.00
N ARG E 255 -28.16 -41.13 -1.34
CA ARG E 255 -27.68 -39.85 -1.87
C ARG E 255 -26.97 -40.08 -3.18
N PRO E 256 -27.14 -39.17 -4.15
CA PRO E 256 -26.45 -39.34 -5.45
C PRO E 256 -24.98 -38.89 -5.43
N THR E 257 -24.26 -39.19 -6.51
CA THR E 257 -22.88 -38.75 -6.63
C THR E 257 -22.84 -37.28 -7.09
N ARG E 258 -21.64 -36.65 -7.03
CA ARG E 258 -21.50 -35.27 -7.47
C ARG E 258 -21.71 -35.16 -8.98
N ALA E 259 -21.36 -36.20 -9.75
CA ALA E 259 -21.58 -36.18 -11.20
C ALA E 259 -23.07 -36.24 -11.55
N GLU E 260 -23.84 -36.98 -10.77
CA GLU E 260 -25.28 -37.13 -10.97
C GLU E 260 -26.07 -35.86 -10.72
N THR E 261 -25.77 -35.14 -9.64
CA THR E 261 -26.47 -33.86 -9.40
C THR E 261 -26.10 -32.84 -10.48
N SER E 262 -24.83 -32.83 -10.91
CA SER E 262 -24.39 -31.92 -11.96
C SER E 262 -25.08 -32.26 -13.29
N ASP E 263 -25.27 -33.56 -13.59
CA ASP E 263 -25.95 -34.00 -14.81
C ASP E 263 -27.40 -33.50 -14.87
N VAL E 264 -28.13 -33.58 -13.75
CA VAL E 264 -29.52 -33.09 -13.70
C VAL E 264 -29.54 -31.58 -13.88
N ALA E 265 -28.69 -30.86 -13.16
CA ALA E 265 -28.61 -29.40 -13.26
C ALA E 265 -28.26 -28.96 -14.68
N ASN E 266 -27.30 -29.65 -15.31
CA ASN E 266 -26.87 -29.31 -16.65
C ASN E 266 -27.89 -29.68 -17.70
N ALA E 267 -28.74 -30.71 -17.48
CA ALA E 267 -29.81 -31.02 -18.45
C ALA E 267 -30.81 -29.86 -18.48
N VAL E 268 -31.13 -29.28 -17.30
CA VAL E 268 -32.03 -28.13 -17.17
C VAL E 268 -31.37 -26.88 -17.80
N LEU E 269 -30.09 -26.63 -17.50
CA LEU E 269 -29.37 -25.50 -18.09
C LEU E 269 -29.20 -25.65 -19.62
N ASP E 270 -29.12 -26.88 -20.14
CA ASP E 270 -29.04 -27.14 -21.59
C ASP E 270 -30.34 -26.70 -22.28
N GLY E 271 -31.48 -26.85 -21.60
CA GLY E 271 -32.78 -26.47 -22.12
C GLY E 271 -33.81 -27.58 -22.13
N ALA E 272 -33.56 -28.71 -21.42
CA ALA E 272 -34.51 -29.81 -21.38
C ALA E 272 -35.85 -29.44 -20.75
N ASP E 273 -36.94 -29.88 -21.38
CA ASP E 273 -38.28 -29.65 -20.84
C ASP E 273 -38.59 -30.64 -19.72
N CYS E 274 -38.14 -31.88 -19.86
CA CYS E 274 -38.37 -32.95 -18.88
C CYS E 274 -37.08 -33.66 -18.55
N ILE E 275 -37.02 -34.18 -17.33
CA ILE E 275 -35.93 -35.04 -16.87
C ILE E 275 -36.59 -36.38 -16.45
N MET E 276 -35.87 -37.48 -16.61
CA MET E 276 -36.44 -38.80 -16.35
C MET E 276 -35.68 -39.66 -15.36
N LEU E 277 -36.41 -40.56 -14.68
CA LEU E 277 -35.87 -41.56 -13.78
C LEU E 277 -36.31 -42.92 -14.33
N SER E 278 -35.38 -43.86 -14.46
CA SER E 278 -35.71 -45.21 -14.95
C SER E 278 -35.62 -46.23 -13.79
N GLY E 279 -34.50 -46.96 -13.68
CA GLY E 279 -34.29 -47.90 -12.59
C GLY E 279 -34.39 -47.28 -11.22
N GLU E 280 -34.04 -45.97 -11.09
CA GLU E 280 -34.10 -45.23 -9.84
C GLU E 280 -35.49 -45.31 -9.21
N THR E 281 -36.57 -45.28 -10.03
CA THR E 281 -37.93 -45.38 -9.50
C THR E 281 -38.59 -46.72 -9.78
N ALA E 282 -38.21 -47.39 -10.87
CA ALA E 282 -38.82 -48.67 -11.25
C ALA E 282 -38.40 -49.83 -10.35
N LYS E 283 -37.11 -49.91 -10.00
CA LYS E 283 -36.62 -51.03 -9.20
C LYS E 283 -35.72 -50.66 -8.02
N GLY E 284 -35.40 -49.39 -7.87
CA GLY E 284 -34.49 -48.93 -6.83
C GLY E 284 -35.02 -48.94 -5.41
N ASN E 285 -34.11 -48.81 -4.44
CA ASN E 285 -34.46 -48.79 -3.03
C ASN E 285 -34.92 -47.45 -2.53
N PHE E 286 -34.74 -46.37 -3.32
CA PHE E 286 -35.12 -45.01 -2.91
C PHE E 286 -35.93 -44.27 -4.01
N PRO E 287 -37.08 -44.80 -4.49
CA PRO E 287 -37.81 -44.13 -5.58
C PRO E 287 -38.30 -42.71 -5.26
N VAL E 288 -38.86 -42.51 -4.07
CA VAL E 288 -39.38 -41.21 -3.66
C VAL E 288 -38.24 -40.21 -3.46
N GLU E 289 -37.13 -40.67 -2.90
CA GLU E 289 -35.96 -39.82 -2.67
C GLU E 289 -35.33 -39.38 -4.00
N ALA E 290 -35.40 -40.23 -5.05
CA ALA E 290 -34.89 -39.91 -6.37
C ALA E 290 -35.74 -38.78 -7.00
N VAL E 291 -37.07 -38.85 -6.82
CA VAL E 291 -37.98 -37.81 -7.31
C VAL E 291 -37.72 -36.49 -6.56
N LYS E 292 -37.55 -36.57 -5.23
CA LYS E 292 -37.27 -35.39 -4.41
C LYS E 292 -35.96 -34.72 -4.79
N MET E 293 -34.93 -35.52 -5.09
CA MET E 293 -33.62 -35.02 -5.48
C MET E 293 -33.71 -34.31 -6.83
N GLN E 294 -34.41 -34.90 -7.83
CA GLN E 294 -34.57 -34.25 -9.13
C GLN E 294 -35.35 -32.95 -8.98
N HIS E 295 -36.37 -32.93 -8.10
CA HIS E 295 -37.14 -31.72 -7.86
C HIS E 295 -36.24 -30.62 -7.27
N ALA E 296 -35.43 -30.97 -6.26
CA ALA E 296 -34.57 -30.02 -5.58
C ALA E 296 -33.53 -29.42 -6.52
N ILE E 297 -32.90 -30.27 -7.37
CA ILE E 297 -31.89 -29.81 -8.30
C ILE E 297 -32.50 -28.92 -9.38
N ALA E 298 -33.59 -29.38 -10.01
CA ALA E 298 -34.25 -28.62 -11.09
C ALA E 298 -34.64 -27.22 -10.65
N ARG E 299 -35.17 -27.06 -9.43
CA ARG E 299 -35.53 -25.76 -8.89
C ARG E 299 -34.33 -24.83 -8.81
N GLU E 300 -33.18 -25.35 -8.34
CA GLU E 300 -31.97 -24.56 -8.22
C GLU E 300 -31.47 -24.17 -9.60
N ALA E 301 -31.46 -25.12 -10.55
CA ALA E 301 -30.96 -24.89 -11.89
C ALA E 301 -31.82 -23.91 -12.68
N GLU E 302 -33.13 -23.95 -12.50
CA GLU E 302 -34.04 -23.03 -13.19
C GLU E 302 -33.83 -21.59 -12.79
N ALA E 303 -33.52 -21.32 -11.52
CA ALA E 303 -33.22 -19.98 -11.06
C ALA E 303 -31.87 -19.49 -11.64
N ALA E 304 -30.92 -20.40 -11.89
CA ALA E 304 -29.60 -20.10 -12.46
C ALA E 304 -29.60 -19.93 -13.98
N VAL E 305 -30.75 -20.09 -14.65
CA VAL E 305 -30.85 -19.89 -16.09
C VAL E 305 -30.56 -18.41 -16.41
N TYR E 306 -29.76 -18.13 -17.45
CA TYR E 306 -29.45 -16.75 -17.82
C TYR E 306 -30.48 -16.23 -18.83
N HIS E 307 -31.65 -15.83 -18.33
CA HIS E 307 -32.78 -15.41 -19.17
C HIS E 307 -32.47 -14.26 -20.10
N ARG E 308 -31.62 -13.33 -19.69
CA ARG E 308 -31.24 -12.20 -20.55
C ARG E 308 -30.74 -12.64 -21.94
N GLN E 309 -29.83 -13.60 -22.00
CA GLN E 309 -29.35 -14.08 -23.29
C GLN E 309 -30.28 -15.12 -23.89
N LEU E 310 -30.82 -16.03 -23.07
CA LEU E 310 -31.73 -17.06 -23.54
C LEU E 310 -32.97 -16.47 -24.25
N PHE E 311 -33.66 -15.51 -23.63
CA PHE E 311 -34.83 -14.87 -24.25
C PHE E 311 -34.46 -14.16 -25.51
N GLU E 312 -33.37 -13.36 -25.47
CA GLU E 312 -32.95 -12.64 -26.66
C GLU E 312 -32.64 -13.58 -27.82
N GLU E 313 -31.97 -14.72 -27.57
CA GLU E 313 -31.69 -15.70 -28.62
C GLU E 313 -32.91 -16.47 -29.12
N LEU E 314 -33.85 -16.81 -28.22
CA LEU E 314 -35.08 -17.51 -28.62
C LEU E 314 -35.98 -16.58 -29.41
N ARG E 315 -36.12 -15.35 -28.95
CA ARG E 315 -36.89 -14.28 -29.56
C ARG E 315 -36.35 -14.00 -31.00
N ARG E 316 -35.02 -13.98 -31.15
CA ARG E 316 -34.30 -13.72 -32.38
C ARG E 316 -34.49 -14.87 -33.39
N ALA E 317 -34.37 -16.11 -32.92
CA ALA E 317 -34.46 -17.29 -33.76
C ALA E 317 -35.89 -17.69 -34.14
N ALA E 318 -36.91 -17.30 -33.33
CA ALA E 318 -38.31 -17.62 -33.62
C ALA E 318 -38.75 -16.77 -34.79
N PRO E 319 -39.25 -17.35 -35.90
CA PRO E 319 -39.54 -16.55 -37.09
C PRO E 319 -40.69 -15.58 -36.94
N LEU E 320 -40.76 -14.59 -37.83
CA LEU E 320 -41.87 -13.65 -37.87
C LEU E 320 -43.16 -14.46 -38.18
N SER E 321 -44.28 -13.99 -37.62
CA SER E 321 -45.52 -14.73 -37.74
C SER E 321 -46.70 -13.82 -37.83
N ARG E 322 -47.71 -14.23 -38.56
CA ARG E 322 -48.99 -13.55 -38.61
C ARG E 322 -50.09 -14.30 -37.85
N ASP E 323 -49.72 -15.34 -37.06
CA ASP E 323 -50.63 -16.11 -36.23
C ASP E 323 -50.82 -15.32 -34.95
N PRO E 324 -52.05 -14.88 -34.64
CA PRO E 324 -52.25 -14.09 -33.42
C PRO E 324 -51.88 -14.78 -32.11
N THR E 325 -51.94 -16.12 -32.03
CA THR E 325 -51.53 -16.80 -30.80
C THR E 325 -50.02 -16.62 -30.59
N GLU E 326 -49.24 -16.79 -31.67
CA GLU E 326 -47.79 -16.64 -31.67
C GLU E 326 -47.41 -15.18 -31.31
N VAL E 327 -48.11 -14.19 -31.91
CA VAL E 327 -47.87 -12.77 -31.68
C VAL E 327 -48.19 -12.39 -30.23
N THR E 328 -49.31 -12.89 -29.70
CA THR E 328 -49.71 -12.63 -28.33
C THR E 328 -48.71 -13.28 -27.34
N ALA E 329 -48.25 -14.51 -27.63
CA ALA E 329 -47.32 -15.22 -26.77
C ALA E 329 -46.01 -14.44 -26.52
N ILE E 330 -45.39 -13.88 -27.58
CA ILE E 330 -44.16 -13.12 -27.38
C ILE E 330 -44.42 -11.78 -26.68
N GLY E 331 -45.56 -11.15 -26.97
CA GLY E 331 -45.93 -9.92 -26.29
C GLY E 331 -46.13 -10.16 -24.80
N ALA E 332 -46.78 -11.30 -24.42
CA ALA E 332 -47.02 -11.65 -23.02
C ALA E 332 -45.73 -11.99 -22.27
N VAL E 333 -44.80 -12.70 -22.92
CA VAL E 333 -43.53 -13.06 -22.28
C VAL E 333 -42.68 -11.80 -22.06
N GLU E 334 -42.68 -10.88 -23.03
CA GLU E 334 -41.97 -9.62 -22.92
C GLU E 334 -42.58 -8.79 -21.78
N ALA E 335 -43.91 -8.73 -21.69
CA ALA E 335 -44.60 -8.00 -20.64
C ALA E 335 -44.30 -8.61 -19.25
N ALA E 336 -44.23 -9.95 -19.15
CA ALA E 336 -43.93 -10.63 -17.91
C ALA E 336 -42.53 -10.28 -17.41
N PHE E 337 -41.54 -10.23 -18.32
CA PHE E 337 -40.17 -9.86 -17.94
C PHE E 337 -40.06 -8.42 -17.49
N LYS E 338 -40.85 -7.52 -18.09
CA LYS E 338 -40.83 -6.10 -17.78
C LYS E 338 -41.26 -5.78 -16.35
N CYS E 339 -42.26 -6.53 -15.84
CA CYS E 339 -42.76 -6.28 -14.49
C CYS E 339 -42.40 -7.35 -13.49
N CYS E 340 -41.57 -8.35 -13.86
CA CYS E 340 -41.25 -9.46 -12.96
C CYS E 340 -42.53 -10.21 -12.59
N ALA E 341 -43.46 -10.38 -13.55
CA ALA E 341 -44.76 -11.04 -13.30
C ALA E 341 -44.60 -12.38 -12.59
N ALA E 342 -45.42 -12.63 -11.55
CA ALA E 342 -45.34 -13.91 -10.83
C ALA E 342 -45.80 -15.05 -11.74
N ALA E 343 -46.76 -14.78 -12.65
CA ALA E 343 -47.29 -15.81 -13.53
C ALA E 343 -47.92 -15.23 -14.81
N ILE E 344 -48.07 -16.10 -15.81
CA ILE E 344 -48.81 -15.81 -17.02
C ILE E 344 -49.96 -16.82 -16.96
N ILE E 345 -51.20 -16.34 -16.80
CA ILE E 345 -52.35 -17.23 -16.75
C ILE E 345 -52.94 -17.32 -18.14
N VAL E 346 -52.99 -18.53 -18.71
CA VAL E 346 -53.48 -18.70 -20.07
C VAL E 346 -54.63 -19.71 -20.11
N LEU E 347 -55.64 -19.44 -20.93
CA LEU E 347 -56.75 -20.34 -21.13
C LEU E 347 -56.41 -21.13 -22.38
N THR E 348 -56.49 -22.46 -22.30
CA THR E 348 -56.14 -23.30 -23.45
C THR E 348 -57.01 -24.54 -23.53
N THR E 349 -57.34 -24.97 -24.75
CA THR E 349 -58.16 -26.15 -25.00
C THR E 349 -57.25 -27.35 -25.34
N THR E 350 -56.29 -27.14 -26.26
CA THR E 350 -55.37 -28.19 -26.69
C THR E 350 -54.01 -28.15 -25.99
N GLY E 351 -53.71 -27.04 -25.32
CA GLY E 351 -52.40 -26.81 -24.69
C GLY E 351 -51.50 -25.92 -25.55
N ARG E 352 -51.85 -25.69 -26.83
CA ARG E 352 -51.06 -24.91 -27.77
C ARG E 352 -50.71 -23.49 -27.31
N SER E 353 -51.67 -22.70 -26.78
CA SER E 353 -51.36 -21.35 -26.32
C SER E 353 -50.32 -21.37 -25.19
N ALA E 354 -50.37 -22.39 -24.33
CA ALA E 354 -49.41 -22.52 -23.24
C ALA E 354 -48.03 -22.94 -23.80
N GLN E 355 -48.00 -23.80 -24.82
CA GLN E 355 -46.78 -24.26 -25.45
C GLN E 355 -46.06 -23.08 -26.14
N LEU E 356 -46.81 -22.16 -26.77
CA LEU E 356 -46.23 -21.00 -27.43
C LEU E 356 -45.66 -20.00 -26.44
N LEU E 357 -46.19 -19.94 -25.22
CA LEU E 357 -45.62 -19.07 -24.17
C LEU E 357 -44.31 -19.71 -23.65
N SER E 358 -44.37 -21.04 -23.40
CA SER E 358 -43.29 -21.88 -22.89
CA SER E 358 -43.26 -21.82 -22.87
C SER E 358 -42.02 -21.85 -23.75
N ARG E 359 -42.18 -21.77 -25.09
CA ARG E 359 -41.05 -21.78 -26.01
C ARG E 359 -40.11 -20.57 -25.83
N TYR E 360 -40.61 -19.46 -25.27
CA TYR E 360 -39.79 -18.26 -25.01
C TYR E 360 -39.10 -18.29 -23.65
N ARG E 361 -39.29 -19.37 -22.88
CA ARG E 361 -38.72 -19.60 -21.58
C ARG E 361 -38.89 -18.42 -20.62
N PRO E 362 -40.15 -18.01 -20.33
CA PRO E 362 -40.34 -16.94 -19.34
C PRO E 362 -39.91 -17.41 -17.95
N ARG E 363 -39.47 -16.46 -17.12
CA ARG E 363 -39.18 -16.77 -15.73
C ARG E 363 -40.55 -16.97 -15.01
N ALA E 364 -41.60 -16.22 -15.42
CA ALA E 364 -42.95 -16.32 -14.87
C ALA E 364 -43.56 -17.70 -15.18
N ALA E 365 -44.19 -18.32 -14.18
CA ALA E 365 -44.85 -19.62 -14.35
C ALA E 365 -46.00 -19.46 -15.34
N VAL E 366 -46.20 -20.43 -16.24
CA VAL E 366 -47.32 -20.38 -17.17
C VAL E 366 -48.43 -21.27 -16.58
N ILE E 367 -49.43 -20.65 -15.97
CA ILE E 367 -50.55 -21.37 -15.36
C ILE E 367 -51.61 -21.60 -16.45
N ALA E 368 -51.75 -22.84 -16.93
CA ALA E 368 -52.67 -23.14 -18.02
C ALA E 368 -53.99 -23.72 -17.50
N VAL E 369 -55.08 -22.99 -17.69
CA VAL E 369 -56.39 -23.42 -17.25
C VAL E 369 -57.11 -24.07 -18.41
N THR E 370 -57.48 -25.34 -18.24
CA THR E 370 -58.15 -26.08 -19.32
C THR E 370 -59.29 -26.95 -18.78
N ARG E 371 -60.29 -27.21 -19.63
CA ARG E 371 -61.35 -28.14 -19.30
C ARG E 371 -60.98 -29.57 -19.78
N SER E 372 -60.00 -29.69 -20.72
CA SER E 372 -59.55 -30.95 -21.27
C SER E 372 -58.61 -31.66 -20.29
N ALA E 373 -59.04 -32.80 -19.73
CA ALA E 373 -58.22 -33.60 -18.82
C ALA E 373 -56.96 -34.11 -19.52
N GLN E 374 -57.08 -34.48 -20.80
CA GLN E 374 -55.94 -34.96 -21.56
C GLN E 374 -54.92 -33.85 -21.80
N ALA E 375 -55.36 -32.64 -22.20
CA ALA E 375 -54.45 -31.50 -22.42
C ALA E 375 -53.75 -31.14 -21.12
N ALA E 376 -54.48 -31.20 -19.98
CA ALA E 376 -53.88 -30.90 -18.68
C ALA E 376 -52.73 -31.88 -18.37
N ARG E 377 -52.87 -33.15 -18.74
CA ARG E 377 -51.81 -34.13 -18.53
C ARG E 377 -50.66 -33.92 -19.52
N GLN E 378 -50.98 -33.69 -20.80
CA GLN E 378 -49.97 -33.56 -21.85
C GLN E 378 -49.09 -32.28 -21.77
N VAL E 379 -49.61 -31.17 -21.22
CA VAL E 379 -48.81 -29.94 -21.15
C VAL E 379 -47.62 -30.05 -20.16
N HIS E 380 -47.54 -31.13 -19.37
CA HIS E 380 -46.38 -31.40 -18.52
C HIS E 380 -45.12 -31.57 -19.39
N LEU E 381 -45.27 -31.88 -20.70
CA LEU E 381 -44.15 -32.01 -21.61
C LEU E 381 -43.45 -30.67 -21.85
N CYS E 382 -44.15 -29.53 -21.67
CA CYS E 382 -43.64 -28.18 -21.91
C CYS E 382 -43.12 -27.56 -20.64
N ARG E 383 -41.86 -27.14 -20.63
CA ARG E 383 -41.28 -26.54 -19.45
C ARG E 383 -42.03 -25.29 -18.98
N GLY E 384 -42.26 -25.19 -17.69
CA GLY E 384 -42.88 -24.03 -17.09
C GLY E 384 -44.37 -23.94 -17.20
N VAL E 385 -45.03 -25.00 -17.70
CA VAL E 385 -46.49 -25.01 -17.81
C VAL E 385 -47.07 -25.81 -16.64
N PHE E 386 -47.90 -25.15 -15.84
CA PHE E 386 -48.57 -25.68 -14.66
C PHE E 386 -50.04 -25.85 -14.98
N PRO E 387 -50.46 -27.09 -15.31
CA PRO E 387 -51.85 -27.31 -15.70
C PRO E 387 -52.85 -27.31 -14.56
N LEU E 388 -54.00 -26.67 -14.79
CA LEU E 388 -55.09 -26.65 -13.84
C LEU E 388 -56.31 -27.18 -14.57
N LEU E 389 -56.90 -28.27 -14.05
CA LEU E 389 -58.08 -28.84 -14.68
C LEU E 389 -59.34 -28.19 -14.09
N TYR E 390 -60.07 -27.46 -14.95
CA TYR E 390 -61.28 -26.76 -14.57
C TYR E 390 -62.47 -27.71 -14.75
N ARG E 391 -63.26 -27.93 -13.70
CA ARG E 391 -64.35 -28.90 -13.78
C ARG E 391 -65.76 -28.30 -13.78
N GLU E 392 -65.90 -26.99 -13.57
CA GLU E 392 -67.22 -26.36 -13.53
C GLU E 392 -67.91 -26.31 -14.88
N PRO E 393 -69.25 -26.49 -14.88
CA PRO E 393 -69.98 -26.41 -16.15
C PRO E 393 -69.97 -24.97 -16.68
N PRO E 394 -70.02 -24.81 -18.02
CA PRO E 394 -69.99 -23.46 -18.60
C PRO E 394 -71.10 -22.54 -18.16
N GLU E 395 -70.75 -21.26 -17.93
CA GLU E 395 -71.66 -20.16 -17.61
C GLU E 395 -72.47 -19.81 -18.87
N ALA E 396 -73.65 -19.19 -18.70
CA ALA E 396 -74.49 -18.82 -19.85
C ALA E 396 -73.79 -17.79 -20.74
N ILE E 397 -73.14 -16.80 -20.11
CA ILE E 397 -72.41 -15.78 -20.85
C ILE E 397 -70.92 -16.19 -20.92
N TRP E 398 -70.43 -16.44 -22.16
CA TRP E 398 -69.06 -16.87 -22.39
C TRP E 398 -68.01 -15.96 -21.74
N ALA E 399 -68.17 -14.63 -21.80
CA ALA E 399 -67.23 -13.72 -21.15
C ALA E 399 -67.14 -13.96 -19.63
N ASP E 400 -68.25 -14.35 -18.99
CA ASP E 400 -68.27 -14.64 -17.55
C ASP E 400 -67.57 -15.97 -17.25
N ASP E 401 -67.72 -16.95 -18.17
CA ASP E 401 -67.06 -18.23 -18.05
C ASP E 401 -65.54 -18.02 -18.18
N VAL E 402 -65.09 -17.16 -19.11
CA VAL E 402 -63.67 -16.83 -19.30
C VAL E 402 -63.11 -16.22 -18.01
N ASP E 403 -63.84 -15.25 -17.43
CA ASP E 403 -63.46 -14.60 -16.18
C ASP E 403 -63.40 -15.55 -15.00
N ARG E 404 -64.31 -16.54 -14.95
CA ARG E 404 -64.31 -17.52 -13.88
C ARG E 404 -63.09 -18.43 -13.98
N ARG E 405 -62.68 -18.77 -15.21
CA ARG E 405 -61.53 -19.62 -15.43
C ARG E 405 -60.21 -18.90 -15.09
N VAL E 406 -60.16 -17.56 -15.29
CA VAL E 406 -59.03 -16.71 -14.93
C VAL E 406 -58.94 -16.62 -13.40
N GLN E 407 -60.11 -16.43 -12.73
CA GLN E 407 -60.17 -16.38 -11.27
C GLN E 407 -59.78 -17.69 -10.62
N PHE E 408 -60.16 -18.80 -11.25
CA PHE E 408 -59.78 -20.11 -10.79
C PHE E 408 -58.23 -20.29 -10.85
N GLY E 409 -57.62 -19.71 -11.89
CA GLY E 409 -56.17 -19.71 -12.07
C GLY E 409 -55.49 -18.90 -10.99
N ILE E 410 -56.06 -17.75 -10.64
CA ILE E 410 -55.55 -16.88 -9.56
C ILE E 410 -55.67 -17.55 -8.18
N GLU E 411 -56.87 -18.08 -7.87
CA GLU E 411 -57.11 -18.73 -6.59
C GLU E 411 -56.30 -20.01 -6.45
N SER E 412 -56.10 -20.78 -7.53
CA SER E 412 -55.27 -21.99 -7.46
C SER E 412 -53.79 -21.62 -7.21
N GLY E 413 -53.35 -20.50 -7.79
CA GLY E 413 -51.98 -20.02 -7.67
C GLY E 413 -51.71 -19.55 -6.26
N LYS E 414 -52.67 -18.80 -5.69
CA LYS E 414 -52.59 -18.31 -4.32
C LYS E 414 -52.51 -19.48 -3.34
N LEU E 415 -53.34 -20.51 -3.56
CA LEU E 415 -53.38 -21.69 -2.70
C LEU E 415 -52.06 -22.44 -2.74
N ARG E 416 -51.47 -22.59 -3.96
CA ARG E 416 -50.21 -23.31 -4.13
C ARG E 416 -48.94 -22.51 -3.85
N GLY E 417 -49.06 -21.22 -3.58
CA GLY E 417 -47.91 -20.39 -3.28
C GLY E 417 -47.28 -19.63 -4.44
N PHE E 418 -47.81 -19.78 -5.67
CA PHE E 418 -47.31 -19.07 -6.85
C PHE E 418 -47.59 -17.58 -6.75
N LEU E 419 -48.75 -17.19 -6.20
CA LEU E 419 -49.18 -15.80 -6.22
C LEU E 419 -49.55 -15.25 -4.86
N ARG E 420 -49.36 -13.95 -4.70
CA ARG E 420 -49.73 -13.24 -3.50
C ARG E 420 -50.40 -11.92 -3.89
N VAL E 421 -51.09 -11.28 -2.95
CA VAL E 421 -51.73 -9.99 -3.17
C VAL E 421 -50.67 -8.95 -3.50
N GLY E 422 -50.92 -8.16 -4.52
CA GLY E 422 -49.96 -7.16 -4.97
C GLY E 422 -49.13 -7.59 -6.15
N ASP E 423 -49.07 -8.91 -6.43
CA ASP E 423 -48.33 -9.43 -7.58
C ASP E 423 -48.97 -9.00 -8.89
N LEU E 424 -48.15 -8.88 -9.94
CA LEU E 424 -48.68 -8.60 -11.26
C LEU E 424 -48.68 -9.91 -12.02
N VAL E 425 -49.70 -10.13 -12.82
CA VAL E 425 -49.80 -11.30 -13.66
C VAL E 425 -50.18 -10.83 -15.07
N ILE E 426 -49.83 -11.66 -16.03
CA ILE E 426 -50.21 -11.42 -17.41
C ILE E 426 -51.29 -12.45 -17.71
N VAL E 427 -52.42 -12.04 -18.26
CA VAL E 427 -53.52 -12.96 -18.56
C VAL E 427 -53.71 -13.07 -20.07
N VAL E 428 -53.65 -14.30 -20.60
CA VAL E 428 -53.75 -14.58 -22.03
C VAL E 428 -55.04 -15.32 -22.37
N THR E 429 -55.91 -14.67 -23.15
CA THR E 429 -57.21 -15.21 -23.56
C THR E 429 -57.43 -14.97 -25.07
N GLY E 430 -58.56 -15.42 -25.60
CA GLY E 430 -58.95 -15.25 -26.99
C GLY E 430 -60.24 -14.47 -27.14
N TRP E 431 -60.61 -14.16 -28.38
CA TRP E 431 -61.77 -13.31 -28.64
C TRP E 431 -63.09 -14.08 -28.82
N ARG E 432 -63.02 -15.39 -29.02
CA ARG E 432 -64.18 -16.23 -29.21
C ARG E 432 -63.90 -17.66 -28.69
N PRO E 433 -64.94 -18.44 -28.36
CA PRO E 433 -64.70 -19.82 -27.90
C PRO E 433 -64.09 -20.71 -28.97
N GLY E 434 -63.50 -21.81 -28.54
CA GLY E 434 -62.84 -22.74 -29.44
C GLY E 434 -61.35 -22.49 -29.49
N SER E 435 -60.62 -23.50 -29.87
CA SER E 435 -59.18 -23.50 -30.01
C SER E 435 -58.72 -22.66 -31.21
N GLY E 436 -57.59 -21.98 -31.06
CA GLY E 436 -56.98 -21.22 -32.15
C GLY E 436 -57.24 -19.74 -32.23
N TYR E 437 -57.92 -19.18 -31.23
CA TYR E 437 -58.30 -17.76 -31.28
C TYR E 437 -57.68 -16.89 -30.19
N THR E 438 -56.59 -17.35 -29.54
CA THR E 438 -55.90 -16.51 -28.54
C THR E 438 -55.37 -15.24 -29.22
N ASN E 439 -55.67 -14.07 -28.65
CA ASN E 439 -55.24 -12.80 -29.24
C ASN E 439 -55.18 -11.65 -28.25
N ILE E 440 -55.34 -11.93 -26.94
CA ILE E 440 -55.41 -10.88 -25.93
C ILE E 440 -54.43 -11.10 -24.79
N MET E 441 -53.76 -10.03 -24.38
CA MET E 441 -52.88 -10.07 -23.23
CA MET E 441 -52.82 -10.03 -23.26
C MET E 441 -53.27 -8.90 -22.31
N ARG E 442 -53.44 -9.18 -21.01
CA ARG E 442 -53.84 -8.15 -20.05
C ARG E 442 -52.91 -8.14 -18.86
N VAL E 443 -52.63 -6.95 -18.31
CA VAL E 443 -51.80 -6.87 -17.09
C VAL E 443 -52.74 -6.67 -15.88
N LEU E 444 -52.73 -7.64 -14.97
CA LEU E 444 -53.63 -7.69 -13.82
C LEU E 444 -52.91 -7.66 -12.50
N SER E 445 -53.43 -6.88 -11.56
CA SER E 445 -52.85 -6.83 -10.22
CA SER E 445 -52.86 -6.83 -10.22
C SER E 445 -53.64 -7.80 -9.34
N ILE E 446 -52.96 -8.68 -8.61
CA ILE E 446 -53.62 -9.64 -7.74
C ILE E 446 -54.19 -8.95 -6.51
N SER E 447 -55.50 -9.07 -6.30
CA SER E 447 -56.15 -8.45 -5.13
C SER E 447 -56.62 -9.50 -4.12
N ALA F 13 -34.64 -17.98 -42.98
CA ALA F 13 -35.41 -18.96 -42.22
C ALA F 13 -36.31 -18.28 -41.16
N ASP F 14 -35.85 -17.17 -40.57
CA ASP F 14 -36.65 -16.41 -39.60
C ASP F 14 -37.74 -15.57 -40.28
N VAL F 15 -37.69 -15.41 -41.63
CA VAL F 15 -38.66 -14.65 -42.40
C VAL F 15 -39.24 -15.46 -43.56
N ALA F 16 -38.91 -16.76 -43.71
CA ALA F 16 -39.33 -17.55 -44.87
C ALA F 16 -40.84 -17.72 -45.03
N GLN F 17 -41.56 -18.02 -43.93
CA GLN F 17 -43.02 -18.16 -44.01
C GLN F 17 -43.68 -16.81 -44.31
N LEU F 18 -43.21 -15.74 -43.64
CA LEU F 18 -43.75 -14.41 -43.90
C LEU F 18 -43.43 -13.91 -45.30
N THR F 19 -42.28 -14.30 -45.87
CA THR F 19 -41.91 -13.95 -47.24
C THR F 19 -42.87 -14.66 -48.20
N GLN F 20 -43.24 -15.92 -47.92
CA GLN F 20 -44.18 -16.63 -48.81
C GLN F 20 -45.56 -15.96 -48.75
N GLU F 21 -45.98 -15.52 -47.56
CA GLU F 21 -47.27 -14.89 -47.36
C GLU F 21 -47.35 -13.49 -47.92
N LEU F 22 -46.42 -12.60 -47.53
CA LEU F 22 -46.43 -11.19 -47.96
C LEU F 22 -45.78 -10.92 -49.31
N GLY F 23 -44.96 -11.87 -49.76
CA GLY F 23 -44.28 -11.79 -51.04
C GLY F 23 -42.91 -11.17 -50.95
N THR F 24 -42.11 -11.40 -51.99
CA THR F 24 -40.76 -10.87 -52.02
C THR F 24 -40.77 -9.38 -52.19
N ALA F 25 -41.75 -8.80 -52.93
CA ALA F 25 -41.78 -7.35 -53.10
C ALA F 25 -41.90 -6.63 -51.78
N PHE F 26 -42.72 -7.15 -50.84
CA PHE F 26 -42.90 -6.56 -49.51
C PHE F 26 -41.54 -6.44 -48.79
N PHE F 27 -40.72 -7.50 -48.86
CA PHE F 27 -39.44 -7.55 -48.19
C PHE F 27 -38.33 -6.82 -48.92
N GLN F 28 -38.58 -6.22 -50.09
CA GLN F 28 -37.60 -5.39 -50.78
C GLN F 28 -37.79 -3.90 -50.41
N GLN F 29 -39.02 -3.49 -50.03
CA GLN F 29 -39.36 -2.12 -49.68
C GLN F 29 -38.93 -1.76 -48.26
N GLN F 30 -39.06 -0.46 -47.89
CA GLN F 30 -38.78 0.15 -46.59
C GLN F 30 -37.47 -0.33 -45.93
N GLN F 31 -36.43 -0.55 -46.76
CA GLN F 31 -35.12 -1.01 -46.31
C GLN F 31 -35.19 -2.27 -45.45
N LEU F 32 -36.18 -3.16 -45.73
CA LEU F 32 -36.33 -4.41 -44.99
C LEU F 32 -35.12 -5.33 -45.14
N PRO F 33 -34.41 -5.44 -46.30
CA PRO F 33 -33.20 -6.28 -46.31
C PRO F 33 -32.17 -5.75 -45.31
N ALA F 34 -32.00 -4.41 -45.23
CA ALA F 34 -31.06 -3.80 -44.29
C ALA F 34 -31.54 -3.98 -42.83
N ALA F 35 -32.87 -4.00 -42.62
CA ALA F 35 -33.46 -4.19 -41.31
C ALA F 35 -33.19 -5.57 -40.74
N MET F 36 -33.11 -6.60 -41.59
CA MET F 36 -32.87 -7.97 -41.14
C MET F 36 -31.39 -8.30 -40.86
N ALA F 37 -30.47 -7.39 -41.16
CA ALA F 37 -29.05 -7.66 -41.00
C ALA F 37 -28.65 -7.95 -39.57
N ASP F 38 -27.68 -8.86 -39.40
CA ASP F 38 -27.22 -9.27 -38.09
C ASP F 38 -26.26 -8.31 -37.43
N THR F 39 -25.62 -7.41 -38.22
CA THR F 39 -24.69 -6.40 -37.68
C THR F 39 -25.02 -5.05 -38.29
N PHE F 40 -24.60 -3.96 -37.64
CA PHE F 40 -24.81 -2.62 -38.17
C PHE F 40 -24.03 -2.43 -39.48
N LEU F 41 -22.82 -3.03 -39.59
CA LEU F 41 -22.02 -2.94 -40.82
C LEU F 41 -22.75 -3.58 -41.98
N GLU F 42 -23.31 -4.78 -41.80
CA GLU F 42 -24.10 -5.46 -42.83
C GLU F 42 -25.36 -4.66 -43.18
N HIS F 43 -25.97 -3.99 -42.16
CA HIS F 43 -27.13 -3.11 -42.32
C HIS F 43 -26.77 -1.98 -43.28
N LEU F 44 -25.60 -1.31 -43.08
CA LEU F 44 -25.16 -0.25 -44.00
C LEU F 44 -24.98 -0.80 -45.42
N CYS F 45 -24.30 -1.95 -45.54
CA CYS F 45 -24.05 -2.61 -46.83
C CYS F 45 -25.33 -2.92 -47.60
N LEU F 46 -26.43 -3.17 -46.90
CA LEU F 46 -27.69 -3.51 -47.52
C LEU F 46 -28.63 -2.35 -47.79
N LEU F 47 -28.25 -1.10 -47.44
CA LEU F 47 -29.11 0.05 -47.72
C LEU F 47 -29.24 0.21 -49.24
N ASP F 48 -30.45 0.46 -49.73
CA ASP F 48 -30.72 0.46 -51.16
C ASP F 48 -31.53 1.68 -51.60
N ILE F 49 -30.99 2.46 -52.56
CA ILE F 49 -31.70 3.62 -53.10
C ILE F 49 -32.98 3.24 -53.88
N ASP F 50 -33.11 1.97 -54.31
CA ASP F 50 -34.31 1.50 -55.00
C ASP F 50 -35.36 0.91 -54.04
N SER F 51 -35.06 0.82 -52.74
CA SER F 51 -35.99 0.32 -51.75
C SER F 51 -36.85 1.53 -51.30
N GLU F 52 -38.10 1.60 -51.77
CA GLU F 52 -38.96 2.73 -51.51
C GLU F 52 -39.59 2.75 -50.12
N PRO F 53 -39.66 3.94 -49.50
CA PRO F 53 -40.32 4.04 -48.19
C PRO F 53 -41.82 3.80 -48.34
N VAL F 54 -42.41 3.04 -47.40
CA VAL F 54 -43.83 2.70 -47.47
C VAL F 54 -44.58 3.36 -46.31
N ALA F 55 -43.97 3.36 -45.12
CA ALA F 55 -44.60 3.89 -43.92
C ALA F 55 -44.86 5.38 -43.96
N ALA F 56 -45.84 5.85 -43.19
CA ALA F 56 -46.13 7.28 -43.06
C ALA F 56 -44.94 7.93 -42.32
N ARG F 57 -44.64 9.19 -42.67
CA ARG F 57 -43.52 9.91 -42.06
C ARG F 57 -43.79 10.18 -40.60
N SER F 58 -42.91 9.70 -39.74
CA SER F 58 -43.08 9.74 -38.31
C SER F 58 -42.38 10.89 -37.55
N THR F 59 -41.35 11.54 -38.11
CA THR F 59 -40.67 12.65 -37.43
C THR F 59 -41.46 13.89 -37.74
N SER F 60 -41.94 14.60 -36.72
CA SER F 60 -42.73 15.81 -36.98
C SER F 60 -41.91 16.97 -37.48
N ILE F 61 -42.54 17.80 -38.29
CA ILE F 61 -41.92 18.97 -38.87
C ILE F 61 -42.47 20.20 -38.17
N ILE F 62 -41.57 21.01 -37.61
CA ILE F 62 -41.94 22.27 -37.00
C ILE F 62 -41.58 23.36 -38.00
N ALA F 63 -42.54 24.18 -38.41
CA ALA F 63 -42.26 25.25 -39.36
C ALA F 63 -42.45 26.60 -38.68
N THR F 64 -41.45 27.48 -38.81
CA THR F 64 -41.54 28.82 -38.22
C THR F 64 -42.42 29.70 -39.09
N ILE F 65 -43.39 30.36 -38.47
CA ILE F 65 -44.32 31.25 -39.18
C ILE F 65 -43.73 32.65 -39.30
N GLY F 66 -43.82 33.22 -40.48
CA GLY F 66 -43.34 34.57 -40.76
C GLY F 66 -43.96 35.15 -42.01
N PRO F 67 -43.40 36.25 -42.53
CA PRO F 67 -43.96 36.86 -43.76
C PRO F 67 -44.15 35.92 -44.95
N ALA F 68 -43.26 34.94 -45.12
CA ALA F 68 -43.37 34.01 -46.24
C ALA F 68 -44.40 32.90 -46.05
N SER F 69 -44.87 32.71 -44.82
CA SER F 69 -45.78 31.61 -44.51
C SER F 69 -46.97 32.02 -43.64
N ARG F 70 -47.35 33.28 -43.66
CA ARG F 70 -48.40 33.81 -42.81
C ARG F 70 -49.84 33.76 -43.35
N SER F 71 -50.02 33.87 -44.67
CA SER F 71 -51.36 33.85 -45.26
C SER F 71 -52.06 32.49 -45.12
N VAL F 72 -53.39 32.50 -45.01
CA VAL F 72 -54.22 31.31 -44.84
C VAL F 72 -54.02 30.32 -45.99
N GLU F 73 -53.94 30.82 -47.22
CA GLU F 73 -53.73 29.95 -48.38
C GLU F 73 -52.35 29.29 -48.37
N ARG F 74 -51.32 30.02 -47.89
CA ARG F 74 -49.98 29.48 -47.80
C ARG F 74 -49.89 28.43 -46.69
N LEU F 75 -50.55 28.68 -45.57
CA LEU F 75 -50.61 27.76 -44.46
C LEU F 75 -51.33 26.46 -44.83
N LYS F 76 -52.34 26.52 -45.71
CA LYS F 76 -53.05 25.32 -46.16
C LYS F 76 -52.10 24.46 -46.97
N GLU F 77 -51.26 25.08 -47.82
CA GLU F 77 -50.27 24.37 -48.62
CA GLU F 77 -50.30 24.33 -48.61
C GLU F 77 -49.21 23.72 -47.70
N MET F 78 -48.81 24.43 -46.63
CA MET F 78 -47.82 23.92 -45.69
CA MET F 78 -47.82 23.91 -45.70
C MET F 78 -48.36 22.76 -44.86
N ILE F 79 -49.66 22.78 -44.54
CA ILE F 79 -50.30 21.70 -43.80
C ILE F 79 -50.32 20.45 -44.72
N LYS F 80 -50.68 20.64 -46.00
CA LYS F 80 -50.72 19.56 -46.99
C LYS F 80 -49.31 18.99 -47.26
N ALA F 81 -48.27 19.84 -47.22
CA ALA F 81 -46.89 19.41 -47.42
C ALA F 81 -46.32 18.61 -46.21
N GLY F 82 -46.91 18.78 -45.03
CA GLY F 82 -46.49 18.03 -43.85
C GLY F 82 -46.19 18.77 -42.56
N MET F 83 -46.44 20.08 -42.49
CA MET F 83 -46.20 20.83 -41.25
C MET F 83 -47.11 20.31 -40.13
N ASN F 84 -46.54 19.95 -38.97
CA ASN F 84 -47.30 19.41 -37.84
C ASN F 84 -47.39 20.40 -36.69
N ILE F 85 -46.37 21.29 -36.54
CA ILE F 85 -46.28 22.26 -35.45
C ILE F 85 -45.89 23.60 -36.05
N ALA F 86 -46.63 24.67 -35.73
CA ALA F 86 -46.34 26.01 -36.21
C ALA F 86 -45.60 26.73 -35.10
N ARG F 87 -44.41 27.28 -35.39
CA ARG F 87 -43.61 27.98 -34.40
C ARG F 87 -43.73 29.50 -34.53
N LEU F 88 -44.06 30.18 -33.42
CA LEU F 88 -44.15 31.64 -33.41
C LEU F 88 -42.92 32.13 -32.68
N ASN F 89 -42.03 32.82 -33.39
CA ASN F 89 -40.80 33.33 -32.78
C ASN F 89 -41.08 34.70 -32.13
N PHE F 90 -41.16 34.73 -30.79
CA PHE F 90 -41.44 35.97 -30.08
C PHE F 90 -40.22 36.90 -29.94
N SER F 91 -39.10 36.60 -30.63
CA SER F 91 -37.97 37.50 -30.69
C SER F 91 -38.28 38.69 -31.64
N HIS F 92 -39.24 38.50 -32.58
CA HIS F 92 -39.66 39.51 -33.54
C HIS F 92 -41.20 39.60 -33.53
N GLY F 93 -41.72 40.76 -33.89
CA GLY F 93 -43.16 40.96 -33.99
C GLY F 93 -43.88 41.26 -32.69
N SER F 94 -44.98 42.00 -32.80
CA SER F 94 -45.80 42.39 -31.67
C SER F 94 -46.81 41.28 -31.31
N HIS F 95 -47.51 41.44 -30.17
CA HIS F 95 -48.56 40.51 -29.77
C HIS F 95 -49.69 40.50 -30.82
N GLU F 96 -49.97 41.65 -31.45
CA GLU F 96 -51.00 41.78 -32.48
C GLU F 96 -50.62 40.96 -33.71
N TYR F 97 -49.33 40.99 -34.08
CA TYR F 97 -48.81 40.23 -35.22
C TYR F 97 -48.95 38.72 -34.96
N HIS F 98 -48.54 38.27 -33.76
CA HIS F 98 -48.60 36.86 -33.37
C HIS F 98 -50.02 36.34 -33.23
N ALA F 99 -50.96 37.16 -32.72
CA ALA F 99 -52.35 36.75 -32.61
C ALA F 99 -52.96 36.53 -34.01
N GLU F 100 -52.55 37.33 -34.99
CA GLU F 100 -53.01 37.21 -36.35
C GLU F 100 -52.44 35.94 -36.99
N SER F 101 -51.17 35.60 -36.69
CA SER F 101 -50.53 34.39 -37.19
C SER F 101 -51.28 33.17 -36.65
N ILE F 102 -51.59 33.18 -35.32
CA ILE F 102 -52.32 32.11 -34.66
C ILE F 102 -53.69 31.90 -35.31
N ALA F 103 -54.43 33.00 -35.53
CA ALA F 103 -55.76 32.96 -36.14
C ALA F 103 -55.70 32.40 -37.55
N ASN F 104 -54.67 32.77 -38.32
CA ASN F 104 -54.50 32.28 -39.70
C ASN F 104 -54.18 30.79 -39.71
N VAL F 105 -53.36 30.33 -38.74
CA VAL F 105 -53.01 28.92 -38.62
C VAL F 105 -54.29 28.14 -38.30
N ARG F 106 -55.04 28.57 -37.28
CA ARG F 106 -56.29 27.94 -36.91
C ARG F 106 -57.32 27.93 -38.04
N GLU F 107 -57.41 29.01 -38.82
CA GLU F 107 -58.33 29.03 -39.95
C GLU F 107 -57.93 28.01 -41.02
N ALA F 108 -56.62 27.94 -41.36
CA ALA F 108 -56.12 26.96 -42.34
C ALA F 108 -56.34 25.53 -41.84
N VAL F 109 -56.11 25.26 -40.54
CA VAL F 109 -56.28 23.94 -39.95
C VAL F 109 -57.75 23.52 -39.98
N GLU F 110 -58.66 24.41 -39.55
CA GLU F 110 -60.08 24.06 -39.51
C GLU F 110 -60.75 23.98 -40.87
N SER F 111 -60.09 24.46 -41.95
CA SER F 111 -60.65 24.33 -43.30
C SER F 111 -60.70 22.84 -43.76
N PHE F 112 -59.99 21.93 -43.07
CA PHE F 112 -60.00 20.50 -43.36
C PHE F 112 -60.84 19.70 -42.33
N ALA F 113 -61.53 20.38 -41.39
CA ALA F 113 -62.31 19.76 -40.32
C ALA F 113 -63.58 19.02 -40.74
N GLY F 114 -63.94 19.09 -42.02
CA GLY F 114 -65.14 18.40 -42.47
C GLY F 114 -65.10 16.89 -42.33
N SER F 115 -63.90 16.30 -42.19
CA SER F 115 -63.75 14.86 -42.12
C SER F 115 -62.45 14.48 -41.40
N PRO F 116 -62.38 13.32 -40.70
CA PRO F 116 -61.08 12.88 -40.15
C PRO F 116 -60.09 12.43 -41.25
N LEU F 117 -60.58 12.18 -42.48
CA LEU F 117 -59.76 11.79 -43.63
C LEU F 117 -58.91 12.96 -44.16
N SER F 118 -59.33 14.20 -43.89
CA SER F 118 -58.62 15.40 -44.33
C SER F 118 -58.06 16.19 -43.14
N TYR F 119 -58.65 16.06 -41.93
CA TYR F 119 -58.26 16.81 -40.74
C TYR F 119 -56.89 16.46 -40.20
N ARG F 120 -56.05 17.47 -40.03
CA ARG F 120 -54.73 17.29 -39.45
C ARG F 120 -54.54 18.25 -38.27
N PRO F 121 -54.51 17.72 -37.04
CA PRO F 121 -54.22 18.59 -35.89
C PRO F 121 -52.84 19.25 -36.03
N VAL F 122 -52.77 20.55 -35.82
CA VAL F 122 -51.50 21.26 -35.93
C VAL F 122 -51.25 21.95 -34.61
N ALA F 123 -50.13 21.66 -33.94
CA ALA F 123 -49.83 22.29 -32.67
C ALA F 123 -49.31 23.72 -32.87
N ILE F 124 -49.48 24.58 -31.87
CA ILE F 124 -48.98 25.95 -31.94
C ILE F 124 -47.98 26.11 -30.82
N ALA F 125 -46.73 26.46 -31.18
CA ALA F 125 -45.65 26.58 -30.22
C ALA F 125 -45.15 28.02 -30.13
N LEU F 126 -44.95 28.50 -28.92
CA LEU F 126 -44.47 29.86 -28.70
C LEU F 126 -42.99 29.79 -28.33
N ASP F 127 -42.13 30.41 -29.13
CA ASP F 127 -40.70 30.40 -28.86
C ASP F 127 -40.35 31.74 -28.19
N THR F 128 -39.96 31.69 -26.90
CA THR F 128 -39.66 32.92 -26.15
C THR F 128 -38.41 33.68 -26.63
N LYS F 129 -38.38 34.99 -26.36
CA LYS F 129 -37.26 35.86 -26.73
C LYS F 129 -36.00 35.50 -25.90
N GLY F 130 -36.19 35.24 -24.61
CA GLY F 130 -35.10 34.86 -23.73
C GLY F 130 -34.82 35.82 -22.59
N PRO F 131 -33.82 35.50 -21.77
CA PRO F 131 -33.50 36.36 -20.62
C PRO F 131 -32.61 37.57 -20.92
N GLY F 132 -31.90 37.53 -22.05
CA GLY F 132 -30.97 38.57 -22.45
C GLY F 132 -29.76 38.59 -21.52
N SER F 133 -29.39 39.79 -21.05
CA SER F 133 -28.28 39.94 -20.09
C SER F 133 -28.65 39.51 -18.67
N GLY F 134 -29.95 39.44 -18.36
CA GLY F 134 -30.47 39.08 -17.04
C GLY F 134 -30.28 37.65 -16.61
N PRO F 135 -30.38 37.42 -15.29
CA PRO F 135 -30.18 36.06 -14.77
C PRO F 135 -31.41 35.13 -14.83
N GLY F 136 -32.58 35.65 -14.44
CA GLY F 136 -33.81 34.87 -14.43
C GLY F 136 -34.78 35.22 -15.55
N LEU F 137 -36.08 35.03 -15.30
CA LEU F 137 -37.11 35.29 -16.30
C LEU F 137 -37.26 36.79 -16.58
N SER F 138 -37.15 37.18 -17.85
CA SER F 138 -37.30 38.57 -18.23
C SER F 138 -38.76 39.05 -18.16
N GLU F 139 -39.00 40.37 -18.11
CA GLU F 139 -40.36 40.91 -18.04
C GLU F 139 -41.11 40.72 -19.34
N GLN F 140 -40.42 40.77 -20.48
CA GLN F 140 -41.07 40.54 -21.78
C GLN F 140 -41.51 39.09 -21.89
N ASP F 141 -40.69 38.14 -21.38
CA ASP F 141 -41.07 36.75 -21.40
C ASP F 141 -42.28 36.48 -20.51
N VAL F 142 -42.40 37.17 -19.37
CA VAL F 142 -43.59 37.02 -18.51
C VAL F 142 -44.86 37.47 -19.27
N ARG F 143 -44.77 38.59 -20.01
CA ARG F 143 -45.88 39.09 -20.79
C ARG F 143 -46.22 38.16 -21.98
N ASP F 144 -45.20 37.63 -22.66
CA ASP F 144 -45.36 36.74 -23.80
C ASP F 144 -45.91 35.37 -23.37
N LEU F 145 -45.49 34.87 -22.21
CA LEU F 145 -46.00 33.60 -21.69
C LEU F 145 -47.48 33.74 -21.32
N ARG F 146 -47.87 34.90 -20.76
CA ARG F 146 -49.26 35.19 -20.43
C ARG F 146 -50.10 35.23 -21.72
N PHE F 147 -49.55 35.83 -22.79
CA PHE F 147 -50.20 35.92 -24.10
C PHE F 147 -50.45 34.50 -24.64
N GLY F 148 -49.46 33.61 -24.48
CA GLY F 148 -49.55 32.23 -24.91
C GLY F 148 -50.68 31.48 -24.25
N VAL F 149 -50.81 31.64 -22.93
CA VAL F 149 -51.89 31.00 -22.17
C VAL F 149 -53.24 31.55 -22.63
N GLU F 150 -53.36 32.87 -22.80
CA GLU F 150 -54.59 33.50 -23.24
C GLU F 150 -54.99 33.11 -24.66
N HIS F 151 -54.00 32.80 -25.50
CA HIS F 151 -54.29 32.38 -26.87
C HIS F 151 -54.27 30.84 -27.07
N GLY F 152 -54.21 30.08 -25.99
CA GLY F 152 -54.25 28.63 -26.03
C GLY F 152 -53.15 27.89 -26.77
N VAL F 153 -51.89 28.34 -26.61
CA VAL F 153 -50.77 27.66 -27.26
C VAL F 153 -50.57 26.28 -26.62
N ASP F 154 -50.06 25.33 -27.40
CA ASP F 154 -49.86 23.96 -26.91
C ASP F 154 -48.51 23.74 -26.29
N ILE F 155 -47.49 24.45 -26.80
CA ILE F 155 -46.10 24.23 -26.43
C ILE F 155 -45.36 25.55 -26.25
N VAL F 156 -44.40 25.57 -25.35
CA VAL F 156 -43.50 26.69 -25.17
C VAL F 156 -42.10 26.18 -25.45
N PHE F 157 -41.37 26.82 -26.37
CA PHE F 157 -39.96 26.51 -26.60
C PHE F 157 -39.28 27.57 -25.75
N ALA F 158 -38.82 27.20 -24.54
CA ALA F 158 -38.20 28.17 -23.62
C ALA F 158 -36.74 28.44 -23.97
N SER F 159 -36.43 29.67 -24.41
CA SER F 159 -35.08 30.04 -24.78
C SER F 159 -34.08 30.10 -23.63
N PHE F 160 -32.83 29.78 -23.94
CA PHE F 160 -31.67 29.84 -23.05
C PHE F 160 -31.90 29.24 -21.65
N VAL F 161 -32.39 27.99 -21.58
CA VAL F 161 -32.57 27.34 -20.28
C VAL F 161 -31.20 26.87 -19.84
N ARG F 162 -30.78 27.27 -18.63
CA ARG F 162 -29.46 26.95 -18.07
C ARG F 162 -29.52 26.05 -16.83
N LYS F 163 -30.69 25.92 -16.21
CA LYS F 163 -30.84 25.15 -14.97
C LYS F 163 -32.33 24.82 -14.73
N ALA F 164 -32.60 23.91 -13.77
CA ALA F 164 -33.98 23.53 -13.45
C ALA F 164 -34.86 24.71 -13.00
N SER F 165 -34.28 25.69 -12.28
CA SER F 165 -35.05 26.86 -11.81
C SER F 165 -35.56 27.74 -12.95
N ASP F 166 -34.90 27.69 -14.11
CA ASP F 166 -35.35 28.43 -15.29
C ASP F 166 -36.67 27.81 -15.81
N VAL F 167 -36.77 26.47 -15.77
CA VAL F 167 -37.97 25.76 -16.20
C VAL F 167 -39.11 26.06 -15.21
N ALA F 168 -38.80 26.07 -13.91
CA ALA F 168 -39.80 26.36 -12.87
C ALA F 168 -40.37 27.77 -13.05
N ALA F 169 -39.53 28.75 -13.39
CA ALA F 169 -39.97 30.12 -13.61
C ALA F 169 -40.90 30.22 -14.82
N VAL F 170 -40.63 29.48 -15.91
CA VAL F 170 -41.52 29.47 -17.07
C VAL F 170 -42.86 28.84 -16.69
N ARG F 171 -42.81 27.73 -15.94
CA ARG F 171 -44.00 27.02 -15.49
CA ARG F 171 -44.01 27.02 -15.49
C ARG F 171 -44.88 27.94 -14.63
N ALA F 172 -44.25 28.70 -13.71
CA ALA F 172 -44.95 29.63 -12.82
C ALA F 172 -45.58 30.79 -13.62
N ALA F 173 -44.88 31.34 -14.61
CA ALA F 173 -45.40 32.41 -15.44
C ALA F 173 -46.60 31.97 -16.31
N LEU F 174 -46.74 30.67 -16.57
CA LEU F 174 -47.89 30.12 -17.30
C LEU F 174 -49.16 30.08 -16.39
N GLY F 175 -48.97 30.12 -15.08
CA GLY F 175 -50.06 30.15 -14.11
C GLY F 175 -50.84 28.87 -13.96
N PRO F 176 -51.98 28.94 -13.25
CA PRO F 176 -52.81 27.74 -13.05
C PRO F 176 -53.52 27.25 -14.32
N GLU F 177 -53.78 28.16 -15.27
CA GLU F 177 -54.45 27.80 -16.52
C GLU F 177 -53.52 27.21 -17.60
N GLY F 178 -52.21 27.38 -17.44
CA GLY F 178 -51.26 26.86 -18.41
C GLY F 178 -50.54 25.60 -17.96
N HIS F 179 -51.12 24.84 -17.02
CA HIS F 179 -50.50 23.62 -16.52
C HIS F 179 -50.42 22.49 -17.58
N GLY F 180 -51.29 22.53 -18.58
CA GLY F 180 -51.31 21.56 -19.66
C GLY F 180 -50.36 21.85 -20.81
N ILE F 181 -49.79 23.06 -20.86
CA ILE F 181 -48.84 23.44 -21.91
C ILE F 181 -47.53 22.68 -21.75
N LYS F 182 -46.99 22.12 -22.85
CA LYS F 182 -45.72 21.40 -22.78
C LYS F 182 -44.55 22.37 -22.80
N ILE F 183 -43.57 22.18 -21.92
CA ILE F 183 -42.40 23.05 -21.92
C ILE F 183 -41.21 22.28 -22.52
N ILE F 184 -40.72 22.76 -23.65
CA ILE F 184 -39.56 22.20 -24.33
C ILE F 184 -38.42 23.17 -24.07
N SER F 185 -37.43 22.74 -23.29
CA SER F 185 -36.29 23.61 -22.96
C SER F 185 -35.28 23.67 -24.09
N LYS F 186 -34.92 24.90 -24.51
CA LYS F 186 -33.92 25.06 -25.54
C LYS F 186 -32.54 25.09 -24.88
N ILE F 187 -31.64 24.16 -25.27
CA ILE F 187 -30.28 24.12 -24.76
C ILE F 187 -29.44 24.90 -25.74
N GLU F 188 -28.93 26.07 -25.32
CA GLU F 188 -28.23 26.98 -26.21
C GLU F 188 -26.83 27.39 -25.77
N ASN F 189 -26.33 26.89 -24.65
CA ASN F 189 -25.00 27.30 -24.19
C ASN F 189 -24.29 26.18 -23.38
N HIS F 190 -23.04 26.41 -22.97
CA HIS F 190 -22.28 25.44 -22.22
C HIS F 190 -22.94 25.01 -20.91
N GLU F 191 -23.49 25.97 -20.15
CA GLU F 191 -24.15 25.64 -18.89
C GLU F 191 -25.37 24.73 -19.07
N GLY F 192 -26.16 24.99 -20.10
CA GLY F 192 -27.32 24.15 -20.41
C GLY F 192 -26.92 22.73 -20.73
N VAL F 193 -25.77 22.55 -21.44
CA VAL F 193 -25.26 21.22 -21.76
C VAL F 193 -24.78 20.52 -20.49
N LYS F 194 -24.01 21.23 -19.64
CA LYS F 194 -23.49 20.64 -18.41
C LYS F 194 -24.56 20.31 -17.38
N ARG F 195 -25.59 21.16 -17.27
CA ARG F 195 -26.70 20.94 -16.35
C ARG F 195 -27.89 20.22 -17.05
N PHE F 196 -27.65 19.53 -18.21
CA PHE F 196 -28.69 18.88 -19.01
C PHE F 196 -29.59 17.95 -18.20
N ASP F 197 -29.03 17.05 -17.39
CA ASP F 197 -29.81 16.09 -16.64
C ASP F 197 -30.85 16.71 -15.73
N GLU F 198 -30.48 17.80 -15.02
CA GLU F 198 -31.44 18.46 -14.12
C GLU F 198 -32.51 19.22 -14.93
N ILE F 199 -32.18 19.71 -16.12
CA ILE F 199 -33.13 20.43 -16.97
C ILE F 199 -34.13 19.45 -17.59
N LEU F 200 -33.64 18.30 -18.11
CA LEU F 200 -34.50 17.29 -18.73
C LEU F 200 -35.48 16.71 -17.70
N GLU F 201 -35.01 16.48 -16.48
CA GLU F 201 -35.85 15.93 -15.43
C GLU F 201 -37.16 16.73 -15.19
N VAL F 202 -37.09 18.07 -15.25
CA VAL F 202 -38.24 18.95 -15.02
C VAL F 202 -38.90 19.47 -16.30
N SER F 203 -38.37 19.16 -17.48
CA SER F 203 -38.95 19.62 -18.74
C SER F 203 -39.78 18.51 -19.38
N ASP F 204 -40.67 18.88 -20.31
CA ASP F 204 -41.41 17.88 -21.08
C ASP F 204 -40.57 17.32 -22.24
N GLY F 205 -39.58 18.09 -22.69
CA GLY F 205 -38.69 17.74 -23.78
C GLY F 205 -37.60 18.78 -23.95
N ILE F 206 -36.79 18.60 -25.00
CA ILE F 206 -35.63 19.45 -25.24
C ILE F 206 -35.52 19.87 -26.70
N MET F 207 -34.96 21.06 -26.94
CA MET F 207 -34.66 21.49 -28.29
C MET F 207 -33.15 21.72 -28.34
N VAL F 208 -32.45 21.07 -29.30
CA VAL F 208 -31.02 21.29 -29.50
C VAL F 208 -30.99 22.53 -30.39
N ALA F 209 -30.84 23.71 -29.77
CA ALA F 209 -30.88 24.99 -30.46
C ALA F 209 -29.48 25.30 -30.97
N ARG F 210 -29.12 24.71 -32.12
CA ARG F 210 -27.77 24.72 -32.68
C ARG F 210 -27.23 26.08 -33.08
N GLY F 211 -28.11 27.03 -33.41
CA GLY F 211 -27.69 28.39 -33.77
C GLY F 211 -26.89 29.06 -32.68
N ASP F 212 -27.48 29.25 -31.49
CA ASP F 212 -26.78 29.87 -30.37
C ASP F 212 -25.72 28.93 -29.82
N LEU F 213 -26.03 27.62 -29.76
CA LEU F 213 -25.08 26.63 -29.24
C LEU F 213 -23.74 26.67 -30.01
N GLY F 214 -23.80 26.86 -31.32
CA GLY F 214 -22.64 26.95 -32.20
C GLY F 214 -21.79 28.21 -32.04
N ILE F 215 -22.33 29.22 -31.34
CA ILE F 215 -21.64 30.48 -31.03
C ILE F 215 -21.12 30.43 -29.58
N GLU F 216 -21.86 29.77 -28.68
CA GLU F 216 -21.51 29.63 -27.28
C GLU F 216 -20.40 28.62 -27.03
N ILE F 217 -20.37 27.54 -27.82
CA ILE F 217 -19.35 26.50 -27.73
C ILE F 217 -18.67 26.38 -29.13
N PRO F 218 -17.45 25.79 -29.24
CA PRO F 218 -16.84 25.64 -30.57
C PRO F 218 -17.75 24.94 -31.56
N ALA F 219 -17.82 25.46 -32.78
CA ALA F 219 -18.72 24.93 -33.81
C ALA F 219 -18.49 23.45 -34.08
N GLU F 220 -17.24 23.00 -33.98
CA GLU F 220 -16.90 21.61 -34.22
C GLU F 220 -17.33 20.65 -33.10
N LYS F 221 -17.91 21.17 -32.00
CA LYS F 221 -18.38 20.36 -30.87
C LYS F 221 -19.91 20.25 -30.84
N VAL F 222 -20.65 21.06 -31.62
CA VAL F 222 -22.11 21.02 -31.60
C VAL F 222 -22.68 19.62 -31.88
N PHE F 223 -22.08 18.87 -32.81
CA PHE F 223 -22.59 17.53 -33.12
C PHE F 223 -22.52 16.58 -31.92
N LEU F 224 -21.53 16.75 -31.01
CA LEU F 224 -21.38 15.90 -29.83
C LEU F 224 -22.52 16.20 -28.86
N ALA F 225 -22.85 17.50 -28.69
CA ALA F 225 -23.93 17.95 -27.82
C ALA F 225 -25.26 17.46 -28.38
N GLN F 226 -25.45 17.56 -29.71
CA GLN F 226 -26.70 17.09 -30.34
C GLN F 226 -26.88 15.58 -30.12
N LYS F 227 -25.84 14.80 -30.40
CA LYS F 227 -25.91 13.34 -30.27
C LYS F 227 -26.12 12.89 -28.83
N MET F 228 -25.43 13.54 -27.87
CA MET F 228 -25.59 13.23 -26.45
C MET F 228 -27.03 13.56 -25.98
N MET F 229 -27.54 14.76 -26.30
CA MET F 229 -28.89 15.16 -25.88
C MET F 229 -29.97 14.30 -26.49
N ILE F 230 -29.83 13.92 -27.78
CA ILE F 230 -30.81 13.04 -28.41
C ILE F 230 -30.81 11.68 -27.72
N GLY F 231 -29.63 11.14 -27.46
CA GLY F 231 -29.50 9.86 -26.78
C GLY F 231 -30.11 9.87 -25.39
N ARG F 232 -29.83 10.91 -24.57
CA ARG F 232 -30.39 11.02 -23.24
C ARG F 232 -31.90 11.20 -23.25
N CYS F 233 -32.45 11.95 -24.23
CA CYS F 233 -33.89 12.14 -24.37
C CYS F 233 -34.55 10.84 -24.77
N ASN F 234 -33.93 10.07 -25.67
CA ASN F 234 -34.45 8.77 -26.11
C ASN F 234 -34.49 7.80 -24.92
N LEU F 235 -33.43 7.82 -24.10
CA LEU F 235 -33.36 6.99 -22.91
C LEU F 235 -34.45 7.39 -21.90
N ALA F 236 -34.69 8.70 -21.71
CA ALA F 236 -35.73 9.20 -20.81
C ALA F 236 -37.16 9.04 -21.36
N GLY F 237 -37.30 8.79 -22.66
CA GLY F 237 -38.60 8.69 -23.30
C GLY F 237 -39.27 10.05 -23.46
N LYS F 238 -38.46 11.13 -23.61
CA LYS F 238 -38.98 12.51 -23.75
C LYS F 238 -38.64 13.10 -25.11
N PRO F 239 -39.56 13.89 -25.70
CA PRO F 239 -39.29 14.44 -27.04
C PRO F 239 -38.05 15.31 -27.17
N VAL F 240 -37.36 15.19 -28.32
CA VAL F 240 -36.19 16.00 -28.59
C VAL F 240 -36.32 16.57 -30.01
N VAL F 241 -36.07 17.88 -30.14
CA VAL F 241 -36.16 18.59 -31.41
C VAL F 241 -34.78 18.96 -31.92
N CYS F 242 -34.48 18.69 -33.20
CA CYS F 242 -33.24 19.16 -33.79
C CYS F 242 -33.59 20.44 -34.55
N ALA F 243 -32.82 21.51 -34.33
CA ALA F 243 -33.17 22.79 -34.94
C ALA F 243 -31.97 23.56 -35.50
N THR F 244 -32.26 24.47 -36.46
CA THR F 244 -31.42 25.53 -37.06
C THR F 244 -30.50 25.10 -38.19
N GLN F 245 -30.68 25.79 -39.35
CA GLN F 245 -29.93 25.69 -40.58
C GLN F 245 -29.95 24.30 -41.21
N MET F 246 -31.01 23.52 -40.94
CA MET F 246 -31.11 22.20 -41.51
C MET F 246 -31.19 22.24 -43.05
N LEU F 247 -31.94 23.19 -43.61
CA LEU F 247 -32.06 23.33 -45.08
C LEU F 247 -31.85 24.81 -45.47
N GLU F 248 -30.93 25.52 -44.78
CA GLU F 248 -30.64 26.93 -44.92
C GLU F 248 -30.60 27.46 -46.37
N SER F 249 -29.88 26.79 -47.29
CA SER F 249 -29.78 27.26 -48.67
C SER F 249 -31.13 27.33 -49.39
N MET F 250 -32.15 26.59 -48.89
CA MET F 250 -33.49 26.64 -49.47
C MET F 250 -34.25 27.95 -49.17
N ILE F 251 -33.61 28.90 -48.45
CA ILE F 251 -34.16 30.24 -48.26
C ILE F 251 -34.19 30.93 -49.66
N THR F 252 -33.18 30.70 -50.52
CA THR F 252 -33.16 31.30 -51.85
C THR F 252 -33.12 30.30 -53.00
N LYS F 253 -32.71 29.04 -52.74
CA LYS F 253 -32.61 28.04 -53.80
C LYS F 253 -33.72 26.97 -53.71
N PRO F 254 -34.20 26.45 -54.86
CA PRO F 254 -35.28 25.45 -54.80
C PRO F 254 -34.84 24.06 -54.34
N ARG F 255 -33.52 23.80 -54.34
CA ARG F 255 -32.95 22.51 -53.94
C ARG F 255 -31.88 22.75 -52.87
N PRO F 256 -31.80 21.87 -51.87
CA PRO F 256 -30.79 22.06 -50.81
C PRO F 256 -29.40 21.53 -51.20
N THR F 257 -28.38 21.80 -50.37
CA THR F 257 -27.03 21.28 -50.61
C THR F 257 -26.96 19.79 -50.15
N ARG F 258 -25.89 19.10 -50.51
CA ARG F 258 -25.69 17.71 -50.10
C ARG F 258 -25.48 17.60 -48.59
N ALA F 259 -24.87 18.64 -47.96
CA ALA F 259 -24.67 18.66 -46.51
C ALA F 259 -26.01 18.80 -45.77
N GLU F 260 -26.93 19.59 -46.32
CA GLU F 260 -28.23 19.84 -45.73
C GLU F 260 -29.11 18.61 -45.72
N THR F 261 -29.20 17.86 -46.84
CA THR F 261 -30.00 16.64 -46.85
C THR F 261 -29.42 15.60 -45.91
N SER F 262 -28.09 15.52 -45.82
CA SER F 262 -27.44 14.59 -44.90
C SER F 262 -27.72 14.99 -43.45
N ASP F 263 -27.73 16.28 -43.14
CA ASP F 263 -28.01 16.77 -41.78
C ASP F 263 -29.42 16.36 -41.31
N VAL F 264 -30.43 16.49 -42.20
CA VAL F 264 -31.81 16.12 -41.87
C VAL F 264 -31.88 14.62 -41.65
N ALA F 265 -31.31 13.85 -42.58
CA ALA F 265 -31.31 12.38 -42.45
C ALA F 265 -30.62 11.92 -41.17
N ASN F 266 -29.47 12.55 -40.83
CA ASN F 266 -28.71 12.18 -39.64
C ASN F 266 -29.37 12.60 -38.36
N ALA F 267 -30.19 13.68 -38.36
CA ALA F 267 -30.93 14.06 -37.15
C ALA F 267 -31.98 12.96 -36.83
N VAL F 268 -32.65 12.42 -37.86
CA VAL F 268 -33.62 11.35 -37.74
C VAL F 268 -32.91 10.06 -37.30
N LEU F 269 -31.76 9.73 -37.95
CA LEU F 269 -31.01 8.53 -37.55
C LEU F 269 -30.43 8.64 -36.12
N ASP F 270 -30.13 9.86 -35.66
CA ASP F 270 -29.64 10.08 -34.28
C ASP F 270 -30.73 9.72 -33.27
N GLY F 271 -32.00 9.96 -33.62
CA GLY F 271 -33.15 9.67 -32.78
C GLY F 271 -34.05 10.86 -32.49
N ALA F 272 -33.92 11.95 -33.25
CA ALA F 272 -34.75 13.13 -33.02
C ALA F 272 -36.24 12.84 -33.26
N ASP F 273 -37.10 13.37 -32.40
CA ASP F 273 -38.56 13.22 -32.56
C ASP F 273 -39.07 14.24 -33.55
N CYS F 274 -38.51 15.46 -33.56
CA CYS F 274 -38.92 16.53 -34.45
C CYS F 274 -37.74 17.15 -35.13
N ILE F 275 -37.98 17.70 -36.30
CA ILE F 275 -37.00 18.50 -37.07
C ILE F 275 -37.65 19.87 -37.33
N MET F 276 -36.84 20.93 -37.42
CA MET F 276 -37.37 22.28 -37.53
C MET F 276 -36.86 23.07 -38.73
N LEU F 277 -37.70 23.99 -39.20
CA LEU F 277 -37.38 24.96 -40.25
C LEU F 277 -37.57 26.35 -39.64
N SER F 278 -36.59 27.23 -39.82
CA SER F 278 -36.66 28.59 -39.28
C SER F 278 -36.83 29.57 -40.43
N GLY F 279 -35.76 30.21 -40.91
CA GLY F 279 -35.80 31.13 -42.04
C GLY F 279 -36.35 30.51 -43.31
N GLU F 280 -36.13 29.19 -43.48
CA GLU F 280 -36.60 28.43 -44.65
C GLU F 280 -38.11 28.61 -44.86
N THR F 281 -38.90 28.67 -43.77
CA THR F 281 -40.35 28.86 -43.87
C THR F 281 -40.81 30.26 -43.43
N ALA F 282 -40.08 30.90 -42.52
CA ALA F 282 -40.45 32.22 -42.03
C ALA F 282 -40.24 33.32 -43.04
N LYS F 283 -39.13 33.30 -43.79
CA LYS F 283 -38.82 34.37 -44.72
C LYS F 283 -38.35 33.98 -46.11
N GLY F 284 -38.12 32.70 -46.36
CA GLY F 284 -37.55 32.27 -47.64
C GLY F 284 -38.49 32.26 -48.82
N ASN F 285 -37.95 32.02 -50.01
CA ASN F 285 -38.70 31.98 -51.24
C ASN F 285 -39.37 30.65 -51.52
N PHE F 286 -39.03 29.58 -50.75
CA PHE F 286 -39.59 28.25 -51.00
C PHE F 286 -40.09 27.60 -49.69
N PRO F 287 -41.01 28.23 -48.92
CA PRO F 287 -41.42 27.61 -47.64
C PRO F 287 -42.08 26.24 -47.78
N VAL F 288 -42.95 26.07 -48.77
CA VAL F 288 -43.64 24.81 -48.99
C VAL F 288 -42.67 23.72 -49.49
N GLU F 289 -41.74 24.10 -50.36
CA GLU F 289 -40.76 23.17 -50.90
C GLU F 289 -39.77 22.71 -49.79
N ALA F 290 -39.50 23.58 -48.78
CA ALA F 290 -38.65 23.22 -47.64
C ALA F 290 -39.34 22.18 -46.77
N VAL F 291 -40.66 22.34 -46.56
CA VAL F 291 -41.45 21.37 -45.79
C VAL F 291 -41.49 20.03 -46.56
N LYS F 292 -41.71 20.08 -47.88
CA LYS F 292 -41.74 18.88 -48.71
C LYS F 292 -40.40 18.14 -48.70
N MET F 293 -39.28 18.88 -48.72
CA MET F 293 -37.95 18.28 -48.69
C MET F 293 -37.68 17.61 -47.35
N GLN F 294 -38.05 18.25 -46.23
CA GLN F 294 -37.88 17.61 -44.91
C GLN F 294 -38.75 16.37 -44.80
N HIS F 295 -39.97 16.41 -45.37
CA HIS F 295 -40.87 15.26 -45.35
C HIS F 295 -40.23 14.09 -46.14
N ALA F 296 -39.71 14.38 -47.34
CA ALA F 296 -39.11 13.38 -48.21
C ALA F 296 -37.89 12.74 -47.57
N ILE F 297 -37.00 13.55 -46.96
CA ILE F 297 -35.79 13.02 -46.33
C ILE F 297 -36.13 12.20 -45.09
N ALA F 298 -37.01 12.71 -44.19
CA ALA F 298 -37.38 12.01 -42.96
C ALA F 298 -37.95 10.64 -43.25
N ARG F 299 -38.78 10.51 -44.28
CA ARG F 299 -39.37 9.22 -44.67
C ARG F 299 -38.28 8.22 -45.07
N GLU F 300 -37.28 8.67 -45.84
CA GLU F 300 -36.20 7.81 -46.27
C GLU F 300 -35.34 7.41 -45.08
N ALA F 301 -35.03 8.36 -44.19
CA ALA F 301 -34.18 8.10 -43.03
C ALA F 301 -34.85 7.18 -42.00
N GLU F 302 -36.16 7.31 -41.80
CA GLU F 302 -36.88 6.46 -40.86
C GLU F 302 -36.84 4.99 -41.30
N ALA F 303 -36.91 4.71 -42.61
CA ALA F 303 -36.86 3.34 -43.09
C ALA F 303 -35.43 2.77 -42.88
N ALA F 304 -34.39 3.62 -42.92
CA ALA F 304 -32.98 3.23 -42.74
C ALA F 304 -32.57 3.05 -41.26
N VAL F 305 -33.48 3.30 -40.30
CA VAL F 305 -33.18 3.11 -38.88
C VAL F 305 -32.93 1.59 -38.63
N TYR F 306 -31.92 1.25 -37.82
CA TYR F 306 -31.61 -0.14 -37.54
C TYR F 306 -32.38 -0.57 -36.28
N HIS F 307 -33.69 -0.87 -36.44
CA HIS F 307 -34.57 -1.22 -35.30
C HIS F 307 -34.11 -2.40 -34.50
N ARG F 308 -33.44 -3.38 -35.13
CA ARG F 308 -32.93 -4.55 -34.41
C ARG F 308 -32.06 -4.17 -33.19
N GLN F 309 -31.08 -3.28 -33.38
CA GLN F 309 -30.24 -2.87 -32.27
C GLN F 309 -30.92 -1.79 -31.44
N LEU F 310 -31.59 -0.84 -32.09
CA LEU F 310 -32.25 0.26 -31.39
C LEU F 310 -33.28 -0.25 -30.36
N PHE F 311 -34.18 -1.17 -30.76
CA PHE F 311 -35.18 -1.73 -29.85
C PHE F 311 -34.53 -2.50 -28.72
N GLU F 312 -33.53 -3.34 -29.03
CA GLU F 312 -32.80 -4.13 -28.05
C GLU F 312 -32.16 -3.21 -26.99
N GLU F 313 -31.54 -2.10 -27.43
CA GLU F 313 -30.91 -1.17 -26.51
C GLU F 313 -31.90 -0.36 -25.70
N LEU F 314 -33.02 0.07 -26.30
CA LEU F 314 -34.04 0.82 -25.56
C LEU F 314 -34.66 -0.11 -24.49
N ARG F 315 -34.93 -1.38 -24.85
CA ARG F 315 -35.47 -2.37 -23.91
C ARG F 315 -34.46 -2.67 -22.78
N ARG F 316 -33.18 -2.86 -23.08
CA ARG F 316 -32.16 -3.13 -22.07
C ARG F 316 -31.96 -1.96 -21.11
N ALA F 317 -31.96 -0.74 -21.63
CA ALA F 317 -31.72 0.45 -20.81
C ALA F 317 -32.94 0.87 -19.99
N ALA F 318 -34.15 0.51 -20.43
CA ALA F 318 -35.36 0.86 -19.72
C ALA F 318 -35.47 -0.02 -18.47
N PRO F 319 -35.73 0.61 -17.32
CA PRO F 319 -35.80 -0.16 -16.08
C PRO F 319 -37.07 -1.02 -16.00
N LEU F 320 -37.07 -2.01 -15.07
CA LEU F 320 -38.26 -2.80 -14.81
C LEU F 320 -39.39 -1.87 -14.32
N SER F 321 -40.63 -2.21 -14.62
CA SER F 321 -41.73 -1.35 -14.24
C SER F 321 -42.92 -2.12 -13.76
N ARG F 322 -43.61 -1.59 -12.76
CA ARG F 322 -44.88 -2.16 -12.32
C ARG F 322 -46.08 -1.31 -12.76
N ASP F 323 -45.88 -0.34 -13.67
CA ASP F 323 -46.92 0.49 -14.22
C ASP F 323 -47.50 -0.30 -15.40
N PRO F 324 -48.79 -0.63 -15.35
CA PRO F 324 -49.38 -1.43 -16.44
C PRO F 324 -49.35 -0.76 -17.82
N THR F 325 -49.35 0.59 -17.89
CA THR F 325 -49.26 1.26 -19.20
C THR F 325 -47.89 0.98 -19.83
N GLU F 326 -46.84 1.07 -19.03
CA GLU F 326 -45.47 0.82 -19.43
C GLU F 326 -45.29 -0.65 -19.85
N VAL F 327 -45.84 -1.58 -19.06
CA VAL F 327 -45.75 -3.00 -19.33
C VAL F 327 -46.51 -3.36 -20.62
N THR F 328 -47.69 -2.76 -20.84
CA THR F 328 -48.49 -3.01 -22.04
C THR F 328 -47.78 -2.44 -23.26
N ALA F 329 -47.18 -1.25 -23.13
CA ALA F 329 -46.45 -0.60 -24.23
C ALA F 329 -45.33 -1.46 -24.82
N ILE F 330 -44.49 -2.07 -23.97
CA ILE F 330 -43.41 -2.92 -24.47
C ILE F 330 -43.95 -4.22 -25.06
N GLY F 331 -45.01 -4.78 -24.48
CA GLY F 331 -45.64 -5.97 -25.02
C GLY F 331 -46.22 -5.70 -26.40
N ALA F 332 -46.88 -4.54 -26.58
CA ALA F 332 -47.46 -4.16 -27.85
C ALA F 332 -46.42 -3.91 -28.95
N VAL F 333 -45.29 -3.26 -28.59
CA VAL F 333 -44.23 -2.98 -29.55
C VAL F 333 -43.56 -4.30 -29.98
N GLU F 334 -43.36 -5.21 -29.04
CA GLU F 334 -42.78 -6.53 -29.32
CA GLU F 334 -42.78 -6.53 -29.32
C GLU F 334 -43.70 -7.31 -30.25
N ALA F 335 -45.03 -7.28 -29.97
CA ALA F 335 -46.03 -7.97 -30.79
C ALA F 335 -46.06 -7.37 -32.22
N ALA F 336 -45.96 -6.04 -32.33
CA ALA F 336 -45.95 -5.36 -33.63
C ALA F 336 -44.75 -5.79 -34.48
N PHE F 337 -43.56 -5.89 -33.87
CA PHE F 337 -42.36 -6.32 -34.62
C PHE F 337 -42.48 -7.79 -35.07
N LYS F 338 -43.09 -8.64 -34.27
CA LYS F 338 -43.23 -10.07 -34.56
C LYS F 338 -44.06 -10.35 -35.82
N CYS F 339 -45.09 -9.53 -36.07
CA CYS F 339 -45.95 -9.74 -37.23
C CYS F 339 -45.81 -8.70 -38.31
N CYS F 340 -44.85 -7.74 -38.17
CA CYS F 340 -44.69 -6.62 -39.11
C CYS F 340 -45.99 -5.82 -39.16
N ALA F 341 -46.61 -5.58 -38.00
CA ALA F 341 -47.88 -4.86 -37.95
C ALA F 341 -47.81 -3.50 -38.61
N ALA F 342 -48.89 -3.14 -39.27
CA ALA F 342 -48.99 -1.87 -39.97
C ALA F 342 -49.18 -0.71 -38.96
N ALA F 343 -49.89 -0.95 -37.87
CA ALA F 343 -50.16 0.11 -36.89
C ALA F 343 -50.45 -0.43 -35.49
N ILE F 344 -50.24 0.42 -34.51
CA ILE F 344 -50.60 0.16 -33.14
C ILE F 344 -51.65 1.23 -32.86
N ILE F 345 -52.90 0.83 -32.63
CA ILE F 345 -53.98 1.79 -32.38
C ILE F 345 -54.13 1.89 -30.89
N VAL F 346 -53.98 3.10 -30.34
CA VAL F 346 -54.07 3.29 -28.90
C VAL F 346 -55.12 4.36 -28.54
N LEU F 347 -55.88 4.11 -27.47
CA LEU F 347 -56.84 5.07 -26.95
C LEU F 347 -56.11 5.86 -25.88
N THR F 348 -56.16 7.20 -25.95
CA THR F 348 -55.44 8.02 -24.99
C THR F 348 -56.17 9.30 -24.68
N THR F 349 -56.10 9.75 -23.43
CA THR F 349 -56.73 11.00 -22.99
C THR F 349 -55.68 12.13 -22.96
N THR F 350 -54.54 11.86 -22.33
CA THR F 350 -53.46 12.85 -22.20
C THR F 350 -52.36 12.70 -23.27
N GLY F 351 -52.31 11.58 -23.96
CA GLY F 351 -51.27 11.29 -24.92
C GLY F 351 -50.22 10.34 -24.35
N ARG F 352 -50.22 10.12 -23.00
CA ARG F 352 -49.22 9.30 -22.31
C ARG F 352 -49.08 7.87 -22.83
N SER F 353 -50.18 7.14 -23.05
CA SER F 353 -50.10 5.77 -23.56
C SER F 353 -49.43 5.74 -24.94
N ALA F 354 -49.66 6.77 -25.77
CA ALA F 354 -49.03 6.85 -27.09
C ALA F 354 -47.53 7.17 -26.94
N GLN F 355 -47.17 8.03 -25.97
CA GLN F 355 -45.78 8.40 -25.70
C GLN F 355 -44.97 7.19 -25.22
N LEU F 356 -45.56 6.33 -24.39
CA LEU F 356 -44.89 5.14 -23.92
C LEU F 356 -44.68 4.10 -25.03
N LEU F 357 -45.55 4.06 -26.05
CA LEU F 357 -45.36 3.17 -27.20
C LEU F 357 -44.20 3.74 -28.06
N SER F 358 -44.24 5.07 -28.31
CA SER F 358 -43.27 5.84 -29.07
C SER F 358 -41.81 5.73 -28.57
N ARG F 359 -41.60 5.62 -27.25
CA ARG F 359 -40.27 5.54 -26.68
C ARG F 359 -39.51 4.26 -27.09
N TYR F 360 -40.23 3.18 -27.47
CA TYR F 360 -39.60 1.95 -27.92
C TYR F 360 -39.30 1.92 -29.41
N ARG F 361 -39.63 3.00 -30.11
CA ARG F 361 -39.38 3.21 -31.51
C ARG F 361 -39.90 2.08 -32.40
N PRO F 362 -41.22 1.80 -32.38
CA PRO F 362 -41.75 0.76 -33.26
C PRO F 362 -41.67 1.18 -34.72
N ARG F 363 -41.52 0.22 -35.63
CA ARG F 363 -41.59 0.51 -37.05
C ARG F 363 -43.10 0.77 -37.39
N ALA F 364 -44.05 0.09 -36.69
CA ALA F 364 -45.50 0.28 -36.87
C ALA F 364 -45.91 1.72 -36.44
N ALA F 365 -46.79 2.38 -37.20
CA ALA F 365 -47.29 3.70 -36.85
C ALA F 365 -48.11 3.59 -35.57
N VAL F 366 -48.07 4.60 -34.70
CA VAL F 366 -48.88 4.61 -33.49
C VAL F 366 -50.04 5.57 -33.77
N ILE F 367 -51.23 5.03 -34.02
CA ILE F 367 -52.43 5.82 -34.28
C ILE F 367 -53.13 6.10 -32.94
N ALA F 368 -53.06 7.35 -32.47
CA ALA F 368 -53.61 7.71 -31.17
C ALA F 368 -54.99 8.35 -31.29
N VAL F 369 -56.01 7.65 -30.76
CA VAL F 369 -57.41 8.09 -30.81
C VAL F 369 -57.73 8.84 -29.53
N THR F 370 -58.05 10.11 -29.64
CA THR F 370 -58.31 10.93 -28.47
C THR F 370 -59.48 11.88 -28.65
N ARG F 371 -60.16 12.20 -27.56
CA ARG F 371 -61.21 13.23 -27.58
C ARG F 371 -60.61 14.63 -27.29
N SER F 372 -59.41 14.68 -26.71
CA SER F 372 -58.74 15.92 -26.33
C SER F 372 -58.07 16.57 -27.54
N ALA F 373 -58.58 17.73 -27.98
CA ALA F 373 -58.00 18.46 -29.10
C ALA F 373 -56.55 18.90 -28.78
N GLN F 374 -56.28 19.27 -27.53
CA GLN F 374 -54.94 19.67 -27.11
C GLN F 374 -53.96 18.49 -27.15
N ALA F 375 -54.35 17.30 -26.62
CA ALA F 375 -53.50 16.12 -26.66
C ALA F 375 -53.24 15.71 -28.12
N ALA F 376 -54.25 15.84 -29.01
CA ALA F 376 -54.08 15.52 -30.42
C ALA F 376 -52.98 16.43 -31.05
N ARG F 377 -52.92 17.71 -30.67
CA ARG F 377 -51.89 18.62 -31.16
C ARG F 377 -50.52 18.33 -30.52
N GLN F 378 -50.48 18.10 -29.20
CA GLN F 378 -49.24 17.89 -28.48
C GLN F 378 -48.53 16.58 -28.78
N VAL F 379 -49.25 15.50 -29.15
CA VAL F 379 -48.59 14.21 -29.43
C VAL F 379 -47.71 14.24 -30.68
N HIS F 380 -47.77 15.33 -31.49
CA HIS F 380 -46.86 15.52 -32.61
C HIS F 380 -45.40 15.60 -32.11
N LEU F 381 -45.18 15.90 -30.81
CA LEU F 381 -43.84 15.96 -30.27
C LEU F 381 -43.18 14.57 -30.21
N CYS F 382 -43.98 13.49 -30.14
CA CYS F 382 -43.52 12.10 -30.03
C CYS F 382 -43.42 11.45 -31.39
N ARG F 383 -42.23 10.95 -31.75
CA ARG F 383 -42.04 10.31 -33.03
C ARG F 383 -42.99 9.14 -33.28
N GLY F 384 -43.59 9.14 -34.45
CA GLY F 384 -44.43 8.03 -34.87
C GLY F 384 -45.84 8.02 -34.35
N VAL F 385 -46.26 9.09 -33.68
CA VAL F 385 -47.63 9.20 -33.18
C VAL F 385 -48.47 10.03 -34.14
N PHE F 386 -49.54 9.41 -34.66
CA PHE F 386 -50.47 9.98 -35.62
C PHE F 386 -51.80 10.23 -34.90
N PRO F 387 -52.06 11.50 -34.54
CA PRO F 387 -53.28 11.80 -33.78
C PRO F 387 -54.58 11.80 -34.57
N LEU F 388 -55.63 11.20 -33.99
CA LEU F 388 -56.97 11.20 -34.59
C LEU F 388 -57.91 11.80 -33.58
N LEU F 389 -58.52 12.93 -33.93
CA LEU F 389 -59.44 13.59 -33.01
C LEU F 389 -60.86 12.99 -33.16
N TYR F 390 -61.34 12.32 -32.11
CA TYR F 390 -62.64 11.68 -32.07
C TYR F 390 -63.65 12.71 -31.57
N ARG F 391 -64.73 12.97 -32.34
CA ARG F 391 -65.69 13.99 -31.96
C ARG F 391 -67.07 13.48 -31.54
N GLU F 392 -67.34 12.17 -31.65
CA GLU F 392 -68.64 11.63 -31.27
C GLU F 392 -68.91 11.65 -29.76
N PRO F 393 -70.18 11.94 -29.38
CA PRO F 393 -70.51 11.94 -27.95
C PRO F 393 -70.44 10.52 -27.37
N PRO F 394 -70.09 10.41 -26.08
CA PRO F 394 -69.95 9.09 -25.46
C PRO F 394 -71.20 8.23 -25.50
N GLU F 395 -71.02 6.92 -25.75
CA GLU F 395 -72.07 5.90 -25.76
C GLU F 395 -72.52 5.65 -24.31
N ALA F 396 -73.73 5.09 -24.13
CA ALA F 396 -74.24 4.80 -22.79
C ALA F 396 -73.39 3.70 -22.14
N ILE F 397 -73.05 2.66 -22.91
CA ILE F 397 -72.21 1.59 -22.39
C ILE F 397 -70.74 1.88 -22.74
N TRP F 398 -69.90 2.07 -21.71
CA TRP F 398 -68.49 2.39 -21.89
C TRP F 398 -67.76 1.42 -22.83
N ALA F 399 -67.97 0.10 -22.67
CA ALA F 399 -67.33 -0.89 -23.53
C ALA F 399 -67.68 -0.68 -25.01
N ASP F 400 -68.90 -0.22 -25.31
CA ASP F 400 -69.30 0.07 -26.69
C ASP F 400 -68.62 1.32 -27.21
N ASP F 401 -68.41 2.33 -26.34
CA ASP F 401 -67.76 3.57 -26.72
C ASP F 401 -66.28 3.34 -27.05
N VAL F 402 -65.62 2.45 -26.27
CA VAL F 402 -64.24 2.03 -26.46
C VAL F 402 -64.11 1.30 -27.79
N ASP F 403 -65.05 0.38 -28.08
CA ASP F 403 -65.08 -0.36 -29.34
C ASP F 403 -65.32 0.56 -30.52
N ARG F 404 -66.14 1.61 -30.35
CA ARG F 404 -66.40 2.56 -31.43
C ARG F 404 -65.14 3.37 -31.75
N ARG F 405 -64.35 3.73 -30.72
CA ARG F 405 -63.14 4.49 -30.96
C ARG F 405 -62.08 3.63 -31.65
N VAL F 406 -62.00 2.33 -31.31
CA VAL F 406 -61.06 1.42 -31.95
C VAL F 406 -61.43 1.27 -33.41
N GLN F 407 -62.75 1.11 -33.70
CA GLN F 407 -63.24 0.96 -35.06
C GLN F 407 -63.04 2.21 -35.87
N PHE F 408 -63.16 3.39 -35.25
CA PHE F 408 -62.93 4.68 -35.89
C PHE F 408 -61.47 4.76 -36.33
N GLY F 409 -60.55 4.28 -35.48
CA GLY F 409 -59.12 4.25 -35.79
C GLY F 409 -58.87 3.28 -36.95
N ILE F 410 -59.49 2.08 -36.90
CA ILE F 410 -59.36 1.11 -37.97
C ILE F 410 -59.88 1.65 -39.31
N GLU F 411 -61.09 2.24 -39.31
CA GLU F 411 -61.68 2.78 -40.53
C GLU F 411 -60.94 3.99 -41.07
N SER F 412 -60.58 4.95 -40.21
CA SER F 412 -59.78 6.10 -40.67
C SER F 412 -58.41 5.64 -41.22
N GLY F 413 -57.83 4.61 -40.62
CA GLY F 413 -56.56 4.06 -41.05
C GLY F 413 -56.61 3.47 -42.44
N LYS F 414 -57.70 2.75 -42.77
CA LYS F 414 -57.86 2.14 -44.10
C LYS F 414 -58.09 3.23 -45.16
N LEU F 415 -58.90 4.22 -44.81
CA LEU F 415 -59.23 5.31 -45.72
C LEU F 415 -58.06 6.26 -45.98
N ARG F 416 -57.06 6.30 -45.08
CA ARG F 416 -55.86 7.11 -45.23
C ARG F 416 -54.62 6.29 -45.75
N GLY F 417 -54.82 5.02 -46.07
CA GLY F 417 -53.74 4.18 -46.56
C GLY F 417 -52.82 3.58 -45.51
N PHE F 418 -53.04 3.92 -44.23
CA PHE F 418 -52.25 3.37 -43.11
C PHE F 418 -52.47 1.86 -42.99
N LEU F 419 -53.70 1.40 -43.26
CA LEU F 419 -54.07 0.01 -43.12
C LEU F 419 -54.67 -0.57 -44.41
N ARG F 420 -54.46 -1.85 -44.59
CA ARG F 420 -54.94 -2.60 -45.73
C ARG F 420 -55.67 -3.85 -45.20
N VAL F 421 -56.68 -4.36 -45.95
CA VAL F 421 -57.38 -5.60 -45.55
C VAL F 421 -56.34 -6.75 -45.52
N GLY F 422 -56.37 -7.56 -44.48
CA GLY F 422 -55.39 -8.61 -44.31
C GLY F 422 -54.26 -8.23 -43.37
N ASP F 423 -54.09 -6.92 -43.09
CA ASP F 423 -53.05 -6.46 -42.17
C ASP F 423 -53.35 -6.87 -40.75
N LEU F 424 -52.31 -7.01 -39.93
CA LEU F 424 -52.48 -7.24 -38.51
C LEU F 424 -52.27 -5.88 -37.83
N VAL F 425 -53.07 -5.61 -36.82
CA VAL F 425 -52.98 -4.39 -36.06
C VAL F 425 -52.91 -4.74 -34.58
N ILE F 426 -52.18 -3.93 -33.78
CA ILE F 426 -52.12 -4.15 -32.33
C ILE F 426 -52.97 -3.05 -31.72
N VAL F 427 -53.91 -3.41 -30.84
CA VAL F 427 -54.83 -2.44 -30.24
C VAL F 427 -54.59 -2.31 -28.74
N VAL F 428 -54.33 -1.10 -28.26
CA VAL F 428 -54.00 -0.82 -26.88
C VAL F 428 -55.10 0.00 -26.19
N THR F 429 -55.72 -0.58 -25.17
CA THR F 429 -56.83 0.01 -24.42
C THR F 429 -56.62 -0.22 -22.89
N GLY F 430 -57.54 0.31 -22.07
CA GLY F 430 -57.53 0.13 -20.63
C GLY F 430 -58.77 -0.58 -20.11
N TRP F 431 -58.80 -0.89 -18.82
CA TRP F 431 -59.89 -1.66 -18.21
C TRP F 431 -61.03 -0.80 -17.63
N ARG F 432 -60.81 0.50 -17.46
CA ARG F 432 -61.81 1.41 -16.94
C ARG F 432 -61.62 2.82 -17.52
N PRO F 433 -62.68 3.66 -17.54
CA PRO F 433 -62.50 5.02 -18.07
C PRO F 433 -61.55 5.86 -17.25
N GLY F 434 -61.06 6.92 -17.86
CA GLY F 434 -60.12 7.81 -17.21
C GLY F 434 -58.70 7.49 -17.61
N SER F 435 -57.85 8.46 -17.49
CA SER F 435 -56.44 8.39 -17.79
C SER F 435 -55.69 7.50 -16.76
N GLY F 436 -54.68 6.77 -17.20
CA GLY F 436 -53.83 5.98 -16.32
C GLY F 436 -54.14 4.52 -16.15
N TYR F 437 -55.13 3.99 -16.89
CA TYR F 437 -55.53 2.58 -16.73
C TYR F 437 -55.30 1.68 -17.93
N THR F 438 -54.42 2.07 -18.88
CA THR F 438 -54.10 1.22 -20.03
C THR F 438 -53.48 -0.10 -19.52
N ASN F 439 -54.01 -1.24 -19.97
CA ASN F 439 -53.50 -2.54 -19.52
C ASN F 439 -53.79 -3.67 -20.49
N ILE F 440 -54.31 -3.38 -21.68
CA ILE F 440 -54.70 -4.43 -22.62
C ILE F 440 -54.08 -4.26 -23.99
N MET F 441 -53.61 -5.36 -24.56
CA MET F 441 -53.08 -5.36 -25.92
CA MET F 441 -53.03 -5.42 -25.90
C MET F 441 -53.78 -6.51 -26.68
N ARG F 442 -54.35 -6.19 -27.85
CA ARG F 442 -55.06 -7.19 -28.66
C ARG F 442 -54.49 -7.26 -30.07
N VAL F 443 -54.48 -8.45 -30.66
CA VAL F 443 -54.01 -8.64 -32.03
C VAL F 443 -55.26 -8.79 -32.90
N LEU F 444 -55.46 -7.84 -33.82
CA LEU F 444 -56.63 -7.88 -34.70
CA LEU F 444 -56.63 -7.85 -34.70
C LEU F 444 -56.25 -8.00 -36.17
N SER F 445 -57.04 -8.75 -36.93
CA SER F 445 -56.83 -8.90 -38.37
C SER F 445 -57.79 -7.87 -39.02
N ILE F 446 -57.30 -7.06 -39.95
CA ILE F 446 -58.14 -6.05 -40.59
CA ILE F 446 -58.12 -6.04 -40.60
C ILE F 446 -58.99 -6.67 -41.70
N SER F 447 -60.32 -6.57 -41.57
CA SER F 447 -61.23 -7.18 -42.55
C SER F 447 -61.98 -6.17 -43.41
N ALA G 25 -13.04 -29.99 -46.01
CA ALA G 25 -12.84 -31.01 -44.97
C ALA G 25 -12.31 -30.41 -43.66
N PHE G 26 -11.37 -29.43 -43.76
CA PHE G 26 -10.81 -28.71 -42.62
C PHE G 26 -11.94 -28.04 -41.82
N PHE G 27 -12.89 -27.42 -42.53
CA PHE G 27 -13.99 -26.69 -41.91
C PHE G 27 -15.12 -27.57 -41.40
N GLN G 28 -15.04 -28.89 -41.60
CA GLN G 28 -16.05 -29.80 -41.04
C GLN G 28 -15.57 -30.41 -39.70
N GLN G 29 -14.23 -30.45 -39.45
CA GLN G 29 -13.63 -30.99 -38.24
C GLN G 29 -13.67 -29.97 -37.08
N GLN G 30 -13.29 -30.44 -35.85
CA GLN G 30 -13.19 -29.70 -34.59
C GLN G 30 -14.36 -28.74 -34.31
N GLN G 31 -15.59 -29.15 -34.70
CA GLN G 31 -16.82 -28.37 -34.52
C GLN G 31 -16.72 -26.98 -35.09
N LEU G 32 -15.97 -26.81 -36.20
CA LEU G 32 -15.83 -25.50 -36.85
C LEU G 32 -17.15 -24.94 -37.37
N PRO G 33 -18.12 -25.73 -37.92
CA PRO G 33 -19.42 -25.13 -38.28
C PRO G 33 -20.12 -24.53 -37.06
N ALA G 34 -20.08 -25.21 -35.89
CA ALA G 34 -20.69 -24.71 -34.65
C ALA G 34 -19.93 -23.48 -34.10
N ALA G 35 -18.61 -23.44 -34.34
CA ALA G 35 -17.75 -22.34 -33.93
C ALA G 35 -18.07 -21.03 -34.64
N MET G 36 -18.52 -21.11 -35.91
CA MET G 36 -18.84 -19.92 -36.69
C MET G 36 -20.23 -19.34 -36.41
N ALA G 37 -21.07 -20.01 -35.63
CA ALA G 37 -22.43 -19.58 -35.35
C ALA G 37 -22.51 -18.21 -34.70
N ASP G 38 -23.53 -17.44 -35.07
CA ASP G 38 -23.72 -16.09 -34.55
C ASP G 38 -24.36 -16.04 -33.18
N THR G 39 -25.02 -17.12 -32.74
CA THR G 39 -25.62 -17.18 -31.41
C THR G 39 -25.25 -18.50 -30.72
N PHE G 40 -25.38 -18.56 -29.40
CA PHE G 40 -25.12 -19.79 -28.64
C PHE G 40 -26.14 -20.87 -29.02
N LEU G 41 -27.41 -20.48 -29.26
CA LEU G 41 -28.47 -21.40 -29.67
C LEU G 41 -28.11 -22.08 -30.99
N GLU G 42 -27.66 -21.29 -31.99
CA GLU G 42 -27.24 -21.80 -33.29
CA GLU G 42 -27.25 -21.81 -33.28
C GLU G 42 -26.01 -22.69 -33.14
N HIS G 43 -25.10 -22.34 -32.21
CA HIS G 43 -23.90 -23.09 -31.92
C HIS G 43 -24.30 -24.49 -31.45
N LEU G 44 -25.27 -24.60 -30.50
CA LEU G 44 -25.77 -25.90 -30.04
C LEU G 44 -26.35 -26.71 -31.21
N CYS G 45 -27.21 -26.07 -32.02
CA CYS G 45 -27.86 -26.68 -33.18
C CYS G 45 -26.89 -27.23 -34.19
N LEU G 46 -25.69 -26.64 -34.29
CA LEU G 46 -24.68 -27.08 -35.27
C LEU G 46 -23.66 -28.08 -34.74
N LEU G 47 -23.77 -28.49 -33.45
CA LEU G 47 -22.83 -29.49 -32.90
C LEU G 47 -23.03 -30.81 -33.64
N ASP G 48 -21.94 -31.47 -34.01
CA ASP G 48 -21.98 -32.65 -34.85
C ASP G 48 -21.16 -33.79 -34.30
N ILE G 49 -21.79 -34.95 -34.03
CA ILE G 49 -21.08 -36.13 -33.53
C ILE G 49 -20.07 -36.70 -34.55
N ASP G 50 -20.21 -36.35 -35.83
CA ASP G 50 -19.27 -36.79 -36.86
C ASP G 50 -18.11 -35.80 -37.08
N SER G 51 -18.12 -34.65 -36.41
CA SER G 51 -17.05 -33.68 -36.51
C SER G 51 -15.97 -34.11 -35.54
N GLU G 52 -14.88 -34.67 -36.05
CA GLU G 52 -13.82 -35.22 -35.21
C GLU G 52 -12.89 -34.19 -34.60
N PRO G 53 -12.53 -34.40 -33.32
CA PRO G 53 -11.58 -33.47 -32.70
C PRO G 53 -10.21 -33.65 -33.34
N VAL G 54 -9.53 -32.55 -33.62
CA VAL G 54 -8.22 -32.61 -34.25
C VAL G 54 -7.16 -32.10 -33.28
N ALA G 55 -7.48 -31.03 -32.55
CA ALA G 55 -6.55 -30.43 -31.60
C ALA G 55 -6.21 -31.35 -30.43
N ALA G 56 -5.04 -31.14 -29.86
CA ALA G 56 -4.61 -31.92 -28.71
C ALA G 56 -5.50 -31.57 -27.51
N ARG G 57 -5.69 -32.55 -26.61
CA ARG G 57 -6.52 -32.37 -25.42
C ARG G 57 -5.87 -31.37 -24.46
N SER G 58 -6.56 -30.28 -24.16
CA SER G 58 -6.05 -29.16 -23.40
C SER G 58 -6.37 -29.11 -21.89
N THR G 59 -7.39 -29.81 -21.42
CA THR G 59 -7.73 -29.83 -19.99
C THR G 59 -6.85 -30.89 -19.35
N SER G 60 -6.02 -30.53 -18.37
CA SER G 60 -5.14 -31.52 -17.75
C SER G 60 -5.87 -32.50 -16.88
N ILE G 61 -5.33 -33.69 -16.80
CA ILE G 61 -5.89 -34.77 -16.00
C ILE G 61 -5.01 -34.97 -14.79
N ILE G 62 -5.61 -34.86 -13.61
CA ILE G 62 -4.90 -35.13 -12.36
C ILE G 62 -5.34 -36.53 -11.94
N ALA G 63 -4.38 -37.45 -11.74
CA ALA G 63 -4.72 -38.80 -11.29
C ALA G 63 -4.16 -39.03 -9.90
N THR G 64 -4.99 -39.51 -8.98
CA THR G 64 -4.55 -39.80 -7.62
C THR G 64 -3.80 -41.11 -7.60
N ILE G 65 -2.61 -41.14 -6.99
CA ILE G 65 -1.77 -42.32 -6.92
C ILE G 65 -2.10 -43.14 -5.67
N GLY G 66 -2.15 -44.46 -5.82
CA GLY G 66 -2.44 -45.34 -4.69
C GLY G 66 -2.16 -46.80 -5.02
N PRO G 67 -2.75 -47.77 -4.27
CA PRO G 67 -2.46 -49.19 -4.55
C PRO G 67 -2.71 -49.64 -5.99
N ALA G 68 -3.77 -49.12 -6.65
CA ALA G 68 -4.10 -49.48 -8.02
C ALA G 68 -3.20 -48.86 -9.09
N SER G 69 -2.42 -47.81 -8.74
CA SER G 69 -1.65 -47.08 -9.72
C SER G 69 -0.22 -46.74 -9.30
N ARG G 70 0.39 -47.49 -8.39
CA ARG G 70 1.74 -47.18 -7.87
C ARG G 70 2.92 -47.83 -8.56
N SER G 71 2.73 -48.92 -9.29
CA SER G 71 3.87 -49.59 -9.94
C SER G 71 4.37 -48.77 -11.12
N VAL G 72 5.68 -48.86 -11.40
CA VAL G 72 6.33 -48.15 -12.47
C VAL G 72 5.71 -48.49 -13.82
N GLU G 73 5.39 -49.78 -14.05
CA GLU G 73 4.78 -50.19 -15.31
C GLU G 73 3.35 -49.66 -15.49
N ARG G 74 2.58 -49.58 -14.39
CA ARG G 74 1.23 -49.03 -14.42
C ARG G 74 1.28 -47.50 -14.66
N LEU G 75 2.23 -46.82 -14.01
CA LEU G 75 2.43 -45.39 -14.18
C LEU G 75 2.82 -45.03 -15.61
N LYS G 76 3.59 -45.89 -16.29
CA LYS G 76 3.97 -45.67 -17.70
C LYS G 76 2.74 -45.71 -18.58
N GLU G 77 1.81 -46.64 -18.29
CA GLU G 77 0.56 -46.72 -19.05
C GLU G 77 -0.32 -45.51 -18.78
N MET G 78 -0.34 -45.02 -17.53
CA MET G 78 -1.14 -43.84 -17.18
CA MET G 78 -1.14 -43.84 -17.18
C MET G 78 -0.57 -42.56 -17.83
N ILE G 79 0.75 -42.48 -17.99
CA ILE G 79 1.38 -41.32 -18.64
C ILE G 79 0.99 -41.35 -20.12
N LYS G 80 1.06 -42.54 -20.75
CA LYS G 80 0.66 -42.72 -22.15
C LYS G 80 -0.84 -42.42 -22.38
N ALA G 81 -1.69 -42.78 -21.42
CA ALA G 81 -3.13 -42.54 -21.49
C ALA G 81 -3.50 -41.05 -21.33
N GLY G 82 -2.63 -40.24 -20.72
CA GLY G 82 -2.90 -38.82 -20.59
C GLY G 82 -2.75 -38.17 -19.23
N MET G 83 -2.28 -38.89 -18.21
CA MET G 83 -2.07 -38.29 -16.88
C MET G 83 -1.02 -37.18 -16.97
N ASN G 84 -1.36 -35.98 -16.48
CA ASN G 84 -0.43 -34.84 -16.50
C ASN G 84 0.09 -34.49 -15.13
N ILE G 85 -0.72 -34.73 -14.09
CA ILE G 85 -0.38 -34.41 -12.70
C ILE G 85 -0.70 -35.62 -11.84
N ALA G 86 0.25 -36.04 -11.02
CA ALA G 86 0.08 -37.17 -10.10
C ALA G 86 -0.25 -36.58 -8.74
N ARG G 87 -1.39 -36.95 -8.16
CA ARG G 87 -1.80 -36.45 -6.85
C ARG G 87 -1.49 -37.46 -5.74
N LEU G 88 -0.84 -36.98 -4.68
CA LEU G 88 -0.53 -37.82 -3.53
C LEU G 88 -1.46 -37.36 -2.43
N ASN G 89 -2.37 -38.22 -2.01
CA ASN G 89 -3.32 -37.87 -0.95
C ASN G 89 -2.72 -38.16 0.42
N PHE G 90 -2.31 -37.10 1.13
CA PHE G 90 -1.68 -37.27 2.43
C PHE G 90 -2.68 -37.54 3.58
N SER G 91 -3.95 -37.79 3.26
CA SER G 91 -4.92 -38.24 4.26
C SER G 91 -4.67 -39.73 4.59
N HIS G 92 -3.99 -40.48 3.71
CA HIS G 92 -3.67 -41.88 3.91
C HIS G 92 -2.19 -42.10 3.62
N GLY G 93 -1.57 -43.08 4.26
CA GLY G 93 -0.20 -43.45 3.97
C GLY G 93 0.86 -42.66 4.69
N SER G 94 1.99 -43.29 4.94
CA SER G 94 3.09 -42.66 5.64
C SER G 94 4.00 -41.86 4.66
N HIS G 95 4.97 -41.11 5.20
CA HIS G 95 5.93 -40.38 4.40
C HIS G 95 6.75 -41.36 3.54
N GLU G 96 7.06 -42.55 4.08
CA GLU G 96 7.83 -43.57 3.37
C GLU G 96 7.05 -44.09 2.17
N TYR G 97 5.73 -44.28 2.34
CA TYR G 97 4.86 -44.73 1.27
C TYR G 97 4.80 -43.67 0.15
N HIS G 98 4.63 -42.40 0.51
CA HIS G 98 4.55 -41.32 -0.46
C HIS G 98 5.88 -41.07 -1.19
N ALA G 99 7.01 -41.19 -0.50
CA ALA G 99 8.32 -41.05 -1.13
C ALA G 99 8.53 -42.11 -2.20
N GLU G 100 8.03 -43.33 -1.96
CA GLU G 100 8.13 -44.45 -2.90
CA GLU G 100 8.16 -44.42 -2.92
C GLU G 100 7.24 -44.17 -4.11
N SER G 101 6.03 -43.62 -3.89
CA SER G 101 5.11 -43.28 -4.98
C SER G 101 5.77 -42.20 -5.89
N ILE G 102 6.39 -41.17 -5.26
CA ILE G 102 7.09 -40.10 -5.97
C ILE G 102 8.21 -40.68 -6.83
N ALA G 103 9.04 -41.56 -6.24
CA ALA G 103 10.17 -42.20 -6.94
C ALA G 103 9.71 -43.05 -8.13
N ASN G 104 8.58 -43.75 -7.98
CA ASN G 104 8.02 -44.57 -9.05
C ASN G 104 7.47 -43.70 -10.16
N VAL G 105 6.85 -42.56 -9.81
CA VAL G 105 6.33 -41.60 -10.81
C VAL G 105 7.52 -41.05 -11.61
N ARG G 106 8.55 -40.56 -10.91
CA ARG G 106 9.74 -40.03 -11.56
C ARG G 106 10.43 -41.07 -12.43
N GLU G 107 10.50 -42.32 -12.00
CA GLU G 107 11.12 -43.38 -12.80
C GLU G 107 10.31 -43.63 -14.08
N ALA G 108 8.97 -43.71 -13.97
CA ALA G 108 8.12 -43.90 -15.15
C ALA G 108 8.22 -42.69 -16.11
N VAL G 109 8.25 -41.45 -15.57
CA VAL G 109 8.35 -40.23 -16.39
C VAL G 109 9.69 -40.16 -17.12
N GLU G 110 10.80 -40.41 -16.40
CA GLU G 110 12.13 -40.34 -16.97
C GLU G 110 12.45 -41.47 -17.95
N SER G 111 11.66 -42.54 -17.95
CA SER G 111 11.85 -43.63 -18.91
C SER G 111 11.58 -43.17 -20.37
N PHE G 112 10.91 -42.03 -20.57
CA PHE G 112 10.63 -41.48 -21.90
C PHE G 112 11.58 -40.31 -22.29
N ALA G 113 12.54 -39.95 -21.42
CA ALA G 113 13.50 -38.86 -21.64
C ALA G 113 14.51 -39.11 -22.78
N GLY G 114 14.64 -40.37 -23.22
CA GLY G 114 15.51 -40.78 -24.32
C GLY G 114 15.08 -40.22 -25.66
N SER G 115 13.78 -39.85 -25.80
CA SER G 115 13.24 -39.23 -27.00
C SER G 115 12.77 -37.82 -26.59
N PRO G 116 13.66 -36.82 -26.66
CA PRO G 116 13.29 -35.47 -26.20
C PRO G 116 12.14 -34.79 -26.95
N LEU G 117 11.88 -35.16 -28.22
CA LEU G 117 10.76 -34.56 -28.99
C LEU G 117 9.40 -35.06 -28.57
N SER G 118 9.34 -36.15 -27.75
CA SER G 118 8.06 -36.66 -27.30
C SER G 118 7.96 -36.77 -25.77
N TYR G 119 9.02 -36.37 -25.01
CA TYR G 119 9.04 -36.42 -23.55
C TYR G 119 7.89 -35.59 -22.98
N ARG G 120 7.10 -36.19 -22.09
CA ARG G 120 6.00 -35.50 -21.45
C ARG G 120 6.29 -35.22 -19.97
N PRO G 121 6.42 -33.95 -19.58
CA PRO G 121 6.59 -33.65 -18.15
C PRO G 121 5.32 -34.04 -17.35
N VAL G 122 5.49 -34.49 -16.08
CA VAL G 122 4.36 -34.83 -15.22
C VAL G 122 4.56 -34.15 -13.87
N ALA G 123 3.58 -33.34 -13.42
CA ALA G 123 3.71 -32.64 -12.15
C ALA G 123 3.41 -33.56 -10.97
N ILE G 124 3.93 -33.22 -9.79
CA ILE G 124 3.63 -33.97 -8.59
C ILE G 124 2.95 -33.01 -7.64
N ALA G 125 1.73 -33.35 -7.21
CA ALA G 125 0.95 -32.50 -6.33
C ALA G 125 0.72 -33.20 -5.00
N LEU G 126 0.86 -32.46 -3.91
CA LEU G 126 0.63 -32.99 -2.58
C LEU G 126 -0.71 -32.49 -2.09
N ASP G 127 -1.65 -33.39 -1.75
CA ASP G 127 -2.94 -33.02 -1.23
C ASP G 127 -2.91 -33.18 0.30
N THR G 128 -3.01 -32.06 1.05
CA THR G 128 -2.92 -32.13 2.51
C THR G 128 -4.13 -32.82 3.21
N LYS G 129 -3.89 -33.33 4.42
CA LYS G 129 -4.92 -33.99 5.21
C LYS G 129 -5.98 -32.98 5.69
N GLY G 130 -5.55 -31.78 6.06
CA GLY G 130 -6.47 -30.75 6.49
C GLY G 130 -6.36 -30.34 7.94
N PRO G 131 -7.11 -29.28 8.30
CA PRO G 131 -7.05 -28.76 9.68
C PRO G 131 -7.73 -29.62 10.73
N GLY G 132 -8.58 -30.56 10.30
CA GLY G 132 -9.30 -31.46 11.19
C GLY G 132 -10.31 -30.76 12.07
N SER G 133 -10.28 -31.07 13.38
CA SER G 133 -11.19 -30.40 14.32
C SER G 133 -10.41 -29.29 15.08
N GLY G 134 -9.57 -28.56 14.36
CA GLY G 134 -8.76 -27.53 14.98
C GLY G 134 -8.62 -26.27 14.15
N PRO G 135 -8.04 -25.22 14.77
CA PRO G 135 -7.89 -23.93 14.06
C PRO G 135 -6.54 -23.72 13.38
N GLY G 136 -6.58 -23.30 12.12
CA GLY G 136 -5.34 -23.06 11.39
C GLY G 136 -4.65 -24.33 10.92
N LEU G 137 -3.42 -24.19 10.46
CA LEU G 137 -2.64 -25.32 9.96
C LEU G 137 -2.35 -26.36 11.04
N SER G 138 -2.67 -27.62 10.77
CA SER G 138 -2.45 -28.70 11.70
C SER G 138 -0.96 -29.06 11.75
N GLU G 139 -0.53 -29.72 12.82
CA GLU G 139 0.85 -30.14 13.00
C GLU G 139 1.26 -31.16 11.93
N GLN G 140 0.34 -32.04 11.55
CA GLN G 140 0.60 -33.02 10.50
C GLN G 140 0.80 -32.33 9.19
N ASP G 141 0.00 -31.29 8.88
CA ASP G 141 0.14 -30.52 7.63
C ASP G 141 1.48 -29.85 7.56
N VAL G 142 1.98 -29.28 8.68
CA VAL G 142 3.29 -28.65 8.68
C VAL G 142 4.38 -29.67 8.32
N ARG G 143 4.26 -30.88 8.88
CA ARG G 143 5.22 -31.94 8.60
C ARG G 143 5.14 -32.44 7.18
N ASP G 144 3.92 -32.57 6.65
CA ASP G 144 3.70 -33.03 5.28
C ASP G 144 4.12 -31.98 4.23
N LEU G 145 3.90 -30.70 4.49
CA LEU G 145 4.32 -29.62 3.60
C LEU G 145 5.84 -29.58 3.55
N ARG G 146 6.55 -29.83 4.69
CA ARG G 146 8.02 -29.90 4.77
C ARG G 146 8.53 -31.07 3.93
N PHE G 147 7.83 -32.22 3.99
CA PHE G 147 8.14 -33.40 3.20
C PHE G 147 8.05 -33.05 1.70
N GLY G 148 7.00 -32.32 1.33
CA GLY G 148 6.79 -31.88 -0.04
C GLY G 148 7.93 -31.03 -0.56
N VAL G 149 8.40 -30.06 0.24
CA VAL G 149 9.53 -29.22 -0.15
C VAL G 149 10.80 -30.05 -0.31
N GLU G 150 11.06 -30.96 0.62
CA GLU G 150 12.24 -31.82 0.55
C GLU G 150 12.19 -32.79 -0.61
N HIS G 151 11.01 -33.18 -1.04
CA HIS G 151 10.87 -34.09 -2.17
C HIS G 151 10.58 -33.38 -3.51
N GLY G 152 10.66 -32.04 -3.54
CA GLY G 152 10.49 -31.25 -4.74
C GLY G 152 9.13 -31.32 -5.42
N VAL G 153 8.04 -31.30 -4.64
CA VAL G 153 6.70 -31.32 -5.24
C VAL G 153 6.44 -29.99 -5.94
N ASP G 154 5.60 -30.00 -6.97
CA ASP G 154 5.35 -28.81 -7.76
C ASP G 154 4.15 -28.02 -7.27
N ILE G 155 3.14 -28.71 -6.74
CA ILE G 155 1.87 -28.12 -6.35
C ILE G 155 1.41 -28.65 -5.00
N VAL G 156 0.65 -27.83 -4.27
CA VAL G 156 0.01 -28.22 -3.04
C VAL G 156 -1.47 -28.00 -3.22
N PHE G 157 -2.29 -29.02 -2.99
CA PHE G 157 -3.74 -28.86 -2.97
C PHE G 157 -4.04 -28.71 -1.48
N ALA G 158 -4.26 -27.48 -1.01
CA ALA G 158 -4.48 -27.21 0.42
C ALA G 158 -5.92 -27.49 0.84
N SER G 159 -6.14 -28.52 1.69
CA SER G 159 -7.48 -28.89 2.13
C SER G 159 -8.14 -27.88 3.05
N PHE G 160 -9.48 -27.79 2.95
CA PHE G 160 -10.35 -26.98 3.77
C PHE G 160 -9.85 -25.54 4.01
N VAL G 161 -9.56 -24.81 2.92
CA VAL G 161 -9.19 -23.42 3.04
C VAL G 161 -10.50 -22.63 3.26
N ARG G 162 -10.56 -21.84 4.33
CA ARG G 162 -11.76 -21.06 4.65
C ARG G 162 -11.56 -19.55 4.57
N LYS G 163 -10.31 -19.07 4.56
CA LYS G 163 -9.99 -17.66 4.59
C LYS G 163 -8.57 -17.42 4.05
N ALA G 164 -8.20 -16.15 3.77
CA ALA G 164 -6.87 -15.81 3.27
C ALA G 164 -5.77 -16.21 4.23
N SER G 165 -5.99 -16.12 5.56
CA SER G 165 -4.96 -16.50 6.53
C SER G 165 -4.60 -17.99 6.49
N ASP G 166 -5.51 -18.84 6.00
CA ASP G 166 -5.24 -20.27 5.83
C ASP G 166 -4.20 -20.45 4.72
N VAL G 167 -4.30 -19.66 3.64
CA VAL G 167 -3.34 -19.71 2.52
C VAL G 167 -2.00 -19.17 2.96
N ALA G 168 -2.00 -18.11 3.77
CA ALA G 168 -0.76 -17.52 4.28
C ALA G 168 -0.02 -18.50 5.16
N ALA G 169 -0.74 -19.32 5.96
CA ALA G 169 -0.13 -20.34 6.83
C ALA G 169 0.49 -21.45 5.98
N VAL G 170 -0.16 -21.83 4.85
CA VAL G 170 0.41 -22.81 3.93
C VAL G 170 1.67 -22.25 3.26
N ARG G 171 1.62 -20.97 2.78
CA ARG G 171 2.78 -20.27 2.19
C ARG G 171 3.94 -20.26 3.15
N ALA G 172 3.67 -19.92 4.43
CA ALA G 172 4.70 -19.84 5.44
C ALA G 172 5.31 -21.21 5.74
N ALA G 173 4.51 -22.26 5.70
CA ALA G 173 5.02 -23.61 5.95
C ALA G 173 5.86 -24.18 4.80
N LEU G 174 5.88 -23.52 3.63
CA LEU G 174 6.69 -23.99 2.53
C LEU G 174 8.14 -23.49 2.67
N GLY G 175 8.63 -23.52 3.93
CA GLY G 175 9.98 -23.24 4.42
C GLY G 175 10.68 -22.17 3.64
N PRO G 176 12.02 -22.12 3.73
CA PRO G 176 12.74 -21.13 2.93
C PRO G 176 12.93 -21.56 1.45
N GLU G 177 12.65 -22.84 1.10
CA GLU G 177 12.94 -23.29 -0.24
C GLU G 177 11.73 -23.72 -1.07
N GLY G 178 10.50 -23.53 -0.60
CA GLY G 178 9.32 -23.92 -1.37
C GLY G 178 8.45 -22.80 -1.89
N HIS G 179 8.99 -21.56 -2.02
CA HIS G 179 8.16 -20.44 -2.47
C HIS G 179 7.68 -20.55 -3.94
N GLY G 180 8.36 -21.37 -4.75
CA GLY G 180 7.98 -21.61 -6.13
C GLY G 180 6.87 -22.62 -6.29
N ILE G 181 6.48 -23.31 -5.20
CA ILE G 181 5.40 -24.30 -5.26
C ILE G 181 4.06 -23.60 -5.41
N LYS G 182 3.23 -24.08 -6.33
CA LYS G 182 1.92 -23.49 -6.54
C LYS G 182 0.94 -23.95 -5.48
N ILE G 183 0.19 -23.02 -4.89
CA ILE G 183 -0.82 -23.37 -3.88
C ILE G 183 -2.20 -23.28 -4.50
N ILE G 184 -2.87 -24.41 -4.62
CA ILE G 184 -4.24 -24.50 -5.11
C ILE G 184 -5.12 -24.73 -3.90
N SER G 185 -5.97 -23.73 -3.54
CA SER G 185 -6.81 -23.84 -2.37
C SER G 185 -8.05 -24.68 -2.65
N LYS G 186 -8.32 -25.67 -1.80
CA LYS G 186 -9.52 -26.49 -1.94
C LYS G 186 -10.68 -25.82 -1.21
N ILE G 187 -11.76 -25.52 -1.93
CA ILE G 187 -12.94 -24.91 -1.32
C ILE G 187 -13.89 -26.06 -1.02
N GLU G 188 -14.10 -26.33 0.29
CA GLU G 188 -14.84 -27.52 0.70
C GLU G 188 -16.03 -27.26 1.62
N ASN G 189 -16.32 -26.01 1.97
CA ASN G 189 -17.42 -25.72 2.88
C ASN G 189 -18.05 -24.34 2.60
N HIS G 190 -19.14 -24.02 3.31
CA HIS G 190 -19.85 -22.76 3.13
C HIS G 190 -18.95 -21.53 3.36
N GLU G 191 -18.10 -21.54 4.39
CA GLU G 191 -17.23 -20.39 4.64
C GLU G 191 -16.23 -20.14 3.50
N GLY G 192 -15.67 -21.21 2.95
CA GLY G 192 -14.75 -21.11 1.81
C GLY G 192 -15.44 -20.48 0.60
N VAL G 193 -16.71 -20.84 0.36
CA VAL G 193 -17.48 -20.27 -0.74
C VAL G 193 -17.76 -18.78 -0.49
N LYS G 194 -18.20 -18.43 0.72
CA LYS G 194 -18.50 -17.04 1.06
C LYS G 194 -17.27 -16.14 1.09
N ARG G 195 -16.13 -16.68 1.48
CA ARG G 195 -14.89 -15.92 1.50
C ARG G 195 -14.01 -16.22 0.29
N PHE G 196 -14.62 -16.69 -0.82
CA PHE G 196 -13.91 -17.06 -2.05
C PHE G 196 -12.99 -15.98 -2.60
N ASP G 197 -13.49 -14.75 -2.74
CA ASP G 197 -12.70 -13.66 -3.31
C ASP G 197 -11.40 -13.40 -2.59
N GLU G 198 -11.43 -13.40 -1.25
CA GLU G 198 -10.21 -13.17 -0.48
C GLU G 198 -9.23 -14.36 -0.56
N ILE G 199 -9.76 -15.58 -0.74
CA ILE G 199 -8.95 -16.79 -0.87
C ILE G 199 -8.26 -16.80 -2.25
N LEU G 200 -9.02 -16.52 -3.31
CA LEU G 200 -8.50 -16.55 -4.67
C LEU G 200 -7.41 -15.50 -4.85
N GLU G 201 -7.60 -14.32 -4.25
CA GLU G 201 -6.62 -13.24 -4.34
C GLU G 201 -5.21 -13.65 -3.90
N VAL G 202 -5.09 -14.46 -2.86
CA VAL G 202 -3.80 -14.91 -2.34
C VAL G 202 -3.40 -16.33 -2.77
N SER G 203 -4.24 -17.06 -3.49
CA SER G 203 -3.89 -18.40 -3.97
C SER G 203 -3.39 -18.38 -5.41
N ASP G 204 -2.71 -19.44 -5.84
CA ASP G 204 -2.34 -19.59 -7.25
C ASP G 204 -3.52 -20.10 -8.10
N GLY G 205 -4.47 -20.77 -7.46
CA GLY G 205 -5.62 -21.35 -8.11
C GLY G 205 -6.55 -21.97 -7.10
N ILE G 206 -7.58 -22.66 -7.58
CA ILE G 206 -8.63 -23.20 -6.75
C ILE G 206 -9.01 -24.62 -7.16
N MET G 207 -9.43 -25.44 -6.19
CA MET G 207 -9.98 -26.75 -6.49
C MET G 207 -11.40 -26.73 -5.94
N VAL G 208 -12.39 -27.06 -6.77
CA VAL G 208 -13.77 -27.20 -6.34
C VAL G 208 -13.82 -28.64 -5.80
N ALA G 209 -13.68 -28.79 -4.49
CA ALA G 209 -13.61 -30.10 -3.83
C ALA G 209 -15.03 -30.52 -3.50
N ARG G 210 -15.72 -31.08 -4.49
CA ARG G 210 -17.14 -31.41 -4.44
C ARG G 210 -17.56 -32.46 -3.42
N GLY G 211 -16.66 -33.35 -3.05
CA GLY G 211 -16.97 -34.39 -2.06
C GLY G 211 -17.37 -33.79 -0.72
N ASP G 212 -16.47 -33.02 -0.09
CA ASP G 212 -16.80 -32.38 1.20
C ASP G 212 -17.81 -31.28 1.01
N LEU G 213 -17.72 -30.52 -0.09
CA LEU G 213 -18.66 -29.44 -0.38
C LEU G 213 -20.12 -29.94 -0.41
N GLY G 214 -20.33 -31.12 -0.98
CA GLY G 214 -21.65 -31.73 -1.07
C GLY G 214 -22.24 -32.25 0.23
N ILE G 215 -21.40 -32.35 1.28
CA ILE G 215 -21.78 -32.75 2.64
C ILE G 215 -21.94 -31.50 3.52
N GLU G 216 -21.11 -30.46 3.28
CA GLU G 216 -21.14 -29.20 4.02
C GLU G 216 -22.31 -28.29 3.62
N ILE G 217 -22.70 -28.32 2.33
CA ILE G 217 -23.82 -27.54 1.81
C ILE G 217 -24.83 -28.50 1.14
N PRO G 218 -26.09 -28.09 0.88
CA PRO G 218 -27.04 -29.01 0.21
C PRO G 218 -26.48 -29.53 -1.12
N ALA G 219 -26.61 -30.83 -1.38
CA ALA G 219 -26.10 -31.48 -2.57
C ALA G 219 -26.58 -30.82 -3.86
N GLU G 220 -27.82 -30.32 -3.86
CA GLU G 220 -28.40 -29.67 -5.02
C GLU G 220 -27.85 -28.26 -5.28
N LYS G 221 -26.98 -27.74 -4.41
CA LYS G 221 -26.38 -26.41 -4.59
C LYS G 221 -24.91 -26.50 -5.06
N VAL G 222 -24.28 -27.68 -5.02
CA VAL G 222 -22.87 -27.81 -5.42
C VAL G 222 -22.59 -27.29 -6.83
N PHE G 223 -23.49 -27.55 -7.79
CA PHE G 223 -23.29 -27.07 -9.15
C PHE G 223 -23.21 -25.53 -9.25
N LEU G 224 -23.92 -24.80 -8.37
CA LEU G 224 -23.89 -23.33 -8.36
C LEU G 224 -22.52 -22.86 -7.88
N ALA G 225 -21.98 -23.51 -6.83
CA ALA G 225 -20.68 -23.17 -6.29
C ALA G 225 -19.59 -23.50 -7.33
N GLN G 226 -19.71 -24.66 -8.03
CA GLN G 226 -18.75 -25.04 -9.06
C GLN G 226 -18.72 -24.01 -10.19
N LYS G 227 -19.90 -23.67 -10.72
CA LYS G 227 -20.02 -22.73 -11.82
C LYS G 227 -19.55 -21.33 -11.44
N MET G 228 -19.88 -20.87 -10.22
CA MET G 228 -19.44 -19.57 -9.75
C MET G 228 -17.90 -19.53 -9.62
N MET G 229 -17.31 -20.53 -8.97
CA MET G 229 -15.87 -20.56 -8.76
C MET G 229 -15.07 -20.69 -10.06
N ILE G 230 -15.59 -21.45 -11.02
CA ILE G 230 -14.94 -21.58 -12.32
C ILE G 230 -14.99 -20.23 -13.04
N GLY G 231 -16.15 -19.57 -13.01
CA GLY G 231 -16.32 -18.26 -13.63
C GLY G 231 -15.38 -17.21 -13.03
N ARG G 232 -15.26 -17.17 -11.69
CA ARG G 232 -14.38 -16.19 -11.04
C ARG G 232 -12.92 -16.48 -11.29
N CYS G 233 -12.54 -17.77 -11.38
CA CYS G 233 -11.16 -18.12 -11.69
C CYS G 233 -10.80 -17.78 -13.12
N ASN G 234 -11.74 -18.00 -14.04
CA ASN G 234 -11.54 -17.66 -15.45
C ASN G 234 -11.35 -16.14 -15.58
N LEU G 235 -12.16 -15.36 -14.87
CA LEU G 235 -12.07 -13.92 -14.88
C LEU G 235 -10.71 -13.46 -14.29
N ALA G 236 -10.24 -14.10 -13.23
CA ALA G 236 -8.96 -13.78 -12.60
C ALA G 236 -7.76 -14.29 -13.38
N GLY G 237 -7.95 -15.20 -14.33
CA GLY G 237 -6.85 -15.81 -15.08
C GLY G 237 -6.04 -16.78 -14.23
N LYS G 238 -6.72 -17.45 -13.27
CA LYS G 238 -6.05 -18.40 -12.36
C LYS G 238 -6.62 -19.79 -12.53
N PRO G 239 -5.77 -20.84 -12.46
CA PRO G 239 -6.27 -22.19 -12.69
C PRO G 239 -7.39 -22.66 -11.73
N VAL G 240 -8.33 -23.42 -12.26
CA VAL G 240 -9.41 -24.00 -11.46
C VAL G 240 -9.50 -25.51 -11.78
N VAL G 241 -9.59 -26.35 -10.74
CA VAL G 241 -9.69 -27.78 -10.87
C VAL G 241 -11.08 -28.25 -10.48
N CYS G 242 -11.72 -29.09 -11.32
CA CYS G 242 -12.98 -29.71 -10.93
C CYS G 242 -12.61 -31.10 -10.37
N ALA G 243 -13.12 -31.45 -9.20
CA ALA G 243 -12.74 -32.70 -8.57
C ALA G 243 -13.91 -33.45 -7.96
N THR G 244 -13.71 -34.78 -7.77
CA THR G 244 -14.50 -35.77 -7.01
C THR G 244 -15.74 -36.31 -7.72
N GLN G 245 -15.77 -37.65 -7.80
CA GLN G 245 -16.84 -38.49 -8.33
C GLN G 245 -17.15 -38.23 -9.78
N MET G 246 -16.17 -37.73 -10.56
CA MET G 246 -16.39 -37.46 -11.98
C MET G 246 -16.68 -38.74 -12.75
N LEU G 247 -15.97 -39.83 -12.45
CA LEU G 247 -16.18 -41.12 -13.11
C LEU G 247 -16.27 -42.23 -12.01
N GLU G 248 -16.93 -41.92 -10.88
CA GLU G 248 -17.03 -42.78 -9.69
C GLU G 248 -17.33 -44.26 -9.95
N SER G 249 -18.33 -44.56 -10.81
CA SER G 249 -18.69 -45.95 -11.13
C SER G 249 -17.54 -46.73 -11.73
N MET G 250 -16.55 -46.05 -12.34
CA MET G 250 -15.37 -46.72 -12.91
C MET G 250 -14.41 -47.28 -11.86
N ILE G 251 -14.72 -47.12 -10.56
CA ILE G 251 -13.94 -47.75 -9.51
C ILE G 251 -14.15 -49.29 -9.61
N THR G 252 -15.37 -49.73 -9.95
CA THR G 252 -15.65 -51.15 -10.10
C THR G 252 -16.06 -51.56 -11.54
N LYS G 253 -16.56 -50.62 -12.36
CA LYS G 253 -17.00 -50.95 -13.72
C LYS G 253 -16.06 -50.45 -14.81
N PRO G 254 -15.89 -51.17 -15.94
CA PRO G 254 -14.97 -50.68 -16.99
C PRO G 254 -15.50 -49.51 -17.84
N ARG G 255 -16.82 -49.20 -17.76
CA ARG G 255 -17.43 -48.09 -18.49
C ARG G 255 -18.20 -47.19 -17.51
N PRO G 256 -18.17 -45.87 -17.73
CA PRO G 256 -18.88 -44.97 -16.80
C PRO G 256 -20.38 -44.82 -17.14
N THR G 257 -21.13 -44.16 -16.25
CA THR G 257 -22.54 -43.90 -16.48
C THR G 257 -22.71 -42.69 -17.43
N ARG G 258 -23.92 -42.48 -17.95
CA ARG G 258 -24.21 -41.33 -18.80
C ARG G 258 -24.06 -40.01 -18.04
N ALA G 259 -24.35 -40.00 -16.73
CA ALA G 259 -24.22 -38.79 -15.92
C ALA G 259 -22.73 -38.42 -15.73
N GLU G 260 -21.87 -39.43 -15.61
CA GLU G 260 -20.45 -39.25 -15.41
C GLU G 260 -19.76 -38.66 -16.63
N THR G 261 -20.06 -39.15 -17.84
CA THR G 261 -19.47 -38.58 -19.05
C THR G 261 -19.95 -37.14 -19.26
N SER G 262 -21.21 -36.87 -18.96
CA SER G 262 -21.75 -35.54 -19.09
C SER G 262 -21.10 -34.58 -18.05
N ASP G 263 -20.81 -35.07 -16.84
CA ASP G 263 -20.16 -34.27 -15.81
C ASP G 263 -18.74 -33.83 -16.24
N VAL G 264 -17.99 -34.73 -16.88
CA VAL G 264 -16.65 -34.40 -17.34
C VAL G 264 -16.74 -33.37 -18.46
N ALA G 265 -17.63 -33.59 -19.42
CA ALA G 265 -17.82 -32.67 -20.53
C ALA G 265 -18.26 -31.29 -20.04
N ASN G 266 -19.19 -31.25 -19.07
CA ASN G 266 -19.70 -30.00 -18.55
C ASN G 266 -18.69 -29.26 -17.66
N ALA G 267 -17.75 -29.97 -17.01
CA ALA G 267 -16.72 -29.28 -16.24
C ALA G 267 -15.81 -28.49 -17.23
N VAL G 268 -15.49 -29.11 -18.39
CA VAL G 268 -14.69 -28.49 -19.45
C VAL G 268 -15.47 -27.30 -20.06
N LEU G 269 -16.77 -27.51 -20.37
CA LEU G 269 -17.59 -26.43 -20.92
C LEU G 269 -17.81 -25.27 -19.93
N ASP G 270 -17.78 -25.56 -18.62
CA ASP G 270 -17.90 -24.53 -17.56
C ASP G 270 -16.67 -23.61 -17.59
N GLY G 271 -15.50 -24.18 -17.90
CA GLY G 271 -14.25 -23.43 -17.98
C GLY G 271 -13.13 -23.98 -17.11
N ALA G 272 -13.29 -25.23 -16.59
CA ALA G 272 -12.24 -25.81 -15.74
C ALA G 272 -10.93 -26.02 -16.48
N ASP G 273 -9.82 -25.72 -15.82
CA ASP G 273 -8.50 -25.92 -16.39
C ASP G 273 -8.08 -27.39 -16.26
N CYS G 274 -8.40 -28.02 -15.13
CA CYS G 274 -8.07 -29.40 -14.84
C CYS G 274 -9.28 -30.18 -14.41
N ILE G 275 -9.24 -31.50 -14.65
CA ILE G 275 -10.23 -32.45 -14.19
C ILE G 275 -9.46 -33.52 -13.38
N MET G 276 -10.11 -34.08 -12.36
CA MET G 276 -9.43 -34.99 -11.45
C MET G 276 -10.07 -36.36 -11.32
N LEU G 277 -9.25 -37.36 -11.01
CA LEU G 277 -9.66 -38.72 -10.69
C LEU G 277 -9.09 -39.01 -9.30
N SER G 278 -9.94 -39.51 -8.41
CA SER G 278 -9.56 -39.83 -7.05
CA SER G 278 -9.53 -39.83 -7.06
C SER G 278 -9.50 -41.37 -6.87
N GLY G 279 -10.56 -41.97 -6.31
CA GLY G 279 -10.65 -43.41 -6.13
C GLY G 279 -10.53 -44.18 -7.42
N GLU G 280 -10.99 -43.56 -8.55
CA GLU G 280 -10.95 -44.13 -9.89
C GLU G 280 -9.54 -44.60 -10.27
N THR G 281 -8.50 -43.85 -9.87
CA THR G 281 -7.12 -44.26 -10.15
C THR G 281 -6.37 -44.75 -8.93
N ALA G 282 -6.74 -44.28 -7.74
CA ALA G 282 -6.01 -44.64 -6.51
C ALA G 282 -6.29 -46.07 -6.05
N LYS G 283 -7.54 -46.49 -6.12
CA LYS G 283 -7.94 -47.79 -5.61
C LYS G 283 -8.85 -48.58 -6.55
N GLY G 284 -9.15 -48.05 -7.73
CA GLY G 284 -10.08 -48.68 -8.64
C GLY G 284 -9.54 -49.82 -9.49
N ASN G 285 -10.44 -50.57 -10.11
CA ASN G 285 -10.08 -51.72 -10.94
C ASN G 285 -9.64 -51.34 -12.36
N PHE G 286 -9.95 -50.11 -12.80
CA PHE G 286 -9.62 -49.68 -14.16
C PHE G 286 -8.97 -48.27 -14.16
N PRO G 287 -7.80 -48.09 -13.51
CA PRO G 287 -7.19 -46.75 -13.45
C PRO G 287 -6.82 -46.17 -14.81
N VAL G 288 -6.23 -46.99 -15.71
CA VAL G 288 -5.82 -46.55 -17.04
C VAL G 288 -7.01 -46.22 -17.91
N GLU G 289 -8.07 -47.01 -17.82
CA GLU G 289 -9.30 -46.78 -18.57
C GLU G 289 -9.99 -45.50 -18.12
N ALA G 290 -9.90 -45.14 -16.82
CA ALA G 290 -10.49 -43.91 -16.29
C ALA G 290 -9.77 -42.68 -16.87
N VAL G 291 -8.43 -42.76 -16.98
CA VAL G 291 -7.62 -41.70 -17.57
C VAL G 291 -7.97 -41.55 -19.06
N LYS G 292 -8.08 -42.69 -19.77
CA LYS G 292 -8.44 -42.70 -21.19
C LYS G 292 -9.81 -42.11 -21.44
N MET G 293 -10.77 -42.41 -20.56
CA MET G 293 -12.13 -41.90 -20.69
C MET G 293 -12.16 -40.37 -20.49
N GLN G 294 -11.45 -39.86 -19.46
CA GLN G 294 -11.37 -38.41 -19.25
C GLN G 294 -10.72 -37.71 -20.44
N HIS G 295 -9.68 -38.33 -21.01
CA HIS G 295 -8.99 -37.80 -22.18
C HIS G 295 -9.95 -37.70 -23.36
N ALA G 296 -10.69 -38.79 -23.64
CA ALA G 296 -11.61 -38.86 -24.75
C ALA G 296 -12.73 -37.82 -24.65
N ILE G 297 -13.33 -37.68 -23.46
CA ILE G 297 -14.42 -36.72 -23.26
C ILE G 297 -13.91 -35.27 -23.36
N ALA G 298 -12.79 -34.96 -22.68
CA ALA G 298 -12.25 -33.59 -22.69
C ALA G 298 -11.95 -33.11 -24.09
N ARG G 299 -11.40 -33.97 -24.95
CA ARG G 299 -11.09 -33.63 -26.34
C ARG G 299 -12.35 -33.21 -27.11
N GLU G 300 -13.44 -33.96 -26.91
CA GLU G 300 -14.70 -33.66 -27.58
C GLU G 300 -15.28 -32.37 -27.07
N ALA G 301 -15.23 -32.15 -25.74
CA ALA G 301 -15.81 -30.96 -25.10
C ALA G 301 -15.05 -29.70 -25.46
N GLU G 302 -13.74 -29.79 -25.58
CA GLU G 302 -12.92 -28.61 -25.95
C GLU G 302 -13.22 -28.09 -27.34
N ALA G 303 -13.51 -28.99 -28.30
CA ALA G 303 -13.89 -28.58 -29.65
C ALA G 303 -15.29 -27.92 -29.65
N ALA G 304 -16.18 -28.31 -28.72
CA ALA G 304 -17.53 -27.77 -28.57
C ALA G 304 -17.59 -26.44 -27.80
N VAL G 305 -16.46 -25.93 -27.32
CA VAL G 305 -16.44 -24.65 -26.61
C VAL G 305 -16.85 -23.52 -27.60
N TYR G 306 -17.66 -22.55 -27.16
CA TYR G 306 -18.10 -21.47 -28.02
C TYR G 306 -17.15 -20.29 -27.85
N HIS G 307 -15.97 -20.38 -28.50
CA HIS G 307 -14.91 -19.39 -28.40
C HIS G 307 -15.34 -17.98 -28.79
N ARG G 308 -16.26 -17.84 -29.75
CA ARG G 308 -16.74 -16.52 -30.18
C ARG G 308 -17.23 -15.67 -29.01
N GLN G 309 -18.07 -16.24 -28.15
CA GLN G 309 -18.55 -15.47 -26.99
C GLN G 309 -17.57 -15.50 -25.82
N LEU G 310 -16.93 -16.65 -25.60
CA LEU G 310 -15.96 -16.80 -24.51
C LEU G 310 -14.81 -15.79 -24.62
N PHE G 311 -14.18 -15.67 -25.80
CA PHE G 311 -13.09 -14.72 -26.02
C PHE G 311 -13.56 -13.28 -25.83
N GLU G 312 -14.71 -12.93 -26.41
CA GLU G 312 -15.32 -11.59 -26.31
C GLU G 312 -15.54 -11.22 -24.84
N GLU G 313 -16.05 -12.15 -24.05
CA GLU G 313 -16.31 -11.89 -22.63
C GLU G 313 -15.07 -11.81 -21.79
N LEU G 314 -14.07 -12.66 -22.07
CA LEU G 314 -12.80 -12.61 -21.33
C LEU G 314 -12.07 -11.29 -21.64
N ARG G 315 -12.12 -10.87 -22.90
CA ARG G 315 -11.56 -9.63 -23.42
C ARG G 315 -12.22 -8.42 -22.73
N ARG G 316 -13.57 -8.40 -22.68
CA ARG G 316 -14.33 -7.30 -22.10
C ARG G 316 -14.11 -7.18 -20.60
N ALA G 317 -14.01 -8.31 -19.90
CA ALA G 317 -13.84 -8.30 -18.46
C ALA G 317 -12.43 -7.94 -18.03
N ALA G 318 -11.43 -8.27 -18.86
CA ALA G 318 -10.04 -7.98 -18.55
C ALA G 318 -9.78 -6.49 -18.69
N PRO G 319 -9.18 -5.86 -17.68
CA PRO G 319 -8.94 -4.41 -17.78
C PRO G 319 -7.77 -4.09 -18.72
N LEU G 320 -7.64 -2.81 -19.12
CA LEU G 320 -6.51 -2.36 -19.93
C LEU G 320 -5.20 -2.64 -19.17
N SER G 321 -4.13 -2.94 -19.89
CA SER G 321 -2.87 -3.28 -19.26
C SER G 321 -1.71 -2.63 -19.95
N ARG G 322 -0.72 -2.23 -19.19
CA ARG G 322 0.51 -1.68 -19.72
C ARG G 322 1.68 -2.71 -19.62
N ASP G 323 1.38 -3.97 -19.24
CA ASP G 323 2.36 -5.01 -19.13
C ASP G 323 2.54 -5.60 -20.54
N PRO G 324 3.75 -5.54 -21.10
CA PRO G 324 3.94 -6.06 -22.47
C PRO G 324 3.64 -7.54 -22.66
N THR G 325 3.82 -8.37 -21.62
CA THR G 325 3.48 -9.80 -21.72
C THR G 325 1.97 -9.95 -21.93
N GLU G 326 1.17 -9.21 -21.14
CA GLU G 326 -0.30 -9.26 -21.24
CA GLU G 326 -0.29 -9.25 -21.23
C GLU G 326 -0.77 -8.69 -22.58
N VAL G 327 -0.16 -7.59 -23.05
CA VAL G 327 -0.53 -6.96 -24.34
C VAL G 327 -0.18 -7.91 -25.51
N THR G 328 0.97 -8.58 -25.44
CA THR G 328 1.40 -9.53 -26.47
C THR G 328 0.49 -10.74 -26.48
N ALA G 329 0.11 -11.23 -25.28
CA ALA G 329 -0.77 -12.39 -25.13
C ALA G 329 -2.10 -12.23 -25.85
N ILE G 330 -2.79 -11.09 -25.65
CA ILE G 330 -4.08 -10.88 -26.31
C ILE G 330 -3.91 -10.68 -27.82
N GLY G 331 -2.82 -10.05 -28.25
CA GLY G 331 -2.53 -9.87 -29.66
C GLY G 331 -2.31 -11.20 -30.34
N ALA G 332 -1.54 -12.09 -29.67
CA ALA G 332 -1.26 -13.43 -30.20
C ALA G 332 -2.49 -14.32 -30.27
N VAL G 333 -3.38 -14.24 -29.29
CA VAL G 333 -4.61 -15.03 -29.28
C VAL G 333 -5.55 -14.53 -30.39
N GLU G 334 -5.64 -13.21 -30.58
CA GLU G 334 -6.45 -12.63 -31.66
CA GLU G 334 -6.44 -12.62 -31.66
C GLU G 334 -5.89 -13.07 -33.03
N ALA G 335 -4.55 -13.04 -33.19
CA ALA G 335 -3.91 -13.47 -34.43
C ALA G 335 -4.15 -14.95 -34.68
N ALA G 336 -4.11 -15.80 -33.63
CA ALA G 336 -4.34 -17.24 -33.76
C ALA G 336 -5.75 -17.53 -34.23
N PHE G 337 -6.75 -16.79 -33.72
CA PHE G 337 -8.14 -16.98 -34.17
C PHE G 337 -8.33 -16.56 -35.64
N LYS G 338 -7.67 -15.49 -36.06
CA LYS G 338 -7.77 -14.99 -37.44
C LYS G 338 -7.31 -15.99 -38.50
N CYS G 339 -6.24 -16.76 -38.21
CA CYS G 339 -5.73 -17.72 -39.17
C CYS G 339 -6.05 -19.18 -38.83
N CYS G 340 -6.76 -19.42 -37.69
CA CYS G 340 -7.08 -20.74 -37.14
C CYS G 340 -5.76 -21.51 -36.94
N ALA G 341 -4.75 -20.83 -36.31
CA ALA G 341 -3.40 -21.34 -36.09
C ALA G 341 -3.42 -22.69 -35.45
N ALA G 342 -2.53 -23.55 -35.90
CA ALA G 342 -2.41 -24.88 -35.31
C ALA G 342 -1.84 -24.79 -33.87
N ALA G 343 -1.05 -23.77 -33.55
CA ALA G 343 -0.49 -23.61 -32.21
C ALA G 343 0.07 -22.19 -32.03
N ILE G 344 0.26 -21.79 -30.76
CA ILE G 344 0.96 -20.60 -30.32
C ILE G 344 2.19 -21.17 -29.61
N ILE G 345 3.40 -20.99 -30.17
CA ILE G 345 4.61 -21.46 -29.53
C ILE G 345 5.17 -20.33 -28.68
N VAL G 346 5.31 -20.54 -27.36
CA VAL G 346 5.81 -19.50 -26.45
C VAL G 346 7.04 -19.94 -25.69
N LEU G 347 8.00 -19.05 -25.53
CA LEU G 347 9.18 -19.30 -24.74
C LEU G 347 8.88 -18.76 -23.35
N THR G 348 9.16 -19.57 -22.32
CA THR G 348 8.85 -19.19 -20.94
C THR G 348 9.81 -19.79 -19.93
N THR G 349 10.20 -19.01 -18.89
CA THR G 349 11.06 -19.55 -17.85
C THR G 349 10.25 -19.92 -16.62
N THR G 350 9.30 -19.06 -16.23
CA THR G 350 8.45 -19.29 -15.07
C THR G 350 7.08 -19.91 -15.42
N GLY G 351 6.69 -19.83 -16.69
CA GLY G 351 5.39 -20.29 -17.13
C GLY G 351 4.40 -19.15 -17.33
N ARG G 352 4.72 -17.95 -16.83
CA ARG G 352 3.84 -16.79 -16.86
C ARG G 352 3.36 -16.38 -18.24
N SER G 353 4.26 -16.32 -19.24
CA SER G 353 3.84 -15.95 -20.60
C SER G 353 2.84 -16.95 -21.15
N ALA G 354 3.01 -18.24 -20.83
CA ALA G 354 2.05 -19.27 -21.28
C ALA G 354 0.71 -19.12 -20.54
N GLN G 355 0.74 -18.79 -19.25
CA GLN G 355 -0.47 -18.61 -18.46
C GLN G 355 -1.31 -17.42 -18.97
N LEU G 356 -0.64 -16.33 -19.37
CA LEU G 356 -1.34 -15.16 -19.91
C LEU G 356 -1.98 -15.44 -21.27
N LEU G 357 -1.40 -16.35 -22.06
CA LEU G 357 -2.02 -16.76 -23.33
C LEU G 357 -3.27 -17.60 -23.02
N SER G 358 -3.11 -18.54 -22.08
CA SER G 358 -4.13 -19.49 -21.61
C SER G 358 -5.40 -18.83 -21.09
N ARG G 359 -5.28 -17.68 -20.38
CA ARG G 359 -6.43 -16.99 -19.82
C ARG G 359 -7.44 -16.48 -20.86
N TYR G 360 -6.99 -16.25 -22.13
CA TYR G 360 -7.90 -15.82 -23.21
C TYR G 360 -8.55 -16.97 -23.94
N ARG G 361 -8.25 -18.20 -23.54
CA ARG G 361 -8.82 -19.41 -24.07
C ARG G 361 -8.74 -19.52 -25.58
N PRO G 362 -7.50 -19.51 -26.12
CA PRO G 362 -7.37 -19.71 -27.57
C PRO G 362 -7.78 -21.13 -27.96
N ARG G 363 -8.28 -21.31 -29.18
CA ARG G 363 -8.53 -22.64 -29.73
C ARG G 363 -7.18 -23.30 -30.03
N ALA G 364 -6.17 -22.52 -30.45
CA ALA G 364 -4.84 -22.99 -30.77
C ALA G 364 -4.14 -23.48 -29.51
N ALA G 365 -3.45 -24.61 -29.61
CA ALA G 365 -2.65 -25.17 -28.51
C ALA G 365 -1.53 -24.21 -28.16
N VAL G 366 -1.25 -24.00 -26.87
CA VAL G 366 -0.13 -23.16 -26.44
C VAL G 366 1.03 -24.10 -26.13
N ILE G 367 2.02 -24.18 -27.03
CA ILE G 367 3.17 -25.03 -26.84
C ILE G 367 4.24 -24.21 -26.11
N ALA G 368 4.52 -24.55 -24.85
CA ALA G 368 5.45 -23.79 -24.03
C ALA G 368 6.80 -24.44 -23.96
N VAL G 369 7.81 -23.82 -24.56
CA VAL G 369 9.16 -24.35 -24.52
C VAL G 369 9.91 -23.69 -23.36
N THR G 370 10.46 -24.53 -22.45
CA THR G 370 11.15 -24.03 -21.27
C THR G 370 12.34 -24.90 -20.92
N ARG G 371 13.33 -24.28 -20.27
CA ARG G 371 14.48 -25.02 -19.72
C ARG G 371 14.25 -25.34 -18.22
N SER G 372 13.16 -24.85 -17.62
CA SER G 372 12.84 -25.09 -16.23
C SER G 372 11.96 -26.30 -16.14
N ALA G 373 12.49 -27.37 -15.56
CA ALA G 373 11.74 -28.60 -15.38
C ALA G 373 10.54 -28.36 -14.47
N GLN G 374 10.66 -27.50 -13.44
CA GLN G 374 9.54 -27.19 -12.56
C GLN G 374 8.43 -26.44 -13.30
N ALA G 375 8.77 -25.41 -14.10
CA ALA G 375 7.77 -24.67 -14.85
C ALA G 375 7.07 -25.56 -15.85
N ALA G 376 7.80 -26.48 -16.50
CA ALA G 376 7.22 -27.44 -17.43
C ALA G 376 6.16 -28.31 -16.73
N ARG G 377 6.42 -28.72 -15.47
CA ARG G 377 5.42 -29.49 -14.73
C ARG G 377 4.24 -28.62 -14.26
N GLN G 378 4.51 -27.43 -13.77
CA GLN G 378 3.48 -26.56 -13.22
C GLN G 378 2.51 -25.96 -14.24
N VAL G 379 2.95 -25.73 -15.49
CA VAL G 379 2.03 -25.15 -16.49
C VAL G 379 0.91 -26.09 -16.90
N HIS G 380 0.95 -27.38 -16.46
CA HIS G 380 -0.18 -28.29 -16.69
C HIS G 380 -1.46 -27.76 -15.99
N LEU G 381 -1.32 -26.87 -15.00
CA LEU G 381 -2.48 -26.30 -14.32
C LEU G 381 -3.30 -25.38 -15.25
N CYS G 382 -2.67 -24.81 -16.28
CA CYS G 382 -3.30 -23.86 -17.19
C CYS G 382 -3.82 -24.55 -18.41
N ARG G 383 -5.11 -24.42 -18.69
CA ARG G 383 -5.71 -25.06 -19.85
C ARG G 383 -5.05 -24.69 -21.17
N GLY G 384 -4.79 -25.70 -21.98
CA GLY G 384 -4.24 -25.50 -23.30
C GLY G 384 -2.75 -25.30 -23.34
N VAL G 385 -2.03 -25.48 -22.24
CA VAL G 385 -0.59 -25.33 -22.25
C VAL G 385 0.07 -26.70 -22.31
N PHE G 386 0.88 -26.92 -23.37
CA PHE G 386 1.59 -28.16 -23.64
C PHE G 386 3.06 -27.94 -23.41
N PRO G 387 3.58 -28.35 -22.25
CA PRO G 387 4.99 -28.08 -21.93
C PRO G 387 6.00 -28.96 -22.64
N LEU G 388 7.10 -28.34 -23.09
CA LEU G 388 8.20 -29.04 -23.71
C LEU G 388 9.43 -28.68 -22.94
N LEU G 389 10.11 -29.66 -22.39
CA LEU G 389 11.34 -29.42 -21.62
C LEU G 389 12.56 -29.52 -22.54
N TYR G 390 13.30 -28.41 -22.67
CA TYR G 390 14.44 -28.29 -23.54
C TYR G 390 15.71 -28.60 -22.77
N ARG G 391 16.43 -29.64 -23.19
CA ARG G 391 17.67 -30.11 -22.55
C ARG G 391 18.93 -29.98 -23.43
N GLU G 392 18.83 -29.29 -24.56
CA GLU G 392 19.96 -29.09 -25.44
C GLU G 392 20.98 -28.10 -24.84
N PRO G 393 22.26 -28.27 -25.17
CA PRO G 393 23.27 -27.32 -24.72
C PRO G 393 23.04 -25.90 -25.30
N PRO G 394 23.50 -24.88 -24.57
CA PRO G 394 23.28 -23.50 -25.02
C PRO G 394 24.06 -23.09 -26.26
N GLU G 395 23.46 -22.21 -27.08
CA GLU G 395 24.13 -21.58 -28.22
C GLU G 395 24.83 -20.31 -27.72
N ALA G 396 25.95 -19.95 -28.34
CA ALA G 396 26.71 -18.76 -27.94
C ALA G 396 25.91 -17.48 -28.19
N ILE G 397 25.20 -17.44 -29.31
CA ILE G 397 24.41 -16.28 -29.68
C ILE G 397 22.98 -16.47 -29.21
N TRP G 398 22.52 -15.53 -28.38
CA TRP G 398 21.18 -15.59 -27.84
C TRP G 398 20.06 -15.73 -28.89
N ALA G 399 20.04 -14.92 -29.96
CA ALA G 399 18.98 -15.04 -30.98
C ALA G 399 18.98 -16.42 -31.65
N ASP G 400 20.16 -17.07 -31.77
CA ASP G 400 20.25 -18.44 -32.33
C ASP G 400 19.69 -19.48 -31.39
N ASP G 401 19.90 -19.26 -30.10
CA ASP G 401 19.39 -20.08 -29.04
C ASP G 401 17.84 -19.97 -28.96
N VAL G 402 17.30 -18.79 -29.19
CA VAL G 402 15.85 -18.59 -29.20
C VAL G 402 15.26 -19.33 -30.38
N ASP G 403 15.90 -19.22 -31.57
CA ASP G 403 15.45 -19.88 -32.77
C ASP G 403 15.50 -21.39 -32.65
N ARG G 404 16.52 -21.93 -31.94
CA ARG G 404 16.60 -23.37 -31.78
C ARG G 404 15.46 -23.89 -30.92
N ARG G 405 15.05 -23.14 -29.89
CA ARG G 405 13.97 -23.48 -28.99
C ARG G 405 12.63 -23.37 -29.68
N VAL G 406 12.44 -22.34 -30.51
CA VAL G 406 11.22 -22.21 -31.31
C VAL G 406 11.10 -23.45 -32.27
N GLN G 407 12.23 -23.85 -32.86
CA GLN G 407 12.27 -24.99 -33.78
C GLN G 407 12.05 -26.31 -33.10
N PHE G 408 12.53 -26.43 -31.86
CA PHE G 408 12.28 -27.57 -30.98
C PHE G 408 10.77 -27.68 -30.67
N GLY G 409 10.07 -26.57 -30.56
CA GLY G 409 8.62 -26.57 -30.39
C GLY G 409 7.93 -27.09 -31.64
N ILE G 410 8.37 -26.63 -32.82
CA ILE G 410 7.85 -27.04 -34.14
C ILE G 410 8.07 -28.54 -34.42
N GLU G 411 9.29 -29.02 -34.20
CA GLU G 411 9.65 -30.41 -34.41
C GLU G 411 8.88 -31.30 -33.46
N SER G 412 8.79 -30.93 -32.14
CA SER G 412 7.99 -31.72 -31.19
C SER G 412 6.53 -31.73 -31.63
N GLY G 413 6.00 -30.56 -32.03
CA GLY G 413 4.62 -30.46 -32.49
C GLY G 413 4.35 -31.32 -33.70
N LYS G 414 5.30 -31.41 -34.64
CA LYS G 414 5.12 -32.23 -35.84
C LYS G 414 5.14 -33.68 -35.44
N LEU G 415 6.08 -34.10 -34.58
CA LEU G 415 6.18 -35.49 -34.16
C LEU G 415 4.90 -35.96 -33.48
N ARG G 416 4.34 -35.10 -32.60
CA ARG G 416 3.12 -35.38 -31.82
C ARG G 416 1.81 -35.20 -32.57
N GLY G 417 1.84 -34.65 -33.78
CA GLY G 417 0.62 -34.47 -34.56
C GLY G 417 -0.11 -33.16 -34.42
N PHE G 418 0.44 -32.20 -33.64
CA PHE G 418 -0.17 -30.87 -33.50
C PHE G 418 -0.02 -30.06 -34.80
N LEU G 419 1.12 -30.21 -35.51
CA LEU G 419 1.45 -29.34 -36.64
C LEU G 419 1.83 -30.10 -37.85
N ARG G 420 1.66 -29.48 -39.01
CA ARG G 420 2.05 -30.01 -40.30
C ARG G 420 2.70 -28.87 -41.12
N VAL G 421 3.47 -29.23 -42.14
CA VAL G 421 4.04 -28.30 -43.11
C VAL G 421 2.88 -27.57 -43.81
N GLY G 422 2.99 -26.25 -43.94
CA GLY G 422 1.90 -25.45 -44.49
C GLY G 422 1.03 -24.80 -43.42
N ASP G 423 1.09 -25.30 -42.16
CA ASP G 423 0.32 -24.68 -41.07
C ASP G 423 0.85 -23.28 -40.73
N LEU G 424 -0.01 -22.44 -40.18
CA LEU G 424 0.40 -21.16 -39.63
C LEU G 424 0.45 -21.32 -38.09
N VAL G 425 1.48 -20.77 -37.45
CA VAL G 425 1.64 -20.78 -36.01
C VAL G 425 2.03 -19.36 -35.58
N ILE G 426 1.69 -19.02 -34.36
CA ILE G 426 2.03 -17.73 -33.76
C ILE G 426 3.17 -18.03 -32.81
N VAL G 427 4.25 -17.23 -32.84
CA VAL G 427 5.40 -17.46 -31.99
C VAL G 427 5.56 -16.27 -31.04
N VAL G 428 5.64 -16.54 -29.74
CA VAL G 428 5.72 -15.53 -28.70
C VAL G 428 7.05 -15.59 -27.97
N THR G 429 7.83 -14.51 -28.07
CA THR G 429 9.13 -14.38 -27.44
C THR G 429 9.28 -12.96 -26.78
N GLY G 430 10.46 -12.69 -26.24
CA GLY G 430 10.79 -11.40 -25.64
C GLY G 430 11.99 -10.79 -26.30
N TRP G 431 12.31 -9.54 -25.94
CA TRP G 431 13.40 -8.82 -26.60
C TRP G 431 14.81 -9.04 -26.02
N ARG G 432 14.92 -9.67 -24.87
CA ARG G 432 16.21 -9.93 -24.24
C ARG G 432 16.06 -11.15 -23.32
N PRO G 433 17.19 -11.77 -22.94
CA PRO G 433 17.11 -12.96 -22.09
C PRO G 433 16.55 -12.65 -20.72
N GLY G 434 16.02 -13.67 -20.09
CA GLY G 434 15.42 -13.56 -18.78
C GLY G 434 13.91 -13.43 -18.83
N SER G 435 13.31 -13.94 -17.80
CA SER G 435 11.90 -13.87 -17.58
C SER G 435 11.45 -12.39 -17.41
N GLY G 436 10.20 -12.08 -17.77
CA GLY G 436 9.61 -10.76 -17.62
C GLY G 436 9.62 -9.81 -18.81
N TYR G 437 10.21 -10.22 -19.94
CA TYR G 437 10.36 -9.37 -21.09
C TYR G 437 9.64 -9.77 -22.35
N THR G 438 8.64 -10.69 -22.29
CA THR G 438 7.86 -11.09 -23.46
C THR G 438 7.21 -9.88 -24.08
N ASN G 439 7.48 -9.62 -25.36
CA ASN G 439 6.91 -8.47 -26.05
C ASN G 439 6.76 -8.69 -27.56
N ILE G 440 7.04 -9.89 -28.08
CA ILE G 440 7.00 -10.13 -29.52
C ILE G 440 5.98 -11.23 -29.91
N MET G 441 5.30 -11.01 -31.00
CA MET G 441 4.40 -12.00 -31.58
C MET G 441 4.77 -12.07 -33.07
N ARG G 442 5.05 -13.26 -33.60
CA ARG G 442 5.36 -13.43 -35.02
C ARG G 442 4.43 -14.45 -35.66
N VAL G 443 4.13 -14.29 -36.94
CA VAL G 443 3.30 -15.24 -37.69
C VAL G 443 4.22 -16.06 -38.56
N LEU G 444 4.28 -17.36 -38.31
CA LEU G 444 5.19 -18.25 -39.01
C LEU G 444 4.45 -19.26 -39.87
N SER G 445 4.96 -19.52 -41.06
CA SER G 445 4.42 -20.58 -41.92
C SER G 445 5.34 -21.79 -41.71
N ILE G 446 4.79 -22.94 -41.33
CA ILE G 446 5.60 -24.13 -41.04
C ILE G 446 6.18 -24.70 -42.33
N SER G 447 7.50 -24.81 -42.39
CA SER G 447 8.18 -25.38 -43.54
C SER G 447 8.84 -26.72 -43.16
N GLY H 23 -2.73 8.46 -15.26
CA GLY H 23 -3.57 9.34 -14.46
C GLY H 23 -5.06 9.36 -14.77
N THR H 24 -5.82 10.00 -13.90
CA THR H 24 -7.28 10.10 -14.04
C THR H 24 -7.67 11.04 -15.21
N ALA H 25 -6.85 12.07 -15.46
CA ALA H 25 -7.10 13.01 -16.55
C ALA H 25 -7.05 12.30 -17.90
N PHE H 26 -6.16 11.30 -18.05
CA PHE H 26 -6.03 10.50 -19.27
C PHE H 26 -7.37 9.88 -19.66
N PHE H 27 -8.08 9.33 -18.67
CA PHE H 27 -9.34 8.65 -18.92
C PHE H 27 -10.56 9.57 -19.10
N GLN H 28 -10.36 10.89 -18.98
CA GLN H 28 -11.43 11.84 -19.23
C GLN H 28 -11.34 12.42 -20.68
N GLN H 29 -10.15 12.39 -21.30
CA GLN H 29 -9.89 12.87 -22.65
C GLN H 29 -10.32 11.85 -23.73
N GLN H 30 -10.28 12.28 -25.02
CA GLN H 30 -10.59 11.54 -26.24
C GLN H 30 -11.85 10.65 -26.17
N GLN H 31 -12.89 11.14 -25.46
CA GLN H 31 -14.16 10.45 -25.26
C GLN H 31 -14.00 9.04 -24.69
N LEU H 32 -12.97 8.83 -23.83
CA LEU H 32 -12.73 7.52 -23.20
C LEU H 32 -13.91 7.06 -22.33
N PRO H 33 -14.62 7.93 -21.56
CA PRO H 33 -15.82 7.44 -20.85
C PRO H 33 -16.88 6.86 -21.81
N ALA H 34 -17.13 7.53 -22.97
CA ALA H 34 -18.08 7.04 -23.97
C ALA H 34 -17.58 5.77 -24.67
N ALA H 35 -16.25 5.64 -24.79
CA ALA H 35 -15.61 4.49 -25.42
C ALA H 35 -15.82 3.21 -24.61
N MET H 36 -15.91 3.33 -23.27
CA MET H 36 -16.08 2.16 -22.40
C MET H 36 -17.52 1.65 -22.32
N ALA H 37 -18.50 2.39 -22.85
CA ALA H 37 -19.91 2.02 -22.74
C ALA H 37 -20.26 0.66 -23.34
N ASP H 38 -21.17 -0.06 -22.69
CA ASP H 38 -21.59 -1.39 -23.12
C ASP H 38 -22.60 -1.36 -24.23
N THR H 39 -23.29 -0.23 -24.46
CA THR H 39 -24.23 -0.12 -25.58
C THR H 39 -23.97 1.16 -26.37
N PHE H 40 -24.45 1.23 -27.63
CA PHE H 40 -24.32 2.44 -28.42
C PHE H 40 -25.13 3.58 -27.79
N LEU H 41 -26.31 3.28 -27.22
CA LEU H 41 -27.14 4.28 -26.57
C LEU H 41 -26.41 4.92 -25.37
N GLU H 42 -25.77 4.09 -24.54
CA GLU H 42 -25.00 4.57 -23.40
C GLU H 42 -23.77 5.37 -23.87
N HIS H 43 -23.18 4.96 -25.02
CA HIS H 43 -22.04 5.64 -25.65
C HIS H 43 -22.47 7.05 -26.01
N LEU H 44 -23.65 7.22 -26.65
CA LEU H 44 -24.17 8.56 -26.99
C LEU H 44 -24.35 9.40 -25.73
N CYS H 45 -24.98 8.81 -24.69
CA CYS H 45 -25.24 9.47 -23.41
C CYS H 45 -23.99 9.96 -22.71
N LEU H 46 -22.85 9.30 -22.93
CA LEU H 46 -21.59 9.67 -22.30
C LEU H 46 -20.71 10.60 -23.13
N LEU H 47 -21.12 11.02 -24.34
CA LEU H 47 -20.32 11.95 -25.15
C LEU H 47 -20.24 13.28 -24.40
N ASP H 48 -19.04 13.86 -24.37
CA ASP H 48 -18.78 15.04 -23.56
C ASP H 48 -18.05 16.13 -24.35
N ILE H 49 -18.65 17.32 -24.45
CA ILE H 49 -18.04 18.45 -25.15
C ILE H 49 -16.76 18.96 -24.46
N ASP H 50 -16.54 18.60 -23.19
CA ASP H 50 -15.35 18.97 -22.45
C ASP H 50 -14.24 17.94 -22.56
N SER H 51 -14.50 16.79 -23.20
CA SER H 51 -13.50 15.76 -23.38
C SER H 51 -12.71 16.12 -24.64
N GLU H 52 -11.49 16.63 -24.46
CA GLU H 52 -10.68 17.10 -25.57
C GLU H 52 -10.02 16.01 -26.40
N PRO H 53 -10.01 16.19 -27.74
CA PRO H 53 -9.32 15.20 -28.57
C PRO H 53 -7.82 15.25 -28.34
N VAL H 54 -7.16 14.11 -28.27
CA VAL H 54 -5.72 14.04 -28.00
C VAL H 54 -4.99 13.45 -29.21
N ALA H 55 -5.58 12.43 -29.81
CA ALA H 55 -4.99 11.75 -30.97
C ALA H 55 -4.87 12.65 -32.20
N ALA H 56 -3.93 12.33 -33.07
CA ALA H 56 -3.76 13.07 -34.31
C ALA H 56 -4.99 12.78 -35.22
N ARG H 57 -5.39 13.77 -36.03
CA ARG H 57 -6.51 13.65 -36.94
C ARG H 57 -6.21 12.65 -38.02
N SER H 58 -7.02 11.62 -38.13
CA SER H 58 -6.80 10.50 -39.00
C SER H 58 -7.55 10.49 -40.36
N THR H 59 -8.63 11.25 -40.53
CA THR H 59 -9.35 11.29 -41.82
C THR H 59 -8.61 12.28 -42.69
N SER H 60 -8.15 11.88 -43.88
CA SER H 60 -7.42 12.80 -44.75
C SER H 60 -8.30 13.82 -45.39
N ILE H 61 -7.73 15.00 -45.64
CA ILE H 61 -8.42 16.09 -46.27
C ILE H 61 -7.88 16.24 -47.69
N ILE H 62 -8.78 16.18 -48.66
CA ILE H 62 -8.44 16.42 -50.06
C ILE H 62 -8.87 17.86 -50.36
N ALA H 63 -7.94 18.68 -50.86
CA ALA H 63 -8.29 20.06 -51.19
C ALA H 63 -8.15 20.25 -52.70
N THR H 64 -9.20 20.76 -53.35
CA THR H 64 -9.15 21.04 -54.78
C THR H 64 -8.35 22.30 -55.03
N ILE H 65 -7.39 22.22 -55.97
CA ILE H 65 -6.51 23.32 -56.31
C ILE H 65 -7.15 24.19 -57.38
N GLY H 66 -7.07 25.50 -57.17
CA GLY H 66 -7.60 26.48 -58.10
C GLY H 66 -7.03 27.86 -57.85
N PRO H 67 -7.66 28.90 -58.44
CA PRO H 67 -7.14 30.28 -58.24
C PRO H 67 -6.95 30.73 -56.80
N ALA H 68 -7.76 30.21 -55.87
CA ALA H 68 -7.63 30.56 -54.46
C ALA H 68 -6.51 29.80 -53.73
N SER H 69 -5.97 28.74 -54.33
CA SER H 69 -5.01 27.88 -53.67
C SER H 69 -3.79 27.50 -54.53
N ARG H 70 -3.46 28.27 -55.56
CA ARG H 70 -2.31 27.95 -56.43
C ARG H 70 -1.00 28.61 -55.99
N SER H 71 -1.08 29.66 -55.20
CA SER H 71 0.10 30.36 -54.72
C SER H 71 0.98 29.39 -53.89
N VAL H 72 2.31 29.35 -54.13
CA VAL H 72 3.23 28.51 -53.36
C VAL H 72 3.13 28.86 -51.85
N GLU H 73 3.01 30.17 -51.51
CA GLU H 73 2.89 30.57 -50.13
C GLU H 73 1.58 30.16 -49.46
N ARG H 74 0.47 30.19 -50.22
CA ARG H 74 -0.79 29.74 -49.66
C ARG H 74 -0.79 28.20 -49.54
N LEU H 75 -0.22 27.50 -50.52
CA LEU H 75 -0.11 26.04 -50.45
C LEU H 75 0.68 25.60 -49.21
N LYS H 76 1.69 26.38 -48.79
CA LYS H 76 2.44 26.09 -47.56
C LYS H 76 1.54 26.21 -46.35
N GLU H 77 0.66 27.22 -46.33
CA GLU H 77 -0.30 27.40 -45.23
C GLU H 77 -1.34 26.26 -45.23
N MET H 78 -1.76 25.80 -46.42
CA MET H 78 -2.73 24.72 -46.53
CA MET H 78 -2.73 24.72 -46.52
C MET H 78 -2.13 23.38 -46.07
N ILE H 79 -0.84 23.16 -46.31
CA ILE H 79 -0.14 21.96 -45.87
C ILE H 79 -0.08 21.99 -44.34
N LYS H 80 0.29 23.15 -43.76
CA LYS H 80 0.32 23.32 -42.30
C LYS H 80 -1.06 23.16 -41.63
N ALA H 81 -2.14 23.62 -42.30
CA ALA H 81 -3.51 23.51 -41.80
C ALA H 81 -4.04 22.05 -41.81
N GLY H 82 -3.47 21.20 -42.67
CA GLY H 82 -3.90 19.82 -42.74
C GLY H 82 -4.21 19.19 -44.08
N MET H 83 -3.96 19.88 -45.21
CA MET H 83 -4.23 19.29 -46.53
C MET H 83 -3.29 18.10 -46.76
N ASN H 84 -3.84 16.96 -47.14
CA ASN H 84 -3.04 15.76 -47.39
C ASN H 84 -2.97 15.38 -48.85
N ILE H 85 -4.02 15.70 -49.62
CA ILE H 85 -4.10 15.37 -51.05
C ILE H 85 -4.57 16.58 -51.80
N ALA H 86 -3.84 16.96 -52.88
CA ALA H 86 -4.20 18.10 -53.72
C ALA H 86 -4.95 17.53 -54.94
N ARG H 87 -6.18 18.00 -55.17
CA ARG H 87 -6.98 17.51 -56.28
C ARG H 87 -6.93 18.49 -57.48
N LEU H 88 -6.60 17.97 -58.66
CA LEU H 88 -6.58 18.78 -59.88
C LEU H 88 -7.82 18.41 -60.65
N ASN H 89 -8.77 19.33 -60.78
CA ASN H 89 -10.00 19.05 -61.50
C ASN H 89 -9.81 19.31 -62.98
N PHE H 90 -9.69 18.25 -63.78
CA PHE H 90 -9.45 18.39 -65.23
C PHE H 90 -10.72 18.78 -66.02
N SER H 91 -11.83 19.09 -65.33
CA SER H 91 -13.02 19.64 -66.00
C SER H 91 -12.80 21.13 -66.36
N HIS H 92 -11.86 21.81 -65.68
CA HIS H 92 -11.49 23.20 -65.91
C HIS H 92 -9.97 23.32 -66.11
N GLY H 93 -9.53 24.28 -66.90
CA GLY H 93 -8.11 24.52 -67.12
C GLY H 93 -7.45 23.66 -68.16
N SER H 94 -6.40 24.17 -68.75
CA SER H 94 -5.60 23.48 -69.76
C SER H 94 -4.52 22.60 -69.10
N HIS H 95 -3.79 21.78 -69.89
CA HIS H 95 -2.67 20.99 -69.40
C HIS H 95 -1.57 21.90 -68.84
N GLU H 96 -1.38 23.08 -69.44
CA GLU H 96 -0.38 24.05 -68.98
C GLU H 96 -0.74 24.57 -67.60
N TYR H 97 -2.03 24.82 -67.37
CA TYR H 97 -2.52 25.29 -66.08
C TYR H 97 -2.28 24.21 -64.99
N HIS H 98 -2.64 22.97 -65.29
CA HIS H 98 -2.48 21.86 -64.36
C HIS H 98 -1.02 21.52 -64.07
N ALA H 99 -0.13 21.62 -65.07
CA ALA H 99 1.31 21.39 -64.84
C ALA H 99 1.89 22.43 -63.88
N GLU H 100 1.37 23.68 -63.94
CA GLU H 100 1.77 24.77 -63.06
C GLU H 100 1.29 24.49 -61.66
N SER H 101 0.05 24.01 -61.51
CA SER H 101 -0.51 23.67 -60.19
C SER H 101 0.34 22.58 -59.53
N ILE H 102 0.68 21.52 -60.29
CA ILE H 102 1.53 20.43 -59.83
C ILE H 102 2.87 20.92 -59.34
N ALA H 103 3.52 21.79 -60.12
CA ALA H 103 4.83 22.38 -59.79
C ALA H 103 4.75 23.22 -58.51
N ASN H 104 3.67 24.00 -58.35
CA ASN H 104 3.50 24.84 -57.16
C ASN H 104 3.25 24.01 -55.93
N VAL H 105 2.46 22.91 -56.07
CA VAL H 105 2.22 22.00 -54.96
C VAL H 105 3.56 21.36 -54.54
N ARG H 106 4.30 20.78 -55.51
CA ARG H 106 5.58 20.18 -55.22
C ARG H 106 6.57 21.15 -54.60
N GLU H 107 6.59 22.41 -55.06
CA GLU H 107 7.50 23.40 -54.48
C GLU H 107 7.12 23.67 -53.02
N ALA H 108 5.82 23.86 -52.73
CA ALA H 108 5.39 24.10 -51.34
C ALA H 108 5.69 22.89 -50.44
N VAL H 109 5.45 21.67 -50.94
CA VAL H 109 5.70 20.43 -50.19
C VAL H 109 7.21 20.26 -49.90
N GLU H 110 8.05 20.40 -50.95
CA GLU H 110 9.49 20.23 -50.81
C GLU H 110 10.18 21.32 -50.01
N SER H 111 9.49 22.45 -49.75
CA SER H 111 10.08 23.51 -48.92
C SER H 111 10.26 23.08 -47.46
N PHE H 112 9.61 22.00 -47.04
CA PHE H 112 9.71 21.48 -45.69
C PHE H 112 10.65 20.23 -45.61
N ALA H 113 11.25 19.80 -46.74
CA ALA H 113 12.13 18.64 -46.79
C ALA H 113 13.44 18.79 -46.02
N GLY H 114 13.86 20.02 -45.72
CA GLY H 114 15.07 20.33 -44.97
C GLY H 114 15.03 19.86 -43.52
N SER H 115 13.82 19.61 -42.99
CA SER H 115 13.62 19.07 -41.64
C SER H 115 12.87 17.73 -41.79
N PRO H 116 13.61 16.64 -42.01
CA PRO H 116 12.98 15.34 -42.25
C PRO H 116 12.01 14.83 -41.21
N LEU H 117 12.16 15.20 -39.93
CA LEU H 117 11.27 14.74 -38.87
C LEU H 117 9.89 15.35 -38.88
N SER H 118 9.70 16.43 -39.64
CA SER H 118 8.40 17.10 -39.70
C SER H 118 7.86 17.22 -41.15
N TYR H 119 8.61 16.76 -42.16
CA TYR H 119 8.17 16.76 -43.56
C TYR H 119 6.85 15.99 -43.71
N ARG H 120 5.89 16.61 -44.43
CA ARG H 120 4.60 16.02 -44.67
C ARG H 120 4.41 15.71 -46.14
N PRO H 121 4.33 14.44 -46.52
CA PRO H 121 4.04 14.13 -47.93
C PRO H 121 2.62 14.58 -48.30
N VAL H 122 2.42 15.02 -49.55
CA VAL H 122 1.12 15.44 -50.05
C VAL H 122 0.90 14.73 -51.37
N ALA H 123 -0.20 13.98 -51.50
CA ALA H 123 -0.49 13.29 -52.76
C ALA H 123 -1.05 14.26 -53.82
N ILE H 124 -0.92 13.91 -55.10
CA ILE H 124 -1.48 14.68 -56.19
C ILE H 124 -2.46 13.77 -56.91
N ALA H 125 -3.72 14.18 -56.96
CA ALA H 125 -4.77 13.39 -57.56
C ALA H 125 -5.33 14.10 -58.78
N LEU H 126 -5.52 13.35 -59.87
CA LEU H 126 -6.05 13.91 -61.10
C LEU H 126 -7.51 13.50 -61.19
N ASP H 127 -8.44 14.47 -61.22
CA ASP H 127 -9.85 14.19 -61.34
C ASP H 127 -10.25 14.37 -62.82
N THR H 128 -10.63 13.29 -63.51
CA THR H 128 -10.95 13.35 -64.93
C THR H 128 -12.25 14.13 -65.25
N LYS H 129 -12.34 14.66 -66.48
CA LYS H 129 -13.49 15.39 -66.96
C LYS H 129 -14.71 14.47 -67.11
N GLY H 130 -14.49 13.26 -67.58
CA GLY H 130 -15.57 12.30 -67.70
C GLY H 130 -15.92 11.91 -69.12
N PRO H 131 -16.83 10.93 -69.27
CA PRO H 131 -17.21 10.46 -70.61
C PRO H 131 -18.20 11.32 -71.37
N GLY H 132 -18.93 12.18 -70.65
CA GLY H 132 -19.94 13.05 -71.24
C GLY H 132 -21.08 12.26 -71.86
N SER H 133 -21.44 12.60 -73.11
CA SER H 133 -22.51 11.89 -73.81
C SER H 133 -22.07 10.51 -74.36
N GLY H 134 -20.76 10.26 -74.40
CA GLY H 134 -20.22 9.02 -74.93
C GLY H 134 -20.35 7.82 -74.01
N PRO H 135 -20.17 6.62 -74.58
CA PRO H 135 -20.31 5.41 -73.77
C PRO H 135 -19.06 5.01 -72.95
N GLY H 136 -17.89 5.06 -73.59
CA GLY H 136 -16.62 4.67 -72.96
C GLY H 136 -15.72 5.83 -72.59
N LEU H 137 -14.40 5.58 -72.61
CA LEU H 137 -13.40 6.58 -72.25
C LEU H 137 -13.29 7.61 -73.37
N SER H 138 -13.51 8.89 -73.04
CA SER H 138 -13.43 9.96 -74.02
C SER H 138 -12.00 10.21 -74.48
N GLU H 139 -11.83 10.86 -75.65
CA GLU H 139 -10.50 11.16 -76.17
C GLU H 139 -9.76 12.15 -75.30
N GLN H 140 -10.49 13.09 -74.67
CA GLN H 140 -9.87 14.05 -73.77
C GLN H 140 -9.35 13.33 -72.52
N ASP H 141 -10.09 12.32 -72.03
CA ASP H 141 -9.65 11.55 -70.88
C ASP H 141 -8.43 10.75 -71.17
N VAL H 142 -8.30 10.19 -72.37
CA VAL H 142 -7.09 9.47 -72.77
C VAL H 142 -5.87 10.42 -72.74
N ARG H 143 -6.04 11.66 -73.23
CA ARG H 143 -4.98 12.65 -73.23
C ARG H 143 -4.62 13.12 -71.82
N ASP H 144 -5.64 13.33 -70.98
CA ASP H 144 -5.45 13.79 -69.59
C ASP H 144 -4.79 12.70 -68.73
N LEU H 145 -5.15 11.43 -68.95
CA LEU H 145 -4.55 10.32 -68.20
C LEU H 145 -3.07 10.16 -68.59
N ARG H 146 -2.74 10.37 -69.86
CA ARG H 146 -1.36 10.33 -70.33
C ARG H 146 -0.54 11.48 -69.69
N PHE H 147 -1.16 12.66 -69.56
CA PHE H 147 -0.56 13.81 -68.91
C PHE H 147 -0.24 13.46 -67.43
N GLY H 148 -1.17 12.80 -66.76
CA GLY H 148 -1.03 12.39 -65.37
C GLY H 148 0.15 11.47 -65.17
N VAL H 149 0.30 10.47 -66.04
CA VAL H 149 1.43 9.54 -65.97
C VAL H 149 2.75 10.31 -66.18
N GLU H 150 2.80 11.17 -67.20
CA GLU H 150 4.01 11.94 -67.49
C GLU H 150 4.37 12.92 -66.39
N HIS H 151 3.38 13.40 -65.64
CA HIS H 151 3.65 14.31 -64.54
C HIS H 151 3.73 13.62 -63.16
N GLY H 152 3.70 12.30 -63.13
CA GLY H 152 3.81 11.51 -61.90
C GLY H 152 2.74 11.66 -60.84
N VAL H 153 1.46 11.76 -61.27
CA VAL H 153 0.38 11.86 -60.30
C VAL H 153 0.26 10.54 -59.52
N ASP H 154 -0.26 10.61 -58.29
CA ASP H 154 -0.37 9.44 -57.44
C ASP H 154 -1.68 8.71 -57.56
N ILE H 155 -2.75 9.48 -57.79
CA ILE H 155 -4.12 8.96 -57.79
C ILE H 155 -4.89 9.52 -58.97
N VAL H 156 -5.85 8.75 -59.47
CA VAL H 156 -6.78 9.21 -60.48
C VAL H 156 -8.17 9.08 -59.84
N PHE H 157 -8.96 10.17 -59.82
CA PHE H 157 -10.34 10.10 -59.41
C PHE H 157 -11.08 9.98 -60.75
N ALA H 158 -11.49 8.77 -61.13
CA ALA H 158 -12.12 8.53 -62.43
C ALA H 158 -13.60 8.91 -62.43
N SER H 159 -13.97 9.95 -63.17
CA SER H 159 -15.36 10.41 -63.22
C SER H 159 -16.31 9.46 -63.91
N PHE H 160 -17.56 9.46 -63.43
CA PHE H 160 -18.70 8.71 -63.95
C PHE H 160 -18.41 7.25 -64.28
N VAL H 161 -17.88 6.49 -63.31
CA VAL H 161 -17.60 5.07 -63.52
C VAL H 161 -18.93 4.34 -63.38
N ARG H 162 -19.31 3.55 -64.38
CA ARG H 162 -20.60 2.85 -64.38
C ARG H 162 -20.49 1.32 -64.40
N LYS H 163 -19.29 0.78 -64.65
CA LYS H 163 -19.08 -0.65 -64.74
C LYS H 163 -17.58 -0.97 -64.62
N ALA H 164 -17.23 -2.24 -64.43
CA ALA H 164 -15.83 -2.66 -64.32
C ALA H 164 -15.01 -2.34 -65.56
N SER H 165 -15.61 -2.42 -66.76
CA SER H 165 -14.88 -2.13 -68.00
C SER H 165 -14.45 -0.67 -68.09
N ASP H 166 -15.15 0.26 -67.39
CA ASP H 166 -14.75 1.66 -67.36
C ASP H 166 -13.41 1.78 -66.59
N VAL H 167 -13.25 1.01 -65.51
CA VAL H 167 -12.02 1.02 -64.71
C VAL H 167 -10.87 0.42 -65.53
N ALA H 168 -11.15 -0.66 -66.30
CA ALA H 168 -10.14 -1.29 -67.13
C ALA H 168 -9.64 -0.34 -68.19
N ALA H 169 -10.55 0.47 -68.79
CA ALA H 169 -10.20 1.45 -69.82
C ALA H 169 -9.29 2.55 -69.25
N VAL H 170 -9.56 3.00 -68.00
CA VAL H 170 -8.71 4.01 -67.35
C VAL H 170 -7.33 3.40 -67.08
N ARG H 171 -7.30 2.15 -66.59
N ARG H 171 -7.29 2.16 -66.58
CA ARG H 171 -6.06 1.43 -66.28
CA ARG H 171 -6.05 1.45 -66.28
C ARG H 171 -5.20 1.24 -67.53
C ARG H 171 -5.20 1.26 -67.54
N ALA H 172 -5.84 0.94 -68.66
CA ALA H 172 -5.14 0.74 -69.95
C ALA H 172 -4.60 2.08 -70.47
N ALA H 173 -5.39 3.17 -70.35
CA ALA H 173 -4.96 4.51 -70.79
C ALA H 173 -3.77 5.05 -69.99
N LEU H 174 -3.57 4.56 -68.77
CA LEU H 174 -2.41 4.93 -67.96
C LEU H 174 -1.12 4.22 -68.43
N GLY H 175 -1.25 3.16 -69.24
CA GLY H 175 -0.14 2.42 -69.82
C GLY H 175 0.71 1.63 -68.85
N PRO H 176 1.83 1.09 -69.37
CA PRO H 176 2.72 0.28 -68.53
C PRO H 176 3.47 1.08 -67.45
N GLU H 177 3.68 2.38 -67.67
CA GLU H 177 4.38 3.20 -66.70
C GLU H 177 3.45 3.75 -65.57
N GLY H 178 2.14 3.60 -65.72
CA GLY H 178 1.20 4.06 -64.69
C GLY H 178 0.55 2.96 -63.87
N HIS H 179 1.20 1.78 -63.80
CA HIS H 179 0.71 0.63 -63.04
CA HIS H 179 0.69 0.64 -63.03
C HIS H 179 0.55 0.91 -61.53
N GLY H 180 1.38 1.81 -61.00
CA GLY H 180 1.38 2.16 -59.58
C GLY H 180 0.37 3.24 -59.16
N ILE H 181 -0.24 3.92 -60.12
CA ILE H 181 -1.22 4.97 -59.82
C ILE H 181 -2.49 4.33 -59.25
N LYS H 182 -3.04 4.89 -58.15
CA LYS H 182 -4.27 4.36 -57.56
C LYS H 182 -5.48 4.87 -58.30
N ILE H 183 -6.41 3.99 -58.63
CA ILE H 183 -7.63 4.41 -59.32
C ILE H 183 -8.79 4.42 -58.35
N ILE H 184 -9.33 5.59 -58.04
CA ILE H 184 -10.48 5.76 -57.17
C ILE H 184 -11.66 6.06 -58.10
N SER H 185 -12.62 5.15 -58.18
CA SER H 185 -13.78 5.33 -59.05
C SER H 185 -14.83 6.24 -58.44
N LYS H 186 -15.23 7.26 -59.17
CA LYS H 186 -16.27 8.17 -58.69
C LYS H 186 -17.64 7.59 -59.06
N ILE H 187 -18.50 7.36 -58.06
CA ILE H 187 -19.84 6.85 -58.30
C ILE H 187 -20.74 8.06 -58.35
N GLU H 188 -21.28 8.36 -59.53
CA GLU H 188 -22.04 9.60 -59.74
C GLU H 188 -23.44 9.43 -60.28
N ASN H 189 -23.89 8.19 -60.52
CA ASN H 189 -25.24 7.98 -61.08
C ASN H 189 -25.84 6.65 -60.63
N HIS H 190 -27.11 6.40 -61.00
CA HIS H 190 -27.81 5.20 -60.61
C HIS H 190 -27.08 3.91 -61.04
N GLU H 191 -26.57 3.86 -62.28
CA GLU H 191 -25.89 2.64 -62.76
C GLU H 191 -24.64 2.31 -61.94
N GLY H 192 -23.87 3.34 -61.59
CA GLY H 192 -22.68 3.16 -60.76
C GLY H 192 -23.03 2.59 -59.40
N VAL H 193 -24.17 3.02 -58.83
CA VAL H 193 -24.62 2.52 -57.54
C VAL H 193 -25.06 1.06 -57.67
N LYS H 194 -25.83 0.73 -58.71
CA LYS H 194 -26.29 -0.65 -58.93
C LYS H 194 -25.19 -1.61 -59.30
N ARG H 195 -24.17 -1.15 -60.00
CA ARG H 195 -23.04 -2.00 -60.35
C ARG H 195 -21.84 -1.76 -59.42
N PHE H 196 -22.08 -1.25 -58.20
CA PHE H 196 -21.05 -0.93 -57.21
C PHE H 196 -20.08 -2.07 -56.92
N ASP H 197 -20.60 -3.26 -56.62
CA ASP H 197 -19.75 -4.40 -56.28
C ASP H 197 -18.72 -4.74 -57.34
N GLU H 198 -19.12 -4.75 -58.62
CA GLU H 198 -18.19 -5.06 -59.69
C GLU H 198 -17.15 -3.94 -59.92
N ILE H 199 -17.54 -2.68 -59.64
CA ILE H 199 -16.64 -1.54 -59.77
C ILE H 199 -15.60 -1.55 -58.63
N LEU H 200 -16.04 -1.76 -57.39
CA LEU H 200 -15.16 -1.79 -56.23
C LEU H 200 -14.13 -2.89 -56.35
N GLU H 201 -14.56 -4.07 -56.84
CA GLU H 201 -13.67 -5.22 -57.00
C GLU H 201 -12.40 -4.91 -57.81
N VAL H 202 -12.52 -4.10 -58.88
CA VAL H 202 -11.40 -3.76 -59.76
C VAL H 202 -10.78 -2.38 -59.49
N SER H 203 -11.34 -1.60 -58.57
CA SER H 203 -10.82 -0.28 -58.22
C SER H 203 -9.96 -0.34 -56.96
N ASP H 204 -9.14 0.68 -56.75
CA ASP H 204 -8.38 0.80 -55.49
C ASP H 204 -9.24 1.39 -54.36
N GLY H 205 -10.27 2.13 -54.73
CA GLY H 205 -11.16 2.78 -53.80
C GLY H 205 -12.31 3.45 -54.53
N ILE H 206 -13.13 4.21 -53.77
CA ILE H 206 -14.32 4.85 -54.30
C ILE H 206 -14.46 6.27 -53.81
N MET H 207 -15.07 7.14 -54.63
CA MET H 207 -15.44 8.46 -54.20
C MET H 207 -16.96 8.56 -54.34
N VAL H 208 -17.65 8.96 -53.25
CA VAL H 208 -19.09 9.19 -53.27
C VAL H 208 -19.21 10.62 -53.80
N ALA H 209 -19.42 10.75 -55.11
CA ALA H 209 -19.46 12.05 -55.77
C ALA H 209 -20.87 12.57 -55.70
N ARG H 210 -21.23 13.18 -54.54
CA ARG H 210 -22.58 13.61 -54.20
C ARG H 210 -23.17 14.69 -55.08
N GLY H 211 -22.34 15.52 -55.71
CA GLY H 211 -22.82 16.58 -56.61
C GLY H 211 -23.64 16.03 -57.77
N ASP H 212 -23.02 15.21 -58.61
CA ASP H 212 -23.73 14.59 -59.72
C ASP H 212 -24.73 13.55 -59.26
N LEU H 213 -24.38 12.79 -58.21
CA LEU H 213 -25.26 11.76 -57.66
C LEU H 213 -26.61 12.37 -57.24
N GLY H 214 -26.58 13.55 -56.64
CA GLY H 214 -27.77 14.28 -56.19
C GLY H 214 -28.66 14.83 -57.28
N ILE H 215 -28.14 14.86 -58.53
CA ILE H 215 -28.89 15.28 -59.71
C ILE H 215 -29.36 14.05 -60.51
N GLU H 216 -28.58 12.96 -60.48
CA GLU H 216 -28.90 11.72 -61.18
C GLU H 216 -29.97 10.89 -60.45
N ILE H 217 -29.96 10.93 -59.09
CA ILE H 217 -30.96 10.24 -58.27
C ILE H 217 -31.66 11.29 -57.35
N PRO H 218 -32.83 10.99 -56.75
CA PRO H 218 -33.46 11.99 -55.86
C PRO H 218 -32.52 12.43 -54.75
N ALA H 219 -32.47 13.73 -54.47
CA ALA H 219 -31.59 14.31 -53.48
C ALA H 219 -31.75 13.68 -52.11
N GLU H 220 -32.97 13.29 -51.76
CA GLU H 220 -33.26 12.68 -50.45
C GLU H 220 -32.77 11.23 -50.35
N LYS H 221 -32.21 10.65 -51.42
CA LYS H 221 -31.67 9.28 -51.41
C LYS H 221 -30.13 9.25 -51.36
N VAL H 222 -29.45 10.38 -51.59
CA VAL H 222 -27.99 10.42 -51.60
C VAL H 222 -27.35 9.88 -50.31
N PHE H 223 -27.94 10.18 -49.16
CA PHE H 223 -27.40 9.69 -47.89
C PHE H 223 -27.40 8.15 -47.80
N LEU H 224 -28.38 7.47 -48.47
CA LEU H 224 -28.44 6.00 -48.44
C LEU H 224 -27.29 5.44 -49.27
N ALA H 225 -27.01 6.07 -50.45
CA ALA H 225 -25.93 5.64 -51.33
C ALA H 225 -24.59 5.91 -50.62
N GLN H 226 -24.45 7.05 -49.92
CA GLN H 226 -23.22 7.36 -49.20
C GLN H 226 -22.95 6.33 -48.12
N LYS H 227 -23.97 6.07 -47.27
CA LYS H 227 -23.82 5.12 -46.16
C LYS H 227 -23.56 3.72 -46.64
N MET H 228 -24.26 3.27 -47.72
CA MET H 228 -24.05 1.94 -48.29
C MET H 228 -22.60 1.81 -48.82
N MET H 229 -22.15 2.78 -49.65
CA MET H 229 -20.82 2.71 -50.23
C MET H 229 -19.72 2.76 -49.20
N ILE H 230 -19.87 3.62 -48.17
CA ILE H 230 -18.88 3.67 -47.09
C ILE H 230 -18.82 2.32 -46.36
N GLY H 231 -19.99 1.74 -46.04
CA GLY H 231 -20.06 0.43 -45.39
C GLY H 231 -19.40 -0.66 -46.19
N ARG H 232 -19.69 -0.73 -47.51
CA ARG H 232 -19.08 -1.76 -48.36
C ARG H 232 -17.57 -1.57 -48.55
N CYS H 233 -17.11 -0.32 -48.60
CA CYS H 233 -15.67 -0.06 -48.72
C CYS H 233 -14.97 -0.42 -47.44
N ASN H 234 -15.59 -0.14 -46.27
CA ASN H 234 -15.03 -0.51 -44.97
C ASN H 234 -14.91 -2.02 -44.87
N LEU H 235 -15.93 -2.74 -45.33
CA LEU H 235 -15.96 -4.19 -45.33
C LEU H 235 -14.84 -4.74 -46.26
N ALA H 236 -14.68 -4.13 -47.45
CA ALA H 236 -13.63 -4.54 -48.40
C ALA H 236 -12.22 -4.10 -48.00
N GLY H 237 -12.09 -3.19 -47.03
CA GLY H 237 -10.78 -2.66 -46.63
C GLY H 237 -10.20 -1.74 -47.69
N LYS H 238 -11.07 -1.03 -48.46
CA LYS H 238 -10.61 -0.12 -49.52
C LYS H 238 -11.01 1.30 -49.23
N PRO H 239 -10.15 2.28 -49.57
CA PRO H 239 -10.49 3.68 -49.25
C PRO H 239 -11.79 4.21 -49.85
N VAL H 240 -12.48 5.05 -49.07
CA VAL H 240 -13.69 5.68 -49.54
C VAL H 240 -13.62 7.17 -49.22
N VAL H 241 -13.93 8.00 -50.21
CA VAL H 241 -13.90 9.46 -50.07
C VAL H 241 -15.31 10.04 -50.07
N CYS H 242 -15.63 10.91 -49.11
CA CYS H 242 -16.90 11.61 -49.13
C CYS H 242 -16.62 12.97 -49.76
N ALA H 243 -17.42 13.36 -50.78
CA ALA H 243 -17.15 14.60 -51.49
C ALA H 243 -18.39 15.44 -51.75
N THR H 244 -18.18 16.76 -51.97
CA THR H 244 -19.07 17.82 -52.48
C THR H 244 -19.98 18.45 -51.46
N GLN H 245 -19.86 19.77 -51.36
CA GLN H 245 -20.67 20.71 -50.56
C GLN H 245 -20.58 20.47 -49.09
N MET H 246 -19.49 19.85 -48.60
CA MET H 246 -19.33 19.58 -47.18
C MET H 246 -19.29 20.86 -46.36
N LEU H 247 -18.61 21.91 -46.85
CA LEU H 247 -18.51 23.20 -46.16
C LEU H 247 -18.79 24.32 -47.18
N GLU H 248 -19.78 24.11 -48.09
CA GLU H 248 -20.15 25.02 -49.18
C GLU H 248 -20.23 26.50 -48.82
N SER H 249 -20.91 26.83 -47.73
CA SER H 249 -21.05 28.22 -47.31
C SER H 249 -19.72 28.91 -47.01
N MET H 250 -18.65 28.14 -46.71
CA MET H 250 -17.33 28.74 -46.46
C MET H 250 -16.64 29.24 -47.72
N ILE H 251 -17.27 29.09 -48.90
CA ILE H 251 -16.74 29.71 -50.11
C ILE H 251 -16.79 31.27 -49.96
N THR H 252 -17.81 31.80 -49.25
CA THR H 252 -18.02 33.23 -49.07
C THR H 252 -18.06 33.65 -47.61
N LYS H 253 -18.37 32.72 -46.67
CA LYS H 253 -18.44 33.07 -45.25
C LYS H 253 -17.30 32.50 -44.41
N PRO H 254 -16.90 33.19 -43.31
CA PRO H 254 -15.78 32.70 -42.49
C PRO H 254 -16.08 31.48 -41.62
N ARG H 255 -17.37 31.21 -41.36
CA ARG H 255 -17.81 30.08 -40.51
C ARG H 255 -18.86 29.28 -41.28
N PRO H 256 -18.85 27.95 -41.11
CA PRO H 256 -19.85 27.12 -41.83
C PRO H 256 -21.22 27.06 -41.12
N THR H 257 -22.23 26.48 -41.78
CA THR H 257 -23.55 26.35 -41.19
C THR H 257 -23.56 25.14 -40.25
N ARG H 258 -24.61 25.01 -39.42
CA ARG H 258 -24.75 23.88 -38.50
C ARG H 258 -24.90 22.56 -39.25
N ALA H 259 -25.54 22.57 -40.44
CA ALA H 259 -25.70 21.38 -41.25
C ALA H 259 -24.36 20.91 -41.84
N GLU H 260 -23.50 21.85 -42.19
CA GLU H 260 -22.19 21.57 -42.77
C GLU H 260 -21.23 20.92 -41.79
N THR H 261 -21.16 21.40 -40.55
CA THR H 261 -20.31 20.78 -39.55
C THR H 261 -20.81 19.39 -39.19
N SER H 262 -22.14 19.22 -39.15
CA SER H 262 -22.72 17.91 -38.87
C SER H 262 -22.44 16.93 -40.02
N ASP H 263 -22.47 17.40 -41.26
CA ASP H 263 -22.16 16.58 -42.44
C ASP H 263 -20.73 16.03 -42.39
N VAL H 264 -19.76 16.88 -42.01
CA VAL H 264 -18.37 16.46 -41.93
C VAL H 264 -18.22 15.42 -40.81
N ALA H 265 -18.77 15.71 -39.65
CA ALA H 265 -18.73 14.80 -38.51
C ALA H 265 -19.38 13.46 -38.83
N ASN H 266 -20.52 13.48 -39.52
CA ASN H 266 -21.23 12.27 -39.88
C ASN H 266 -20.56 11.49 -40.98
N ALA H 267 -19.80 12.13 -41.88
CA ALA H 267 -19.06 11.37 -42.89
C ALA H 267 -17.96 10.55 -42.20
N VAL H 268 -17.28 11.14 -41.19
CA VAL H 268 -16.26 10.46 -40.39
C VAL H 268 -16.91 9.34 -39.56
N LEU H 269 -18.05 9.61 -38.88
CA LEU H 269 -18.74 8.59 -38.11
C LEU H 269 -19.29 7.46 -39.00
N ASP H 270 -19.65 7.75 -40.27
CA ASP H 270 -20.12 6.72 -41.21
C ASP H 270 -18.97 5.73 -41.53
N GLY H 271 -17.72 6.22 -41.56
CA GLY H 271 -16.55 5.41 -41.85
C GLY H 271 -15.69 5.90 -43.01
N ALA H 272 -15.91 7.14 -43.48
CA ALA H 272 -15.12 7.66 -44.61
C ALA H 272 -13.64 7.77 -44.28
N ASP H 273 -12.79 7.38 -45.23
CA ASP H 273 -11.35 7.49 -45.05
C ASP H 273 -10.91 8.92 -45.30
N CYS H 274 -11.51 9.58 -46.31
CA CYS H 274 -11.17 10.93 -46.72
C CYS H 274 -12.39 11.80 -46.81
N ILE H 275 -12.19 13.10 -46.60
CA ILE H 275 -13.22 14.11 -46.80
C ILE H 275 -12.63 15.12 -47.79
N MET H 276 -13.49 15.74 -48.61
CA MET H 276 -13.01 16.62 -49.66
C MET H 276 -13.58 18.06 -49.62
N LEU H 277 -12.81 18.99 -50.15
CA LEU H 277 -13.18 20.39 -50.34
C LEU H 277 -13.03 20.68 -51.84
N SER H 278 -14.05 21.30 -52.44
CA SER H 278 -14.04 21.62 -53.87
C SER H 278 -13.91 23.13 -54.01
N GLY H 279 -15.01 23.88 -54.20
CA GLY H 279 -14.95 25.32 -54.29
C GLY H 279 -14.43 25.98 -53.05
N GLU H 280 -14.61 25.34 -51.89
CA GLU H 280 -14.12 25.87 -50.60
C GLU H 280 -12.62 26.14 -50.65
N THR H 281 -11.84 25.34 -51.42
CA THR H 281 -10.41 25.61 -51.54
C THR H 281 -10.02 26.07 -52.94
N ALA H 282 -10.75 25.68 -53.98
CA ALA H 282 -10.42 26.04 -55.34
C ALA H 282 -10.67 27.50 -55.68
N LYS H 283 -11.80 28.06 -55.22
CA LYS H 283 -12.14 29.42 -55.63
C LYS H 283 -12.62 30.38 -54.58
N GLY H 284 -12.87 29.88 -53.39
CA GLY H 284 -13.47 30.69 -52.35
C GLY H 284 -12.53 31.65 -51.69
N ASN H 285 -13.06 32.36 -50.69
CA ASN H 285 -12.29 33.34 -49.96
C ASN H 285 -11.62 32.79 -48.68
N PHE H 286 -11.94 31.57 -48.26
CA PHE H 286 -11.38 30.99 -47.03
C PHE H 286 -10.73 29.61 -47.28
N PRO H 287 -9.78 29.43 -48.24
CA PRO H 287 -9.26 28.05 -48.48
C PRO H 287 -8.56 27.41 -47.28
N VAL H 288 -7.77 28.22 -46.52
CA VAL H 288 -7.03 27.73 -45.36
C VAL H 288 -7.97 27.49 -44.20
N GLU H 289 -8.94 28.39 -43.99
CA GLU H 289 -9.90 28.23 -42.91
C GLU H 289 -10.82 27.02 -43.14
N ALA H 290 -11.13 26.70 -44.41
CA ALA H 290 -11.95 25.53 -44.73
C ALA H 290 -11.20 24.23 -44.38
N VAL H 291 -9.89 24.20 -44.65
CA VAL H 291 -9.04 23.07 -44.28
C VAL H 291 -8.97 22.94 -42.75
N LYS H 292 -8.76 24.07 -42.04
CA LYS H 292 -8.73 24.08 -40.58
C LYS H 292 -10.04 23.61 -39.95
N MET H 293 -11.19 23.99 -40.55
CA MET H 293 -12.49 23.57 -40.05
C MET H 293 -12.70 22.08 -40.22
N GLN H 294 -12.35 21.53 -41.39
CA GLN H 294 -12.46 20.08 -41.61
C GLN H 294 -11.56 19.32 -40.66
N HIS H 295 -10.36 19.85 -40.40
CA HIS H 295 -9.42 19.25 -39.46
C HIS H 295 -10.01 19.23 -38.05
N ALA H 296 -10.56 20.37 -37.60
CA ALA H 296 -11.13 20.48 -36.27
C ALA H 296 -12.29 19.53 -36.05
N ILE H 297 -13.21 19.45 -37.02
CA ILE H 297 -14.37 18.57 -36.90
C ILE H 297 -13.98 17.10 -36.93
N ALA H 298 -13.13 16.70 -37.90
CA ALA H 298 -12.70 15.30 -38.02
C ALA H 298 -12.05 14.79 -36.73
N ARG H 299 -11.23 15.61 -36.07
CA ARG H 299 -10.57 15.22 -34.83
C ARG H 299 -11.61 14.92 -33.75
N GLU H 300 -12.64 15.76 -33.63
CA GLU H 300 -13.70 15.57 -32.65
C GLU H 300 -14.48 14.30 -32.95
N ALA H 301 -14.85 14.10 -34.23
CA ALA H 301 -15.65 12.95 -34.67
C ALA H 301 -14.91 11.63 -34.51
N GLU H 302 -13.60 11.62 -34.78
CA GLU H 302 -12.81 10.40 -34.61
C GLU H 302 -12.73 9.92 -33.17
N ALA H 303 -12.68 10.84 -32.21
CA ALA H 303 -12.68 10.47 -30.79
C ALA H 303 -14.06 9.90 -30.38
N ALA H 304 -15.15 10.37 -31.02
CA ALA H 304 -16.51 9.91 -30.74
C ALA H 304 -16.87 8.56 -31.42
N VAL H 305 -15.97 7.98 -32.21
CA VAL H 305 -16.24 6.70 -32.87
C VAL H 305 -16.40 5.60 -31.79
N TYR H 306 -17.40 4.71 -31.95
CA TYR H 306 -17.63 3.65 -31.01
C TYR H 306 -16.81 2.41 -31.40
N HIS H 307 -15.51 2.44 -31.09
CA HIS H 307 -14.56 1.37 -31.46
C HIS H 307 -14.97 0.00 -30.97
N ARG H 308 -15.60 -0.09 -29.78
CA ARG H 308 -16.04 -1.37 -29.23
C ARG H 308 -16.89 -2.20 -30.21
N GLN H 309 -17.93 -1.57 -30.80
CA GLN H 309 -18.74 -2.27 -31.78
C GLN H 309 -18.11 -2.30 -33.17
N LEU H 310 -17.50 -1.19 -33.59
CA LEU H 310 -16.86 -1.10 -34.89
C LEU H 310 -15.77 -2.21 -35.09
N PHE H 311 -14.86 -2.38 -34.13
CA PHE H 311 -13.81 -3.39 -34.22
C PHE H 311 -14.41 -4.81 -34.25
N GLU H 312 -15.38 -5.09 -33.36
CA GLU H 312 -16.09 -6.37 -33.28
C GLU H 312 -16.73 -6.71 -34.63
N GLU H 313 -17.40 -5.72 -35.25
CA GLU H 313 -18.04 -5.94 -36.55
C GLU H 313 -17.08 -6.09 -37.70
N LEU H 314 -15.98 -5.33 -37.70
CA LEU H 314 -14.97 -5.47 -38.75
C LEU H 314 -14.29 -6.84 -38.65
N ARG H 315 -14.04 -7.34 -37.40
CA ARG H 315 -13.43 -8.64 -37.27
C ARG H 315 -14.42 -9.77 -37.64
N ARG H 316 -15.70 -9.64 -37.28
CA ARG H 316 -16.72 -10.64 -37.61
C ARG H 316 -16.93 -10.74 -39.11
N ALA H 317 -16.91 -9.60 -39.80
CA ALA H 317 -17.15 -9.58 -41.24
C ALA H 317 -15.95 -10.03 -42.07
N ALA H 318 -14.75 -9.91 -41.53
CA ALA H 318 -13.56 -10.31 -42.27
C ALA H 318 -13.41 -11.79 -42.13
N PRO H 319 -13.25 -12.51 -43.25
CA PRO H 319 -13.08 -13.97 -43.17
C PRO H 319 -11.70 -14.35 -42.59
N LEU H 320 -11.51 -15.65 -42.27
CA LEU H 320 -10.21 -16.17 -41.83
C LEU H 320 -9.16 -15.89 -42.92
N SER H 321 -7.92 -15.63 -42.51
CA SER H 321 -6.88 -15.34 -43.46
C SER H 321 -5.63 -16.10 -43.16
N ARG H 322 -4.94 -16.55 -44.19
CA ARG H 322 -3.64 -17.19 -44.02
C ARG H 322 -2.48 -16.26 -44.47
N ASP H 323 -2.78 -14.98 -44.73
CA ASP H 323 -1.77 -14.03 -45.14
C ASP H 323 -1.17 -13.46 -43.83
N PRO H 324 0.13 -13.62 -43.62
CA PRO H 324 0.73 -13.14 -42.38
C PRO H 324 0.63 -11.65 -42.15
N THR H 325 0.57 -10.82 -43.21
CA THR H 325 0.42 -9.37 -43.03
C THR H 325 -0.95 -9.09 -42.41
N GLU H 326 -1.98 -9.75 -42.91
CA GLU H 326 -3.35 -9.61 -42.43
C GLU H 326 -3.49 -10.12 -40.98
N VAL H 327 -2.86 -11.27 -40.67
CA VAL H 327 -2.89 -11.86 -39.33
C VAL H 327 -2.14 -10.97 -38.33
N THR H 328 -0.99 -10.41 -38.74
CA THR H 328 -0.22 -9.52 -37.88
C THR H 328 -0.99 -8.22 -37.62
N ALA H 329 -1.65 -7.70 -38.65
CA ALA H 329 -2.45 -6.46 -38.56
C ALA H 329 -3.54 -6.54 -37.50
N ILE H 330 -4.33 -7.62 -37.47
CA ILE H 330 -5.38 -7.75 -36.46
C ILE H 330 -4.78 -7.97 -35.05
N GLY H 331 -3.68 -8.68 -34.95
CA GLY H 331 -3.00 -8.89 -33.66
C GLY H 331 -2.48 -7.57 -33.14
N ALA H 332 -1.89 -6.72 -34.00
CA ALA H 332 -1.38 -5.42 -33.61
C ALA H 332 -2.49 -4.43 -33.21
N VAL H 333 -3.64 -4.48 -33.89
CA VAL H 333 -4.76 -3.59 -33.56
C VAL H 333 -5.38 -3.98 -32.22
N GLU H 334 -5.48 -5.31 -31.98
CA GLU H 334 -5.97 -5.83 -30.71
C GLU H 334 -5.01 -5.43 -29.57
N ALA H 335 -3.71 -5.55 -29.80
CA ALA H 335 -2.69 -5.19 -28.82
C ALA H 335 -2.71 -3.69 -28.54
N ALA H 336 -2.91 -2.87 -29.57
CA ALA H 336 -2.98 -1.41 -29.41
C ALA H 336 -4.18 -0.99 -28.54
N PHE H 337 -5.32 -1.65 -28.72
CA PHE H 337 -6.50 -1.36 -27.92
C PHE H 337 -6.33 -1.78 -26.48
N LYS H 338 -5.62 -2.89 -26.23
CA LYS H 338 -5.38 -3.40 -24.88
C LYS H 338 -4.58 -2.42 -24.00
N CYS H 339 -3.59 -1.75 -24.58
CA CYS H 339 -2.74 -0.86 -23.80
C CYS H 339 -2.98 0.60 -24.06
N CYS H 340 -3.98 0.99 -24.87
CA CYS H 340 -4.22 2.37 -25.28
C CYS H 340 -2.98 2.91 -25.98
N ALA H 341 -2.32 2.08 -26.84
CA ALA H 341 -1.08 2.48 -27.50
C ALA H 341 -1.16 3.84 -28.14
N ALA H 342 -0.14 4.66 -27.92
CA ALA H 342 -0.07 6.00 -28.49
C ALA H 342 -0.02 5.88 -30.03
N ALA H 343 0.61 4.81 -30.56
CA ALA H 343 0.77 4.64 -31.99
C ALA H 343 1.07 3.16 -32.38
N ILE H 344 0.88 2.82 -33.67
CA ILE H 344 1.31 1.57 -34.28
C ILE H 344 2.32 2.04 -35.35
N ILE H 345 3.60 1.73 -35.18
CA ILE H 345 4.62 2.13 -36.14
C ILE H 345 4.82 0.95 -37.09
N VAL H 346 4.63 1.15 -38.38
CA VAL H 346 4.75 0.08 -39.36
C VAL H 346 5.72 0.46 -40.47
N LEU H 347 6.53 -0.50 -40.89
CA LEU H 347 7.46 -0.32 -41.99
C LEU H 347 6.72 -0.85 -43.21
N THR H 348 6.69 -0.05 -44.28
CA THR H 348 5.97 -0.46 -45.49
C THR H 348 6.68 0.04 -46.75
N THR H 349 6.66 -0.77 -47.82
CA THR H 349 7.27 -0.41 -49.09
C THR H 349 6.18 0.08 -50.05
N THR H 350 5.07 -0.67 -50.12
CA THR H 350 3.95 -0.33 -51.00
C THR H 350 2.80 0.40 -50.31
N GLY H 351 2.77 0.37 -48.98
CA GLY H 351 1.67 0.94 -48.21
C GLY H 351 0.71 -0.12 -47.68
N ARG H 352 0.75 -1.32 -48.24
CA ARG H 352 -0.16 -2.42 -47.93
C ARG H 352 -0.23 -2.80 -46.46
N SER H 353 0.91 -2.94 -45.75
CA SER H 353 0.87 -3.28 -44.32
C SER H 353 0.15 -2.20 -43.52
N ALA H 354 0.29 -0.94 -43.91
CA ALA H 354 -0.39 0.16 -43.22
C ALA H 354 -1.90 0.12 -43.54
N GLN H 355 -2.27 -0.22 -44.78
CA GLN H 355 -3.68 -0.33 -45.19
C GLN H 355 -4.39 -1.46 -44.43
N LEU H 356 -3.71 -2.58 -44.20
CA LEU H 356 -4.32 -3.69 -43.46
C LEU H 356 -4.49 -3.36 -41.97
N LEU H 357 -3.65 -2.49 -41.40
CA LEU H 357 -3.85 -2.02 -40.02
C LEU H 357 -5.08 -1.10 -39.97
N SER H 358 -5.12 -0.17 -40.92
CA SER H 358 -6.17 0.83 -41.11
C SER H 358 -7.59 0.26 -41.24
N ARG H 359 -7.75 -0.90 -41.92
CA ARG H 359 -9.05 -1.51 -42.16
C ARG H 359 -9.76 -1.97 -40.85
N TYR H 360 -9.00 -2.20 -39.76
CA TYR H 360 -9.56 -2.56 -38.44
C TYR H 360 -9.90 -1.36 -37.57
N ARG H 361 -9.62 -0.15 -38.07
CA ARG H 361 -9.94 1.12 -37.43
C ARG H 361 -9.41 1.23 -36.01
N PRO H 362 -8.09 1.13 -35.84
CA PRO H 362 -7.54 1.32 -34.49
C PRO H 362 -7.69 2.77 -34.03
N ARG H 363 -7.78 2.96 -32.72
CA ARG H 363 -7.78 4.29 -32.15
C ARG H 363 -6.34 4.85 -32.25
N ALA H 364 -5.29 3.97 -32.09
CA ALA H 364 -3.89 4.35 -32.20
C ALA H 364 -3.55 4.77 -33.61
N ALA H 365 -2.79 5.85 -33.77
CA ALA H 365 -2.36 6.34 -35.06
C ALA H 365 -1.44 5.30 -35.70
N VAL H 366 -1.55 5.11 -37.02
CA VAL H 366 -0.66 4.17 -37.72
C VAL H 366 0.44 5.02 -38.39
N ILE H 367 1.63 5.06 -37.81
CA ILE H 367 2.76 5.81 -38.34
C ILE H 367 3.49 4.90 -39.34
N ALA H 368 3.39 5.21 -40.64
CA ALA H 368 3.99 4.38 -41.67
C ALA H 368 5.32 4.94 -42.14
N VAL H 369 6.41 4.21 -41.91
CA VAL H 369 7.71 4.63 -42.36
C VAL H 369 8.05 3.95 -43.67
N THR H 370 8.34 4.74 -44.72
CA THR H 370 8.63 4.20 -46.01
C THR H 370 9.72 4.97 -46.71
N ARG H 371 10.44 4.31 -47.61
CA ARG H 371 11.41 4.97 -48.49
C ARG H 371 10.76 5.40 -49.82
N SER H 372 9.59 4.86 -50.15
CA SER H 372 8.90 5.15 -51.38
C SER H 372 8.13 6.45 -51.23
N ALA H 373 8.57 7.49 -51.94
CA ALA H 373 7.91 8.79 -51.94
C ALA H 373 6.45 8.65 -52.45
N GLN H 374 6.22 7.82 -53.45
CA GLN H 374 4.86 7.57 -53.96
C GLN H 374 3.94 6.88 -52.92
N ALA H 375 4.44 5.82 -52.26
CA ALA H 375 3.64 5.14 -51.23
C ALA H 375 3.34 6.10 -50.07
N ALA H 376 4.30 6.96 -49.70
CA ALA H 376 4.09 7.94 -48.64
C ALA H 376 2.92 8.89 -49.00
N ARG H 377 2.82 9.28 -50.27
CA ARG H 377 1.71 10.11 -50.73
C ARG H 377 0.37 9.34 -50.79
N GLN H 378 0.40 8.14 -51.34
CA GLN H 378 -0.80 7.34 -51.54
C GLN H 378 -1.46 6.82 -50.27
N VAL H 379 -0.70 6.56 -49.19
CA VAL H 379 -1.30 6.02 -47.97
C VAL H 379 -2.22 7.00 -47.25
N HIS H 380 -2.23 8.29 -47.67
CA HIS H 380 -3.19 9.27 -47.14
C HIS H 380 -4.63 8.84 -47.47
N LEU H 381 -4.84 7.97 -48.47
CA LEU H 381 -6.17 7.46 -48.79
C LEU H 381 -6.74 6.59 -47.67
N CYS H 382 -5.89 5.98 -46.81
CA CYS H 382 -6.29 5.09 -45.73
C CYS H 382 -6.39 5.82 -44.43
N ARG H 383 -7.54 5.76 -43.78
CA ARG H 383 -7.74 6.46 -42.50
C ARG H 383 -6.74 6.06 -41.44
N GLY H 384 -6.19 7.06 -40.76
CA GLY H 384 -5.31 6.82 -39.63
C GLY H 384 -3.89 6.52 -39.97
N VAL H 385 -3.51 6.62 -41.25
CA VAL H 385 -2.15 6.38 -41.68
C VAL H 385 -1.40 7.70 -41.81
N PHE H 386 -0.33 7.88 -41.03
CA PHE H 386 0.52 9.05 -40.99
C PHE H 386 1.85 8.69 -41.66
N PRO H 387 2.03 9.05 -42.93
CA PRO H 387 3.27 8.67 -43.64
C PRO H 387 4.49 9.49 -43.29
N LEU H 388 5.63 8.82 -43.17
CA LEU H 388 6.91 9.42 -42.91
C LEU H 388 7.82 8.95 -44.02
N LEU H 389 8.39 9.92 -44.77
CA LEU H 389 9.31 9.57 -45.83
C LEU H 389 10.76 9.48 -45.27
N TYR H 390 11.34 8.28 -45.30
CA TYR H 390 12.69 8.01 -44.81
C TYR H 390 13.66 8.18 -45.97
N ARG H 391 14.69 9.00 -45.79
CA ARG H 391 15.59 9.35 -46.88
C ARG H 391 16.97 8.75 -46.83
N GLU H 392 17.38 8.15 -45.71
CA GLU H 392 18.69 7.57 -45.57
C GLU H 392 18.90 6.31 -46.42
N PRO H 393 20.07 6.17 -47.05
CA PRO H 393 20.35 4.93 -47.81
C PRO H 393 20.40 3.71 -46.86
N PRO H 394 20.07 2.51 -47.36
CA PRO H 394 20.07 1.33 -46.49
C PRO H 394 21.38 1.02 -45.79
N GLU H 395 21.31 0.66 -44.50
CA GLU H 395 22.42 0.23 -43.65
C GLU H 395 22.93 -1.12 -44.14
N ALA H 396 24.19 -1.45 -43.81
CA ALA H 396 24.79 -2.72 -44.22
C ALA H 396 24.08 -3.90 -43.53
N ILE H 397 23.75 -3.72 -42.24
CA ILE H 397 23.04 -4.75 -41.50
C ILE H 397 21.54 -4.42 -41.54
N TRP H 398 20.75 -5.29 -42.16
CA TRP H 398 19.33 -5.11 -42.33
C TRP H 398 18.56 -4.89 -41.02
N ALA H 399 18.90 -5.61 -39.96
CA ALA H 399 18.28 -5.39 -38.66
C ALA H 399 18.53 -3.96 -38.12
N ASP H 400 19.68 -3.36 -38.43
CA ASP H 400 19.98 -1.99 -38.02
C ASP H 400 19.20 -1.01 -38.88
N ASP H 401 19.04 -1.31 -40.19
CA ASP H 401 18.27 -0.48 -41.11
C ASP H 401 16.80 -0.43 -40.63
N VAL H 402 16.25 -1.59 -40.22
CA VAL H 402 14.91 -1.66 -39.68
C VAL H 402 14.79 -0.81 -38.39
N ASP H 403 15.70 -1.00 -37.43
CA ASP H 403 15.73 -0.26 -36.16
C ASP H 403 15.87 1.25 -36.36
N ARG H 404 16.67 1.68 -37.35
CA ARG H 404 16.83 3.10 -37.61
C ARG H 404 15.52 3.72 -38.10
N ARG H 405 14.77 2.99 -38.93
CA ARG H 405 13.50 3.48 -39.43
C ARG H 405 12.45 3.55 -38.33
N VAL H 406 12.48 2.57 -37.41
CA VAL H 406 11.56 2.58 -36.26
C VAL H 406 11.90 3.78 -35.35
N GLN H 407 13.21 4.04 -35.08
CA GLN H 407 13.61 5.19 -34.28
C GLN H 407 13.25 6.51 -34.97
N PHE H 408 13.36 6.55 -36.29
CA PHE H 408 12.94 7.70 -37.06
C PHE H 408 11.41 7.95 -36.89
N GLY H 409 10.60 6.88 -36.86
CA GLY H 409 9.17 6.99 -36.62
C GLY H 409 8.87 7.55 -35.23
N ILE H 410 9.65 7.12 -34.22
CA ILE H 410 9.54 7.56 -32.84
C ILE H 410 9.95 9.03 -32.67
N GLU H 411 11.09 9.42 -33.26
CA GLU H 411 11.58 10.79 -33.17
C GLU H 411 10.64 11.76 -33.92
N SER H 412 10.02 11.31 -35.04
CA SER H 412 9.03 12.14 -35.74
C SER H 412 7.79 12.28 -34.87
N GLY H 413 7.34 11.18 -34.24
CA GLY H 413 6.17 11.22 -33.40
C GLY H 413 6.36 12.13 -32.20
N LYS H 414 7.55 12.12 -31.60
CA LYS H 414 7.88 12.95 -30.43
C LYS H 414 7.87 14.42 -30.81
N LEU H 415 8.53 14.78 -31.93
CA LEU H 415 8.60 16.16 -32.42
C LEU H 415 7.21 16.68 -32.72
N ARG H 416 6.36 15.86 -33.36
CA ARG H 416 5.02 16.28 -33.78
C ARG H 416 3.96 16.26 -32.71
N GLY H 417 4.23 15.65 -31.56
CA GLY H 417 3.31 15.56 -30.44
C GLY H 417 2.54 14.26 -30.29
N PHE H 418 2.73 13.26 -31.19
CA PHE H 418 2.03 11.98 -31.09
C PHE H 418 2.53 11.18 -29.86
N LEU H 419 3.84 11.26 -29.57
CA LEU H 419 4.55 10.41 -28.60
C LEU H 419 5.30 11.14 -27.51
N ARG H 420 5.32 10.53 -26.34
CA ARG H 420 6.03 11.06 -25.19
C ARG H 420 6.69 9.88 -24.42
N VAL H 421 7.73 10.14 -23.62
CA VAL H 421 8.43 9.15 -22.82
C VAL H 421 7.46 8.42 -21.91
N GLY H 422 7.55 7.10 -21.89
CA GLY H 422 6.64 6.28 -21.09
C GLY H 422 5.48 5.73 -21.88
N ASP H 423 5.21 6.25 -23.09
CA ASP H 423 4.12 5.74 -23.93
C ASP H 423 4.44 4.34 -24.42
N LEU H 424 3.40 3.56 -24.69
CA LEU H 424 3.57 2.26 -25.31
C LEU H 424 3.20 2.43 -26.78
N VAL H 425 3.97 1.80 -27.66
CA VAL H 425 3.70 1.74 -29.09
C VAL H 425 3.79 0.27 -29.53
N ILE H 426 3.07 -0.06 -30.60
CA ILE H 426 3.11 -1.37 -31.23
C ILE H 426 3.95 -1.18 -32.49
N VAL H 427 4.95 -2.02 -32.72
CA VAL H 427 5.82 -1.90 -33.88
C VAL H 427 5.60 -3.11 -34.82
N VAL H 428 5.27 -2.84 -36.09
CA VAL H 428 5.00 -3.85 -37.09
C VAL H 428 6.08 -3.89 -38.17
N THR H 429 6.76 -5.03 -38.26
CA THR H 429 7.85 -5.25 -39.21
C THR H 429 7.70 -6.65 -39.88
N GLY H 430 8.63 -7.00 -40.75
CA GLY H 430 8.67 -8.29 -41.43
C GLY H 430 9.95 -9.03 -41.14
N TRP H 431 10.05 -10.27 -41.61
CA TRP H 431 11.20 -11.13 -41.35
C TRP H 431 12.32 -11.01 -42.36
N ARG H 432 12.07 -10.37 -43.50
CA ARG H 432 13.09 -10.20 -44.52
C ARG H 432 12.83 -8.91 -45.33
N PRO H 433 13.87 -8.40 -46.03
CA PRO H 433 13.64 -7.21 -46.87
C PRO H 433 12.70 -7.50 -48.05
N GLY H 434 12.11 -6.45 -48.55
CA GLY H 434 11.17 -6.54 -49.65
C GLY H 434 9.74 -6.52 -49.16
N SER H 435 8.86 -6.15 -50.03
CA SER H 435 7.43 -6.07 -49.83
C SER H 435 6.79 -7.46 -49.66
N GLY H 436 5.77 -7.57 -48.81
CA GLY H 436 4.97 -8.79 -48.66
C GLY H 436 5.35 -9.75 -47.55
N TYR H 437 6.31 -9.37 -46.70
CA TYR H 437 6.77 -10.25 -45.64
C TYR H 437 6.52 -9.78 -44.22
N THR H 438 5.57 -8.84 -44.00
CA THR H 438 5.23 -8.40 -42.63
C THR H 438 4.70 -9.60 -41.83
N ASN H 439 5.24 -9.84 -40.64
CA ASN H 439 4.81 -10.96 -39.82
C ASN H 439 5.14 -10.76 -38.35
N ILE H 440 5.57 -9.57 -37.91
CA ILE H 440 5.98 -9.36 -36.54
C ILE H 440 5.31 -8.16 -35.92
N MET H 441 4.82 -8.33 -34.68
CA MET H 441 4.36 -7.19 -33.90
C MET H 441 5.13 -7.20 -32.54
N ARG H 442 5.63 -6.03 -32.12
CA ARG H 442 6.38 -5.89 -30.87
CA ARG H 442 6.31 -5.95 -30.83
C ARG H 442 5.79 -4.78 -29.99
N VAL H 443 5.79 -4.96 -28.67
CA VAL H 443 5.30 -3.94 -27.75
C VAL H 443 6.52 -3.18 -27.24
N LEU H 444 6.60 -1.89 -27.52
CA LEU H 444 7.75 -1.04 -27.19
C LEU H 444 7.38 0.09 -26.25
N SER H 445 8.28 0.37 -25.31
CA SER H 445 8.12 1.46 -24.38
C SER H 445 8.95 2.63 -24.88
N ILE H 446 8.36 3.82 -25.00
CA ILE H 446 9.08 5.00 -25.49
C ILE H 446 10.04 5.54 -24.43
N SER H 447 11.32 5.65 -24.77
CA SER H 447 12.34 6.17 -23.85
C SER H 447 12.89 7.53 -24.31
P1 FBP I . 54.81 36.44 26.78
O1P FBP I . 55.97 36.16 27.67
O2P FBP I . 54.95 35.85 25.36
O3P FBP I . 54.43 37.91 26.58
O1 FBP I . 53.49 35.76 27.44
C1 FBP I . 52.21 35.73 26.80
C2 FBP I . 51.39 34.60 27.47
O2 FBP I . 50.08 34.70 26.97
C3 FBP I . 51.47 34.67 29.01
O3 FBP I . 50.57 35.62 29.56
C4 FBP I . 51.18 33.24 29.38
O4 FBP I . 51.61 32.92 30.69
C5 FBP I . 52.04 32.50 28.37
O5 FBP I . 51.92 33.30 27.17
C6 FBP I . 51.59 31.09 28.09
O6 FBP I . 52.73 30.26 27.81
P2 FBP I . 52.70 28.70 28.19
O4P FBP I . 51.70 27.98 27.34
O5P FBP I . 54.07 28.17 27.98
O6P FBP I . 52.40 28.60 29.65
C1 OXL J . 58.77 -0.23 14.80
C2 OXL J . 59.64 1.07 14.73
O1 OXL J . 59.25 -1.27 15.23
O2 OXL J . 60.89 0.97 15.13
O3 OXL J . 57.53 -0.13 14.40
O4 OXL J . 59.15 2.12 14.28
MG MG K . 61.07 -1.00 16.00
K K L . 65.34 3.12 14.99
N1 A1JB3 M . 32.84 5.73 19.82
N1 A1JB3 M . 32.72 5.96 19.71
C1 A1JB3 M . 30.26 1.03 17.73
C1 A1JB3 M . 30.12 0.99 17.79
C2 A1JB3 M . 29.29 0.85 16.76
C2 A1JB3 M . 29.22 0.77 16.75
O1 A1JB3 M . 27.02 0.98 16.06
O1 A1JB3 M . 27.02 0.88 15.89
C3 A1JB3 M . 27.96 1.14 17.03
C3 A1JB3 M . 27.87 1.07 16.93
N2 A1JB3 M . 36.68 8.74 24.19
N2 A1JB3 M . 37.87 7.83 23.13
C4 A1JB3 M . 27.60 1.61 18.31
C4 A1JB3 M . 27.42 1.59 18.15
N3 A1JB3 M . 37.81 7.51 21.68
N3 A1JB3 M . 35.04 8.54 23.92
C5 A1JB3 M . 28.57 1.78 19.29
C5 A1JB3 M . 28.32 1.80 19.18
C6 A1JB3 M . 32.84 3.35 19.18
C6 A1JB3 M . 32.79 3.53 19.38
C7 A1JB3 M . 32.85 4.79 18.67
C7 A1JB3 M . 32.95 4.89 18.71
O2 A1JB3 M . 26.31 1.88 18.63
O2 A1JB3 M . 26.11 1.87 18.36
C8 A1JB3 M . 34.37 7.75 20.83
C8 A1JB3 M . 34.59 7.76 20.52
C9 A1JB3 M . 33.79 8.37 21.93
C9 A1JB3 M . 35.86 7.49 20.04
C10 A1JB3 M . 34.57 8.70 23.03
C10 A1JB3 M . 36.95 7.54 20.91
C11 A1JB3 M . 35.93 8.44 23.07
C11 A1JB3 M . 36.80 7.86 22.26
C12 A1JB3 M . 36.53 7.85 21.94
C12 A1JB3 M . 35.49 8.17 22.72
C13 A1JB3 M . 35.75 7.49 20.80
C13 A1JB3 M . 34.38 8.13 21.85
C14 A1JB3 M . 31.75 5.50 20.80
C14 A1JB3 M . 31.84 5.62 20.85
C15 A1JB3 M . 30.89 4.32 20.37
C15 A1JB3 M . 30.77 4.62 20.39
O3 A1JB3 M . 37.85 6.97 20.45
O3 A1JB3 M . 33.72 8.72 23.80
O4 A1JB3 M . 32.10 8.07 19.58
O4 A1JB3 M . 32.15 8.36 19.82
N4 A1JB3 M . 36.61 6.95 19.89
N4 A1JB3 M . 33.30 8.47 22.56
O6 A1JB3 M . 30.46 1.54 21.52
O6 A1JB3 M . 30.11 2.01 21.49
S A1JB3 M . 31.12 1.63 20.25
S A1JB3 M . 30.82 1.89 20.26
O A1JB3 M . 32.17 0.72 19.94
O A1JB3 M . 31.91 0.98 20.16
C A1JB3 M . 29.89 1.48 18.98
C A1JB3 M . 29.66 1.51 18.98
N A1JB3 M . 31.74 3.14 20.15
N A1JB3 M . 31.42 3.38 19.90
S1 A1JB3 M . 33.28 7.27 19.51
S1 A1JB3 M . 33.21 7.49 19.42
O5 A1JB3 M . 34.06 7.25 18.31
O5 A1JB3 M . 33.69 7.53 18.07
H A1JB3 M . 31.30 0.81 17.48
H A1JB3 M . 31.17 0.74 17.63
H1 A1JB3 M . 29.55 0.47 15.77
H1 A1JB3 M . 29.56 0.38 15.80
H2 A1JB3 M . 26.13 1.23 16.39
H2 A1JB3 M . 26.10 1.16 16.15
H11 A1JB3 M . 36.23 9.16 25.00
H11 A1JB3 M . 38.81 7.62 22.79
H12 A1JB3 M . 37.67 8.55 24.23
H12 A1JB3 M . 37.76 8.04 24.12
H4 A1JB3 M . 28.28 2.16 20.26
H4 A1JB3 M . 27.96 2.22 20.13
H6 A1JB3 M . 32.77 2.68 18.32
H6 A1JB3 M . 33.01 2.76 18.63
H5 A1JB3 M . 33.80 3.14 19.65
H5 A1JB3 M . 33.55 3.40 20.15
H8 A1JB3 M . 32.01 4.98 17.99
H8 A1JB3 M . 32.23 4.99 17.90
H7 A1JB3 M . 33.73 4.91 18.05
H7 A1JB3 M . 33.93 4.95 18.25
H3 A1JB3 M . 26.07 1.24 19.36
H3 A1JB3 M . 25.86 1.41 19.19
H9 A1JB3 M . 32.73 8.60 21.97
H9 A1JB3 M . 36.05 7.24 19.00
H10 A1JB3 M . 34.08 9.19 23.87
H10 A1JB3 M . 37.94 7.33 20.51
H13 A1JB3 M . 31.11 6.36 20.93
H13 A1JB3 M . 31.32 6.50 21.21
H14 A1JB3 M . 32.16 5.29 21.80
H14 A1JB3 M . 32.39 5.25 21.71
H16 A1JB3 M . 30.24 4.57 19.52
H16 A1JB3 M . 30.13 5.07 19.63
H15 A1JB3 M . 30.18 4.12 21.17
H15 A1JB3 M . 30.13 4.43 21.24
P1 FBP N . 30.15 49.71 32.21
O1P FBP N . 31.53 50.26 32.36
O2P FBP N . 29.16 50.49 31.33
O3P FBP N . 29.46 49.54 33.58
O1 FBP N . 30.33 48.25 31.55
C1 FBP N . 31.05 47.18 32.17
C2 FBP N . 30.55 45.87 31.52
O2 FBP N . 31.35 44.81 32.00
C3 FBP N . 30.55 45.99 29.97
O3 FBP N . 31.84 45.78 29.41
C4 FBP N . 29.54 44.95 29.60
O4 FBP N . 29.03 45.13 28.29
C5 FBP N . 28.45 45.24 30.62
O5 FBP N . 29.17 45.63 31.82
C6 FBP N . 27.51 44.10 30.89
O6 FBP N . 26.20 44.60 31.23
P2 FBP N . 24.91 43.72 30.82
O4P FBP N . 23.67 44.47 31.10
O5P FBP N . 24.95 42.43 31.66
O6P FBP N . 25.02 43.37 29.34
C1 OXL O . -2.55 32.03 43.22
C2 OXL O . -2.00 33.48 43.31
O1 OXL O . -1.86 31.11 43.62
O2 OXL O . -0.82 33.68 43.87
O3 OXL O . -3.72 31.85 42.69
O4 OXL O . -2.70 34.38 42.87
MG MG P . -4.41 33.85 41.84
K K Q . -3.61 39.46 43.54
N1 A1JB3 R . 16.81 14.06 37.40
C1 A1JB3 R . 13.93 9.21 39.05
C2 A1JB3 R . 14.35 8.20 39.90
O1 A1JB3 R . 15.81 6.39 40.36
C3 A1JB3 R . 15.37 7.34 39.49
N2 A1JB3 R . 15.91 19.77 34.04
C4 A1JB3 R . 15.93 7.48 38.21
N3 A1JB3 R . 14.74 19.19 36.65
C5 A1JB3 R . 15.50 8.48 37.37
C6 A1JB3 R . 16.43 11.81 36.51
C7 A1JB3 R . 16.95 13.21 36.20
O2 A1JB3 R . 16.92 6.67 37.77
C8 A1JB3 R . 17.19 16.64 36.51
C9 A1JB3 R . 17.75 16.80 35.26
C10 A1JB3 R . 17.33 17.82 34.42
C11 A1JB3 R . 16.31 18.72 34.82
C12 A1JB3 R . 15.74 18.53 36.08
C13 A1JB3 R . 16.16 17.50 36.94
C14 A1JB3 R . 15.42 14.14 37.89
C15 A1JB3 R . 14.89 12.74 38.17
O3 A1JB3 R . 14.52 18.60 37.83
O4 A1JB3 R . 19.08 14.94 37.10
N4 A1JB3 R . 15.39 17.57 38.05
O6 A1JB3 R . 12.71 11.10 37.16
S A1JB3 R . 14.00 10.65 36.73
O A1JB3 R . 14.19 10.19 35.40
C A1JB3 R . 14.51 9.35 37.80
N A1JB3 R . 15.03 11.91 36.96
S1 A1JB3 R . 17.80 15.34 37.57
O5 A1JB3 R . 17.64 15.79 38.92
H A1JB3 R . 13.15 9.89 39.40
H1 A1JB3 R . 13.89 8.08 40.88
H2 A1JB3 R . 15.32 6.43 41.22
H11 A1JB3 R . 16.33 19.92 33.13
H12 A1JB3 R . 15.21 20.42 34.35
H4 A1JB3 R . 15.94 8.57 36.38
H6 A1JB3 R . 16.55 11.16 35.64
H5 A1JB3 R . 17.06 11.36 37.28
H8 A1JB3 R . 16.37 13.63 35.37
H7 A1JB3 R . 17.97 13.14 35.82
H3 A1JB3 R . 17.37 6.31 38.58
H9 A1JB3 R . 18.53 16.12 34.89
H10 A1JB3 R . 17.79 17.93 33.44
H13 A1JB3 R . 15.36 14.73 38.80
H14 A1JB3 R . 14.77 14.65 37.17
H16 A1JB3 R . 15.41 12.30 39.02
H15 A1JB3 R . 13.85 12.83 38.48
P1 FBP S . 8.74 -26.62 13.81
O1P FBP S . 7.77 -26.54 12.69
O2P FBP S . 10.16 -26.74 13.38
O3P FBP S . 8.38 -27.70 14.81
O1 FBP S . 8.67 -25.24 14.60
C1 FBP S . 9.44 -24.97 15.77
C2 FBP S . 9.52 -23.44 15.88
O2 FBP S . 10.14 -23.16 17.10
C3 FBP S . 8.13 -22.79 15.77
O3 FBP S . 7.35 -22.88 16.95
C4 FBP S . 8.49 -21.39 15.36
O4 FBP S . 7.39 -20.72 14.76
C5 FBP S . 9.55 -21.70 14.30
O5 FBP S . 10.26 -22.83 14.83
C6 FBP S . 10.49 -20.56 14.03
O6 FBP S . 10.92 -20.60 12.65
P2 FBP S . 11.29 -19.19 11.95
O4P FBP S . 12.52 -18.60 12.59
O5P FBP S . 11.51 -19.55 10.50
O6P FBP S . 10.08 -18.31 12.09
C1 OXL T . 34.99 -5.50 -5.36
C2 OXL T . 34.40 -6.94 -5.51
O1 OXL T . 34.90 -4.73 -6.30
O2 OXL T . 33.89 -7.21 -6.69
O3 OXL T . 35.59 -5.20 -4.23
O4 OXL T . 34.38 -7.73 -4.55
MG MG U . 33.89 -5.38 -7.94
K K V . 32.53 -11.04 -9.85
P1 FBP W . 2.07 -23.97 40.97
O1P FBP W . 2.61 -24.81 42.09
O2P FBP W . 1.14 -22.84 41.47
O3P FBP W . 1.34 -24.79 39.89
O1 FBP W . 3.28 -23.25 40.26
C1 FBP W . 3.14 -22.38 39.13
C2 FBP W . 4.41 -21.53 39.06
O2 FBP W . 4.33 -20.78 37.87
C3 FBP W . 5.69 -22.39 39.16
O3 FBP W . 6.07 -22.99 37.93
C4 FBP W . 6.68 -21.36 39.64
O4 FBP W . 7.82 -21.96 40.21
C5 FBP W . 5.87 -20.67 40.72
O5 FBP W . 4.54 -20.65 40.19
C6 FBP W . 6.36 -19.28 41.02
O6 FBP W . 6.12 -18.96 42.40
P2 FBP W . 7.14 -17.99 43.19
O4P FBP W . 8.55 -18.40 43.08
O5P FBP W . 6.70 -18.05 44.60
O6P FBP W . 6.97 -16.62 42.60
C1 OXL X . 4.82 6.92 62.10
C2 OXL X . 5.59 8.29 61.95
O1 OXL X . 4.95 6.31 63.17
O2 OXL X . 6.31 8.70 62.97
O3 OXL X . 4.05 6.51 61.09
O4 OXL X . 5.50 8.90 60.91
MG MG Y . 6.37 7.19 64.48
K K Z . 2.43 2.85 66.06
P1 FBP AA . -63.18 -21.93 -24.69
O1P FBP AA . -64.29 -21.06 -24.18
O2P FBP AA . -63.50 -22.89 -25.83
O3P FBP AA . -62.55 -22.80 -23.62
O1 FBP AA . -62.01 -20.95 -25.23
C1 FBP AA . -61.28 -20.04 -24.38
C2 FBP AA . -60.00 -19.63 -25.16
O2 FBP AA . -59.37 -18.63 -24.40
C3 FBP AA . -60.31 -19.19 -26.60
O3 FBP AA . -60.74 -17.85 -26.68
C4 FBP AA . -58.99 -19.50 -27.27
O4 FBP AA . -59.12 -19.62 -28.69
C5 FBP AA . -58.66 -20.86 -26.68
O5 FBP AA . -59.13 -20.76 -25.32
C6 FBP AA . -57.20 -21.22 -26.72
O6 FBP AA . -57.07 -22.66 -26.86
P2 FBP AA . -55.78 -23.27 -27.64
O4P FBP AA . -54.55 -22.98 -26.83
O5P FBP AA . -56.04 -24.74 -27.82
O6P FBP AA . -55.76 -22.61 -28.99
C1 OXL BA . -34.06 -45.69 -23.33
C2 OXL BA . -32.52 -45.49 -23.40
O1 OXL BA . -34.58 -46.56 -24.03
O2 OXL BA . -31.86 -46.23 -24.24
O3 OXL BA . -34.73 -44.91 -22.50
O4 OXL BA . -31.98 -44.66 -22.71
MG MG CA . -33.27 -47.53 -25.22
K K DA . -38.79 -49.60 -23.99
P1 FBP EA . -61.88 7.00 -21.65
O1P FBP EA . -61.96 7.79 -20.41
O2P FBP EA . -61.58 7.89 -22.86
O3P FBP EA . -63.08 6.15 -22.01
O1 FBP EA . -60.66 5.96 -21.46
C1 FBP EA . -60.25 5.02 -22.46
C2 FBP EA . -58.82 4.58 -22.10
O2 FBP EA . -58.46 3.54 -22.99
C3 FBP EA . -58.72 4.17 -20.62
O3 FBP EA . -59.17 2.84 -20.37
C4 FBP EA . -57.25 4.38 -20.37
O4 FBP EA . -56.94 4.49 -18.99
C5 FBP EA . -57.04 5.72 -21.07
O5 FBP EA . -57.90 5.68 -22.22
C6 FBP EA . -55.62 6.02 -21.48
O6 FBP EA . -55.38 7.45 -21.41
P2 FBP EA . -53.90 7.96 -21.05
O4P FBP EA . -52.93 7.58 -22.19
O5P FBP EA . -54.02 9.46 -20.90
O6P FBP EA . -53.50 7.30 -19.74
C1 OXL FA . -31.20 28.60 -32.02
C2 OXL FA . -32.73 28.86 -31.81
O1 OXL FA . -30.86 27.72 -32.77
O2 OXL FA . -33.03 29.84 -30.98
O3 OXL FA . -30.35 29.33 -31.37
O4 OXL FA . -33.58 28.16 -32.38
MG MG GA . -31.22 30.68 -30.02
K K HA . -36.75 33.11 -29.92
N1 A1JB3 IA . -25.92 2.05 -34.17
N1 A1JB3 IA . -26.05 2.55 -34.37
C1 A1JB3 IA . -20.83 2.67 -36.94
C1 A1JB3 IA . -20.91 2.82 -36.98
C2 A1JB3 IA . -20.42 2.13 -38.15
C2 A1JB3 IA . -20.46 2.30 -38.18
O1 A1JB3 IA . -19.80 0.24 -39.46
O1 A1JB3 IA . -19.81 0.43 -39.51
C3 A1JB3 IA . -20.16 0.77 -38.26
C3 A1JB3 IA . -20.20 0.94 -38.30
N2 A1JB3 IA . -29.68 5.14 -29.72
N2 A1JB3 IA . -29.83 5.39 -29.86
C4 A1JB3 IA . -20.30 -0.06 -37.13
C4 A1JB3 IA . -20.35 0.10 -37.19
N3 A1JB3 IA . -28.94 6.31 -32.44
N3 A1JB3 IA . -29.17 2.47 -29.74
C5 A1JB3 IA . -20.72 0.47 -35.93
C5 A1JB3 IA . -20.78 0.62 -35.99
C6 A1JB3 IA . -23.98 3.46 -34.83
C6 A1JB3 IA . -23.96 3.75 -34.97
C7 A1JB3 IA . -25.40 2.98 -35.21
C7 A1JB3 IA . -25.37 3.34 -35.42
O2 A1JB3 IA . -20.02 -1.38 -37.19
O2 A1JB3 IA . -20.08 -1.23 -37.27
C8 A1JB3 IA . -28.22 2.86 -32.92
C8 A1JB3 IA . -28.41 3.18 -33.15
C9 A1JB3 IA . -28.49 2.27 -31.69
C9 A1JB3 IA . -28.75 4.53 -33.28
C10 A1JB3 IA . -28.96 3.03 -30.63
C10 A1JB3 IA . -29.20 5.25 -32.19
C11 A1JB3 IA . -29.18 4.42 -30.76
C11 A1JB3 IA . -29.36 4.66 -30.93
C12 A1JB3 IA . -28.89 5.01 -32.02
C12 A1JB3 IA . -29.05 3.30 -30.80
C13 A1JB3 IA . -28.41 4.23 -33.12
C13 A1JB3 IA . -28.58 2.53 -31.92
C14 A1JB3 IA . -25.07 0.87 -33.91
C14 A1JB3 IA . -25.31 1.34 -33.93
C15 A1JB3 IA . -23.72 1.02 -34.58
C15 A1JB3 IA . -23.92 1.30 -34.56
O3 A1JB3 IA . -28.51 6.33 -33.71
O3 A1JB3 IA . -28.80 1.26 -30.15
O4 A1JB3 IA . -27.75 0.45 -33.78
O4 A1JB3 IA . -27.98 1.00 -34.49
N4 A1JB3 IA . -28.20 5.10 -34.15
N4 A1JB3 IA . -28.43 1.27 -31.47
O6 A1JB3 IA . -21.24 3.89 -34.30
O6 A1JB3 IA . -21.23 4.00 -34.29
S A1JB3 IA . -21.54 2.49 -34.31
S A1JB3 IA . -21.62 2.62 -34.35
O A1JB3 IA . -21.04 1.65 -33.27
O A1JB3 IA . -21.20 1.71 -33.33
C A1JB3 IA . -20.99 1.83 -35.85
C A1JB3 IA . -21.07 1.98 -35.89
N A1JB3 IA . -23.18 2.35 -34.27
N A1JB3 IA . -23.25 2.60 -34.35
S1 A1JB3 IA . -27.54 1.80 -34.18
S1 A1JB3 IA . -27.67 2.40 -34.56
O5 A1JB3 IA . -28.02 2.25 -35.45
O5 A1JB3 IA . -28.03 3.14 -35.73
H A1JB3 IA . -21.03 3.74 -36.87
H A1JB3 IA . -21.12 3.88 -36.91
H1 A1JB3 IA . -20.29 2.77 -39.03
H1 A1JB3 IA . -20.33 2.95 -39.04
H2 A1JB3 IA . -19.67 -0.73 -39.39
H2 A1JB3 IA . -19.67 -0.54 -39.44
H11 A1JB3 IA . -29.88 4.71 -28.83
H11 A1JB3 IA . -30.04 6.37 -29.97
H12 A1JB3 IA . -29.87 6.13 -29.81
H12 A1JB3 IA . -29.96 4.97 -28.94
H4 A1JB3 IA . -20.82 -0.19 -35.07
H4 A1JB3 IA . -20.91 -0.05 -35.13
H6 A1JB3 IA . -23.50 3.91 -35.70
H6 A1JB3 IA . -23.40 4.15 -35.82
H5 A1JB3 IA . -24.08 4.27 -34.10
H5 A1JB3 IA . -24.04 4.57 -34.27
H8 A1JB3 IA . -26.03 3.85 -35.25
H8 A1JB3 IA . -25.91 4.28 -35.58
H7 A1JB3 IA . -25.42 2.57 -36.22
H7 A1JB3 IA . -25.36 2.86 -36.38
H3 A1JB3 IA . -20.76 -1.80 -37.68
H3 A1JB3 IA . -20.85 -1.63 -37.75
H9 A1JB3 IA . -28.33 1.20 -31.50
H9 A1JB3 IA . -28.66 5.05 -34.23
H10 A1JB3 IA . -29.16 2.55 -29.68
H10 A1JB3 IA . -29.45 6.30 -32.34
H13 A1JB3 IA . -25.50 -0.05 -34.31
H13 A1JB3 IA . -25.80 0.41 -34.19
H14 A1JB3 IA . -24.95 0.69 -32.85
H14 A1JB3 IA . -25.21 1.33 -32.84
H16 A1JB3 IA . -23.06 0.22 -34.20
H16 A1JB3 IA . -23.36 0.49 -34.10
H15 A1JB3 IA . -23.77 0.84 -35.64
H15 A1JB3 IA . -23.99 1.04 -35.62
N1 A1JB3 JA . -22.43 -19.68 -23.02
N1 A1JB3 JA . -22.46 -19.75 -22.96
C1 A1JB3 JA . -28.03 -21.44 -22.73
C1 A1JB3 JA . -28.00 -21.30 -22.95
C2 A1JB3 JA . -28.76 -22.16 -23.66
C2 A1JB3 JA . -28.73 -21.99 -23.89
O1 A1JB3 JA . -29.96 -22.25 -25.72
O1 A1JB3 JA . -29.93 -22.02 -25.96
C3 A1JB3 JA . -29.23 -21.54 -24.81
C3 A1JB3 JA . -29.27 -21.32 -25.00
N2 A1JB3 JA . -17.42 -16.49 -20.29
N2 A1JB3 JA . -17.43 -18.09 -19.08
C4 A1JB3 JA . -28.97 -20.18 -25.03
C4 A1JB3 JA . -29.07 -19.94 -25.13
N3 A1JB3 JA . -18.04 -19.35 -19.56
N3 A1JB3 JA . -18.60 -16.30 -21.18
C5 A1JB3 JA . -28.23 -19.46 -24.10
C5 A1JB3 JA . -28.33 -19.25 -24.19
C6 A1JB3 JA . -24.37 -20.47 -21.74
C6 A1JB3 JA . -24.48 -20.43 -21.74
C7 A1JB3 JA . -23.23 -20.87 -22.65
C7 A1JB3 JA . -23.32 -20.90 -22.60
O2 A1JB3 JA . -29.46 -19.56 -26.12
O2 A1JB3 JA . -29.67 -19.25 -26.14
C8 A1JB3 JA . -19.83 -19.01 -22.63
C8 A1JB3 JA . -19.86 -19.45 -22.22
C9 A1JB3 JA . -19.58 -17.71 -23.02
C9 A1JB3 JA . -19.34 -20.34 -21.30
C10 A1JB3 JA . -18.79 -16.88 -22.23
C10 A1JB3 JA . -18.53 -19.89 -20.26
C11 A1JB3 JA . -18.22 -17.32 -21.03
C11 A1JB3 JA . -18.21 -18.54 -20.12
C12 A1JB3 JA . -18.47 -18.66 -20.64
C12 A1JB3 JA . -18.73 -17.64 -21.07
C13 A1JB3 JA . -19.27 -19.53 -21.45
C13 A1JB3 JA . -19.56 -18.08 -22.13
C14 A1JB3 JA . -23.25 -18.63 -23.67
C14 A1JB3 JA . -23.19 -18.68 -23.66
C15 A1JB3 JA . -24.38 -18.23 -22.74
C15 A1JB3 JA . -24.35 -18.20 -22.79
O3 A1JB3 JA . -18.53 -20.58 -19.67
O3 A1JB3 JA . -19.30 -15.95 -22.26
O4 A1JB3 JA . -20.95 -19.33 -24.95
O4 A1JB3 JA . -20.73 -19.28 -24.65
N4 A1JB3 JA . -19.28 -20.73 -20.80
N4 A1JB3 JA . -19.89 -17.01 -22.84
O6 A1JB3 JA . -27.00 -17.83 -21.98
O6 A1JB3 JA . -26.97 -17.67 -22.15
S A1JB3 JA . -26.71 -19.22 -21.86
S A1JB3 JA . -26.75 -19.07 -21.99
O A1JB3 JA . -26.78 -19.85 -20.58
O A1JB3 JA . -26.90 -19.66 -20.70
C A1JB3 JA . -27.76 -20.10 -22.97
C A1JB3 JA . -27.79 -19.93 -23.12
N A1JB3 JA . -25.18 -19.43 -22.40
N A1JB3 JA . -25.21 -19.35 -22.46
S1 A1JB3 JA . -20.95 -19.93 -23.66
S1 A1JB3 JA . -20.95 -20.08 -23.48
O5 A1JB3 JA . -20.67 -21.33 -23.52
O5 A1JB3 JA . -20.82 -21.50 -23.55
H A1JB3 JA . -27.66 -21.95 -21.84
H A1JB3 JA . -27.60 -21.83 -22.09
H1 A1JB3 JA . -28.97 -23.22 -23.48
H1 A1JB3 JA . -28.90 -23.06 -23.77
H2 A1JB3 JA . -30.07 -23.19 -25.44
H2 A1JB3 JA . -29.99 -22.98 -25.73
H11 A1JB3 JA . -17.26 -15.53 -20.58
H11 A1JB3 JA . -17.05 -18.74 -18.40
H12 A1JB3 JA . -16.97 -16.81 -19.44
H12 A1JB3 JA . -17.21 -17.11 -18.97
H4 A1JB3 JA . -28.03 -18.41 -24.29
H4 A1JB3 JA . -28.18 -18.17 -24.33
H6 A1JB3 JA . -23.99 -20.12 -20.78
H6 A1JB3 JA . -24.13 -20.09 -20.76
H5 A1JB3 JA . -24.97 -21.36 -21.53
H5 A1JB3 JA . -25.12 -21.28 -21.56
H8 A1JB3 JA . -22.61 -21.59 -22.12
H8 A1JB3 JA . -22.75 -21.63 -22.02
H7 A1JB3 JA . -23.60 -21.39 -23.52
H7 A1JB3 JA . -23.68 -21.43 -23.47
H3 A1JB3 JA . -28.66 -19.22 -26.63
H3 A1JB3 JA . -29.17 -19.47 -26.96
H9 A1JB3 JA . -19.99 -17.29 -23.93
H9 A1JB3 JA . -19.55 -21.41 -21.34
H10 A1JB3 JA . -18.61 -15.86 -22.57
H10 A1JB3 JA . -18.13 -20.62 -19.55
H13 A1JB3 JA . -23.66 -19.00 -24.61
H13 A1JB3 JA . -23.60 -19.04 -24.60
H14 A1JB3 JA . -22.66 -17.74 -23.92
H14 A1JB3 JA . -22.57 -17.82 -23.91
H16 A1JB3 JA . -24.00 -17.72 -21.86
H16 A1JB3 JA . -23.97 -17.71 -21.89
H15 A1JB3 JA . -24.99 -17.49 -23.27
H15 A1JB3 JA . -24.89 -17.44 -23.34
P1 FBP KA . 15.65 -16.82 -22.21
O1P FBP KA . 16.53 -16.74 -23.43
O2P FBP KA . 15.06 -18.21 -21.97
O3P FBP KA . 16.35 -16.34 -20.96
O1 FBP KA . 14.37 -15.91 -22.40
C1 FBP KA . 13.60 -16.02 -23.61
C2 FBP KA . 12.30 -15.30 -23.31
O2 FBP KA . 11.49 -15.39 -24.45
C3 FBP KA . 12.56 -13.85 -22.86
O3 FBP KA . 12.93 -12.97 -23.92
C4 FBP KA . 11.22 -13.57 -22.16
O4 FBP KA . 11.30 -12.48 -21.26
C5 FBP KA . 11.05 -14.86 -21.36
O5 FBP KA . 11.63 -15.88 -22.19
C6 FBP KA . 9.63 -15.21 -21.00
O6 FBP KA . 9.65 -15.84 -19.71
P2 FBP KA . 8.44 -15.70 -18.65
O4P FBP KA . 8.34 -14.23 -18.36
O5P FBP KA . 7.17 -16.30 -19.19
O6P FBP KA . 8.95 -16.52 -17.48
C1 OXL LA . -13.08 -33.41 -1.69
C2 OXL LA . -11.53 -33.48 -1.77
O1 OXL LA . -13.75 -33.50 -2.72
O2 OXL LA . -10.97 -33.55 -2.98
O3 OXL LA . -13.61 -33.22 -0.52
O4 OXL LA . -10.91 -33.54 -0.71
MG MG MA . -12.15 -32.95 0.97
K K NA . -6.53 -34.94 1.42
P1 FBP OA . 12.65 -3.20 -46.41
O1P FBP OA . 12.08 -1.79 -46.53
O2P FBP OA . 13.91 -3.25 -45.55
O3P FBP OA . 12.89 -3.84 -47.76
O1 FBP OA . 11.57 -4.09 -45.70
C1 FBP OA . 11.08 -3.79 -44.38
C2 FBP OA . 9.69 -4.46 -44.24
O2 FBP OA . 9.30 -4.34 -42.90
C3 FBP OA . 9.69 -5.92 -44.75
O3 FBP OA . 10.18 -6.86 -43.81
C4 FBP OA . 8.24 -6.12 -45.06
O4 FBP OA . 8.03 -7.22 -45.92
C5 FBP OA . 7.93 -4.82 -45.77
O5 FBP OA . 8.71 -3.83 -45.08
C6 FBP OA . 6.47 -4.45 -45.76
O6 FBP OA . 6.13 -3.74 -46.98
P2 FBP OA . 4.63 -3.89 -47.61
O4P FBP OA . 4.22 -5.31 -47.80
O5P FBP OA . 3.64 -3.17 -46.70
O6P FBP OA . 4.69 -3.18 -48.91
C1 OXL PA . -17.77 15.44 -58.31
C2 OXL PA . -19.29 15.45 -57.99
O1 OXL PA . -16.95 15.57 -57.40
O2 OXL PA . -19.61 15.50 -56.73
O3 OXL PA . -17.47 15.24 -59.57
O4 OXL PA . -20.11 15.44 -58.90
MG MG QA . -19.30 14.83 -60.68
K K RA . -13.73 16.42 -62.82
#